data_8XVC
#
_entry.id   8XVC
#
_cell.length_a   1.00
_cell.length_b   1.00
_cell.length_c   1.00
_cell.angle_alpha   90.00
_cell.angle_beta   90.00
_cell.angle_gamma   90.00
#
_symmetry.space_group_name_H-M   'P 1'
#
loop_
_entity.id
_entity.type
_entity.pdbx_description
1 polymer 'ATP-dependent target DNA activator B'
2 non-polymer "ADENOSINE-5'-DIPHOSPHATE"
#
_entity_poly.entity_id   1
_entity_poly.type   'polypeptide(L)'
_entity_poly.pdbx_seq_one_letter_code
;MNISDIRAGLRTLVENEETTFKQIALESGLSTGTISSFINDKYNGDNERVSQMLQRWLEKYHAVAELPEPPRFVETQTVK
QIWTSMRFASLTESIAVVCGNPGVGKTEAAREYRRTNNNVWMITITPSCASVLECLTELAFELGMNDAPRRKGPLSRALR
RRLEGTQGLVIIDEADHLGAEVLEELRLLQESTRIGLVLMGNHRVYSNMTGGNRTVEFARLFSRIAKRTAINKTKKADVK
AIADAWQINGEKELELLQQIAQKPGALRILNHSLRLAAMTAHGKGERVNEDYLRQAFRELDLDVDISTLLRN
;
_entity_poly.pdbx_strand_id   A,B,C,D,E,F,G,H,I,J,K,L,M,N,O,P,Q,R
#
loop_
_chem_comp.id
_chem_comp.type
_chem_comp.name
_chem_comp.formula
ADP non-polymer ADENOSINE-5'-DIPHOSPHATE 'C10 H15 N5 O10 P2'
#
# COMPACT_ATOMS: atom_id res chain seq x y z
N LEU A 67 11.11 -54.59 -46.92
CA LEU A 67 11.84 -54.25 -48.14
C LEU A 67 11.26 -53.11 -49.01
N PRO A 68 9.94 -53.01 -49.26
CA PRO A 68 9.45 -51.83 -49.97
C PRO A 68 9.47 -50.59 -49.10
N GLU A 69 9.20 -49.46 -49.73
CA GLU A 69 9.07 -48.20 -49.01
C GLU A 69 7.77 -48.20 -48.19
N PRO A 70 7.85 -47.82 -46.91
CA PRO A 70 6.64 -47.69 -46.12
C PRO A 70 5.79 -46.54 -46.60
N PRO A 71 4.46 -46.72 -46.85
CA PRO A 71 3.59 -45.59 -47.18
C PRO A 71 3.08 -44.91 -45.89
N ARG A 72 3.32 -43.60 -45.75
CA ARG A 72 2.92 -42.86 -44.52
C ARG A 72 1.39 -42.79 -44.36
N PHE A 73 0.64 -42.57 -45.45
CA PHE A 73 -0.82 -42.37 -45.32
C PHE A 73 -1.58 -43.35 -46.22
N VAL A 74 -2.72 -43.87 -45.74
CA VAL A 74 -3.54 -44.78 -46.59
C VAL A 74 -4.99 -44.26 -46.61
N GLU A 75 -5.67 -44.32 -47.76
CA GLU A 75 -7.11 -43.95 -47.76
C GLU A 75 -7.86 -45.00 -46.96
N THR A 76 -8.78 -44.58 -46.08
CA THR A 76 -9.49 -45.53 -45.19
C THR A 76 -10.96 -45.17 -45.14
N GLN A 77 -11.80 -46.04 -44.56
CA GLN A 77 -13.25 -45.76 -44.46
C GLN A 77 -13.43 -44.48 -43.66
N THR A 78 -12.68 -44.31 -42.57
CA THR A 78 -12.74 -43.03 -41.81
C THR A 78 -12.24 -41.90 -42.71
N VAL A 79 -11.18 -42.15 -43.48
CA VAL A 79 -10.60 -41.10 -44.38
C VAL A 79 -11.66 -40.71 -45.41
N LYS A 80 -12.43 -41.68 -45.90
CA LYS A 80 -13.46 -41.41 -46.93
C LYS A 80 -14.56 -40.60 -46.24
N GLN A 81 -15.06 -41.10 -45.12
CA GLN A 81 -16.07 -40.39 -44.36
C GLN A 81 -15.65 -38.96 -44.04
N ILE A 82 -14.44 -38.79 -43.53
CA ILE A 82 -14.08 -37.49 -42.98
C ILE A 82 -13.75 -36.51 -44.10
N TRP A 83 -13.33 -37.01 -45.26
CA TRP A 83 -13.14 -36.15 -46.41
C TRP A 83 -14.47 -35.69 -46.96
N THR A 84 -15.47 -36.56 -46.93
CA THR A 84 -16.79 -36.17 -47.40
C THR A 84 -17.38 -35.13 -46.45
N SER A 85 -17.12 -35.28 -45.15
CA SER A 85 -17.53 -34.26 -44.18
C SER A 85 -16.75 -32.96 -44.38
N MET A 86 -15.49 -33.08 -44.75
CA MET A 86 -14.63 -31.91 -44.94
C MET A 86 -15.05 -31.12 -46.17
N ARG A 87 -15.24 -31.80 -47.30
CA ARG A 87 -15.71 -31.15 -48.52
C ARG A 87 -17.14 -30.67 -48.37
N PHE A 88 -17.93 -31.35 -47.52
CA PHE A 88 -19.27 -30.90 -47.20
C PHE A 88 -19.23 -29.55 -46.50
N ALA A 89 -18.40 -29.42 -45.46
CA ALA A 89 -18.30 -28.13 -44.78
C ALA A 89 -17.62 -27.10 -45.67
N SER A 90 -16.85 -27.55 -46.65
CA SER A 90 -16.25 -26.65 -47.63
C SER A 90 -17.29 -26.02 -48.53
N LEU A 91 -17.98 -26.83 -49.33
CA LEU A 91 -18.97 -26.30 -50.27
C LEU A 91 -20.15 -25.70 -49.53
N THR A 92 -20.52 -26.29 -48.42
CA THR A 92 -21.58 -25.81 -47.55
C THR A 92 -21.20 -24.52 -46.86
N GLU A 93 -19.90 -24.28 -46.67
CA GLU A 93 -19.36 -23.07 -46.06
C GLU A 93 -19.89 -22.92 -44.63
N SER A 94 -19.87 -24.02 -43.90
CA SER A 94 -20.47 -24.10 -42.58
C SER A 94 -19.60 -24.94 -41.66
N ILE A 95 -20.02 -25.07 -40.40
CA ILE A 95 -19.17 -25.60 -39.34
C ILE A 95 -19.37 -27.11 -39.19
N ALA A 96 -18.28 -27.86 -39.18
CA ALA A 96 -18.30 -29.31 -38.96
C ALA A 96 -17.39 -29.68 -37.78
N VAL A 97 -17.98 -30.25 -36.73
CA VAL A 97 -17.26 -30.63 -35.52
C VAL A 97 -16.92 -32.11 -35.63
N VAL A 98 -15.65 -32.45 -35.49
CA VAL A 98 -15.20 -33.83 -35.55
C VAL A 98 -14.67 -34.16 -34.16
N CYS A 99 -15.53 -34.72 -33.33
CA CYS A 99 -15.13 -35.20 -32.01
C CYS A 99 -14.97 -36.71 -32.08
N GLY A 100 -13.87 -37.22 -31.55
CA GLY A 100 -13.62 -38.67 -31.63
C GLY A 100 -12.71 -39.13 -30.50
N ASN A 101 -12.42 -40.42 -30.45
CA ASN A 101 -11.47 -40.93 -29.42
C ASN A 101 -10.07 -40.45 -29.80
N PRO A 102 -9.12 -40.32 -28.86
CA PRO A 102 -7.77 -39.93 -29.20
C PRO A 102 -7.11 -40.94 -30.13
N GLY A 103 -6.26 -40.46 -31.04
CA GLY A 103 -5.54 -41.36 -31.95
C GLY A 103 -6.44 -42.14 -32.89
N VAL A 104 -7.49 -41.51 -33.42
CA VAL A 104 -8.32 -42.22 -34.44
C VAL A 104 -7.75 -41.93 -35.83
N GLY A 105 -6.65 -41.17 -35.90
CA GLY A 105 -6.00 -40.88 -37.19
C GLY A 105 -6.55 -39.64 -37.87
N LYS A 106 -7.43 -38.90 -37.20
CA LYS A 106 -8.07 -37.71 -37.81
C LYS A 106 -7.03 -36.64 -38.14
N THR A 107 -6.06 -36.41 -37.25
CA THR A 107 -5.13 -35.29 -37.47
C THR A 107 -4.41 -35.50 -38.79
N GLU A 108 -3.94 -36.72 -39.02
CA GLU A 108 -3.15 -36.97 -40.25
C GLU A 108 -4.02 -36.75 -41.48
N ALA A 109 -5.27 -37.22 -41.45
CA ALA A 109 -6.07 -37.14 -42.67
C ALA A 109 -6.28 -35.67 -43.05
N ALA A 110 -6.58 -34.84 -42.06
CA ALA A 110 -6.73 -33.42 -42.32
C ALA A 110 -5.55 -32.88 -43.11
N ARG A 111 -4.35 -33.37 -42.82
CA ARG A 111 -3.19 -32.88 -43.56
C ARG A 111 -3.16 -33.43 -44.97
N GLU A 112 -3.72 -34.61 -45.18
CA GLU A 112 -3.82 -35.12 -46.53
C GLU A 112 -4.83 -34.32 -47.33
N TYR A 113 -5.91 -33.88 -46.67
CA TYR A 113 -6.85 -32.97 -47.31
C TYR A 113 -6.19 -31.65 -47.64
N ARG A 114 -5.33 -31.17 -46.75
CA ARG A 114 -4.64 -29.91 -46.99
C ARG A 114 -3.65 -30.04 -48.13
N ARG A 115 -3.04 -31.20 -48.25
CA ARG A 115 -2.04 -31.40 -49.30
C ARG A 115 -2.70 -31.59 -50.66
N THR A 116 -3.88 -32.20 -50.69
CA THR A 116 -4.50 -32.50 -51.98
C THR A 116 -5.37 -31.39 -52.55
N ASN A 117 -5.81 -30.45 -51.72
CA ASN A 117 -6.87 -29.53 -52.13
C ASN A 117 -6.40 -28.09 -52.02
N ASN A 118 -6.93 -27.25 -52.91
CA ASN A 118 -6.66 -25.82 -52.89
C ASN A 118 -7.60 -25.10 -51.94
N ASN A 119 -7.20 -23.88 -51.56
CA ASN A 119 -7.93 -23.02 -50.62
C ASN A 119 -8.22 -23.75 -49.31
N VAL A 120 -7.19 -24.39 -48.76
CA VAL A 120 -7.32 -25.13 -47.52
C VAL A 120 -6.23 -24.63 -46.59
N TRP A 121 -6.59 -24.39 -45.34
CA TRP A 121 -5.62 -24.01 -44.33
C TRP A 121 -5.87 -24.79 -43.06
N MET A 122 -4.81 -24.90 -42.27
CA MET A 122 -4.88 -25.66 -41.03
C MET A 122 -3.93 -25.02 -40.03
N ILE A 123 -4.39 -24.91 -38.79
CA ILE A 123 -3.49 -24.66 -37.69
C ILE A 123 -3.59 -25.83 -36.75
N THR A 124 -2.77 -25.81 -35.71
CA THR A 124 -3.00 -26.59 -34.52
C THR A 124 -3.17 -25.61 -33.40
N ILE A 125 -3.88 -25.99 -32.36
CA ILE A 125 -4.00 -25.15 -31.19
C ILE A 125 -3.31 -25.86 -30.05
N THR A 126 -2.11 -25.41 -29.73
CA THR A 126 -1.58 -25.66 -28.40
C THR A 126 -2.35 -24.77 -27.43
N PRO A 127 -2.57 -25.23 -26.20
CA PRO A 127 -3.19 -24.34 -25.19
C PRO A 127 -2.33 -23.14 -24.81
N SER A 128 -1.07 -23.11 -25.21
CA SER A 128 -0.29 -21.88 -25.18
C SER A 128 -0.89 -20.82 -26.09
N CYS A 129 -1.32 -21.20 -27.28
CA CYS A 129 -1.85 -20.27 -28.27
C CYS A 129 -3.37 -20.17 -28.21
N ALA A 130 -3.95 -20.35 -27.04
CA ALA A 130 -5.39 -20.56 -26.92
C ALA A 130 -6.19 -19.28 -26.74
N SER A 131 -5.58 -18.11 -26.93
CA SER A 131 -6.32 -16.87 -26.86
C SER A 131 -6.94 -16.59 -28.22
N VAL A 132 -7.75 -15.54 -28.28
CA VAL A 132 -8.25 -15.09 -29.58
C VAL A 132 -7.10 -14.50 -30.39
N LEU A 133 -6.26 -13.71 -29.72
CA LEU A 133 -5.14 -13.04 -30.36
C LEU A 133 -4.14 -14.02 -30.92
N GLU A 134 -3.73 -14.98 -30.09
CA GLU A 134 -2.74 -15.95 -30.52
C GLU A 134 -3.26 -16.86 -31.63
N CYS A 135 -4.51 -17.33 -31.49
CA CYS A 135 -5.05 -18.27 -32.48
C CYS A 135 -5.29 -17.60 -33.82
N LEU A 136 -5.83 -16.37 -33.80
CA LEU A 136 -6.01 -15.66 -35.05
C LEU A 136 -4.67 -15.28 -35.65
N THR A 137 -3.67 -15.06 -34.81
CA THR A 137 -2.32 -14.82 -35.32
C THR A 137 -1.82 -16.06 -36.03
N GLU A 138 -2.11 -17.23 -35.47
CA GLU A 138 -1.69 -18.49 -36.09
C GLU A 138 -2.35 -18.68 -37.43
N LEU A 139 -3.65 -18.39 -37.51
CA LEU A 139 -4.36 -18.51 -38.76
C LEU A 139 -3.86 -17.49 -39.77
N ALA A 140 -3.45 -16.33 -39.28
CA ALA A 140 -2.95 -15.29 -40.17
C ALA A 140 -1.61 -15.67 -40.77
N PHE A 141 -0.71 -16.21 -39.95
CA PHE A 141 0.56 -16.68 -40.48
C PHE A 141 0.35 -17.89 -41.37
N GLU A 142 -0.70 -18.65 -41.12
CA GLU A 142 -1.01 -19.74 -42.03
C GLU A 142 -1.55 -19.19 -43.35
N LEU A 143 -2.19 -18.04 -43.31
CA LEU A 143 -2.59 -17.38 -44.54
C LEU A 143 -1.45 -16.68 -45.25
N GLY A 144 -0.27 -16.62 -44.63
CA GLY A 144 0.88 -16.03 -45.27
C GLY A 144 1.00 -14.53 -45.12
N MET A 145 0.10 -13.90 -44.37
CA MET A 145 0.20 -12.47 -44.10
C MET A 145 1.15 -12.26 -42.92
N ASN A 146 2.45 -12.25 -43.24
CA ASN A 146 3.47 -12.05 -42.21
C ASN A 146 3.47 -10.63 -41.65
N ASP A 147 2.75 -9.71 -42.29
CA ASP A 147 2.60 -8.34 -41.85
C ASP A 147 1.37 -8.17 -40.97
N ALA A 148 1.02 -9.20 -40.24
CA ALA A 148 -0.20 -9.16 -39.47
C ALA A 148 -0.02 -8.32 -38.20
N PRO A 149 -1.01 -7.53 -37.84
CA PRO A 149 -0.89 -6.68 -36.66
C PRO A 149 -1.02 -7.49 -35.39
N ARG A 150 -0.33 -7.02 -34.36
CA ARG A 150 -0.33 -7.69 -33.06
C ARG A 150 -1.51 -7.29 -32.19
N ARG A 151 -2.41 -6.45 -32.70
CA ARG A 151 -3.63 -6.14 -31.99
C ARG A 151 -4.71 -7.11 -32.45
N LYS A 152 -5.80 -7.24 -31.70
CA LYS A 152 -6.89 -8.12 -32.07
C LYS A 152 -7.69 -7.58 -33.24
N GLY A 153 -8.12 -6.34 -33.12
CA GLY A 153 -9.00 -5.68 -34.06
C GLY A 153 -8.52 -5.61 -35.49
N PRO A 154 -7.39 -4.94 -35.73
CA PRO A 154 -6.91 -4.85 -37.11
C PRO A 154 -6.51 -6.19 -37.69
N LEU A 155 -6.12 -7.13 -36.82
CA LEU A 155 -5.91 -8.49 -37.30
C LEU A 155 -7.21 -9.11 -37.78
N SER A 156 -8.28 -8.93 -37.01
CA SER A 156 -9.58 -9.45 -37.40
C SER A 156 -10.04 -8.82 -38.71
N ARG A 157 -9.78 -7.53 -38.87
CA ARG A 157 -10.10 -6.87 -40.13
C ARG A 157 -9.25 -7.39 -41.28
N ALA A 158 -7.98 -7.68 -41.02
CA ALA A 158 -7.12 -8.17 -42.09
C ALA A 158 -7.54 -9.58 -42.49
N LEU A 159 -7.95 -10.38 -41.52
CA LEU A 159 -8.48 -11.70 -41.84
C LEU A 159 -9.76 -11.59 -42.62
N ARG A 160 -10.61 -10.62 -42.25
CA ARG A 160 -11.89 -10.46 -42.91
C ARG A 160 -11.72 -10.02 -44.36
N ARG A 161 -10.71 -9.19 -44.62
CA ARG A 161 -10.49 -8.76 -46.00
C ARG A 161 -9.74 -9.80 -46.79
N ARG A 162 -8.79 -10.49 -46.17
CA ARG A 162 -7.98 -11.47 -46.87
C ARG A 162 -8.76 -12.71 -47.21
N LEU A 163 -9.56 -13.19 -46.27
CA LEU A 163 -10.06 -14.54 -46.32
C LEU A 163 -11.40 -14.65 -47.01
N GLU A 164 -12.16 -13.56 -47.06
CA GLU A 164 -13.46 -13.57 -47.73
C GLU A 164 -13.29 -13.44 -49.23
N GLY A 165 -14.05 -14.25 -49.97
CA GLY A 165 -13.98 -14.27 -51.41
C GLY A 165 -13.04 -15.30 -51.99
N THR A 166 -12.29 -16.02 -51.15
CA THR A 166 -11.39 -17.05 -51.63
C THR A 166 -12.06 -18.41 -51.73
N GLN A 167 -13.21 -18.57 -51.07
CA GLN A 167 -13.91 -19.85 -50.89
C GLN A 167 -12.95 -20.90 -50.35
N GLY A 168 -12.52 -20.67 -49.12
CA GLY A 168 -11.54 -21.52 -48.47
C GLY A 168 -12.13 -22.38 -47.37
N LEU A 169 -11.25 -23.15 -46.75
CA LEU A 169 -11.63 -24.06 -45.68
C LEU A 169 -10.58 -24.00 -44.58
N VAL A 170 -10.97 -23.46 -43.44
CA VAL A 170 -10.12 -23.44 -42.26
C VAL A 170 -10.33 -24.74 -41.50
N ILE A 171 -9.24 -25.37 -41.11
CA ILE A 171 -9.29 -26.57 -40.30
C ILE A 171 -8.69 -26.25 -38.94
N ILE A 172 -9.39 -26.57 -37.86
CA ILE A 172 -8.79 -26.32 -36.51
C ILE A 172 -8.76 -27.62 -35.72
N ASP A 173 -7.58 -27.98 -35.19
CA ASP A 173 -7.39 -29.24 -34.43
C ASP A 173 -7.49 -28.97 -32.93
N GLU A 174 -7.89 -29.96 -32.15
CA GLU A 174 -8.00 -29.82 -30.67
C GLU A 174 -8.99 -28.70 -30.33
N ALA A 175 -10.20 -28.74 -30.89
CA ALA A 175 -11.18 -27.71 -30.60
C ALA A 175 -11.71 -27.76 -29.18
N ASP A 176 -11.16 -28.60 -28.30
CA ASP A 176 -11.64 -28.63 -26.92
C ASP A 176 -11.08 -27.47 -26.12
N HIS A 177 -9.92 -26.96 -26.50
CA HIS A 177 -9.26 -25.90 -25.76
C HIS A 177 -9.67 -24.52 -26.24
N LEU A 178 -10.84 -24.41 -26.86
CA LEU A 178 -11.32 -23.14 -27.34
C LEU A 178 -11.96 -22.35 -26.21
N GLY A 179 -11.58 -21.09 -26.09
CA GLY A 179 -12.32 -20.15 -25.28
C GLY A 179 -13.63 -19.84 -25.97
N ALA A 180 -14.58 -19.37 -25.17
CA ALA A 180 -15.90 -19.01 -25.71
C ALA A 180 -15.77 -17.82 -26.66
N GLU A 181 -14.93 -16.86 -26.29
CA GLU A 181 -14.63 -15.75 -27.21
C GLU A 181 -13.82 -16.24 -28.39
N VAL A 182 -13.00 -17.28 -28.20
CA VAL A 182 -12.14 -17.79 -29.26
C VAL A 182 -12.99 -18.41 -30.36
N LEU A 183 -13.71 -19.47 -30.02
CA LEU A 183 -14.65 -20.11 -30.93
C LEU A 183 -15.75 -19.17 -31.40
N GLU A 184 -16.12 -18.21 -30.55
CA GLU A 184 -17.07 -17.17 -30.91
C GLU A 184 -16.57 -16.32 -32.07
N GLU A 185 -15.32 -15.87 -31.98
CA GLU A 185 -14.77 -15.05 -33.05
C GLU A 185 -14.53 -15.89 -34.29
N LEU A 186 -14.21 -17.17 -34.11
CA LEU A 186 -14.07 -18.05 -35.26
C LEU A 186 -15.38 -18.26 -36.00
N ARG A 187 -16.46 -18.53 -35.27
CA ARG A 187 -17.73 -18.79 -35.93
C ARG A 187 -18.27 -17.52 -36.57
N LEU A 188 -18.09 -16.37 -35.92
CA LEU A 188 -18.55 -15.13 -36.53
C LEU A 188 -17.64 -14.73 -37.67
N LEU A 189 -16.38 -15.18 -37.63
CA LEU A 189 -15.47 -14.99 -38.74
C LEU A 189 -15.97 -15.72 -39.96
N GLN A 190 -15.99 -17.05 -39.89
CA GLN A 190 -16.35 -17.84 -41.10
C GLN A 190 -17.70 -17.32 -41.61
N GLU A 191 -18.58 -17.00 -40.68
CA GLU A 191 -19.93 -16.54 -41.09
C GLU A 191 -19.75 -15.24 -41.86
N SER A 192 -18.94 -14.33 -41.32
CA SER A 192 -18.74 -13.02 -41.97
C SER A 192 -17.64 -13.15 -43.03
N THR A 193 -17.41 -14.37 -43.51
CA THR A 193 -16.31 -14.54 -44.43
C THR A 193 -16.68 -15.41 -45.62
N ARG A 194 -17.75 -16.20 -45.52
CA ARG A 194 -18.24 -17.11 -46.56
C ARG A 194 -17.14 -18.12 -46.92
N ILE A 195 -16.70 -18.83 -45.88
CA ILE A 195 -15.63 -19.82 -45.93
C ILE A 195 -16.05 -21.01 -45.09
N GLY A 196 -15.11 -21.95 -44.95
CA GLY A 196 -15.37 -23.10 -44.12
C GLY A 196 -14.54 -23.15 -42.85
N LEU A 197 -15.18 -23.56 -41.77
CA LEU A 197 -14.53 -23.86 -40.50
C LEU A 197 -14.83 -25.30 -40.14
N VAL A 198 -13.83 -26.04 -39.68
CA VAL A 198 -14.00 -27.44 -39.29
C VAL A 198 -13.27 -27.65 -37.97
N LEU A 199 -13.98 -28.18 -36.97
CA LEU A 199 -13.41 -28.43 -35.67
C LEU A 199 -13.00 -29.89 -35.51
N MET A 200 -11.89 -30.13 -34.81
CA MET A 200 -11.39 -31.47 -34.56
C MET A 200 -11.33 -31.74 -33.06
N GLY A 201 -10.75 -32.88 -32.68
CA GLY A 201 -10.35 -33.13 -31.31
C GLY A 201 -11.17 -34.25 -30.67
N ASN A 202 -11.14 -34.31 -29.34
CA ASN A 202 -11.82 -35.34 -28.58
C ASN A 202 -13.28 -34.96 -28.36
N HIS A 203 -13.98 -35.83 -27.62
CA HIS A 203 -15.41 -35.64 -27.41
C HIS A 203 -15.74 -34.63 -26.31
N ARG A 204 -14.75 -33.87 -25.84
CA ARG A 204 -15.04 -32.79 -24.90
C ARG A 204 -15.55 -31.55 -25.63
N VAL A 205 -15.42 -31.51 -26.96
CA VAL A 205 -15.83 -30.35 -27.74
C VAL A 205 -17.35 -30.24 -27.75
N TYR A 206 -18.04 -31.35 -28.03
CA TYR A 206 -19.49 -31.37 -27.95
C TYR A 206 -19.96 -31.34 -26.50
N SER A 207 -19.11 -31.80 -25.57
CA SER A 207 -19.46 -31.75 -24.15
C SER A 207 -19.41 -30.32 -23.60
N ASN A 208 -18.62 -29.45 -24.23
CA ASN A 208 -18.56 -28.06 -23.80
C ASN A 208 -19.78 -27.26 -24.21
N MET A 209 -20.61 -27.82 -25.09
CA MET A 209 -21.86 -27.20 -25.50
C MET A 209 -23.06 -27.79 -24.77
N THR A 210 -22.95 -29.03 -24.29
CA THR A 210 -24.03 -29.69 -23.58
C THR A 210 -23.58 -30.18 -22.20
N THR A 215 -26.20 -24.11 -23.82
CA THR A 215 -26.90 -23.74 -25.05
C THR A 215 -27.79 -22.51 -24.87
N VAL A 216 -27.24 -21.52 -24.16
CA VAL A 216 -27.49 -20.11 -24.43
C VAL A 216 -26.19 -19.36 -24.73
N GLU A 217 -25.06 -19.85 -24.25
CA GLU A 217 -23.75 -19.36 -24.63
C GLU A 217 -23.26 -20.00 -25.92
N PHE A 218 -23.68 -21.23 -26.19
CA PHE A 218 -23.37 -21.94 -27.42
C PHE A 218 -24.59 -22.18 -28.28
N ALA A 219 -25.65 -21.37 -28.12
CA ALA A 219 -26.95 -21.69 -28.69
C ALA A 219 -26.98 -21.50 -30.19
N ARG A 220 -26.58 -20.32 -30.66
CA ARG A 220 -26.52 -20.06 -32.10
C ARG A 220 -25.43 -20.91 -32.75
N LEU A 221 -24.41 -21.31 -31.98
CA LEU A 221 -23.36 -22.16 -32.50
C LEU A 221 -23.85 -23.59 -32.71
N PHE A 222 -24.61 -24.11 -31.76
CA PHE A 222 -25.31 -25.37 -31.94
C PHE A 222 -26.35 -25.28 -33.05
N SER A 223 -26.87 -24.07 -33.32
CA SER A 223 -27.66 -23.83 -34.54
C SER A 223 -26.81 -23.81 -35.81
N ARG A 224 -25.51 -23.55 -35.71
CA ARG A 224 -24.70 -23.51 -36.94
C ARG A 224 -24.41 -24.91 -37.47
N ILE A 225 -24.34 -25.92 -36.58
CA ILE A 225 -23.59 -27.16 -36.82
C ILE A 225 -24.16 -27.94 -38.00
N ALA A 226 -23.30 -28.19 -38.98
CA ALA A 226 -23.68 -28.81 -40.23
C ALA A 226 -23.58 -30.32 -40.21
N LYS A 227 -22.38 -30.86 -39.97
CA LYS A 227 -22.15 -32.29 -39.99
C LYS A 227 -21.15 -32.65 -38.91
N ARG A 228 -21.65 -33.09 -37.78
CA ARG A 228 -20.82 -33.77 -36.81
C ARG A 228 -20.56 -35.16 -37.36
N THR A 229 -19.34 -35.65 -37.14
CA THR A 229 -18.97 -37.04 -37.44
C THR A 229 -18.13 -37.54 -36.29
N ALA A 230 -18.65 -38.50 -35.55
CA ALA A 230 -17.94 -39.10 -34.42
C ALA A 230 -17.23 -40.35 -34.90
N ILE A 231 -15.93 -40.40 -34.70
CA ILE A 231 -15.14 -41.60 -34.97
C ILE A 231 -14.64 -42.11 -33.64
N ASN A 232 -15.30 -43.15 -33.13
CA ASN A 232 -14.89 -43.73 -31.86
C ASN A 232 -13.68 -44.62 -32.05
N LYS A 233 -13.80 -45.66 -32.87
CA LYS A 233 -12.67 -46.52 -33.18
C LYS A 233 -12.69 -46.87 -34.64
N THR A 234 -11.77 -47.74 -35.03
CA THR A 234 -11.59 -48.06 -36.44
C THR A 234 -12.66 -49.02 -36.90
N LYS A 235 -12.61 -49.37 -38.18
CA LYS A 235 -13.43 -50.45 -38.70
C LYS A 235 -12.55 -51.56 -39.26
N LYS A 236 -13.20 -52.61 -39.76
CA LYS A 236 -12.43 -53.74 -40.28
C LYS A 236 -11.95 -53.46 -41.69
N ALA A 237 -12.74 -52.72 -42.47
CA ALA A 237 -12.28 -52.30 -43.80
C ALA A 237 -11.19 -51.26 -43.68
N ASP A 238 -11.17 -50.52 -42.57
CA ASP A 238 -10.09 -49.59 -42.25
C ASP A 238 -8.74 -50.33 -42.20
N VAL A 239 -8.63 -51.31 -41.30
CA VAL A 239 -7.38 -52.06 -41.19
C VAL A 239 -7.18 -52.99 -42.38
N LYS A 240 -8.25 -53.30 -43.11
CA LYS A 240 -8.12 -54.11 -44.32
C LYS A 240 -7.42 -53.32 -45.43
N ALA A 241 -7.81 -52.06 -45.60
CA ALA A 241 -7.10 -51.21 -46.55
C ALA A 241 -5.71 -50.88 -46.06
N ILE A 242 -5.52 -50.84 -44.74
CA ILE A 242 -4.17 -50.72 -44.17
C ILE A 242 -3.31 -51.90 -44.58
N ALA A 243 -3.85 -53.11 -44.47
CA ALA A 243 -3.09 -54.30 -44.85
C ALA A 243 -2.88 -54.37 -46.36
N ASP A 244 -3.81 -53.79 -47.13
CA ASP A 244 -3.63 -53.70 -48.57
C ASP A 244 -2.50 -52.74 -48.92
N ALA A 245 -2.41 -51.62 -48.21
CA ALA A 245 -1.34 -50.66 -48.46
C ALA A 245 0.00 -51.18 -47.98
N TRP A 246 0.02 -51.94 -46.89
CA TRP A 246 1.26 -52.47 -46.34
C TRP A 246 1.59 -53.87 -46.87
N GLN A 247 0.85 -54.34 -47.88
CA GLN A 247 1.07 -55.62 -48.57
C GLN A 247 1.06 -56.79 -47.59
N ILE A 248 0.00 -56.85 -46.80
CA ILE A 248 -0.16 -57.85 -45.75
C ILE A 248 -1.27 -58.79 -46.19
N ASN A 249 -0.94 -60.09 -46.24
CA ASN A 249 -1.86 -61.08 -46.79
C ASN A 249 -2.26 -62.16 -45.80
N GLY A 250 -1.62 -62.24 -44.64
CA GLY A 250 -1.95 -63.25 -43.66
C GLY A 250 -3.28 -63.01 -42.98
N GLU A 251 -4.11 -64.05 -42.87
CA GLU A 251 -5.36 -63.92 -42.14
C GLU A 251 -5.11 -63.88 -40.64
N LYS A 252 -4.13 -64.67 -40.17
CA LYS A 252 -3.65 -64.51 -38.79
C LYS A 252 -3.08 -63.13 -38.58
N GLU A 253 -2.34 -62.63 -39.58
CA GLU A 253 -1.83 -61.27 -39.56
C GLU A 253 -2.96 -60.26 -39.53
N LEU A 254 -4.02 -60.50 -40.31
CA LEU A 254 -5.16 -59.59 -40.35
C LEU A 254 -5.90 -59.55 -39.03
N GLU A 255 -6.11 -60.73 -38.41
CA GLU A 255 -6.77 -60.77 -37.10
C GLU A 255 -5.92 -60.11 -36.03
N LEU A 256 -4.60 -60.28 -36.11
CA LEU A 256 -3.72 -59.63 -35.14
C LEU A 256 -3.74 -58.12 -35.30
N LEU A 257 -3.76 -57.64 -36.55
CA LEU A 257 -3.89 -56.21 -36.80
C LEU A 257 -5.21 -55.66 -36.28
N GLN A 258 -6.29 -56.44 -36.43
CA GLN A 258 -7.58 -56.05 -35.89
C GLN A 258 -7.54 -55.97 -34.38
N GLN A 259 -6.89 -56.94 -33.73
CA GLN A 259 -6.79 -56.96 -32.27
C GLN A 259 -5.96 -55.78 -31.76
N ILE A 260 -4.94 -55.40 -32.53
CA ILE A 260 -4.19 -54.19 -32.19
C ILE A 260 -5.06 -52.95 -32.36
N ALA A 261 -5.93 -52.96 -33.37
CA ALA A 261 -6.84 -51.85 -33.59
C ALA A 261 -7.90 -51.76 -32.51
N GLN A 262 -8.12 -52.84 -31.76
CA GLN A 262 -9.07 -52.79 -30.66
C GLN A 262 -8.52 -52.01 -29.46
N LYS A 263 -7.20 -51.85 -29.39
CA LYS A 263 -6.62 -51.10 -28.28
C LYS A 263 -6.41 -49.64 -28.67
N PRO A 264 -6.56 -48.71 -27.72
CA PRO A 264 -6.56 -47.28 -28.06
C PRO A 264 -5.19 -46.79 -28.51
N GLY A 265 -5.18 -45.58 -29.06
CA GLY A 265 -4.07 -45.17 -29.88
C GLY A 265 -4.03 -46.02 -31.13
N ALA A 266 -5.21 -46.39 -31.61
CA ALA A 266 -5.34 -47.38 -32.70
C ALA A 266 -4.41 -47.12 -33.88
N LEU A 267 -4.67 -46.05 -34.64
CA LEU A 267 -3.86 -45.87 -35.86
C LEU A 267 -2.41 -45.71 -35.42
N ARG A 268 -2.18 -44.96 -34.34
CA ARG A 268 -0.77 -44.70 -33.96
C ARG A 268 -0.08 -46.02 -33.58
N ILE A 269 -0.72 -46.83 -32.74
CA ILE A 269 -0.04 -48.08 -32.28
C ILE A 269 0.15 -48.97 -33.49
N LEU A 270 -0.87 -49.03 -34.35
CA LEU A 270 -0.79 -49.94 -35.51
C LEU A 270 0.37 -49.45 -36.38
N ASN A 271 0.46 -48.15 -36.61
CA ASN A 271 1.53 -47.61 -37.48
C ASN A 271 2.87 -47.90 -36.81
N HIS A 272 2.94 -47.70 -35.49
CA HIS A 272 4.19 -48.00 -34.76
C HIS A 272 4.52 -49.48 -34.94
N SER A 273 3.53 -50.34 -34.72
CA SER A 273 3.75 -51.77 -34.88
C SER A 273 4.20 -52.11 -36.29
N LEU A 274 3.56 -51.50 -37.28
CA LEU A 274 3.95 -51.69 -38.69
C LEU A 274 5.38 -51.24 -38.92
N ARG A 275 5.78 -50.14 -38.30
CA ARG A 275 7.13 -49.62 -38.55
C ARG A 275 8.19 -50.41 -37.79
N LEU A 276 7.86 -50.89 -36.58
CA LEU A 276 8.74 -51.83 -35.88
C LEU A 276 8.97 -53.09 -36.68
N ALA A 277 7.90 -53.69 -37.20
CA ALA A 277 8.03 -54.94 -37.94
C ALA A 277 8.76 -54.73 -39.25
N ALA A 278 8.53 -53.59 -39.91
CA ALA A 278 9.20 -53.30 -41.17
C ALA A 278 10.69 -53.10 -40.96
N MET A 279 11.08 -52.35 -39.93
CA MET A 279 12.49 -52.12 -39.69
C MET A 279 13.19 -53.38 -39.19
N THR A 280 12.48 -54.20 -38.41
CA THR A 280 13.07 -55.45 -37.94
C THR A 280 13.26 -56.44 -39.08
N ALA A 281 12.28 -56.56 -39.97
CA ALA A 281 12.39 -57.48 -41.10
C ALA A 281 13.40 -56.98 -42.12
N HIS A 282 13.57 -55.65 -42.21
CA HIS A 282 14.59 -55.12 -43.10
C HIS A 282 15.99 -55.30 -42.51
N GLY A 283 16.11 -55.18 -41.19
CA GLY A 283 17.40 -55.40 -40.55
C GLY A 283 17.80 -56.87 -40.55
N LYS A 284 16.82 -57.77 -40.49
CA LYS A 284 17.08 -59.19 -40.59
C LYS A 284 16.98 -59.70 -42.02
N GLY A 285 16.70 -58.83 -42.98
CA GLY A 285 16.64 -59.21 -44.38
C GLY A 285 15.42 -60.00 -44.78
N GLU A 286 14.43 -60.12 -43.90
CA GLU A 286 13.30 -61.02 -44.11
C GLU A 286 12.04 -60.23 -44.47
N ARG A 287 10.95 -60.96 -44.59
CA ARG A 287 9.63 -60.40 -44.78
C ARG A 287 8.98 -60.17 -43.42
N VAL A 288 8.18 -59.10 -43.34
CA VAL A 288 7.31 -58.88 -42.19
C VAL A 288 6.36 -60.06 -42.06
N ASN A 289 6.32 -60.66 -40.89
CA ASN A 289 5.47 -61.81 -40.64
C ASN A 289 4.79 -61.63 -39.29
N GLU A 290 4.13 -62.68 -38.82
CA GLU A 290 3.27 -62.57 -37.64
C GLU A 290 4.09 -62.43 -36.36
N ASP A 291 5.25 -63.07 -36.30
CA ASP A 291 6.05 -63.08 -35.07
C ASP A 291 6.71 -61.74 -34.84
N TYR A 292 7.09 -61.05 -35.91
CA TYR A 292 7.62 -59.70 -35.79
C TYR A 292 6.55 -58.75 -35.26
N LEU A 293 5.31 -58.95 -35.69
CA LEU A 293 4.19 -58.19 -35.18
C LEU A 293 3.92 -58.51 -33.71
N ARG A 294 4.11 -59.77 -33.32
CA ARG A 294 3.92 -60.16 -31.92
C ARG A 294 4.97 -59.53 -31.03
N GLN A 295 6.23 -59.52 -31.47
CA GLN A 295 7.28 -58.90 -30.68
C GLN A 295 7.09 -57.38 -30.61
N ALA A 296 6.66 -56.77 -31.72
CA ALA A 296 6.36 -55.34 -31.75
C ALA A 296 5.25 -54.97 -30.77
N PHE A 297 4.18 -55.76 -30.76
CA PHE A 297 3.08 -55.50 -29.83
C PHE A 297 3.45 -55.90 -28.41
N ARG A 298 4.39 -56.83 -28.26
CA ARG A 298 4.89 -57.23 -26.96
C ARG A 298 5.72 -56.12 -26.33
N GLU A 299 6.26 -55.24 -27.16
CA GLU A 299 6.87 -54.02 -26.66
C GLU A 299 5.80 -53.01 -26.24
N LEU A 300 6.25 -51.77 -26.01
CA LEU A 300 5.49 -50.54 -25.83
C LEU A 300 4.83 -50.41 -24.45
N ASP A 301 4.90 -51.45 -23.60
CA ASP A 301 4.26 -51.50 -22.27
C ASP A 301 2.76 -51.16 -22.35
N LEU A 302 2.03 -51.99 -23.09
CA LEU A 302 0.61 -51.73 -23.23
C LEU A 302 -0.20 -52.40 -22.11
N ASP A 303 0.30 -53.51 -21.58
CA ASP A 303 -0.30 -54.18 -20.44
C ASP A 303 0.46 -53.88 -19.15
N VAL A 304 1.43 -52.97 -19.20
CA VAL A 304 2.25 -52.61 -18.04
C VAL A 304 1.84 -51.21 -17.59
N ASP A 305 1.44 -51.10 -16.32
CA ASP A 305 0.96 -49.84 -15.76
C ASP A 305 2.10 -48.91 -15.38
N LEU B 67 66.00 29.95 9.88
CA LEU B 67 66.66 30.47 8.68
C LEU B 67 66.86 29.48 7.50
N PRO B 68 67.25 28.21 7.72
CA PRO B 68 67.29 27.28 6.57
C PRO B 68 65.90 26.87 6.15
N GLU B 69 65.85 26.18 5.01
CA GLU B 69 64.60 25.62 4.53
C GLU B 69 64.18 24.44 5.43
N PRO B 70 62.91 24.40 5.85
CA PRO B 70 62.44 23.26 6.61
C PRO B 70 62.37 22.03 5.74
N PRO B 71 62.92 20.85 6.16
CA PRO B 71 62.74 19.61 5.40
C PRO B 71 61.37 18.97 5.71
N ARG B 72 60.54 18.73 4.68
CA ARG B 72 59.19 18.15 4.88
C ARG B 72 59.26 16.71 5.43
N PHE B 73 60.20 15.89 4.95
CA PHE B 73 60.24 14.47 5.36
C PHE B 73 61.62 14.12 5.92
N VAL B 74 61.67 13.31 6.99
CA VAL B 74 62.98 12.85 7.52
C VAL B 74 63.01 11.33 7.55
N GLU B 75 64.11 10.70 7.08
CA GLU B 75 64.22 9.22 7.22
C GLU B 75 64.34 8.90 8.71
N THR B 76 63.62 7.89 9.19
CA THR B 76 63.60 7.58 10.64
C THR B 76 63.68 6.07 10.84
N GLN B 77 63.90 5.63 12.08
CA GLN B 77 63.95 4.18 12.37
C GLN B 77 62.62 3.56 11.98
N THR B 78 61.50 4.23 12.28
CA THR B 78 60.18 3.73 11.83
C THR B 78 60.15 3.74 10.30
N VAL B 79 60.68 4.79 9.68
CA VAL B 79 60.71 4.90 8.19
C VAL B 79 61.54 3.73 7.63
N LYS B 80 62.62 3.37 8.32
CA LYS B 80 63.51 2.28 7.85
C LYS B 80 62.72 0.97 7.98
N GLN B 81 62.23 0.71 9.20
CA GLN B 81 61.42 -0.46 9.43
C GLN B 81 60.31 -0.61 8.42
N ILE B 82 59.55 0.46 8.19
CA ILE B 82 58.32 0.34 7.42
C ILE B 82 58.63 0.23 5.94
N TRP B 83 59.77 0.79 5.50
CA TRP B 83 60.19 0.60 4.13
C TRP B 83 60.65 -0.83 3.89
N THR B 84 61.31 -1.43 4.88
CA THR B 84 61.72 -2.80 4.73
C THR B 84 60.49 -3.71 4.70
N SER B 85 59.47 -3.37 5.48
CA SER B 85 58.20 -4.10 5.42
C SER B 85 57.51 -3.88 4.07
N MET B 86 57.63 -2.67 3.54
CA MET B 86 56.97 -2.32 2.29
C MET B 86 57.62 -3.04 1.10
N ARG B 87 58.95 -3.00 1.03
CA ARG B 87 59.67 -3.71 -0.02
C ARG B 87 59.56 -5.22 0.17
N PHE B 88 59.40 -5.66 1.42
CA PHE B 88 59.15 -7.06 1.69
C PHE B 88 57.84 -7.51 1.08
N ALA B 89 56.76 -6.77 1.33
CA ALA B 89 55.48 -7.12 0.72
C ALA B 89 55.50 -6.91 -0.79
N SER B 90 56.40 -6.05 -1.27
CA SER B 90 56.60 -5.86 -2.70
C SER B 90 57.18 -7.10 -3.36
N LEU B 91 58.41 -7.46 -3.00
CA LEU B 91 59.07 -8.59 -3.62
C LEU B 91 58.38 -9.90 -3.27
N THR B 92 57.86 -9.98 -2.05
CA THR B 92 57.09 -11.11 -1.57
C THR B 92 55.76 -11.22 -2.26
N GLU B 93 55.22 -10.10 -2.74
CA GLU B 93 53.95 -10.04 -3.46
C GLU B 93 52.81 -10.55 -2.58
N SER B 94 52.82 -10.09 -1.34
CA SER B 94 51.90 -10.58 -0.33
C SER B 94 51.45 -9.43 0.56
N ILE B 95 50.57 -9.74 1.52
CA ILE B 95 49.84 -8.71 2.27
C ILE B 95 50.58 -8.34 3.55
N ALA B 96 50.77 -7.04 3.77
CA ALA B 96 51.39 -6.51 4.98
C ALA B 96 50.46 -5.50 5.65
N VAL B 97 50.02 -5.80 6.87
CA VAL B 97 49.12 -4.96 7.64
C VAL B 97 49.95 -4.09 8.57
N VAL B 98 49.77 -2.79 8.50
CA VAL B 98 50.48 -1.86 9.35
C VAL B 98 49.44 -1.20 10.24
N CYS B 99 49.23 -1.76 11.43
CA CYS B 99 48.34 -1.17 12.41
C CYS B 99 49.20 -0.46 13.46
N GLY B 100 48.84 0.78 13.78
CA GLY B 100 49.64 1.54 14.75
C GLY B 100 48.79 2.57 15.45
N ASN B 101 49.39 3.34 16.35
CA ASN B 101 48.63 4.43 17.01
C ASN B 101 48.38 5.54 15.97
N PRO B 102 47.34 6.37 16.12
CA PRO B 102 47.11 7.45 15.18
C PRO B 102 48.30 8.42 15.17
N GLY B 103 48.61 8.98 14.00
CA GLY B 103 49.71 9.96 13.90
C GLY B 103 51.08 9.40 14.25
N VAL B 104 51.38 8.17 13.82
CA VAL B 104 52.75 7.64 14.05
C VAL B 104 53.63 8.03 12.87
N GLY B 105 53.08 8.76 11.90
CA GLY B 105 53.86 9.23 10.73
C GLY B 105 53.87 8.24 9.58
N LYS B 106 53.08 7.16 9.67
CA LYS B 106 53.07 6.11 8.63
C LYS B 106 52.55 6.66 7.30
N THR B 107 51.51 7.51 7.34
CA THR B 107 50.90 7.95 6.06
C THR B 107 51.95 8.67 5.23
N GLU B 108 52.70 9.56 5.86
CA GLU B 108 53.68 10.36 5.08
C GLU B 108 54.73 9.42 4.48
N ALA B 109 55.21 8.46 5.27
CA ALA B 109 56.32 7.65 4.76
C ALA B 109 55.86 6.89 3.52
N ALA B 110 54.67 6.33 3.57
CA ALA B 110 54.12 5.65 2.40
C ALA B 110 54.25 6.52 1.16
N ARG B 111 54.04 7.83 1.32
CA ARG B 111 54.14 8.69 0.15
C ARG B 111 55.59 8.88 -0.27
N GLU B 112 56.52 8.80 0.68
CA GLU B 112 57.92 8.86 0.30
C GLU B 112 58.32 7.60 -0.44
N TYR B 113 57.76 6.46 -0.03
CA TYR B 113 57.97 5.22 -0.78
C TYR B 113 57.38 5.33 -2.18
N ARG B 114 56.23 5.98 -2.30
CA ARG B 114 55.59 6.13 -3.60
C ARG B 114 56.40 7.07 -4.48
N ARG B 115 57.02 8.07 -3.87
CA ARG B 115 57.79 9.04 -4.65
C ARG B 115 59.12 8.46 -5.09
N THR B 116 59.72 7.58 -4.28
CA THR B 116 61.05 7.09 -4.59
C THR B 116 61.06 5.86 -5.49
N ASN B 117 59.97 5.11 -5.57
CA ASN B 117 60.00 3.78 -6.15
C ASN B 117 59.03 3.68 -7.32
N ASN B 118 59.40 2.85 -8.30
CA ASN B 118 58.55 2.57 -9.45
C ASN B 118 57.57 1.44 -9.13
N ASN B 119 56.51 1.37 -9.95
CA ASN B 119 55.40 0.41 -9.81
C ASN B 119 54.80 0.45 -8.41
N VAL B 120 54.51 1.66 -7.95
CA VAL B 120 53.93 1.86 -6.63
C VAL B 120 52.68 2.70 -6.81
N TRP B 121 51.61 2.31 -6.15
CA TRP B 121 50.39 3.10 -6.16
C TRP B 121 49.83 3.21 -4.76
N MET B 122 49.04 4.24 -4.55
CA MET B 122 48.46 4.51 -3.25
C MET B 122 47.13 5.18 -3.44
N ILE B 123 46.14 4.76 -2.66
CA ILE B 123 44.92 5.52 -2.50
C ILE B 123 44.83 5.90 -1.03
N THR B 124 43.81 6.67 -0.72
CA THR B 124 43.32 6.80 0.63
C THR B 124 41.89 6.30 0.60
N ILE B 125 41.40 5.82 1.72
CA ILE B 125 40.00 5.43 1.81
C ILE B 125 39.34 6.37 2.78
N THR B 126 38.59 7.33 2.25
CA THR B 126 37.55 7.94 3.03
C THR B 126 36.42 6.92 3.18
N PRO B 127 35.71 6.93 4.31
CA PRO B 127 34.53 6.05 4.43
C PRO B 127 33.39 6.41 3.47
N SER B 128 33.45 7.57 2.81
CA SER B 128 32.60 7.82 1.67
C SER B 128 32.87 6.84 0.53
N CYS B 129 34.15 6.56 0.26
CA CYS B 129 34.53 5.69 -0.84
C CYS B 129 34.74 4.24 -0.39
N ALA B 130 33.99 3.79 0.62
CA ALA B 130 34.30 2.55 1.30
C ALA B 130 33.60 1.33 0.69
N SER B 131 33.00 1.46 -0.48
CA SER B 131 32.40 0.31 -1.13
C SER B 131 33.48 -0.40 -1.94
N VAL B 132 33.10 -1.55 -2.50
CA VAL B 132 34.01 -2.22 -3.43
C VAL B 132 34.13 -1.40 -4.71
N LEU B 133 32.98 -0.89 -5.18
CA LEU B 133 32.91 -0.13 -6.42
C LEU B 133 33.72 1.15 -6.32
N GLU B 134 33.50 1.91 -5.25
CA GLU B 134 34.18 3.19 -5.09
C GLU B 134 35.68 3.00 -4.90
N CYS B 135 36.08 2.03 -4.06
CA CYS B 135 37.49 1.84 -3.76
C CYS B 135 38.26 1.33 -4.96
N LEU B 136 37.68 0.38 -5.69
CA LEU B 136 38.34 -0.10 -6.90
C LEU B 136 38.37 0.98 -7.95
N THR B 137 37.35 1.86 -7.96
CA THR B 137 37.39 3.00 -8.87
C THR B 137 38.55 3.92 -8.51
N GLU B 138 38.79 4.09 -7.21
CA GLU B 138 39.89 4.94 -6.76
C GLU B 138 41.23 4.36 -7.19
N LEU B 139 41.37 3.04 -7.03
CA LEU B 139 42.60 2.39 -7.45
C LEU B 139 42.77 2.44 -8.95
N ALA B 140 41.65 2.40 -9.67
CA ALA B 140 41.71 2.46 -11.13
C ALA B 140 42.15 3.82 -11.61
N PHE B 141 41.59 4.88 -11.03
CA PHE B 141 42.04 6.21 -11.39
C PHE B 141 43.47 6.44 -10.94
N GLU B 142 43.89 5.76 -9.87
CA GLU B 142 45.29 5.85 -9.50
C GLU B 142 46.16 5.12 -10.50
N LEU B 143 45.62 4.08 -11.13
CA LEU B 143 46.34 3.43 -12.21
C LEU B 143 46.31 4.21 -13.51
N GLY B 144 45.55 5.31 -13.58
CA GLY B 144 45.52 6.13 -14.76
C GLY B 144 44.55 5.69 -15.83
N MET B 145 43.77 4.64 -15.58
CA MET B 145 42.74 4.21 -16.53
C MET B 145 41.49 5.04 -16.31
N ASN B 146 41.49 6.24 -16.90
CA ASN B 146 40.34 7.13 -16.79
C ASN B 146 39.11 6.62 -17.52
N ASP B 147 39.27 5.59 -18.35
CA ASP B 147 38.19 4.95 -19.08
C ASP B 147 37.62 3.77 -18.30
N ALA B 148 37.66 3.85 -16.98
CA ALA B 148 37.24 2.74 -16.18
C ALA B 148 35.72 2.63 -16.14
N PRO B 149 35.19 1.41 -16.20
CA PRO B 149 33.73 1.26 -16.19
C PRO B 149 33.17 1.47 -14.81
N ARG B 150 31.94 1.96 -14.78
CA ARG B 150 31.25 2.25 -13.52
C ARG B 150 30.55 1.03 -12.94
N ARG B 151 30.68 -0.12 -13.58
CA ARG B 151 30.16 -1.36 -13.01
C ARG B 151 31.28 -2.00 -12.21
N LYS B 152 30.95 -2.95 -11.32
CA LYS B 152 31.95 -3.64 -10.53
C LYS B 152 32.76 -4.61 -11.35
N GLY B 153 32.07 -5.48 -12.07
CA GLY B 153 32.63 -6.57 -12.84
C GLY B 153 33.67 -6.19 -13.88
N PRO B 154 33.28 -5.39 -14.88
CA PRO B 154 34.27 -5.02 -15.90
C PRO B 154 35.39 -4.18 -15.35
N LEU B 155 35.13 -3.44 -14.28
CA LEU B 155 36.22 -2.75 -13.60
C LEU B 155 37.20 -3.73 -13.00
N SER B 156 36.68 -4.77 -12.35
CA SER B 156 37.54 -5.79 -11.77
C SER B 156 38.35 -6.49 -12.84
N ARG B 157 37.73 -6.74 -14.00
CA ARG B 157 38.45 -7.32 -15.13
C ARG B 157 39.51 -6.37 -15.67
N ALA B 158 39.21 -5.08 -15.71
CA ALA B 158 40.18 -4.13 -16.23
C ALA B 158 41.37 -4.01 -15.29
N LEU B 159 41.09 -4.06 -13.99
CA LEU B 159 42.17 -4.06 -13.01
C LEU B 159 43.00 -5.33 -13.13
N ARG B 160 42.33 -6.45 -13.38
CA ARG B 160 43.03 -7.72 -13.47
C ARG B 160 43.92 -7.76 -14.70
N ARG B 161 43.49 -7.15 -15.79
CA ARG B 161 44.33 -7.15 -16.99
C ARG B 161 45.41 -6.09 -16.91
N ARG B 162 45.09 -4.93 -16.33
CA ARG B 162 46.05 -3.84 -16.27
C ARG B 162 47.16 -4.11 -15.27
N LEU B 163 46.81 -4.65 -14.13
CA LEU B 163 47.67 -4.60 -12.97
C LEU B 163 48.56 -5.84 -12.87
N GLU B 164 48.16 -6.94 -13.48
CA GLU B 164 48.95 -8.16 -13.44
C GLU B 164 50.08 -8.10 -14.46
N GLY B 165 51.27 -8.52 -14.05
CA GLY B 165 52.43 -8.49 -14.89
C GLY B 165 53.29 -7.26 -14.75
N THR B 166 52.85 -6.26 -13.97
CA THR B 166 53.64 -5.06 -13.76
C THR B 166 54.59 -5.18 -12.58
N GLN B 167 54.37 -6.16 -11.71
CA GLN B 167 55.06 -6.33 -10.43
C GLN B 167 55.00 -5.03 -9.63
N GLY B 168 53.79 -4.68 -9.23
CA GLY B 168 53.55 -3.44 -8.54
C GLY B 168 53.23 -3.63 -7.06
N LEU B 169 52.99 -2.50 -6.41
CA LEU B 169 52.69 -2.49 -4.99
C LEU B 169 51.56 -1.50 -4.72
N VAL B 170 50.40 -2.03 -4.35
CA VAL B 170 49.28 -1.22 -3.94
C VAL B 170 49.41 -0.91 -2.46
N ILE B 171 49.23 0.36 -2.11
CA ILE B 171 49.22 0.78 -0.73
C ILE B 171 47.83 1.25 -0.37
N ILE B 172 47.26 0.74 0.72
CA ILE B 172 45.88 1.15 1.11
C ILE B 172 45.93 1.70 2.52
N ASP B 173 45.44 2.93 2.71
CA ASP B 173 45.52 3.62 4.03
C ASP B 173 44.17 3.53 4.74
N GLU B 174 44.17 3.56 6.07
CA GLU B 174 42.92 3.46 6.87
C GLU B 174 42.21 2.14 6.55
N ALA B 175 42.94 1.03 6.65
CA ALA B 175 42.32 -0.27 6.37
C ALA B 175 41.30 -0.69 7.40
N ASP B 176 40.94 0.16 8.36
CA ASP B 176 39.93 -0.24 9.33
C ASP B 176 38.53 -0.13 8.76
N HIS B 177 38.34 0.76 7.78
CA HIS B 177 37.02 1.00 7.20
C HIS B 177 36.75 0.08 6.02
N LEU B 178 37.41 -1.07 5.96
CA LEU B 178 37.20 -2.01 4.88
C LEU B 178 35.96 -2.85 5.15
N GLY B 179 35.11 -2.96 4.15
CA GLY B 179 34.08 -3.98 4.16
C GLY B 179 34.73 -5.33 3.94
N ALA B 180 34.00 -6.36 4.37
CA ALA B 180 34.50 -7.73 4.20
C ALA B 180 34.59 -8.09 2.73
N GLU B 181 33.61 -7.67 1.94
CA GLU B 181 33.68 -7.82 0.49
C GLU B 181 34.75 -6.92 -0.10
N VAL B 182 35.00 -5.77 0.53
CA VAL B 182 35.99 -4.81 0.01
C VAL B 182 37.39 -5.40 0.12
N LEU B 183 37.82 -5.66 1.34
CA LEU B 183 39.10 -6.32 1.60
C LEU B 183 39.18 -7.71 0.97
N GLU B 184 38.04 -8.37 0.85
CA GLU B 184 37.95 -9.67 0.18
C GLU B 184 38.33 -9.55 -1.29
N GLU B 185 37.77 -8.56 -1.97
CA GLU B 185 38.08 -8.38 -3.39
C GLU B 185 39.50 -7.90 -3.56
N LEU B 186 40.00 -7.11 -2.59
CA LEU B 186 41.39 -6.68 -2.66
C LEU B 186 42.36 -7.84 -2.50
N ARG B 187 42.13 -8.72 -1.53
CA ARG B 187 43.05 -9.82 -1.31
C ARG B 187 42.98 -10.81 -2.47
N LEU B 188 41.78 -11.06 -3.01
CA LEU B 188 41.70 -11.96 -4.13
C LEU B 188 42.22 -11.30 -5.39
N LEU B 189 42.19 -9.97 -5.43
CA LEU B 189 42.81 -9.23 -6.52
C LEU B 189 44.31 -9.46 -6.51
N GLN B 190 44.98 -8.99 -5.46
CA GLN B 190 46.47 -9.08 -5.47
C GLN B 190 46.85 -10.52 -5.74
N GLU B 191 46.09 -11.45 -5.16
CA GLU B 191 46.44 -12.88 -5.31
C GLU B 191 46.32 -13.23 -6.79
N SER B 192 45.24 -12.79 -7.42
CA SER B 192 45.01 -13.11 -8.85
C SER B 192 45.74 -12.08 -9.70
N THR B 193 46.74 -11.40 -9.12
CA THR B 193 47.35 -10.34 -9.88
C THR B 193 48.87 -10.39 -9.80
N ARG B 194 49.43 -11.10 -8.81
CA ARG B 194 50.87 -11.23 -8.59
C ARG B 194 51.51 -9.84 -8.39
N ILE B 195 50.96 -9.14 -7.39
CA ILE B 195 51.35 -7.79 -7.02
C ILE B 195 51.39 -7.70 -5.51
N GLY B 196 51.61 -6.49 -5.03
CA GLY B 196 51.61 -6.27 -3.60
C GLY B 196 50.44 -5.44 -3.10
N LEU B 197 49.91 -5.85 -1.94
CA LEU B 197 48.92 -5.10 -1.20
C LEU B 197 49.48 -4.83 0.18
N VAL B 198 49.32 -3.61 0.68
CA VAL B 198 49.80 -3.24 2.02
C VAL B 198 48.70 -2.45 2.72
N LEU B 199 48.31 -2.87 3.90
CA LEU B 199 47.27 -2.21 4.67
C LEU B 199 47.87 -1.29 5.73
N MET B 200 47.21 -0.15 5.96
CA MET B 200 47.65 0.84 6.94
C MET B 200 46.56 1.03 8.00
N GLY B 201 46.77 2.01 8.89
CA GLY B 201 45.71 2.50 9.75
C GLY B 201 45.96 2.19 11.21
N ASN B 202 44.92 2.28 12.03
CA ASN B 202 44.99 2.06 13.46
C ASN B 202 44.88 0.57 13.78
N HIS B 203 44.89 0.26 15.07
CA HIS B 203 44.90 -1.13 15.50
C HIS B 203 43.52 -1.78 15.49
N ARG B 204 42.53 -1.14 14.88
CA ARG B 204 41.23 -1.78 14.71
C ARG B 204 41.24 -2.73 13.52
N VAL B 205 42.28 -2.66 12.68
CA VAL B 205 42.36 -3.51 11.49
C VAL B 205 42.60 -4.96 11.88
N TYR B 206 43.57 -5.18 12.77
CA TYR B 206 43.80 -6.51 13.30
C TYR B 206 42.69 -6.92 14.27
N SER B 207 42.02 -5.94 14.89
CA SER B 207 40.90 -6.24 15.78
C SER B 207 39.67 -6.70 15.01
N ASN B 208 39.54 -6.32 13.74
CA ASN B 208 38.42 -6.76 12.93
C ASN B 208 38.56 -8.21 12.49
N MET B 209 39.74 -8.81 12.66
CA MET B 209 39.97 -10.21 12.36
C MET B 209 39.94 -11.08 13.61
N THR B 210 40.20 -10.49 14.78
CA THR B 210 40.20 -11.23 16.04
C THR B 210 39.25 -10.58 17.04
N THR B 215 37.77 -15.33 12.41
CA THR B 215 38.69 -16.16 11.65
C THR B 215 38.04 -17.44 11.11
N VAL B 216 36.82 -17.27 10.61
CA VAL B 216 36.31 -18.04 9.47
C VAL B 216 35.90 -17.13 8.32
N GLU B 217 35.55 -15.87 8.61
CA GLU B 217 35.34 -14.85 7.61
C GLU B 217 36.64 -14.20 7.16
N PHE B 218 37.62 -14.13 8.07
CA PHE B 218 38.94 -13.62 7.79
C PHE B 218 40.02 -14.69 7.87
N ALA B 219 39.65 -15.97 7.68
CA ALA B 219 40.54 -17.08 8.01
C ALA B 219 41.67 -17.21 7.00
N ARG B 220 41.32 -17.30 5.72
CA ARG B 220 42.34 -17.38 4.67
C ARG B 220 43.12 -16.07 4.57
N LEU B 221 42.51 -14.96 5.00
CA LEU B 221 43.20 -13.69 5.00
C LEU B 221 44.25 -13.62 6.10
N PHE B 222 43.91 -14.10 7.30
CA PHE B 222 44.89 -14.27 8.36
C PHE B 222 45.94 -15.31 7.97
N SER B 223 45.60 -16.24 7.08
CA SER B 223 46.61 -17.10 6.45
C SER B 223 47.46 -16.37 5.41
N ARG B 224 47.00 -15.25 4.86
CA ARG B 224 47.80 -14.55 3.87
C ARG B 224 48.96 -13.78 4.51
N ILE B 225 48.77 -13.31 5.75
CA ILE B 225 49.49 -12.16 6.32
C ILE B 225 50.99 -12.42 6.39
N ALA B 226 51.76 -11.57 5.74
CA ALA B 226 53.20 -11.73 5.60
C ALA B 226 53.99 -11.07 6.71
N LYS B 227 53.86 -9.76 6.86
CA LYS B 227 54.61 -9.00 7.84
C LYS B 227 53.73 -7.91 8.43
N ARG B 228 53.15 -8.17 9.57
CA ARG B 228 52.57 -7.11 10.37
C ARG B 228 53.73 -6.37 11.02
N THR B 229 53.59 -5.05 11.12
CA THR B 229 54.52 -4.21 11.86
C THR B 229 53.69 -3.20 12.65
N ALA B 230 53.72 -3.32 13.96
CA ALA B 230 52.99 -2.40 14.82
C ALA B 230 53.93 -1.29 15.26
N ILE B 231 53.54 -0.04 15.01
CA ILE B 231 54.27 1.11 15.49
C ILE B 231 53.36 1.81 16.49
N ASN B 232 53.65 1.60 17.78
CA ASN B 232 52.86 2.24 18.81
C ASN B 232 53.26 3.70 18.98
N LYS B 233 54.52 3.94 19.32
CA LYS B 233 55.02 5.30 19.42
C LYS B 233 56.41 5.37 18.84
N THR B 234 57.02 6.53 18.97
CA THR B 234 58.30 6.78 18.34
C THR B 234 59.42 6.13 19.14
N LYS B 235 60.64 6.28 18.64
CA LYS B 235 61.82 5.90 19.40
C LYS B 235 62.70 7.11 19.63
N LYS B 236 63.81 6.89 20.33
CA LYS B 236 64.71 8.00 20.63
C LYS B 236 65.62 8.30 19.44
N ALA B 237 66.00 7.27 18.68
CA ALA B 237 66.75 7.50 17.46
C ALA B 237 65.88 8.14 16.40
N ASP B 238 64.57 7.90 16.48
CA ASP B 238 63.58 8.58 15.63
C ASP B 238 63.69 10.09 15.78
N VAL B 239 63.48 10.59 16.99
CA VAL B 239 63.55 12.04 17.22
C VAL B 239 64.98 12.53 17.16
N LYS B 240 65.97 11.63 17.32
CA LYS B 240 67.36 12.02 17.17
C LYS B 240 67.69 12.34 15.72
N ALA B 241 67.23 11.51 14.80
CA ALA B 241 67.39 11.81 13.39
C ALA B 241 66.53 13.00 12.98
N ILE B 242 65.40 13.20 13.66
CA ILE B 242 64.62 14.41 13.46
C ILE B 242 65.42 15.65 13.84
N ALA B 243 66.11 15.60 14.98
CA ALA B 243 66.92 16.73 15.41
C ALA B 243 68.15 16.91 14.52
N ASP B 244 68.64 15.81 13.93
CA ASP B 244 69.72 15.90 12.96
C ASP B 244 69.26 16.58 11.68
N ALA B 245 68.05 16.26 11.23
CA ALA B 245 67.52 16.90 10.03
C ALA B 245 67.16 18.34 10.27
N TRP B 246 66.68 18.68 11.46
CA TRP B 246 66.29 20.04 11.78
C TRP B 246 67.42 20.85 12.41
N GLN B 247 68.64 20.32 12.41
CA GLN B 247 69.85 20.98 12.90
C GLN B 247 69.70 21.44 14.35
N ILE B 248 69.31 20.50 15.20
CA ILE B 248 69.03 20.75 16.60
C ILE B 248 70.12 20.07 17.41
N ASN B 249 70.81 20.84 18.24
CA ASN B 249 71.97 20.35 18.96
C ASN B 249 71.84 20.41 20.48
N GLY B 250 70.82 21.08 21.01
CA GLY B 250 70.64 21.17 22.44
C GLY B 250 70.21 19.87 23.07
N GLU B 251 70.85 19.50 24.18
CA GLU B 251 70.43 18.30 24.91
C GLU B 251 69.14 18.57 25.67
N LYS B 252 68.99 19.78 26.22
CA LYS B 252 67.70 20.21 26.75
C LYS B 252 66.66 20.23 25.65
N GLU B 253 67.05 20.70 24.46
CA GLU B 253 66.18 20.67 23.29
C GLU B 253 65.83 19.24 22.91
N LEU B 254 66.81 18.33 22.99
CA LEU B 254 66.57 16.93 22.64
C LEU B 254 65.61 16.26 23.62
N GLU B 255 65.79 16.53 24.92
CA GLU B 255 64.88 15.98 25.92
C GLU B 255 63.48 16.54 25.78
N LEU B 256 63.38 17.83 25.45
CA LEU B 256 62.06 18.43 25.25
C LEU B 256 61.36 17.85 24.02
N LEU B 257 62.13 17.60 22.94
CA LEU B 257 61.58 16.95 21.76
C LEU B 257 61.11 15.54 22.08
N GLN B 258 61.87 14.83 22.92
CA GLN B 258 61.46 13.50 23.35
C GLN B 258 60.17 13.54 24.17
N GLN B 259 60.06 14.53 25.05
CA GLN B 259 58.86 14.68 25.88
C GLN B 259 57.64 15.02 25.03
N ILE B 260 57.85 15.79 23.97
CA ILE B 260 56.78 16.06 23.03
C ILE B 260 56.40 14.78 22.29
N ALA B 261 57.40 13.95 21.98
CA ALA B 261 57.14 12.67 21.31
C ALA B 261 56.42 11.69 22.21
N GLN B 262 56.44 11.92 23.52
CA GLN B 262 55.71 11.06 24.43
C GLN B 262 54.21 11.32 24.37
N LYS B 263 53.79 12.47 23.86
CA LYS B 263 52.37 12.77 23.76
C LYS B 263 51.85 12.39 22.38
N PRO B 264 50.59 11.94 22.29
CA PRO B 264 50.09 11.41 21.01
C PRO B 264 49.93 12.48 19.95
N GLY B 265 49.70 12.01 18.72
CA GLY B 265 49.93 12.87 17.58
C GLY B 265 51.40 13.19 17.47
N ALA B 266 52.23 12.21 17.83
CA ALA B 266 53.69 12.43 17.96
C ALA B 266 54.30 13.15 16.77
N LEU B 267 54.34 12.51 15.61
CA LEU B 267 55.06 13.16 14.50
C LEU B 267 54.33 14.46 14.19
N ARG B 268 53.00 14.43 14.19
CA ARG B 268 52.26 15.65 13.79
C ARG B 268 52.55 16.79 14.76
N ILE B 269 52.45 16.53 16.07
CA ILE B 269 52.64 17.63 17.06
C ILE B 269 54.09 18.10 16.95
N LEU B 270 55.01 17.15 16.82
CA LEU B 270 56.44 17.53 16.77
C LEU B 270 56.65 18.39 15.53
N ASN B 271 56.06 17.99 14.40
CA ASN B 271 56.24 18.77 13.16
C ASN B 271 55.62 20.14 13.37
N HIS B 272 54.43 20.17 13.99
CA HIS B 272 53.76 21.47 14.27
C HIS B 272 54.69 22.31 15.15
N SER B 273 55.22 21.70 16.21
CA SER B 273 56.09 22.43 17.12
C SER B 273 57.34 22.94 16.41
N LEU B 274 57.93 22.09 15.57
CA LEU B 274 59.10 22.47 14.78
C LEU B 274 58.78 23.63 13.85
N ARG B 275 57.58 23.62 13.26
CA ARG B 275 57.24 24.66 12.29
C ARG B 275 56.86 25.96 12.99
N LEU B 276 56.19 25.88 14.15
CA LEU B 276 55.96 27.06 14.98
C LEU B 276 57.27 27.73 15.39
N ALA B 277 58.23 26.93 15.88
CA ALA B 277 59.48 27.50 16.34
C ALA B 277 60.30 28.05 15.18
N ALA B 278 60.25 27.39 14.03
CA ALA B 278 60.99 27.87 12.87
C ALA B 278 60.42 29.19 12.37
N MET B 279 59.09 29.30 12.27
CA MET B 279 58.50 30.53 11.77
C MET B 279 58.64 31.66 12.80
N THR B 280 58.61 31.33 14.10
CA THR B 280 58.79 32.36 15.11
C THR B 280 60.22 32.88 15.13
N ALA B 281 61.20 31.97 15.01
CA ALA B 281 62.60 32.39 15.01
C ALA B 281 62.96 33.11 13.72
N HIS B 282 62.27 32.78 12.63
CA HIS B 282 62.51 33.50 11.38
C HIS B 282 61.86 34.88 11.41
N GLY B 283 60.69 34.99 12.05
CA GLY B 283 60.04 36.28 12.18
C GLY B 283 60.77 37.20 13.13
N LYS B 284 61.40 36.62 14.16
CA LYS B 284 62.21 37.39 15.09
C LYS B 284 63.67 37.45 14.67
N GLY B 285 64.03 36.83 13.55
CA GLY B 285 65.39 36.88 13.05
C GLY B 285 66.39 36.04 13.80
N GLU B 286 65.93 35.19 14.71
CA GLU B 286 66.81 34.47 15.62
C GLU B 286 66.91 33.00 15.23
N ARG B 287 67.63 32.25 16.05
CA ARG B 287 67.74 30.81 15.95
C ARG B 287 66.62 30.16 16.76
N VAL B 288 66.13 29.03 16.27
CA VAL B 288 65.25 28.17 17.05
C VAL B 288 65.98 27.73 18.31
N ASN B 289 65.35 27.96 19.46
CA ASN B 289 65.95 27.60 20.74
C ASN B 289 64.88 26.95 21.60
N GLU B 290 65.19 26.75 22.88
CA GLU B 290 64.35 25.94 23.75
C GLU B 290 63.07 26.68 24.12
N ASP B 291 63.15 28.00 24.27
CA ASP B 291 62.00 28.78 24.74
C ASP B 291 60.94 28.90 23.65
N TYR B 292 61.37 28.96 22.39
CA TYR B 292 60.42 28.96 21.28
C TYR B 292 59.68 27.63 21.23
N LEU B 293 60.38 26.54 21.52
CA LEU B 293 59.76 25.23 21.61
C LEU B 293 58.80 25.15 22.78
N ARG B 294 59.14 25.80 23.90
CA ARG B 294 58.25 25.81 25.05
C ARG B 294 56.98 26.58 24.78
N GLN B 295 57.09 27.72 24.10
CA GLN B 295 55.89 28.49 23.75
C GLN B 295 55.04 27.75 22.73
N ALA B 296 55.69 27.09 21.77
CA ALA B 296 54.99 26.29 20.77
C ALA B 296 54.21 25.15 21.42
N PHE B 297 54.84 24.44 22.36
CA PHE B 297 54.15 23.35 23.05
C PHE B 297 53.15 23.88 24.06
N ARG B 298 53.36 25.12 24.53
CA ARG B 298 52.41 25.77 25.44
C ARG B 298 51.13 26.14 24.70
N GLU B 299 51.23 26.29 23.39
CA GLU B 299 50.03 26.41 22.57
C GLU B 299 49.34 25.06 22.39
N LEU B 300 48.39 25.02 21.46
CA LEU B 300 47.71 23.85 20.90
C LEU B 300 46.65 23.24 21.81
N ASP B 301 46.52 23.71 23.05
CA ASP B 301 45.60 23.18 24.07
C ASP B 301 45.75 21.67 24.25
N LEU B 302 46.95 21.28 24.68
CA LEU B 302 47.21 19.86 24.86
C LEU B 302 46.81 19.39 26.26
N ASP B 303 46.89 20.28 27.24
CA ASP B 303 46.45 20.00 28.60
C ASP B 303 45.08 20.64 28.88
N VAL B 304 44.44 21.20 27.86
CA VAL B 304 43.14 21.86 27.99
C VAL B 304 42.09 20.97 27.34
N ASP B 305 41.08 20.60 28.13
CA ASP B 305 40.02 19.69 27.67
C ASP B 305 38.98 20.42 26.83
N LEU C 67 -38.11 49.46 -37.47
CA LEU C 67 -37.57 49.83 -38.78
C LEU C 67 -36.12 50.37 -38.81
N PRO C 68 -35.68 51.23 -37.87
CA PRO C 68 -34.25 51.60 -37.88
C PRO C 68 -33.37 50.46 -37.36
N GLU C 69 -32.08 50.65 -37.51
CA GLU C 69 -31.12 49.71 -36.95
C GLU C 69 -31.10 49.80 -35.44
N PRO C 70 -31.16 48.67 -34.73
CA PRO C 70 -31.04 48.70 -33.28
C PRO C 70 -29.64 49.10 -32.86
N PRO C 71 -29.45 50.08 -31.94
CA PRO C 71 -28.11 50.38 -31.41
C PRO C 71 -27.78 49.47 -30.21
N ARG C 72 -26.68 48.73 -30.28
CA ARG C 72 -26.30 47.78 -29.19
C ARG C 72 -25.96 48.49 -27.87
N PHE C 73 -25.25 49.62 -27.93
CA PHE C 73 -24.80 50.27 -26.66
C PHE C 73 -25.21 51.74 -26.63
N VAL C 74 -25.58 52.25 -25.45
CA VAL C 74 -25.92 53.69 -25.31
C VAL C 74 -25.16 54.30 -24.13
N GLU C 75 -24.71 55.55 -24.24
CA GLU C 75 -24.07 56.20 -23.07
C GLU C 75 -25.16 56.43 -22.02
N THR C 76 -24.87 56.12 -20.75
CA THR C 76 -25.90 56.22 -19.69
C THR C 76 -25.26 56.82 -18.44
N GLN C 77 -26.07 57.17 -17.44
CA GLN C 77 -25.53 57.76 -16.19
C GLN C 77 -24.56 56.76 -15.56
N THR C 78 -24.92 55.48 -15.55
CA THR C 78 -23.97 54.45 -15.04
C THR C 78 -22.74 54.43 -15.94
N VAL C 79 -22.94 54.52 -17.25
CA VAL C 79 -21.81 54.49 -18.23
C VAL C 79 -20.91 55.69 -17.97
N LYS C 80 -21.49 56.85 -17.65
CA LYS C 80 -20.70 58.09 -17.41
C LYS C 80 -19.94 57.86 -16.11
N GLN C 81 -20.63 57.40 -15.09
CA GLN C 81 -20.02 57.12 -13.80
C GLN C 81 -18.88 56.12 -13.93
N ILE C 82 -19.13 55.00 -14.60
CA ILE C 82 -18.18 53.90 -14.55
C ILE C 82 -17.00 54.18 -15.46
N TRP C 83 -17.19 55.00 -16.50
CA TRP C 83 -16.06 55.42 -17.30
C TRP C 83 -15.17 56.39 -16.56
N THR C 84 -15.78 57.26 -15.75
CA THR C 84 -14.98 58.17 -14.94
C THR C 84 -14.21 57.40 -13.89
N SER C 85 -14.81 56.35 -13.35
CA SER C 85 -14.09 55.46 -12.43
C SER C 85 -12.99 54.70 -13.14
N MET C 86 -13.25 54.32 -14.39
CA MET C 86 -12.29 53.54 -15.17
C MET C 86 -11.08 54.38 -15.55
N ARG C 87 -11.32 55.58 -16.08
CA ARG C 87 -10.23 56.50 -16.40
C ARG C 87 -9.52 56.99 -15.15
N PHE C 88 -10.26 57.06 -14.03
CA PHE C 88 -9.64 57.38 -12.75
C PHE C 88 -8.63 56.33 -12.34
N ALA C 89 -9.01 55.06 -12.39
CA ALA C 89 -8.07 54.00 -12.06
C ALA C 89 -6.97 53.89 -13.11
N SER C 90 -7.25 54.37 -14.33
CA SER C 90 -6.24 54.42 -15.37
C SER C 90 -5.14 55.43 -15.06
N LEU C 91 -5.49 56.70 -14.98
CA LEU C 91 -4.50 57.75 -14.73
C LEU C 91 -3.92 57.62 -13.33
N THR C 92 -4.75 57.21 -12.38
CA THR C 92 -4.35 56.98 -11.01
C THR C 92 -3.44 55.77 -10.89
N GLU C 93 -3.57 54.82 -11.82
CA GLU C 93 -2.76 53.60 -11.87
C GLU C 93 -2.96 52.79 -10.60
N SER C 94 -4.22 52.65 -10.21
CA SER C 94 -4.57 52.03 -8.94
C SER C 94 -5.83 51.19 -9.12
N ILE C 95 -6.25 50.53 -8.04
CA ILE C 95 -7.26 49.48 -8.10
C ILE C 95 -8.66 50.05 -7.87
N ALA C 96 -9.60 49.72 -8.76
CA ALA C 96 -11.00 50.12 -8.64
C ALA C 96 -11.90 48.89 -8.68
N VAL C 97 -12.63 48.65 -7.59
CA VAL C 97 -13.53 47.51 -7.46
C VAL C 97 -14.93 47.97 -7.83
N VAL C 98 -15.55 47.29 -8.78
CA VAL C 98 -16.91 47.61 -9.19
C VAL C 98 -17.76 46.42 -8.81
N CYS C 99 -18.37 46.48 -7.63
CA CYS C 99 -19.31 45.46 -7.18
C CYS C 99 -20.72 46.01 -7.37
N GLY C 100 -21.59 45.20 -7.96
CA GLY C 100 -22.96 45.66 -8.22
C GLY C 100 -23.93 44.50 -8.32
N ASN C 101 -25.21 44.79 -8.55
CA ASN C 101 -26.19 43.68 -8.73
C ASN C 101 -25.93 43.05 -10.10
N PRO C 102 -26.31 41.77 -10.33
CA PRO C 102 -26.12 41.15 -11.63
C PRO C 102 -26.91 41.91 -12.71
N GLY C 103 -26.38 41.94 -13.92
CA GLY C 103 -27.09 42.60 -15.04
C GLY C 103 -27.31 44.09 -14.85
N VAL C 104 -26.34 44.80 -14.28
CA VAL C 104 -26.47 46.27 -14.19
C VAL C 104 -25.86 46.91 -15.44
N GLY C 105 -25.38 46.09 -16.39
CA GLY C 105 -24.83 46.61 -17.66
C GLY C 105 -23.35 46.92 -17.59
N LYS C 106 -22.70 46.61 -16.46
CA LYS C 106 -21.27 46.95 -16.28
C LYS C 106 -20.39 46.20 -17.30
N THR C 107 -20.67 44.92 -17.54
CA THR C 107 -19.77 44.13 -18.41
C THR C 107 -19.73 44.78 -19.78
N GLU C 108 -20.89 45.15 -20.30
CA GLU C 108 -20.92 45.70 -21.68
C GLU C 108 -20.12 47.01 -21.72
N ALA C 109 -20.29 47.86 -20.70
CA ALA C 109 -19.64 49.17 -20.79
C ALA C 109 -18.13 49.00 -20.83
N ALA C 110 -17.62 48.08 -20.01
CA ALA C 110 -16.20 47.81 -20.02
C ALA C 110 -15.70 47.55 -21.44
N ARG C 111 -16.50 46.86 -22.24
CA ARG C 111 -16.06 46.57 -23.60
C ARG C 111 -16.13 47.81 -24.47
N GLU C 112 -17.04 48.73 -24.16
CA GLU C 112 -17.06 49.99 -24.89
C GLU C 112 -15.84 50.82 -24.53
N TYR C 113 -15.43 50.76 -23.27
CA TYR C 113 -14.18 51.42 -22.87
C TYR C 113 -12.99 50.80 -23.58
N ARG C 114 -13.01 49.47 -23.74
CA ARG C 114 -11.92 48.79 -24.41
C ARG C 114 -11.89 49.13 -25.88
N ARG C 115 -13.07 49.34 -26.48
CA ARG C 115 -13.13 49.64 -27.89
C ARG C 115 -12.73 51.08 -28.18
N THR C 116 -13.02 51.99 -27.25
CA THR C 116 -12.77 53.40 -27.51
C THR C 116 -11.38 53.88 -27.13
N ASN C 117 -10.67 53.16 -26.27
CA ASN C 117 -9.47 53.69 -25.65
C ASN C 117 -8.27 52.80 -25.93
N ASN C 118 -7.10 53.43 -26.03
CA ASN C 118 -5.84 52.72 -26.21
C ASN C 118 -5.28 52.27 -24.86
N ASN C 119 -4.36 51.30 -24.94
CA ASN C 119 -3.70 50.67 -23.78
C ASN C 119 -4.73 50.14 -22.80
N VAL C 120 -5.71 49.40 -23.31
CA VAL C 120 -6.77 48.84 -22.49
C VAL C 120 -6.83 47.35 -22.80
N TRP C 121 -6.93 46.53 -21.77
CA TRP C 121 -7.09 45.11 -21.95
C TRP C 121 -8.16 44.59 -21.01
N MET C 122 -8.75 43.47 -21.40
CA MET C 122 -9.82 42.88 -20.63
C MET C 122 -9.76 41.37 -20.79
N ILE C 123 -9.95 40.67 -19.69
CA ILE C 123 -10.25 39.25 -19.76
C ILE C 123 -11.62 39.05 -19.14
N THR C 124 -12.09 37.83 -19.19
CA THR C 124 -13.15 37.37 -18.32
C THR C 124 -12.56 36.26 -17.49
N ILE C 125 -13.10 36.02 -16.32
CA ILE C 125 -12.65 34.90 -15.52
C ILE C 125 -13.83 33.94 -15.42
N THR C 126 -13.76 32.87 -16.19
CA THR C 126 -14.52 31.69 -15.83
C THR C 126 -13.85 31.06 -14.62
N PRO C 127 -14.61 30.43 -13.72
CA PRO C 127 -13.98 29.68 -12.62
C PRO C 127 -13.17 28.48 -13.06
N SER C 128 -13.28 28.06 -14.32
CA SER C 128 -12.32 27.14 -14.90
C SER C 128 -10.92 27.74 -14.94
N CYS C 129 -10.82 29.02 -15.30
CA CYS C 129 -9.52 29.67 -15.45
C CYS C 129 -9.13 30.44 -14.20
N ALA C 130 -9.55 29.96 -13.02
CA ALA C 130 -9.46 30.74 -11.80
C ALA C 130 -8.17 30.56 -11.03
N SER C 131 -7.16 29.92 -11.61
CA SER C 131 -5.87 29.81 -10.95
C SER C 131 -5.06 31.04 -11.26
N VAL C 132 -3.89 31.14 -10.62
CA VAL C 132 -2.95 32.21 -10.97
C VAL C 132 -2.41 31.95 -12.37
N LEU C 133 -2.07 30.69 -12.64
CA LEU C 133 -1.47 30.29 -13.92
C LEU C 133 -2.43 30.53 -15.07
N GLU C 134 -3.66 30.06 -14.93
CA GLU C 134 -4.64 30.20 -16.00
C GLU C 134 -5.00 31.67 -16.24
N CYS C 135 -5.23 32.42 -15.16
CA CYS C 135 -5.66 33.81 -15.32
C CYS C 135 -4.56 34.68 -15.91
N LEU C 136 -3.32 34.50 -15.44
CA LEU C 136 -2.23 35.25 -16.02
C LEU C 136 -1.98 34.82 -17.45
N THR C 137 -2.24 33.55 -17.76
CA THR C 137 -2.16 33.11 -19.15
C THR C 137 -3.19 33.82 -20.00
N GLU C 138 -4.38 34.02 -19.44
CA GLU C 138 -5.45 34.72 -20.17
C GLU C 138 -5.05 36.15 -20.44
N LEU C 139 -4.49 36.81 -19.42
CA LEU C 139 -4.05 38.19 -19.59
C LEU C 139 -2.90 38.27 -20.57
N ALA C 140 -2.05 37.23 -20.60
CA ALA C 140 -0.92 37.22 -21.51
C ALA C 140 -1.38 37.09 -22.96
N PHE C 141 -2.32 36.17 -23.20
CA PHE C 141 -2.85 36.05 -24.55
C PHE C 141 -3.65 37.29 -24.92
N GLU C 142 -4.22 37.96 -23.94
CA GLU C 142 -4.86 39.23 -24.25
C GLU C 142 -3.83 40.30 -24.59
N LEU C 143 -2.64 40.19 -24.01
CA LEU C 143 -1.55 41.08 -24.41
C LEU C 143 -0.93 40.70 -25.74
N GLY C 144 -1.31 39.57 -26.33
CA GLY C 144 -0.81 39.19 -27.63
C GLY C 144 0.50 38.43 -27.61
N MET C 145 1.04 38.13 -26.44
CA MET C 145 2.25 37.33 -26.33
C MET C 145 1.87 35.85 -26.39
N ASN C 146 1.71 35.37 -27.63
CA ASN C 146 1.35 33.97 -27.84
C ASN C 146 2.48 33.01 -27.49
N ASP C 147 3.68 33.53 -27.27
CA ASP C 147 4.86 32.77 -26.87
C ASP C 147 5.00 32.72 -25.35
N ALA C 148 3.88 32.77 -24.65
CA ALA C 148 3.93 32.85 -23.22
C ALA C 148 4.27 31.50 -22.60
N PRO C 149 5.10 31.48 -21.58
CA PRO C 149 5.49 30.21 -20.97
C PRO C 149 4.36 29.63 -20.12
N ARG C 150 4.33 28.31 -20.05
CA ARG C 150 3.30 27.61 -19.30
C ARG C 150 3.65 27.46 -17.83
N ARG C 151 4.77 28.01 -17.40
CA ARG C 151 5.09 28.04 -15.98
C ARG C 151 4.57 29.35 -15.40
N LYS C 152 4.45 29.44 -14.08
CA LYS C 152 3.98 30.66 -13.42
C LYS C 152 5.02 31.76 -13.46
N GLY C 153 6.23 31.43 -13.03
CA GLY C 153 7.32 32.35 -12.86
C GLY C 153 7.74 33.13 -14.09
N PRO C 154 8.18 32.43 -15.14
CA PRO C 154 8.60 33.16 -16.35
C PRO C 154 7.46 33.88 -17.02
N LEU C 155 6.24 33.39 -16.85
CA LEU C 155 5.08 34.13 -17.31
C LEU C 155 4.94 35.44 -16.56
N SER C 156 5.10 35.39 -15.24
CA SER C 156 5.01 36.59 -14.43
C SER C 156 6.09 37.59 -14.82
N ARG C 157 7.29 37.07 -15.11
CA ARG C 157 8.38 37.93 -15.59
C ARG C 157 8.08 38.51 -16.95
N ALA C 158 7.46 37.73 -17.84
CA ALA C 158 7.15 38.23 -19.17
C ALA C 158 6.07 39.30 -19.09
N LEU C 159 5.11 39.12 -18.20
CA LEU C 159 4.10 40.14 -17.98
C LEU C 159 4.72 41.39 -17.40
N ARG C 160 5.69 41.21 -16.49
CA ARG C 160 6.32 42.35 -15.84
C ARG C 160 7.13 43.16 -16.83
N ARG C 161 7.78 42.47 -17.78
CA ARG C 161 8.57 43.21 -18.76
C ARG C 161 7.69 43.80 -19.86
N ARG C 162 6.65 43.07 -20.26
CA ARG C 162 5.79 43.52 -21.35
C ARG C 162 4.92 44.68 -20.94
N LEU C 163 4.37 44.61 -19.74
CA LEU C 163 3.23 45.42 -19.39
C LEU C 163 3.63 46.72 -18.72
N GLU C 164 4.82 46.76 -18.13
CA GLU C 164 5.30 47.97 -17.47
C GLU C 164 5.85 48.95 -18.49
N GLY C 165 5.50 50.22 -18.33
CA GLY C 165 5.93 51.26 -19.24
C GLY C 165 4.95 51.57 -20.35
N THR C 166 3.87 50.80 -20.48
CA THR C 166 2.87 51.06 -21.50
C THR C 166 1.79 52.02 -21.04
N GLN C 167 1.68 52.22 -19.73
CA GLN C 167 0.58 52.95 -19.08
C GLN C 167 -0.76 52.43 -19.55
N GLY C 168 -1.03 51.19 -19.16
CA GLY C 168 -2.22 50.49 -19.58
C GLY C 168 -3.25 50.33 -18.47
N LEU C 169 -4.34 49.68 -18.84
CA LEU C 169 -5.44 49.44 -17.90
C LEU C 169 -5.96 48.03 -18.10
N VAL C 170 -5.73 47.18 -17.10
CA VAL C 170 -6.27 45.84 -17.09
C VAL C 170 -7.67 45.89 -16.50
N ILE C 171 -8.61 45.23 -17.16
CA ILE C 171 -9.97 45.11 -16.65
C ILE C 171 -10.22 43.65 -16.33
N ILE C 172 -10.69 43.37 -15.12
CA ILE C 172 -10.98 41.97 -14.73
C ILE C 172 -12.45 41.85 -14.34
N ASP C 173 -13.19 40.94 -14.96
CA ASP C 173 -14.65 40.78 -14.72
C ASP C 173 -14.88 39.59 -13.80
N GLU C 174 -15.96 39.61 -13.01
CA GLU C 174 -16.28 38.52 -12.06
C GLU C 174 -15.13 38.36 -11.06
N ALA C 175 -14.75 39.45 -10.40
CA ALA C 175 -13.68 39.39 -9.42
C ALA C 175 -14.06 38.64 -8.14
N ASP C 176 -15.23 38.01 -8.09
CA ASP C 176 -15.59 37.27 -6.89
C ASP C 176 -14.89 35.92 -6.84
N HIS C 177 -14.55 35.36 -8.00
CA HIS C 177 -13.94 34.05 -8.08
C HIS C 177 -12.43 34.11 -8.01
N LEU C 178 -11.88 35.17 -7.43
CA LEU C 178 -10.44 35.31 -7.30
C LEU C 178 -9.95 34.51 -6.11
N GLY C 179 -8.90 33.74 -6.33
CA GLY C 179 -8.13 33.19 -5.23
C GLY C 179 -7.34 34.31 -4.59
N ALA C 180 -6.96 34.06 -3.33
CA ALA C 180 -6.17 35.04 -2.58
C ALA C 180 -4.81 35.22 -3.22
N GLU C 181 -4.20 34.13 -3.68
CA GLU C 181 -2.96 34.22 -4.42
C GLU C 181 -3.21 34.83 -5.81
N VAL C 182 -4.40 34.64 -6.36
CA VAL C 182 -4.72 35.15 -7.69
C VAL C 182 -4.78 36.67 -7.67
N LEU C 183 -5.70 37.21 -6.89
CA LEU C 183 -5.81 38.65 -6.70
C LEU C 183 -4.56 39.24 -6.06
N GLU C 184 -3.86 38.45 -5.26
CA GLU C 184 -2.59 38.86 -4.67
C GLU C 184 -1.53 39.11 -5.76
N GLU C 185 -1.41 38.19 -6.70
CA GLU C 185 -0.44 38.36 -7.77
C GLU C 185 -0.87 39.48 -8.70
N LEU C 186 -2.18 39.65 -8.88
CA LEU C 186 -2.66 40.77 -9.69
C LEU C 186 -2.34 42.11 -9.07
N ARG C 187 -2.60 42.27 -7.77
CA ARG C 187 -2.35 43.56 -7.15
C ARG C 187 -0.86 43.85 -7.06
N LEU C 188 -0.04 42.83 -6.81
CA LEU C 188 1.39 43.06 -6.78
C LEU C 188 1.93 43.25 -8.18
N LEU C 189 1.23 42.69 -9.18
CA LEU C 189 1.57 42.95 -10.56
C LEU C 189 1.39 44.41 -10.89
N GLN C 190 0.15 44.89 -10.82
CA GLN C 190 -0.10 46.30 -11.24
C GLN C 190 0.79 47.20 -10.41
N GLU C 191 0.99 46.84 -9.15
CA GLU C 191 1.81 47.68 -8.24
C GLU C 191 3.21 47.72 -8.81
N SER C 192 3.72 46.57 -9.26
CA SER C 192 5.12 46.49 -9.76
C SER C 192 5.09 46.66 -11.28
N THR C 193 4.06 47.33 -11.80
CA THR C 193 3.96 47.46 -13.24
C THR C 193 3.61 48.88 -13.66
N ARG C 194 3.08 49.70 -12.74
CA ARG C 194 2.67 51.08 -12.99
C ARG C 194 1.62 51.14 -14.10
N ILE C 195 0.54 50.40 -13.85
CA ILE C 195 -0.59 50.22 -14.76
C ILE C 195 -1.87 50.27 -13.94
N GLY C 196 -2.97 50.01 -14.63
CA GLY C 196 -4.25 49.97 -13.95
C GLY C 196 -4.87 48.60 -13.87
N LEU C 197 -5.46 48.30 -12.72
CA LEU C 197 -6.27 47.12 -12.50
C LEU C 197 -7.65 47.57 -12.07
N VAL C 198 -8.70 46.96 -12.62
CA VAL C 198 -10.08 47.29 -12.26
C VAL C 198 -10.84 45.99 -12.08
N LEU C 199 -11.50 45.84 -10.93
CA LEU C 199 -12.25 44.65 -10.62
C LEU C 199 -13.75 44.86 -10.88
N MET C 200 -14.43 43.83 -11.36
CA MET C 200 -15.86 43.88 -11.65
C MET C 200 -16.60 42.84 -10.81
N GLY C 201 -17.89 42.67 -11.08
CA GLY C 201 -18.64 41.53 -10.59
C GLY C 201 -19.70 41.93 -9.58
N ASN C 202 -20.19 40.95 -8.82
CA ASN C 202 -21.23 41.15 -7.84
C ASN C 202 -20.65 41.64 -6.52
N HIS C 203 -21.53 41.81 -5.53
CA HIS C 203 -21.12 42.38 -4.25
C HIS C 203 -20.46 41.36 -3.32
N ARG C 204 -20.11 40.18 -3.82
CA ARG C 204 -19.36 39.22 -3.02
C ARG C 204 -17.86 39.57 -3.02
N VAL C 205 -17.44 40.47 -3.91
CA VAL C 205 -16.03 40.83 -4.01
C VAL C 205 -15.60 41.65 -2.79
N TYR C 206 -16.39 42.64 -2.42
CA TYR C 206 -16.14 43.40 -1.22
C TYR C 206 -16.47 42.57 0.03
N SER C 207 -17.36 41.59 -0.11
CA SER C 207 -17.68 40.71 1.00
C SER C 207 -16.56 39.73 1.31
N ASN C 208 -15.71 39.43 0.32
CA ASN C 208 -14.58 38.53 0.54
C ASN C 208 -13.46 39.22 1.30
N MET C 209 -13.51 40.54 1.45
CA MET C 209 -12.54 41.30 2.23
C MET C 209 -13.07 41.64 3.61
N THR C 210 -14.38 41.69 3.78
CA THR C 210 -14.99 42.02 5.06
C THR C 210 -15.96 40.93 5.50
N THR C 215 -9.29 41.27 6.76
CA THR C 215 -8.42 42.43 6.60
C THR C 215 -7.13 42.31 7.45
N VAL C 216 -6.58 41.10 7.44
CA VAL C 216 -5.13 40.90 7.51
C VAL C 216 -4.61 40.13 6.30
N GLU C 217 -5.46 39.33 5.66
CA GLU C 217 -5.17 38.71 4.38
C GLU C 217 -5.45 39.64 3.21
N PHE C 218 -6.42 40.54 3.38
CA PHE C 218 -6.75 41.55 2.38
C PHE C 218 -6.44 42.96 2.87
N ALA C 219 -5.52 43.10 3.82
CA ALA C 219 -5.35 44.37 4.53
C ALA C 219 -4.71 45.43 3.66
N ARG C 220 -3.54 45.11 3.09
CA ARG C 220 -2.86 46.04 2.19
C ARG C 220 -3.66 46.24 0.91
N LEU C 221 -4.50 45.26 0.55
CA LEU C 221 -5.36 45.40 -0.63
C LEU C 221 -6.49 46.38 -0.37
N PHE C 222 -7.12 46.28 0.80
CA PHE C 222 -8.08 47.29 1.23
C PHE C 222 -7.42 48.65 1.41
N SER C 223 -6.10 48.65 1.60
CA SER C 223 -5.33 49.91 1.79
C SER C 223 -5.35 50.76 0.50
N ARG C 224 -5.45 50.12 -0.66
CA ARG C 224 -5.34 50.88 -1.93
C ARG C 224 -6.63 50.82 -2.76
N ILE C 225 -7.80 50.63 -2.15
CA ILE C 225 -9.02 50.63 -3.02
C ILE C 225 -9.27 52.09 -3.38
N ALA C 226 -8.89 52.47 -4.59
CA ALA C 226 -8.98 53.85 -5.05
C ALA C 226 -10.41 54.36 -5.13
N LYS C 227 -11.23 53.72 -5.96
CA LYS C 227 -12.60 54.15 -6.19
C LYS C 227 -13.49 52.94 -6.37
N ARG C 228 -14.15 52.54 -5.30
CA ARG C 228 -15.26 51.61 -5.41
C ARG C 228 -16.43 52.41 -5.96
N THR C 229 -17.21 51.77 -6.83
CA THR C 229 -18.47 52.31 -7.33
C THR C 229 -19.49 51.19 -7.33
N ALA C 230 -20.50 51.30 -6.48
CA ALA C 230 -21.55 50.29 -6.41
C ALA C 230 -22.71 50.74 -7.28
N ILE C 231 -23.10 49.89 -8.22
CA ILE C 231 -24.29 50.12 -9.02
C ILE C 231 -25.29 49.04 -8.65
N ASN C 232 -26.27 49.42 -7.83
CA ASN C 232 -27.29 48.48 -7.42
C ASN C 232 -28.32 48.28 -8.54
N LYS C 233 -28.99 49.36 -8.94
CA LYS C 233 -29.93 49.29 -10.04
C LYS C 233 -29.79 50.53 -10.89
N THR C 234 -30.66 50.64 -11.88
CA THR C 234 -30.56 51.70 -12.87
C THR C 234 -31.08 53.01 -12.29
N LYS C 235 -31.00 54.06 -13.09
CA LYS C 235 -31.65 55.30 -12.76
C LYS C 235 -32.69 55.66 -13.81
N LYS C 236 -33.37 56.78 -13.60
CA LYS C 236 -34.41 57.18 -14.54
C LYS C 236 -33.80 57.86 -15.76
N ALA C 237 -32.71 58.59 -15.58
CA ALA C 237 -32.00 59.16 -16.72
C ALA C 237 -31.32 58.08 -17.53
N ASP C 238 -30.98 56.96 -16.87
CA ASP C 238 -30.46 55.77 -17.54
C ASP C 238 -31.44 55.28 -18.60
N VAL C 239 -32.65 54.92 -18.18
CA VAL C 239 -33.64 54.44 -19.13
C VAL C 239 -34.17 55.56 -20.02
N LYS C 240 -34.00 56.82 -19.58
CA LYS C 240 -34.39 57.95 -20.41
C LYS C 240 -33.47 58.08 -21.62
N ALA C 241 -32.16 57.95 -21.40
CA ALA C 241 -31.22 57.94 -22.51
C ALA C 241 -31.37 56.68 -23.34
N ILE C 242 -31.80 55.58 -22.71
CA ILE C 242 -32.14 54.38 -23.45
C ILE C 242 -33.30 54.64 -24.41
N ALA C 243 -34.34 55.33 -23.93
CA ALA C 243 -35.48 55.65 -24.78
C ALA C 243 -35.10 56.68 -25.85
N ASP C 244 -34.13 57.53 -25.54
CA ASP C 244 -33.63 58.47 -26.54
C ASP C 244 -32.87 57.75 -27.65
N ALA C 245 -32.08 56.74 -27.28
CA ALA C 245 -31.34 55.98 -28.27
C ALA C 245 -32.26 55.08 -29.09
N TRP C 246 -33.31 54.54 -28.47
CA TRP C 246 -34.24 53.66 -29.14
C TRP C 246 -35.43 54.40 -29.75
N GLN C 247 -35.40 55.74 -29.75
CA GLN C 247 -36.40 56.61 -30.37
C GLN C 247 -37.80 56.33 -29.80
N ILE C 248 -37.88 56.36 -28.47
CA ILE C 248 -39.09 56.05 -27.75
C ILE C 248 -39.60 57.34 -27.12
N ASN C 249 -40.84 57.70 -27.43
CA ASN C 249 -41.40 58.98 -27.03
C ASN C 249 -42.62 58.88 -26.14
N GLY C 250 -43.20 57.70 -25.98
CA GLY C 250 -44.37 57.54 -25.15
C GLY C 250 -44.06 57.68 -23.67
N GLU C 251 -44.90 58.45 -22.96
CA GLU C 251 -44.74 58.55 -21.52
C GLU C 251 -45.24 57.28 -20.83
N LYS C 252 -46.32 56.69 -21.35
CA LYS C 252 -46.71 55.35 -20.92
C LYS C 252 -45.62 54.34 -21.24
N GLU C 253 -45.00 54.49 -22.42
CA GLU C 253 -43.86 53.67 -22.79
C GLU C 253 -42.69 53.90 -21.85
N LEU C 254 -42.45 55.15 -21.46
CA LEU C 254 -41.35 55.47 -20.55
C LEU C 254 -41.58 54.87 -19.16
N GLU C 255 -42.81 54.97 -18.65
CA GLU C 255 -43.13 54.39 -17.35
C GLU C 255 -43.04 52.87 -17.39
N LEU C 256 -43.44 52.26 -18.50
CA LEU C 256 -43.34 50.81 -18.62
C LEU C 256 -41.89 50.36 -18.69
N LEU C 257 -41.04 51.12 -19.40
CA LEU C 257 -39.61 50.83 -19.42
C LEU C 257 -39.00 50.96 -18.04
N GLN C 258 -39.43 51.97 -17.28
CA GLN C 258 -38.96 52.13 -15.91
C GLN C 258 -39.38 50.96 -15.03
N GLN C 259 -40.63 50.48 -15.20
CA GLN C 259 -41.12 49.36 -14.42
C GLN C 259 -40.38 48.08 -14.77
N ILE C 260 -39.99 47.92 -16.03
CA ILE C 260 -39.15 46.80 -16.43
C ILE C 260 -37.77 46.94 -15.80
N ALA C 261 -37.26 48.18 -15.69
CA ALA C 261 -35.97 48.41 -15.07
C ALA C 261 -36.00 48.17 -13.57
N GLN C 262 -37.20 48.14 -12.98
CA GLN C 262 -37.29 47.82 -11.56
C GLN C 262 -37.07 46.34 -11.29
N LYS C 263 -37.21 45.50 -12.30
CA LYS C 263 -37.01 44.07 -12.11
C LYS C 263 -35.57 43.69 -12.47
N PRO C 264 -34.99 42.71 -11.77
CA PRO C 264 -33.55 42.42 -11.96
C PRO C 264 -33.25 41.81 -13.33
N GLY C 265 -31.97 41.75 -13.63
CA GLY C 265 -31.56 41.59 -15.01
C GLY C 265 -31.96 42.82 -15.80
N ALA C 266 -31.90 43.97 -15.12
CA ALA C 266 -32.44 45.23 -15.68
C ALA C 266 -32.01 45.51 -17.12
N LEU C 267 -30.73 45.81 -17.32
CA LEU C 267 -30.33 46.21 -18.68
C LEU C 267 -30.63 45.04 -19.61
N ARG C 268 -30.34 43.83 -19.17
CA ARG C 268 -30.52 42.67 -20.08
C ARG C 268 -31.99 42.52 -20.44
N ILE C 269 -32.88 42.54 -19.44
CA ILE C 269 -34.31 42.29 -19.73
C ILE C 269 -34.81 43.43 -20.61
N LEU C 270 -34.39 44.66 -20.27
CA LEU C 270 -34.88 45.82 -21.05
C LEU C 270 -34.41 45.64 -22.49
N ASN C 271 -33.14 45.26 -22.67
CA ASN C 271 -32.59 45.12 -24.04
C ASN C 271 -33.36 44.00 -24.74
N HIS C 272 -33.62 42.90 -24.02
CA HIS C 272 -34.38 41.77 -24.62
C HIS C 272 -35.76 42.28 -25.01
N SER C 273 -36.43 42.97 -24.09
CA SER C 273 -37.75 43.50 -24.37
C SER C 273 -37.72 44.44 -25.58
N LEU C 274 -36.69 45.30 -25.64
CA LEU C 274 -36.52 46.18 -26.78
C LEU C 274 -36.33 45.41 -28.07
N ARG C 275 -35.59 44.30 -28.01
CA ARG C 275 -35.32 43.55 -29.23
C ARG C 275 -36.52 42.70 -29.66
N LEU C 276 -37.27 42.17 -28.70
CA LEU C 276 -38.56 41.51 -28.99
C LEU C 276 -39.52 42.47 -29.68
N ALA C 277 -39.67 43.67 -29.12
CA ALA C 277 -40.62 44.62 -29.69
C ALA C 277 -40.17 45.12 -31.05
N ALA C 278 -38.85 45.31 -31.23
CA ALA C 278 -38.34 45.76 -32.51
C ALA C 278 -38.54 44.70 -33.59
N MET C 279 -38.25 43.44 -33.28
CA MET C 279 -38.41 42.39 -34.29
C MET C 279 -39.88 42.11 -34.56
N THR C 280 -40.74 42.25 -33.55
CA THR C 280 -42.17 42.04 -33.76
C THR C 280 -42.77 43.16 -34.61
N ALA C 281 -42.39 44.41 -34.34
CA ALA C 281 -42.91 45.53 -35.11
C ALA C 281 -42.33 45.55 -36.52
N HIS C 282 -41.12 45.01 -36.70
CA HIS C 282 -40.55 44.91 -38.04
C HIS C 282 -41.21 43.77 -38.81
N GLY C 283 -41.55 42.68 -38.13
CA GLY C 283 -42.22 41.58 -38.80
C GLY C 283 -43.66 41.91 -39.15
N LYS C 284 -44.30 42.75 -38.33
CA LYS C 284 -45.64 43.23 -38.62
C LYS C 284 -45.65 44.53 -39.40
N GLY C 285 -44.47 45.07 -39.72
CA GLY C 285 -44.37 46.29 -40.50
C GLY C 285 -44.72 47.55 -39.77
N GLU C 286 -44.90 47.50 -38.46
CA GLU C 286 -45.41 48.62 -37.68
C GLU C 286 -44.31 49.27 -36.86
N ARG C 287 -44.71 50.24 -36.07
CA ARG C 287 -43.85 50.91 -35.10
C ARG C 287 -43.92 50.17 -33.78
N VAL C 288 -42.79 50.14 -33.07
CA VAL C 288 -42.77 49.69 -31.68
C VAL C 288 -43.70 50.56 -30.86
N ASN C 289 -44.62 49.93 -30.14
CA ASN C 289 -45.58 50.66 -29.32
C ASN C 289 -45.68 49.96 -27.98
N GLU C 290 -46.68 50.37 -27.18
CA GLU C 290 -46.76 49.93 -25.80
C GLU C 290 -47.20 48.48 -25.70
N ASP C 291 -48.07 48.04 -26.60
CA ASP C 291 -48.63 46.70 -26.52
C ASP C 291 -47.60 45.64 -26.90
N TYR C 292 -46.71 45.97 -27.83
CA TYR C 292 -45.62 45.07 -28.16
C TYR C 292 -44.68 44.90 -26.97
N LEU C 293 -44.47 45.99 -26.23
CA LEU C 293 -43.68 45.93 -25.01
C LEU C 293 -44.39 45.10 -23.94
N ARG C 294 -45.72 45.20 -23.88
CA ARG C 294 -46.47 44.41 -22.90
C ARG C 294 -46.41 42.93 -23.21
N GLN C 295 -46.52 42.57 -24.49
CA GLN C 295 -46.41 41.15 -24.85
C GLN C 295 -45.00 40.63 -24.63
N ALA C 296 -44.00 41.45 -24.94
CA ALA C 296 -42.60 41.10 -24.69
C ALA C 296 -42.33 40.85 -23.21
N PHE C 297 -42.83 41.73 -22.34
CA PHE C 297 -42.65 41.55 -20.91
C PHE C 297 -43.54 40.45 -20.37
N ARG C 298 -44.65 40.17 -21.06
CA ARG C 298 -45.54 39.07 -20.70
C ARG C 298 -44.89 37.73 -20.98
N GLU C 299 -43.93 37.71 -21.90
CA GLU C 299 -43.09 36.54 -22.08
C GLU C 299 -42.06 36.44 -20.95
N LEU C 300 -41.09 35.55 -21.15
CA LEU C 300 -39.84 35.35 -20.41
C LEU C 300 -40.03 34.66 -19.07
N ASP C 301 -41.26 34.38 -18.63
CA ASP C 301 -41.60 33.77 -17.34
C ASP C 301 -40.94 34.51 -16.17
N LEU C 302 -41.31 35.79 -16.02
CA LEU C 302 -40.73 36.58 -14.95
C LEU C 302 -41.52 36.43 -13.66
N ASP C 303 -42.82 36.20 -13.77
CA ASP C 303 -43.67 35.94 -12.62
C ASP C 303 -43.97 34.44 -12.47
N VAL C 304 -43.31 33.60 -13.26
CA VAL C 304 -43.52 32.16 -13.23
C VAL C 304 -42.29 31.51 -12.61
N ASP C 305 -42.50 30.75 -11.54
CA ASP C 305 -41.41 30.12 -10.80
C ASP C 305 -40.92 28.85 -11.47
N LEU D 67 -72.64 3.41 -2.24
CA LEU D 67 -73.35 3.12 -0.99
C LEU D 67 -73.05 1.73 -0.33
N PRO D 68 -72.96 0.62 -1.07
CA PRO D 68 -72.55 -0.63 -0.41
C PRO D 68 -71.07 -0.63 -0.08
N GLU D 69 -70.66 -1.64 0.67
CA GLU D 69 -69.25 -1.84 0.96
C GLU D 69 -68.51 -2.30 -0.29
N PRO D 70 -67.37 -1.68 -0.60
CA PRO D 70 -66.57 -2.15 -1.73
C PRO D 70 -65.98 -3.51 -1.43
N PRO D 71 -66.09 -4.53 -2.33
CA PRO D 71 -65.39 -5.81 -2.14
C PRO D 71 -63.96 -5.73 -2.72
N ARG D 72 -62.94 -5.98 -1.89
CA ARG D 72 -61.53 -5.87 -2.35
C ARG D 72 -61.16 -6.93 -3.40
N PHE D 73 -61.64 -8.17 -3.26
CA PHE D 73 -61.20 -9.24 -4.20
C PHE D 73 -62.41 -9.92 -4.83
N VAL D 74 -62.31 -10.27 -6.11
CA VAL D 74 -63.41 -11.00 -6.80
C VAL D 74 -62.85 -12.23 -7.50
N GLU D 75 -63.56 -13.37 -7.45
CA GLU D 75 -63.10 -14.55 -8.22
C GLU D 75 -63.26 -14.23 -9.71
N THR D 76 -62.26 -14.56 -10.53
CA THR D 76 -62.29 -14.19 -11.97
C THR D 76 -61.77 -15.38 -12.78
N GLN D 77 -61.89 -15.31 -14.11
CA GLN D 77 -61.41 -16.41 -14.97
C GLN D 77 -59.91 -16.58 -14.74
N THR D 78 -59.16 -15.47 -14.66
CA THR D 78 -57.71 -15.58 -14.33
C THR D 78 -57.57 -16.18 -12.93
N VAL D 79 -58.41 -15.74 -11.98
CA VAL D 79 -58.34 -16.25 -10.58
C VAL D 79 -58.64 -17.75 -10.60
N LYS D 80 -59.57 -18.19 -11.44
CA LYS D 80 -59.95 -19.63 -11.51
C LYS D 80 -58.76 -20.36 -12.11
N GLN D 81 -58.27 -19.86 -13.24
CA GLN D 81 -57.10 -20.44 -13.89
C GLN D 81 -55.93 -20.55 -12.94
N ILE D 82 -55.61 -19.47 -12.25
CA ILE D 82 -54.36 -19.43 -11.50
C ILE D 82 -54.48 -20.22 -10.22
N TRP D 83 -55.69 -20.37 -9.68
CA TRP D 83 -55.88 -21.24 -8.53
C TRP D 83 -55.76 -22.69 -8.92
N THR D 84 -56.22 -23.04 -10.12
CA THR D 84 -56.08 -24.41 -10.59
C THR D 84 -54.62 -24.72 -10.83
N SER D 85 -53.86 -23.73 -11.34
CA SER D 85 -52.42 -23.90 -11.48
C SER D 85 -51.73 -23.99 -10.12
N MET D 86 -52.24 -23.24 -9.14
CA MET D 86 -51.65 -23.20 -7.81
C MET D 86 -51.87 -24.52 -7.07
N ARG D 87 -53.10 -25.02 -7.08
CA ARG D 87 -53.42 -26.31 -6.48
C ARG D 87 -52.78 -27.45 -7.26
N PHE D 88 -52.58 -27.25 -8.56
CA PHE D 88 -51.85 -28.22 -9.36
C PHE D 88 -50.41 -28.35 -8.89
N ALA D 89 -49.72 -27.23 -8.73
CA ALA D 89 -48.35 -27.28 -8.23
C ALA D 89 -48.31 -27.73 -6.78
N SER D 90 -49.41 -27.53 -6.05
CA SER D 90 -49.52 -28.03 -4.68
C SER D 90 -49.56 -29.55 -4.62
N LEU D 91 -50.59 -30.16 -5.20
CA LEU D 91 -50.73 -31.61 -5.13
C LEU D 91 -49.63 -32.30 -5.94
N THR D 92 -49.24 -31.68 -7.04
CA THR D 92 -48.15 -32.15 -7.89
C THR D 92 -46.80 -32.02 -7.21
N GLU D 93 -46.68 -31.08 -6.27
CA GLU D 93 -45.47 -30.83 -5.49
C GLU D 93 -44.31 -30.47 -6.43
N SER D 94 -44.60 -29.59 -7.37
CA SER D 94 -43.66 -29.26 -8.44
C SER D 94 -43.75 -27.77 -8.73
N ILE D 95 -42.92 -27.30 -9.67
CA ILE D 95 -42.69 -25.88 -9.88
C ILE D 95 -43.62 -25.32 -10.95
N ALA D 96 -44.31 -24.22 -10.63
CA ALA D 96 -45.18 -23.52 -11.57
C ALA D 96 -44.77 -22.07 -11.70
N VAL D 97 -44.36 -21.66 -12.90
CA VAL D 97 -43.91 -20.30 -13.19
C VAL D 97 -45.09 -19.52 -13.75
N VAL D 98 -45.40 -18.39 -13.14
CA VAL D 98 -46.48 -17.54 -13.60
C VAL D 98 -45.84 -16.24 -14.05
N CYS D 99 -45.54 -16.15 -15.34
CA CYS D 99 -45.04 -14.94 -15.95
C CYS D 99 -46.19 -14.24 -16.66
N GLY D 100 -46.35 -12.95 -16.42
CA GLY D 100 -47.47 -12.22 -17.04
C GLY D 100 -47.14 -10.76 -17.20
N ASN D 101 -48.07 -9.99 -17.77
CA ASN D 101 -47.84 -8.52 -17.88
C ASN D 101 -47.95 -7.92 -16.47
N PRO D 102 -47.32 -6.77 -16.19
CA PRO D 102 -47.45 -6.14 -14.88
C PRO D 102 -48.92 -5.81 -14.58
N GLY D 103 -49.32 -5.92 -13.31
CA GLY D 103 -50.69 -5.56 -12.92
C GLY D 103 -51.77 -6.42 -13.57
N VAL D 104 -51.53 -7.72 -13.71
CA VAL D 104 -52.61 -8.61 -14.22
C VAL D 104 -53.44 -9.11 -13.03
N GLY D 105 -53.09 -8.67 -11.82
CA GLY D 105 -53.84 -9.07 -10.62
C GLY D 105 -53.32 -10.37 -9.99
N LYS D 106 -52.21 -10.90 -10.50
CA LYS D 106 -51.68 -12.19 -10.01
C LYS D 106 -51.29 -12.07 -8.53
N THR D 107 -50.65 -10.96 -8.15
CA THR D 107 -50.13 -10.87 -6.77
C THR D 107 -51.29 -10.98 -5.80
N GLU D 108 -52.39 -10.27 -6.08
CA GLU D 108 -53.51 -10.26 -5.12
C GLU D 108 -54.10 -11.67 -4.98
N ALA D 109 -54.26 -12.36 -6.10
CA ALA D 109 -54.96 -13.67 -5.99
C ALA D 109 -54.15 -14.61 -5.11
N ALA D 110 -52.84 -14.61 -5.30
CA ALA D 110 -51.97 -15.43 -4.47
C ALA D 110 -52.30 -15.26 -2.99
N ARG D 111 -52.61 -14.04 -2.59
CA ARG D 111 -52.92 -13.81 -1.19
C ARG D 111 -54.29 -14.37 -0.83
N GLU D 112 -55.20 -14.40 -1.79
CA GLU D 112 -56.48 -15.03 -1.53
C GLU D 112 -56.31 -16.53 -1.39
N TYR D 113 -55.41 -17.11 -2.18
CA TYR D 113 -55.09 -18.52 -2.02
C TYR D 113 -54.45 -18.77 -0.65
N ARG D 114 -53.61 -17.85 -0.20
CA ARG D 114 -52.97 -18.01 1.09
C ARG D 114 -53.97 -17.88 2.21
N ARG D 115 -54.98 -17.03 2.03
CA ARG D 115 -55.97 -16.82 3.08
C ARG D 115 -56.95 -17.99 3.14
N THR D 116 -57.24 -18.61 2.00
CA THR D 116 -58.27 -19.65 2.00
C THR D 116 -57.74 -21.05 2.30
N ASN D 117 -56.45 -21.30 2.15
CA ASN D 117 -55.94 -22.65 2.14
C ASN D 117 -54.89 -22.85 3.23
N ASN D 118 -54.83 -24.06 3.76
CA ASN D 118 -53.83 -24.45 4.75
C ASN D 118 -52.54 -24.88 4.07
N ASN D 119 -51.46 -24.87 4.86
CA ASN D 119 -50.10 -25.22 4.43
C ASN D 119 -49.69 -24.39 3.21
N VAL D 120 -49.90 -23.08 3.30
CA VAL D 120 -49.56 -22.17 2.23
C VAL D 120 -48.71 -21.07 2.82
N TRP D 121 -47.63 -20.72 2.14
CA TRP D 121 -46.79 -19.62 2.56
C TRP D 121 -46.44 -18.75 1.37
N MET D 122 -46.12 -17.51 1.66
CA MET D 122 -45.80 -16.55 0.62
C MET D 122 -44.79 -15.57 1.16
N ILE D 123 -43.80 -15.24 0.36
CA ILE D 123 -42.98 -14.08 0.61
C ILE D 123 -43.16 -13.13 -0.57
N THR D 124 -42.54 -11.98 -0.46
CA THR D 124 -42.25 -11.15 -1.61
C THR D 124 -40.75 -11.04 -1.68
N ILE D 125 -40.22 -10.81 -2.86
CA ILE D 125 -38.80 -10.57 -2.99
C ILE D 125 -38.62 -9.14 -3.45
N THR D 126 -38.23 -8.28 -2.53
CA THR D 126 -37.57 -7.06 -2.92
C THR D 126 -36.17 -7.43 -3.38
N PRO D 127 -35.61 -6.70 -4.35
CA PRO D 127 -34.21 -6.94 -4.73
C PRO D 127 -33.20 -6.61 -3.64
N SER D 128 -33.63 -5.93 -2.57
CA SER D 128 -32.82 -5.86 -1.36
C SER D 128 -32.61 -7.23 -0.74
N CYS D 129 -33.66 -8.06 -0.71
CA CYS D 129 -33.59 -9.37 -0.09
C CYS D 129 -33.29 -10.47 -1.10
N ALA D 130 -32.52 -10.16 -2.14
CA ALA D 130 -32.40 -11.04 -3.30
C ALA D 130 -31.26 -12.03 -3.19
N SER D 131 -30.63 -12.18 -2.03
CA SER D 131 -29.59 -13.18 -1.85
C SER D 131 -30.26 -14.50 -1.49
N VAL D 132 -29.44 -15.55 -1.41
CA VAL D 132 -29.93 -16.82 -0.91
C VAL D 132 -30.23 -16.70 0.58
N LEU D 133 -29.32 -16.04 1.30
CA LEU D 133 -29.42 -15.87 2.74
C LEU D 133 -30.65 -15.06 3.12
N GLU D 134 -30.83 -13.91 2.47
CA GLU D 134 -31.94 -13.04 2.79
C GLU D 134 -33.28 -13.68 2.43
N CYS D 135 -33.36 -14.29 1.25
CA CYS D 135 -34.63 -14.87 0.79
C CYS D 135 -35.03 -16.07 1.63
N LEU D 136 -34.08 -16.94 1.94
CA LEU D 136 -34.41 -18.08 2.80
C LEU D 136 -34.73 -17.61 4.20
N THR D 137 -34.12 -16.49 4.63
CA THR D 137 -34.49 -15.91 5.92
C THR D 137 -35.93 -15.44 5.89
N GLU D 138 -36.34 -14.86 4.75
CA GLU D 138 -37.71 -14.39 4.61
C GLU D 138 -38.69 -15.54 4.67
N LEU D 139 -38.36 -16.64 3.98
CA LEU D 139 -39.21 -17.81 4.00
C LEU D 139 -39.25 -18.43 5.39
N ALA D 140 -38.14 -18.34 6.11
CA ALA D 140 -38.07 -18.91 7.45
C ALA D 140 -38.94 -18.13 8.41
N PHE D 141 -38.87 -16.80 8.35
CA PHE D 141 -39.75 -16.01 9.20
C PHE D 141 -41.20 -16.16 8.77
N GLU D 142 -41.43 -16.45 7.49
CA GLU D 142 -42.79 -16.75 7.09
C GLU D 142 -43.23 -18.10 7.64
N LEU D 143 -42.29 -19.02 7.83
CA LEU D 143 -42.62 -20.26 8.50
C LEU D 143 -42.76 -20.12 9.99
N GLY D 144 -42.45 -18.96 10.55
CA GLY D 144 -42.63 -18.73 11.97
C GLY D 144 -41.47 -19.16 12.84
N MET D 145 -40.37 -19.65 12.25
CA MET D 145 -39.18 -20.01 12.99
C MET D 145 -38.36 -18.75 13.23
N ASN D 146 -38.73 -18.00 14.27
CA ASN D 146 -38.02 -16.77 14.60
C ASN D 146 -36.63 -17.03 15.15
N ASP D 147 -36.31 -18.28 15.47
CA ASP D 147 -35.01 -18.71 15.96
C ASP D 147 -34.11 -19.17 14.81
N ALA D 148 -34.30 -18.57 13.65
CA ALA D 148 -33.59 -19.03 12.49
C ALA D 148 -32.14 -18.53 12.51
N PRO D 149 -31.20 -19.37 12.12
CA PRO D 149 -29.79 -18.96 12.14
C PRO D 149 -29.48 -18.00 11.01
N ARG D 150 -28.53 -17.12 11.27
CA ARG D 150 -28.11 -16.12 10.30
C ARG D 150 -27.07 -16.64 9.33
N ARG D 151 -26.70 -17.92 9.43
CA ARG D 151 -25.82 -18.52 8.44
C ARG D 151 -26.69 -19.15 7.36
N LYS D 152 -26.11 -19.46 6.21
CA LYS D 152 -26.86 -20.09 5.12
C LYS D 152 -27.17 -21.55 5.42
N GLY D 153 -26.13 -22.30 5.77
CA GLY D 153 -26.19 -23.72 5.99
C GLY D 153 -27.19 -24.22 7.01
N PRO D 154 -27.04 -23.81 8.28
CA PRO D 154 -27.98 -24.29 9.28
C PRO D 154 -29.39 -23.77 9.05
N LEU D 155 -29.52 -22.63 8.38
CA LEU D 155 -30.84 -22.19 7.97
C LEU D 155 -31.44 -23.13 6.96
N SER D 156 -30.64 -23.55 5.98
CA SER D 156 -31.10 -24.49 4.98
C SER D 156 -31.50 -25.81 5.61
N ARG D 157 -30.73 -26.25 6.60
CA ARG D 157 -31.07 -27.46 7.34
C ARG D 157 -32.34 -27.28 8.15
N ALA D 158 -32.54 -26.10 8.73
CA ALA D 158 -33.75 -25.88 9.52
C ALA D 158 -34.97 -25.85 8.62
N LEU D 159 -34.83 -25.27 7.45
CA LEU D 159 -35.92 -25.28 6.48
C LEU D 159 -36.20 -26.69 6.01
N ARG D 160 -35.15 -27.48 5.82
CA ARG D 160 -35.30 -28.84 5.34
C ARG D 160 -36.01 -29.70 6.38
N ARG D 161 -35.73 -29.47 7.66
CA ARG D 161 -36.39 -30.28 8.68
C ARG D 161 -37.80 -29.75 8.96
N ARG D 162 -37.99 -28.44 8.93
CA ARG D 162 -39.28 -27.86 9.25
C ARG D 162 -40.29 -28.11 8.16
N LEU D 163 -39.88 -27.96 6.92
CA LEU D 163 -40.80 -27.79 5.83
C LEU D 163 -41.18 -29.09 5.17
N GLU D 164 -40.34 -30.12 5.30
CA GLU D 164 -40.63 -31.42 4.71
C GLU D 164 -41.59 -32.20 5.58
N GLY D 165 -42.58 -32.83 4.95
CA GLY D 165 -43.59 -33.58 5.64
C GLY D 165 -44.85 -32.80 5.96
N THR D 166 -44.88 -31.50 5.69
CA THR D 166 -46.07 -30.71 5.92
C THR D 166 -47.02 -30.69 4.74
N GLN D 167 -46.53 -31.09 3.56
CA GLN D 167 -47.23 -30.96 2.28
C GLN D 167 -47.73 -29.53 2.08
N GLY D 168 -46.77 -28.62 1.94
CA GLY D 168 -47.06 -27.22 1.84
C GLY D 168 -46.85 -26.67 0.43
N LEU D 169 -47.09 -25.37 0.32
CA LEU D 169 -46.96 -24.66 -0.95
C LEU D 169 -46.29 -23.32 -0.71
N VAL D 170 -45.07 -23.19 -1.18
CA VAL D 170 -44.36 -21.92 -1.14
C VAL D 170 -44.75 -21.11 -2.36
N ILE D 171 -45.08 -19.84 -2.17
CA ILE D 171 -45.36 -18.92 -3.25
C ILE D 171 -44.28 -17.86 -3.28
N ILE D 172 -43.65 -17.64 -4.44
CA ILE D 172 -42.62 -16.57 -4.49
C ILE D 172 -43.00 -15.55 -5.57
N ASP D 173 -43.06 -14.26 -5.21
CA ASP D 173 -43.47 -13.19 -6.15
C ASP D 173 -42.23 -12.52 -6.73
N GLU D 174 -42.36 -11.95 -7.94
CA GLU D 174 -41.23 -11.26 -8.61
C GLU D 174 -40.06 -12.23 -8.80
N ALA D 175 -40.32 -13.39 -9.41
CA ALA D 175 -39.25 -14.36 -9.64
C ALA D 175 -38.24 -13.92 -10.68
N ASP D 176 -38.31 -12.68 -11.18
CA ASP D 176 -37.32 -12.24 -12.14
C ASP D 176 -36.01 -11.86 -11.48
N HIS D 177 -36.07 -11.44 -10.22
CA HIS D 177 -34.89 -10.99 -9.50
C HIS D 177 -34.18 -12.11 -8.78
N LEU D 178 -34.38 -13.35 -9.24
CA LEU D 178 -33.73 -14.49 -8.62
C LEU D 178 -32.30 -14.62 -9.13
N GLY D 179 -31.37 -14.80 -8.20
CA GLY D 179 -30.06 -15.25 -8.54
C GLY D 179 -30.13 -16.71 -8.93
N ALA D 180 -29.12 -17.14 -9.69
CA ALA D 180 -29.05 -18.53 -10.13
C ALA D 180 -28.87 -19.46 -8.94
N GLU D 181 -28.05 -19.06 -7.98
CA GLU D 181 -27.92 -19.80 -6.74
C GLU D 181 -29.19 -19.69 -5.91
N VAL D 182 -29.90 -18.57 -6.04
CA VAL D 182 -31.12 -18.34 -5.25
C VAL D 182 -32.21 -19.31 -5.68
N LEU D 183 -32.63 -19.20 -6.93
CA LEU D 183 -33.59 -20.12 -7.52
C LEU D 183 -33.09 -21.56 -7.52
N GLU D 184 -31.78 -21.75 -7.61
CA GLU D 184 -31.16 -23.06 -7.52
C GLU D 184 -31.41 -23.70 -6.16
N GLU D 185 -31.20 -22.94 -5.09
CA GLU D 185 -31.42 -23.47 -3.76
C GLU D 185 -32.90 -23.66 -3.50
N LEU D 186 -33.75 -22.81 -4.10
CA LEU D 186 -35.18 -22.99 -3.96
C LEU D 186 -35.67 -24.27 -4.64
N ARG D 187 -35.21 -24.52 -5.88
CA ARG D 187 -35.67 -25.71 -6.58
C ARG D 187 -35.14 -26.97 -5.93
N LEU D 188 -33.89 -26.94 -5.45
CA LEU D 188 -33.36 -28.12 -4.79
C LEU D 188 -33.99 -28.27 -3.41
N LEU D 189 -34.44 -27.16 -2.83
CA LEU D 189 -35.19 -27.22 -1.59
C LEU D 189 -36.49 -27.96 -1.78
N GLN D 190 -37.38 -27.41 -2.62
CA GLN D 190 -38.71 -28.06 -2.76
C GLN D 190 -38.47 -29.51 -3.20
N GLU D 191 -37.44 -29.70 -4.01
CA GLU D 191 -37.14 -31.06 -4.52
C GLU D 191 -36.81 -31.92 -3.31
N SER D 192 -36.01 -31.38 -2.40
CA SER D 192 -35.56 -32.17 -1.22
C SER D 192 -36.53 -31.89 -0.06
N THR D 193 -37.78 -31.55 -0.39
CA THR D 193 -38.67 -31.21 0.70
C THR D 193 -40.06 -31.78 0.50
N ARG D 194 -40.41 -32.18 -0.74
CA ARG D 194 -41.71 -32.74 -1.10
C ARG D 194 -42.83 -31.75 -0.76
N ILE D 195 -42.69 -30.56 -1.34
CA ILE D 195 -43.56 -29.41 -1.16
C ILE D 195 -43.78 -28.74 -2.50
N GLY D 196 -44.47 -27.62 -2.46
CA GLY D 196 -44.69 -26.86 -3.67
C GLY D 196 -43.97 -25.54 -3.71
N LEU D 197 -43.43 -25.21 -4.89
CA LEU D 197 -42.86 -23.92 -5.19
C LEU D 197 -43.60 -23.34 -6.38
N VAL D 198 -43.95 -22.06 -6.33
CA VAL D 198 -44.65 -21.40 -7.43
C VAL D 198 -43.99 -20.04 -7.65
N LEU D 199 -43.60 -19.77 -8.89
CA LEU D 199 -42.94 -18.52 -9.24
C LEU D 199 -43.94 -17.55 -9.87
N MET D 200 -43.78 -16.26 -9.56
CA MET D 200 -44.64 -15.20 -10.10
C MET D 200 -43.80 -14.21 -10.90
N GLY D 201 -44.44 -13.11 -11.32
CA GLY D 201 -43.72 -11.95 -11.83
C GLY D 201 -43.98 -11.72 -13.31
N ASN D 202 -43.12 -10.93 -13.93
CA ASN D 202 -43.23 -10.57 -15.33
C ASN D 202 -42.61 -11.63 -16.22
N HIS D 203 -42.62 -11.37 -17.53
CA HIS D 203 -42.16 -12.36 -18.49
C HIS D 203 -40.64 -12.39 -18.64
N ARG D 204 -39.90 -11.73 -17.75
CA ARG D 204 -38.45 -11.84 -17.77
C ARG D 204 -37.99 -13.13 -17.07
N VAL D 205 -38.90 -13.80 -16.36
CA VAL D 205 -38.55 -15.01 -15.63
C VAL D 205 -38.27 -16.16 -16.59
N TYR D 206 -39.17 -16.34 -17.56
CA TYR D 206 -38.93 -17.33 -18.60
C TYR D 206 -37.86 -16.87 -19.57
N SER D 207 -37.65 -15.55 -19.68
CA SER D 207 -36.59 -15.02 -20.54
C SER D 207 -35.21 -15.25 -19.93
N ASN D 208 -35.13 -15.40 -18.61
CA ASN D 208 -33.84 -15.67 -17.98
C ASN D 208 -33.40 -17.12 -18.17
N MET D 209 -34.28 -17.98 -18.65
CA MET D 209 -33.94 -19.36 -18.97
C MET D 209 -33.71 -19.57 -20.46
N THR D 210 -34.28 -18.71 -21.30
CA THR D 210 -34.13 -18.82 -22.75
C THR D 210 -33.57 -17.52 -23.34
N THR D 215 -30.01 -22.79 -20.94
CA THR D 215 -30.50 -24.13 -20.64
C THR D 215 -29.37 -25.18 -20.63
N VAL D 216 -28.26 -24.78 -20.02
CA VAL D 216 -27.40 -25.69 -19.26
C VAL D 216 -27.25 -25.24 -17.82
N GLU D 217 -27.41 -23.95 -17.54
CA GLU D 217 -27.50 -23.42 -16.19
C GLU D 217 -28.91 -23.53 -15.63
N PHE D 218 -29.92 -23.49 -16.49
CA PHE D 218 -31.32 -23.66 -16.13
C PHE D 218 -31.92 -24.94 -16.71
N ALA D 219 -31.08 -25.93 -17.03
CA ALA D 219 -31.53 -27.06 -17.84
C ALA D 219 -32.42 -28.00 -17.06
N ARG D 220 -31.95 -28.47 -15.90
CA ARG D 220 -32.77 -29.34 -15.07
C ARG D 220 -33.96 -28.58 -14.50
N LEU D 221 -33.85 -27.25 -14.39
CA LEU D 221 -34.97 -26.44 -13.92
C LEU D 221 -36.06 -26.33 -14.97
N PHE D 222 -35.68 -26.13 -16.23
CA PHE D 222 -36.62 -26.21 -17.33
C PHE D 222 -37.17 -27.63 -17.48
N SER D 223 -36.45 -28.61 -16.93
CA SER D 223 -36.90 -30.03 -16.97
C SER D 223 -38.17 -30.22 -16.14
N ARG D 224 -38.35 -29.41 -15.09
CA ARG D 224 -39.51 -29.65 -14.17
C ARG D 224 -40.54 -28.52 -14.19
N ILE D 225 -40.63 -27.72 -15.26
CA ILE D 225 -41.66 -26.64 -15.21
C ILE D 225 -42.99 -27.34 -15.43
N ALA D 226 -43.73 -27.59 -14.34
CA ALA D 226 -44.99 -28.32 -14.38
C ALA D 226 -46.06 -27.62 -15.18
N LYS D 227 -46.44 -26.41 -14.77
CA LYS D 227 -47.51 -25.66 -15.42
C LYS D 227 -47.16 -24.19 -15.44
N ARG D 228 -46.62 -23.73 -16.56
CA ARG D 228 -46.56 -22.30 -16.81
C ARG D 228 -47.96 -21.86 -17.18
N THR D 229 -48.33 -20.67 -16.72
CA THR D 229 -49.57 -20.01 -17.12
C THR D 229 -49.25 -18.54 -17.37
N ALA D 230 -49.35 -18.10 -18.62
CA ALA D 230 -49.10 -16.73 -18.97
C ALA D 230 -50.42 -15.97 -18.99
N ILE D 231 -50.50 -14.90 -18.22
CA ILE D 231 -51.65 -14.00 -18.25
C ILE D 231 -51.15 -12.68 -18.80
N ASN D 232 -51.46 -12.45 -20.07
CA ASN D 232 -51.06 -11.20 -20.70
C ASN D 232 -51.99 -10.07 -20.30
N LYS D 233 -53.28 -10.19 -20.60
CA LYS D 233 -54.25 -9.21 -20.17
C LYS D 233 -55.51 -9.92 -19.71
N THR D 234 -56.51 -9.11 -19.40
CA THR D 234 -57.74 -9.64 -18.82
C THR D 234 -58.60 -10.28 -19.89
N LYS D 235 -59.74 -10.82 -19.46
CA LYS D 235 -60.74 -11.26 -20.40
C LYS D 235 -62.04 -10.48 -20.18
N LYS D 236 -63.05 -10.81 -20.99
CA LYS D 236 -64.32 -10.10 -20.87
C LYS D 236 -65.16 -10.67 -19.73
N ALA D 237 -65.06 -11.97 -19.50
CA ALA D 237 -65.73 -12.56 -18.33
C ALA D 237 -65.06 -12.12 -17.04
N ASP D 238 -63.76 -11.79 -17.13
CA ASP D 238 -63.04 -11.21 -16.00
C ASP D 238 -63.71 -9.92 -15.53
N VAL D 239 -63.79 -8.93 -16.42
CA VAL D 239 -64.43 -7.67 -16.04
C VAL D 239 -65.93 -7.82 -15.88
N LYS D 240 -66.52 -8.86 -16.47
CA LYS D 240 -67.94 -9.12 -16.29
C LYS D 240 -68.23 -9.56 -14.85
N ALA D 241 -67.40 -10.45 -14.31
CA ALA D 241 -67.54 -10.84 -12.91
C ALA D 241 -67.15 -9.69 -12.00
N ILE D 242 -66.24 -8.82 -12.46
CA ILE D 242 -65.94 -7.59 -11.72
C ILE D 242 -67.18 -6.72 -11.63
N ALA D 243 -67.90 -6.55 -12.73
CA ALA D 243 -69.11 -5.73 -12.72
C ALA D 243 -70.23 -6.41 -11.92
N ASP D 244 -70.22 -7.74 -11.88
CA ASP D 244 -71.17 -8.47 -11.03
C ASP D 244 -70.87 -8.25 -9.56
N ALA D 245 -69.60 -8.23 -9.19
CA ALA D 245 -69.23 -8.00 -7.80
C ALA D 245 -69.46 -6.55 -7.40
N TRP D 246 -69.25 -5.61 -8.31
CA TRP D 246 -69.43 -4.20 -8.02
C TRP D 246 -70.82 -3.69 -8.34
N GLN D 247 -71.76 -4.60 -8.66
CA GLN D 247 -73.17 -4.31 -8.92
C GLN D 247 -73.33 -3.28 -10.05
N ILE D 248 -72.69 -3.58 -11.17
CA ILE D 248 -72.66 -2.69 -12.32
C ILE D 248 -73.49 -3.34 -13.42
N ASN D 249 -74.49 -2.62 -13.92
CA ASN D 249 -75.45 -3.17 -14.85
C ASN D 249 -75.49 -2.46 -16.19
N GLY D 250 -74.84 -1.32 -16.33
CA GLY D 250 -74.84 -0.59 -17.58
C GLY D 250 -74.02 -1.26 -18.66
N GLU D 251 -74.58 -1.37 -19.87
CA GLU D 251 -73.81 -1.92 -20.98
C GLU D 251 -72.79 -0.91 -21.48
N LYS D 252 -73.16 0.38 -21.47
CA LYS D 252 -72.17 1.44 -21.69
C LYS D 252 -71.10 1.41 -20.60
N GLU D 253 -71.54 1.17 -19.35
CA GLU D 253 -70.62 1.00 -18.25
C GLU D 253 -69.73 -0.22 -18.46
N LEU D 254 -70.29 -1.31 -18.97
CA LEU D 254 -69.53 -2.53 -19.20
C LEU D 254 -68.48 -2.33 -20.30
N GLU D 255 -68.87 -1.65 -21.39
CA GLU D 255 -67.92 -1.37 -22.46
C GLU D 255 -66.82 -0.43 -21.99
N LEU D 256 -67.17 0.55 -21.15
CA LEU D 256 -66.16 1.47 -20.64
C LEU D 256 -65.19 0.75 -19.70
N LEU D 257 -65.70 -0.18 -18.88
CA LEU D 257 -64.84 -1.00 -18.03
C LEU D 257 -63.91 -1.86 -18.86
N GLN D 258 -64.43 -2.41 -19.97
CA GLN D 258 -63.60 -3.20 -20.87
C GLN D 258 -62.51 -2.35 -21.50
N GLN D 259 -62.84 -1.12 -21.91
CA GLN D 259 -61.86 -0.22 -22.51
C GLN D 259 -60.80 0.19 -21.51
N ILE D 260 -61.18 0.33 -20.25
CA ILE D 260 -60.18 0.57 -19.20
C ILE D 260 -59.31 -0.65 -19.01
N ALA D 261 -59.89 -1.85 -19.15
CA ALA D 261 -59.12 -3.08 -19.03
C ALA D 261 -58.18 -3.27 -20.21
N GLN D 262 -58.41 -2.56 -21.31
CA GLN D 262 -57.48 -2.64 -22.44
C GLN D 262 -56.18 -1.88 -22.16
N LYS D 263 -56.18 -0.97 -21.20
CA LYS D 263 -54.97 -0.23 -20.89
C LYS D 263 -54.22 -0.90 -19.75
N PRO D 264 -52.88 -0.85 -19.75
CA PRO D 264 -52.11 -1.62 -18.77
C PRO D 264 -52.25 -1.09 -17.35
N GLY D 265 -51.76 -1.88 -16.41
CA GLY D 265 -52.18 -1.72 -15.04
C GLY D 265 -53.65 -2.05 -14.92
N ALA D 266 -54.09 -3.02 -15.73
CA ALA D 266 -55.52 -3.32 -15.88
C ALA D 266 -56.26 -3.45 -14.55
N LEU D 267 -55.95 -4.49 -13.77
CA LEU D 267 -56.77 -4.68 -12.56
C LEU D 267 -56.55 -3.45 -11.68
N ARG D 268 -55.32 -2.97 -11.59
CA ARG D 268 -55.06 -1.84 -10.66
C ARG D 268 -55.86 -0.61 -11.12
N ILE D 269 -55.78 -0.26 -12.40
CA ILE D 269 -56.46 0.98 -12.86
C ILE D 269 -57.96 0.78 -12.68
N LEU D 270 -58.44 -0.41 -13.03
CA LEU D 270 -59.90 -0.65 -12.95
C LEU D 270 -60.30 -0.50 -11.49
N ASN D 271 -59.53 -1.09 -10.58
CA ASN D 271 -59.89 -1.03 -9.14
C ASN D 271 -59.82 0.43 -8.69
N HIS D 272 -58.79 1.15 -9.14
CA HIS D 272 -58.67 2.59 -8.78
C HIS D 272 -59.90 3.32 -9.30
N SER D 273 -60.22 3.12 -10.58
CA SER D 273 -61.37 3.77 -11.17
C SER D 273 -62.65 3.44 -10.42
N LEU D 274 -62.80 2.16 -10.05
CA LEU D 274 -63.96 1.74 -9.25
C LEU D 274 -64.00 2.45 -7.90
N ARG D 275 -62.83 2.65 -7.29
CA ARG D 275 -62.82 3.25 -5.96
C ARG D 275 -63.00 4.76 -6.03
N LEU D 276 -62.47 5.41 -7.08
CA LEU D 276 -62.77 6.82 -7.34
C LEU D 276 -64.26 7.05 -7.54
N ALA D 277 -64.89 6.22 -8.37
CA ALA D 277 -66.31 6.42 -8.65
C ALA D 277 -67.17 6.10 -7.43
N ALA D 278 -66.77 5.10 -6.64
CA ALA D 278 -67.53 4.77 -5.44
C ALA D 278 -67.44 5.87 -4.40
N MET D 279 -66.24 6.42 -4.19
CA MET D 279 -66.10 7.48 -3.19
C MET D 279 -66.75 8.78 -3.67
N THR D 280 -66.71 9.04 -4.98
CA THR D 280 -67.36 10.24 -5.50
C THR D 280 -68.88 10.14 -5.41
N ALA D 281 -69.43 8.97 -5.75
CA ALA D 281 -70.88 8.80 -5.68
C ALA D 281 -71.36 8.74 -4.23
N HIS D 282 -70.50 8.28 -3.31
CA HIS D 282 -70.87 8.29 -1.90
C HIS D 282 -70.78 9.69 -1.33
N GLY D 283 -69.80 10.49 -1.79
CA GLY D 283 -69.70 11.86 -1.32
C GLY D 283 -70.80 12.74 -1.88
N LYS D 284 -71.26 12.44 -3.09
CA LYS D 284 -72.38 13.14 -3.68
C LYS D 284 -73.72 12.49 -3.39
N GLY D 285 -73.71 11.38 -2.64
CA GLY D 285 -74.94 10.70 -2.26
C GLY D 285 -75.62 9.93 -3.36
N GLU D 286 -74.97 9.76 -4.50
CA GLU D 286 -75.60 9.20 -5.69
C GLU D 286 -75.11 7.78 -5.93
N ARG D 287 -75.57 7.22 -7.04
CA ARG D 287 -75.13 5.93 -7.54
C ARG D 287 -73.94 6.13 -8.47
N VAL D 288 -73.02 5.17 -8.44
CA VAL D 288 -71.96 5.11 -9.44
C VAL D 288 -72.59 4.97 -10.82
N ASN D 289 -72.19 5.85 -11.73
CA ASN D 289 -72.73 5.84 -13.08
C ASN D 289 -71.57 6.06 -14.04
N GLU D 290 -71.91 6.28 -15.32
CA GLU D 290 -70.92 6.28 -16.38
C GLU D 290 -70.05 7.52 -16.32
N ASP D 291 -70.61 8.65 -15.93
CA ASP D 291 -69.89 9.92 -15.96
C ASP D 291 -68.85 9.99 -14.84
N TYR D 292 -69.15 9.36 -13.70
CA TYR D 292 -68.17 9.26 -12.63
C TYR D 292 -67.00 8.42 -13.06
N LEU D 293 -67.27 7.37 -13.83
CA LEU D 293 -66.21 6.54 -14.39
C LEU D 293 -65.40 7.30 -15.42
N ARG D 294 -66.06 8.17 -16.20
CA ARG D 294 -65.35 8.97 -17.19
C ARG D 294 -64.43 9.98 -16.52
N GLN D 295 -64.89 10.62 -15.45
CA GLN D 295 -64.04 11.58 -14.74
C GLN D 295 -62.88 10.86 -14.05
N ALA D 296 -63.16 9.68 -13.48
CA ALA D 296 -62.13 8.87 -12.85
C ALA D 296 -61.05 8.47 -13.85
N PHE D 297 -61.44 8.02 -15.04
CA PHE D 297 -60.47 7.65 -16.06
C PHE D 297 -59.83 8.88 -16.69
N ARG D 298 -60.52 10.02 -16.64
CA ARG D 298 -59.97 11.28 -17.13
C ARG D 298 -58.87 11.77 -16.22
N GLU D 299 -58.88 11.34 -14.96
CA GLU D 299 -57.75 11.56 -14.09
C GLU D 299 -56.60 10.62 -14.43
N LEU D 300 -55.61 10.57 -13.53
CA LEU D 300 -54.50 9.62 -13.44
C LEU D 300 -53.39 9.87 -14.43
N ASP D 301 -53.54 10.82 -15.36
CA ASP D 301 -52.59 11.13 -16.44
C ASP D 301 -52.20 9.88 -17.23
N LEU D 302 -53.18 9.27 -17.87
CA LEU D 302 -52.92 8.06 -18.63
C LEU D 302 -52.51 8.39 -20.06
N ASP D 303 -53.01 9.50 -20.60
CA ASP D 303 -52.63 9.98 -21.93
C ASP D 303 -51.62 11.14 -21.83
N VAL D 304 -51.14 11.43 -20.62
CA VAL D 304 -50.19 12.52 -20.37
C VAL D 304 -48.83 11.91 -20.07
N ASP D 305 -47.83 12.30 -20.86
CA ASP D 305 -46.48 11.76 -20.74
C ASP D 305 -45.71 12.41 -19.61
N LEU E 67 18.71 40.43 57.76
CA LEU E 67 18.17 40.01 59.06
C LEU E 67 16.62 39.88 59.16
N PRO E 68 15.81 40.80 58.62
CA PRO E 68 14.37 40.56 58.63
C PRO E 68 13.96 39.49 57.63
N GLU E 69 12.70 39.08 57.71
CA GLU E 69 12.15 38.15 56.75
C GLU E 69 11.99 38.84 55.39
N PRO E 70 12.43 38.20 54.31
CA PRO E 70 12.19 38.75 52.98
C PRO E 70 10.73 38.71 52.62
N PRO E 71 10.10 39.83 52.16
CA PRO E 71 8.72 39.77 51.65
C PRO E 71 8.68 39.33 50.18
N ARG E 72 7.95 38.26 49.88
CA ARG E 72 7.88 37.72 48.48
C ARG E 72 7.20 38.69 47.51
N PHE E 73 6.13 39.38 47.93
CA PHE E 73 5.37 40.23 46.99
C PHE E 73 5.25 41.65 47.54
N VAL E 74 5.33 42.66 46.66
CA VAL E 74 5.14 44.06 47.12
C VAL E 74 4.10 44.75 46.24
N GLU E 75 3.20 45.55 46.83
CA GLU E 75 2.24 46.32 45.99
C GLU E 75 3.04 47.36 45.22
N THR E 76 2.76 47.52 43.92
CA THR E 76 3.56 48.43 43.06
C THR E 76 2.63 49.21 42.15
N GLN E 77 3.15 50.22 41.45
CA GLN E 77 2.32 51.01 40.52
C GLN E 77 1.77 50.08 39.45
N THR E 78 2.59 49.16 38.94
CA THR E 78 2.08 48.15 37.97
C THR E 78 1.04 47.28 38.67
N VAL E 79 1.30 46.90 39.93
CA VAL E 79 0.35 46.05 40.69
C VAL E 79 -0.97 46.81 40.85
N LYS E 80 -0.90 48.12 41.06
CA LYS E 80 -2.12 48.95 41.25
C LYS E 80 -2.84 48.98 39.91
N GLN E 81 -2.10 49.30 38.85
CA GLN E 81 -2.66 49.34 37.52
C GLN E 81 -3.30 48.02 37.12
N ILE E 82 -2.58 46.92 37.31
CA ILE E 82 -3.03 45.66 36.75
C ILE E 82 -4.16 45.07 37.57
N TRP E 83 -4.23 45.41 38.86
CA TRP E 83 -5.37 45.00 39.66
C TRP E 83 -6.61 45.77 39.27
N THR E 84 -6.45 47.04 38.94
CA THR E 84 -7.60 47.82 38.50
C THR E 84 -8.09 47.30 37.16
N SER E 85 -7.17 46.88 36.30
CA SER E 85 -7.56 46.23 35.04
C SER E 85 -8.22 44.89 35.29
N MET E 86 -7.74 44.18 36.31
CA MET E 86 -8.25 42.85 36.62
C MET E 86 -9.67 42.92 37.18
N ARG E 87 -9.88 43.81 38.16
CA ARG E 87 -11.21 44.03 38.72
C ARG E 87 -12.14 44.67 37.70
N PHE E 88 -11.58 45.45 36.78
CA PHE E 88 -12.36 45.99 35.68
C PHE E 88 -12.92 44.90 34.80
N ALA E 89 -12.06 43.96 34.38
CA ALA E 89 -12.54 42.86 33.56
C ALA E 89 -13.44 41.92 34.37
N SER E 90 -13.27 41.93 35.70
CA SER E 90 -14.15 41.17 36.58
C SER E 90 -15.57 41.71 36.59
N LEU E 91 -15.75 42.95 37.06
CA LEU E 91 -17.08 43.53 37.16
C LEU E 91 -17.67 43.76 35.78
N THR E 92 -16.82 44.12 34.83
CA THR E 92 -17.19 44.33 33.44
C THR E 92 -17.57 43.01 32.76
N GLU E 93 -17.01 41.90 33.25
CA GLU E 93 -17.28 40.55 32.74
C GLU E 93 -16.88 40.47 31.27
N SER E 94 -15.70 40.99 30.97
CA SER E 94 -15.23 41.12 29.61
C SER E 94 -13.73 40.84 29.55
N ILE E 95 -13.17 40.88 28.34
CA ILE E 95 -11.82 40.37 28.08
C ILE E 95 -10.79 41.48 28.23
N ALA E 96 -9.73 41.20 29.00
CA ALA E 96 -8.60 42.12 29.18
C ALA E 96 -7.30 41.43 28.81
N VAL E 97 -6.62 41.95 27.78
CA VAL E 97 -5.36 41.39 27.30
C VAL E 97 -4.22 42.18 27.94
N VAL E 98 -3.31 41.47 28.60
CA VAL E 98 -2.16 42.08 29.23
C VAL E 98 -0.94 41.57 28.49
N CYS E 99 -0.50 42.33 27.49
CA CYS E 99 0.73 42.03 26.77
C CYS E 99 1.82 42.94 27.29
N GLY E 100 2.98 42.37 27.59
CA GLY E 100 4.08 43.19 28.13
C GLY E 100 5.43 42.57 27.83
N ASN E 101 6.52 43.24 28.23
CA ASN E 101 7.86 42.64 28.05
C ASN E 101 8.00 41.51 29.05
N PRO E 102 8.85 40.49 28.80
CA PRO E 102 8.96 39.37 29.72
C PRO E 102 9.45 39.85 31.10
N GLY E 103 9.01 39.17 32.15
CA GLY E 103 9.46 39.51 33.52
C GLY E 103 9.10 40.92 33.95
N VAL E 104 7.88 41.38 33.64
CA VAL E 104 7.45 42.70 34.16
C VAL E 104 6.76 42.50 35.52
N GLY E 105 6.72 41.26 36.01
CA GLY E 105 6.13 40.97 37.33
C GLY E 105 4.64 40.69 37.27
N LYS E 106 4.06 40.63 36.07
CA LYS E 106 2.60 40.41 35.92
C LYS E 106 2.19 39.05 36.45
N THR E 107 2.97 38.00 36.18
CA THR E 107 2.53 36.63 36.55
C THR E 107 2.33 36.58 38.06
N GLU E 108 3.29 37.12 38.81
CA GLU E 108 3.19 37.01 40.29
C GLU E 108 1.96 37.77 40.76
N ALA E 109 1.72 38.95 40.20
CA ALA E 109 0.62 39.76 40.73
C ALA E 109 -0.70 39.02 40.54
N ALA E 110 -0.88 38.41 39.37
CA ALA E 110 -2.09 37.63 39.13
C ALA E 110 -2.33 36.66 40.28
N ARG E 111 -1.26 36.06 40.81
CA ARG E 111 -1.47 35.12 41.90
C ARG E 111 -1.82 35.83 43.19
N GLU E 112 -1.36 37.07 43.35
CA GLU E 112 -1.77 37.82 44.52
C GLU E 112 -3.24 38.20 44.41
N TYR E 113 -3.69 38.50 43.20
CA TYR E 113 -5.12 38.72 42.97
C TYR E 113 -5.92 37.46 43.26
N ARG E 114 -5.37 36.31 42.88
CA ARG E 114 -6.06 35.05 43.13
C ARG E 114 -6.11 34.73 44.61
N ARG E 115 -5.07 35.11 45.34
CA ARG E 115 -5.02 34.82 46.76
C ARG E 115 -5.92 35.76 47.55
N THR E 116 -6.08 37.00 47.10
CA THR E 116 -6.84 37.97 47.87
C THR E 116 -8.33 37.97 47.58
N ASN E 117 -8.76 37.45 46.44
CA ASN E 117 -10.12 37.68 45.98
C ASN E 117 -10.86 36.37 45.78
N ASN E 118 -12.16 36.41 46.00
CA ASN E 118 -13.04 35.26 45.77
C ASN E 118 -13.48 35.21 44.31
N ASN E 119 -13.94 34.01 43.90
CA ASN E 119 -14.38 33.70 42.54
C ASN E 119 -13.31 34.05 41.52
N VAL E 120 -12.09 33.61 41.79
CA VAL E 120 -10.95 33.88 40.92
C VAL E 120 -10.31 32.54 40.62
N TRP E 121 -9.97 32.31 39.35
CA TRP E 121 -9.25 31.12 38.97
C TRP E 121 -8.13 31.48 38.02
N MET E 122 -7.14 30.62 37.98
CA MET E 122 -5.98 30.84 37.14
C MET E 122 -5.44 29.50 36.68
N ILE E 123 -5.08 29.42 35.41
CA ILE E 123 -4.23 28.34 34.95
C ILE E 123 -2.95 28.95 34.43
N THR E 124 -2.04 28.09 34.03
CA THR E 124 -0.96 28.47 33.15
C THR E 124 -1.13 27.64 31.90
N ILE E 125 -0.63 28.12 30.78
CA ILE E 125 -0.66 27.34 29.57
C ILE E 125 0.78 27.03 29.20
N THR E 126 1.20 25.81 29.47
CA THR E 126 2.32 25.26 28.75
C THR E 126 1.85 24.96 27.33
N PRO E 127 2.74 25.10 26.33
CA PRO E 127 2.36 24.68 24.97
C PRO E 127 2.11 23.19 24.81
N SER E 128 2.48 22.37 25.82
CA SER E 128 2.00 21.00 25.89
C SER E 128 0.48 20.95 26.04
N CYS E 129 -0.09 21.83 26.86
CA CYS E 129 -1.52 21.82 27.14
C CYS E 129 -2.27 22.81 26.26
N ALA E 130 -1.79 23.04 25.03
CA ALA E 130 -2.26 24.16 24.22
C ALA E 130 -3.44 23.81 23.32
N SER E 131 -4.07 22.66 23.51
CA SER E 131 -5.26 22.34 22.74
C SER E 131 -6.46 22.93 23.44
N VAL E 132 -7.62 22.81 22.79
CA VAL E 132 -8.87 23.19 23.44
C VAL E 132 -9.17 22.21 24.57
N LEU E 133 -8.97 20.92 24.28
CA LEU E 133 -9.26 19.85 25.23
C LEU E 133 -8.40 19.96 26.47
N GLU E 134 -7.09 20.10 26.27
CA GLU E 134 -6.17 20.16 27.39
C GLU E 134 -6.37 21.42 28.22
N CYS E 135 -6.54 22.57 27.57
CA CYS E 135 -6.68 23.83 28.30
C CYS E 135 -7.98 23.89 29.08
N LEU E 136 -9.09 23.46 28.46
CA LEU E 136 -10.34 23.44 29.19
C LEU E 136 -10.30 22.40 30.30
N THR E 137 -9.53 21.32 30.11
CA THR E 137 -9.34 20.37 31.19
C THR E 137 -8.61 21.02 32.35
N GLU E 138 -7.62 21.86 32.03
CA GLU E 138 -6.86 22.56 33.07
C GLU E 138 -7.76 23.49 33.85
N LEU E 139 -8.61 24.23 33.13
CA LEU E 139 -9.54 25.14 33.78
C LEU E 139 -10.55 24.37 34.61
N ALA E 140 -10.92 23.17 34.15
CA ALA E 140 -11.89 22.36 34.87
C ALA E 140 -11.32 21.85 36.17
N PHE E 141 -10.08 21.35 36.12
CA PHE E 141 -9.44 20.92 37.36
C PHE E 141 -9.16 22.10 38.26
N GLU E 142 -8.98 23.28 37.69
CA GLU E 142 -8.85 24.45 38.53
C GLU E 142 -10.19 24.81 39.17
N LEU E 143 -11.29 24.48 38.49
CA LEU E 143 -12.59 24.65 39.10
C LEU E 143 -12.92 23.56 40.11
N GLY E 144 -12.08 22.54 40.23
CA GLY E 144 -12.30 21.51 41.22
C GLY E 144 -13.21 20.38 40.78
N MET E 145 -13.68 20.39 39.54
CA MET E 145 -14.49 19.31 39.01
C MET E 145 -13.57 18.20 38.52
N ASN E 146 -13.13 17.36 39.47
CA ASN E 146 -12.24 16.25 39.14
C ASN E 146 -12.93 15.16 38.33
N ASP E 147 -14.27 15.22 38.22
CA ASP E 147 -15.08 14.29 37.44
C ASP E 147 -15.30 14.81 36.03
N ALA E 148 -14.35 15.56 35.52
CA ALA E 148 -14.53 16.18 34.23
C ALA E 148 -14.36 15.17 33.10
N PRO E 149 -15.20 15.25 32.08
CA PRO E 149 -15.10 14.29 30.98
C PRO E 149 -13.92 14.58 30.09
N ARG E 150 -13.36 13.53 29.51
CA ARG E 150 -12.21 13.63 28.64
C ARG E 150 -12.58 13.97 27.20
N ARG E 151 -13.85 14.16 26.91
CA ARG E 151 -14.27 14.63 25.61
C ARG E 151 -14.34 16.16 25.65
N LYS E 152 -14.36 16.81 24.48
CA LYS E 152 -14.45 18.26 24.41
C LYS E 152 -15.83 18.76 24.80
N GLY E 153 -16.85 18.20 24.15
CA GLY E 153 -18.22 18.62 24.26
C GLY E 153 -18.81 18.61 25.66
N PRO E 154 -18.88 17.44 26.30
CA PRO E 154 -19.45 17.40 27.64
C PRO E 154 -18.63 18.16 28.65
N LEU E 155 -17.32 18.29 28.41
CA LEU E 155 -16.53 19.17 29.25
C LEU E 155 -16.96 20.61 29.09
N SER E 156 -17.18 21.04 27.85
CA SER E 156 -17.63 22.40 27.60
C SER E 156 -18.98 22.65 28.25
N ARG E 157 -19.86 21.64 28.20
CA ARG E 157 -21.15 21.77 28.86
C ARG E 157 -21.00 21.81 30.37
N ALA E 158 -20.06 21.04 30.93
CA ALA E 158 -19.87 21.05 32.37
C ALA E 158 -19.31 22.38 32.82
N LEU E 159 -18.42 22.96 32.03
CA LEU E 159 -17.90 24.28 32.33
C LEU E 159 -19.00 25.31 32.24
N ARG E 160 -19.88 25.16 31.25
CA ARG E 160 -20.96 26.13 31.05
C ARG E 160 -21.96 26.08 32.19
N ARG E 161 -22.21 24.89 32.73
CA ARG E 161 -23.14 24.80 33.84
C ARG E 161 -22.48 25.19 35.16
N ARG E 162 -21.21 24.82 35.35
CA ARG E 162 -20.52 25.09 36.59
C ARG E 162 -20.20 26.56 36.76
N LEU E 163 -19.74 27.18 35.69
CA LEU E 163 -19.04 28.45 35.79
C LEU E 163 -19.97 29.63 35.66
N GLU E 164 -21.13 29.46 35.03
CA GLU E 164 -22.08 30.53 34.87
C GLU E 164 -22.90 30.72 36.13
N GLY E 165 -23.08 31.99 36.52
CA GLY E 165 -23.80 32.33 37.73
C GLY E 165 -22.94 32.51 38.95
N THR E 166 -21.64 32.24 38.87
CA THR E 166 -20.74 32.43 39.99
C THR E 166 -20.16 33.83 40.06
N GLN E 167 -20.24 34.57 38.94
CA GLN E 167 -19.57 35.85 38.75
C GLN E 167 -18.09 35.75 39.09
N GLY E 168 -17.39 34.96 38.27
CA GLY E 168 -15.99 34.68 38.49
C GLY E 168 -15.08 35.38 37.51
N LEU E 169 -13.79 35.11 37.69
CA LEU E 169 -12.76 35.70 36.85
C LEU E 169 -11.72 34.65 36.51
N VAL E 170 -11.67 34.27 35.25
CA VAL E 170 -10.66 33.36 34.75
C VAL E 170 -9.44 34.17 34.35
N ILE E 171 -8.27 33.73 34.79
CA ILE E 171 -7.01 34.34 34.40
C ILE E 171 -6.23 33.36 33.56
N ILE E 172 -5.77 33.80 32.38
CA ILE E 172 -4.98 32.89 31.51
C ILE E 172 -3.62 33.54 31.23
N ASP E 173 -2.54 32.81 31.51
CA ASP E 173 -1.15 33.35 31.35
C ASP E 173 -0.56 32.83 30.04
N GLU E 174 0.36 33.57 29.43
CA GLU E 174 1.02 33.15 28.16
C GLU E 174 -0.04 32.97 27.08
N ALA E 175 -0.89 33.98 26.90
CA ALA E 175 -1.92 33.92 25.87
C ALA E 175 -1.38 33.95 24.45
N ASP E 176 -0.05 33.90 24.26
CA ASP E 176 0.47 33.90 22.90
C ASP E 176 0.35 32.53 22.26
N HIS E 177 0.34 31.47 23.06
CA HIS E 177 0.29 30.11 22.56
C HIS E 177 -1.12 29.61 22.38
N LEU E 178 -2.08 30.52 22.21
CA LEU E 178 -3.46 30.13 22.01
C LEU E 178 -3.70 29.75 20.57
N GLY E 179 -4.35 28.61 20.36
CA GLY E 179 -4.93 28.31 19.08
C GLY E 179 -6.13 29.19 18.85
N ALA E 180 -6.48 29.35 17.58
CA ALA E 180 -7.64 30.15 17.21
C ALA E 180 -8.91 29.53 17.74
N GLU E 181 -9.01 28.20 17.66
CA GLU E 181 -10.13 27.50 18.26
C GLU E 181 -10.04 27.55 19.78
N VAL E 182 -8.82 27.62 20.32
CA VAL E 182 -8.64 27.64 21.77
C VAL E 182 -9.18 28.93 22.36
N LEU E 183 -8.59 30.05 21.96
CA LEU E 183 -9.06 31.37 22.36
C LEU E 183 -10.49 31.64 21.91
N GLU E 184 -10.89 31.03 20.79
CA GLU E 184 -12.25 31.11 20.30
C GLU E 184 -13.24 30.49 21.28
N GLU E 185 -12.92 29.30 21.77
CA GLU E 185 -13.80 28.64 22.72
C GLU E 185 -13.77 29.35 24.06
N LEU E 186 -12.63 29.94 24.41
CA LEU E 186 -12.55 30.72 25.64
C LEU E 186 -13.42 31.97 25.58
N ARG E 187 -13.34 32.72 24.48
CA ARG E 187 -14.12 33.95 24.39
C ARG E 187 -15.60 33.64 24.30
N LEU E 188 -15.98 32.59 23.58
CA LEU E 188 -17.39 32.23 23.51
C LEU E 188 -17.85 31.62 24.82
N LEU E 189 -16.92 31.04 25.57
CA LEU E 189 -17.22 30.56 26.90
C LEU E 189 -17.59 31.72 27.80
N GLN E 190 -16.64 32.61 28.07
CA GLN E 190 -16.91 33.69 29.03
C GLN E 190 -18.18 34.41 28.60
N GLU E 191 -18.34 34.59 27.30
CA GLU E 191 -19.51 35.34 26.80
C GLU E 191 -20.76 34.55 27.18
N SER E 192 -20.73 33.24 26.97
CA SER E 192 -21.91 32.40 27.26
C SER E 192 -21.87 32.00 28.74
N THR E 193 -21.11 32.75 29.54
CA THR E 193 -20.97 32.32 30.92
C THR E 193 -21.17 33.48 31.90
N ARG E 194 -21.06 34.72 31.43
CA ARG E 194 -21.21 35.93 32.25
C ARG E 194 -20.18 35.93 33.39
N ILE E 195 -18.91 35.83 32.96
CA ILE E 195 -17.75 35.75 33.82
C ILE E 195 -16.65 36.62 33.23
N GLY E 196 -15.49 36.56 33.84
CA GLY E 196 -14.35 37.28 33.34
C GLY E 196 -13.25 36.41 32.77
N LEU E 197 -12.69 36.85 31.66
CA LEU E 197 -11.50 36.26 31.07
C LEU E 197 -10.43 37.34 30.97
N VAL E 198 -9.19 37.01 31.33
CA VAL E 198 -8.08 37.96 31.27
C VAL E 198 -6.88 37.26 30.66
N LEU E 199 -6.31 37.84 29.61
CA LEU E 199 -5.18 37.27 28.92
C LEU E 199 -3.87 37.91 29.39
N MET E 200 -2.81 37.11 29.48
CA MET E 200 -1.49 37.59 29.90
C MET E 200 -0.48 37.34 28.79
N GLY E 201 0.80 37.58 29.09
CA GLY E 201 1.90 37.14 28.25
C GLY E 201 2.64 38.28 27.59
N ASN E 202 3.40 37.95 26.56
CA ASN E 202 4.22 38.92 25.84
C ASN E 202 3.39 39.63 24.77
N HIS E 203 4.06 40.51 24.02
CA HIS E 203 3.37 41.33 23.03
C HIS E 203 3.09 40.59 21.72
N ARG E 204 3.27 39.28 21.68
CA ARG E 204 2.88 38.52 20.49
C ARG E 204 1.38 38.24 20.50
N VAL E 205 0.70 38.47 21.63
CA VAL E 205 -0.73 38.19 21.73
C VAL E 205 -1.53 39.18 20.90
N TYR E 206 -1.22 40.47 21.04
CA TYR E 206 -1.83 41.48 20.20
C TYR E 206 -1.30 41.42 18.78
N SER E 207 -0.09 40.89 18.59
CA SER E 207 0.47 40.72 17.25
C SER E 207 -0.21 39.60 16.49
N ASN E 208 -0.79 38.63 17.19
CA ASN E 208 -1.51 37.54 16.52
C ASN E 208 -2.86 37.98 16.00
N MET E 209 -3.34 39.16 16.40
CA MET E 209 -4.58 39.73 15.90
C MET E 209 -4.33 40.77 14.81
N THR E 210 -3.15 41.40 14.80
CA THR E 210 -2.82 42.41 13.82
C THR E 210 -1.54 42.05 13.07
N THR E 215 -7.89 40.28 11.44
CA THR E 215 -9.14 40.84 11.95
C THR E 215 -10.32 40.59 11.02
N VAL E 216 -10.38 39.36 10.50
CA VAL E 216 -11.63 38.67 10.22
C VAL E 216 -11.72 37.35 10.97
N GLU E 217 -10.57 36.76 11.32
CA GLU E 217 -10.50 35.60 12.20
C GLU E 217 -10.51 36.01 13.66
N PHE E 218 -9.99 37.20 13.97
CA PHE E 218 -10.00 37.78 15.31
C PHE E 218 -10.87 39.03 15.40
N ALA E 219 -11.85 39.18 14.50
CA ALA E 219 -12.54 40.46 14.34
C ALA E 219 -13.48 40.73 15.49
N ARG E 220 -14.39 39.79 15.78
CA ARG E 220 -15.30 39.95 16.91
C ARG E 220 -14.55 39.91 18.22
N LEU E 221 -13.38 39.27 18.25
CA LEU E 221 -12.56 39.25 19.45
C LEU E 221 -11.91 40.59 19.72
N PHE E 222 -11.39 41.23 18.67
CA PHE E 222 -10.92 42.60 18.77
C PHE E 222 -12.07 43.56 19.08
N SER E 223 -13.30 43.18 18.72
CA SER E 223 -14.48 43.89 19.20
C SER E 223 -14.80 43.61 20.68
N ARG E 224 -14.31 42.50 21.24
CA ARG E 224 -14.60 42.22 22.64
C ARG E 224 -13.77 43.10 23.58
N ILE E 225 -12.56 43.48 23.16
CA ILE E 225 -11.47 43.85 24.06
C ILE E 225 -11.81 45.06 24.91
N ALA E 226 -11.76 44.89 26.22
CA ALA E 226 -12.17 45.89 27.17
C ALA E 226 -11.05 46.82 27.60
N LYS E 227 -9.99 46.28 28.18
CA LYS E 227 -8.88 47.07 28.68
C LYS E 227 -7.58 46.34 28.45
N ARG E 228 -6.90 46.68 27.38
CA ARG E 228 -5.52 46.29 27.22
C ARG E 228 -4.71 47.18 28.15
N THR E 229 -3.68 46.61 28.76
CA THR E 229 -2.69 47.35 29.54
C THR E 229 -1.32 46.79 29.20
N ALA E 230 -0.49 47.61 28.55
CA ALA E 230 0.86 47.22 28.19
C ALA E 230 1.81 47.68 29.28
N ILE E 231 2.57 46.75 29.82
CA ILE E 231 3.64 47.07 30.76
C ILE E 231 4.94 46.71 30.08
N ASN E 232 5.64 47.73 29.59
CA ASN E 232 6.91 47.50 28.94
C ASN E 232 8.02 47.30 29.97
N LYS E 233 8.24 48.28 30.82
CA LYS E 233 9.21 48.15 31.89
C LYS E 233 8.66 48.78 33.15
N THR E 234 9.50 48.80 34.17
CA THR E 234 9.06 49.26 35.48
C THR E 234 8.99 50.78 35.52
N LYS E 235 8.57 51.29 36.67
CA LYS E 235 8.67 52.72 36.92
C LYS E 235 9.56 52.99 38.11
N LYS E 236 9.73 54.27 38.44
CA LYS E 236 10.60 54.62 39.55
C LYS E 236 9.88 54.47 40.88
N ALA E 237 8.56 54.73 40.89
CA ALA E 237 7.78 54.47 42.10
C ALA E 237 7.63 52.98 42.34
N ASP E 238 7.71 52.19 41.27
CA ASP E 238 7.74 50.74 41.36
C ASP E 238 8.91 50.28 42.22
N VAL E 239 10.14 50.61 41.81
CA VAL E 239 11.31 50.21 42.58
C VAL E 239 11.42 50.99 43.88
N LYS E 240 10.75 52.14 43.97
CA LYS E 240 10.73 52.89 45.22
C LYS E 240 9.92 52.17 46.29
N ALA E 241 8.75 51.64 45.90
CA ALA E 241 7.97 50.83 46.83
C ALA E 241 8.65 49.50 47.10
N ILE E 242 9.43 49.01 46.13
CA ILE E 242 10.28 47.84 46.36
C ILE E 242 11.30 48.12 47.45
N ALA E 243 11.96 49.29 47.38
CA ALA E 243 12.94 49.64 48.40
C ALA E 243 12.28 49.94 49.74
N ASP E 244 11.03 50.39 49.71
CA ASP E 244 10.28 50.58 50.95
C ASP E 244 9.95 49.25 51.60
N ALA E 245 9.59 48.25 50.78
CA ALA E 245 9.28 46.93 51.32
C ALA E 245 10.54 46.22 51.79
N TRP E 246 11.66 46.42 51.11
CA TRP E 246 12.91 45.77 51.47
C TRP E 246 13.76 46.60 52.43
N GLN E 247 13.20 47.70 52.97
CA GLN E 247 13.84 48.57 53.96
C GLN E 247 15.18 49.10 53.46
N ILE E 248 15.14 49.69 52.27
CA ILE E 248 16.33 50.19 51.60
C ILE E 248 16.24 51.70 51.58
N ASN E 249 17.28 52.36 52.13
CA ASN E 249 17.25 53.80 52.32
C ASN E 249 18.35 54.54 51.59
N GLY E 250 19.33 53.84 51.03
CA GLY E 250 20.40 54.50 50.31
C GLY E 250 19.97 55.09 48.99
N GLU E 251 20.38 56.33 48.71
CA GLU E 251 20.08 56.93 47.42
C GLU E 251 20.98 56.34 46.34
N LYS E 252 22.23 56.06 46.68
CA LYS E 252 23.09 55.26 45.80
C LYS E 252 22.50 53.88 45.59
N GLU E 253 21.96 53.29 46.66
CA GLU E 253 21.26 52.03 46.57
C GLU E 253 20.04 52.14 45.69
N LEU E 254 19.29 53.25 45.81
CA LEU E 254 18.10 53.45 45.00
C LEU E 254 18.43 53.60 43.52
N GLU E 255 19.48 54.35 43.21
CA GLU E 255 19.90 54.51 41.83
C GLU E 255 20.41 53.20 41.24
N LEU E 256 21.11 52.41 42.05
CA LEU E 256 21.58 51.12 41.59
C LEU E 256 20.43 50.15 41.33
N LEU E 257 19.41 50.18 42.20
CA LEU E 257 18.20 49.38 41.97
C LEU E 257 17.49 49.81 40.70
N GLN E 258 17.45 51.12 40.45
CA GLN E 258 16.85 51.62 39.22
C GLN E 258 17.63 51.15 37.99
N GLN E 259 18.96 51.18 38.08
CA GLN E 259 19.79 50.74 36.96
C GLN E 259 19.63 49.24 36.70
N ILE E 260 19.43 48.47 37.76
CA ILE E 260 19.12 47.06 37.59
C ILE E 260 17.76 46.89 36.95
N ALA E 261 16.81 47.76 37.30
CA ALA E 261 15.47 47.71 36.71
C ALA E 261 15.50 48.12 35.23
N GLN E 262 16.55 48.80 34.80
CA GLN E 262 16.66 49.14 33.38
C GLN E 262 17.01 47.93 32.52
N LYS E 263 17.55 46.87 33.13
CA LYS E 263 17.90 45.69 32.36
C LYS E 263 16.76 44.68 32.42
N PRO E 264 16.54 43.91 31.33
CA PRO E 264 15.35 43.04 31.26
C PRO E 264 15.42 41.88 32.23
N GLY E 265 14.28 41.21 32.37
CA GLY E 265 14.07 40.37 33.53
C GLY E 265 14.02 41.23 34.76
N ALA E 266 13.48 42.44 34.60
CA ALA E 266 13.53 43.47 35.66
C ALA E 266 13.15 42.95 37.04
N LEU E 267 11.88 42.61 37.23
CA LEU E 267 11.48 42.23 38.60
C LEU E 267 12.30 41.00 38.99
N ARG E 268 12.48 40.07 38.06
CA ARG E 268 13.18 38.81 38.42
C ARG E 268 14.61 39.13 38.84
N ILE E 269 15.33 39.92 38.04
CA ILE E 269 16.76 40.17 38.35
C ILE E 269 16.81 40.94 39.67
N LEU E 270 15.91 41.90 39.82
CA LEU E 270 15.95 42.73 41.05
C LEU E 270 15.69 41.81 42.22
N ASN E 271 14.69 40.94 42.11
CA ASN E 271 14.35 40.03 43.23
C ASN E 271 15.54 39.13 43.49
N HIS E 272 16.15 38.61 42.42
CA HIS E 272 17.34 37.74 42.57
C HIS E 272 18.42 38.53 43.30
N SER E 273 18.70 39.75 42.81
CA SER E 273 19.72 40.59 43.41
C SER E 273 19.41 40.87 44.87
N LEU E 274 18.14 41.16 45.18
CA LEU E 274 17.72 41.38 46.56
C LEU E 274 17.95 40.14 47.41
N ARG E 275 17.70 38.96 46.85
CA ARG E 275 17.82 37.74 47.64
C ARG E 275 19.29 37.33 47.81
N LEU E 276 20.12 37.56 46.78
CA LEU E 276 21.57 37.39 46.92
C LEU E 276 22.14 38.27 48.00
N ALA E 277 21.77 39.56 48.00
CA ALA E 277 22.31 40.48 48.98
C ALA E 277 21.80 40.18 50.37
N ALA E 278 20.54 39.77 50.49
CA ALA E 278 19.99 39.42 51.79
C ALA E 278 20.67 38.19 52.38
N MET E 279 20.86 37.15 51.56
CA MET E 279 21.49 35.94 52.09
C MET E 279 22.97 36.16 52.36
N THR E 280 23.63 37.01 51.57
CA THR E 280 25.05 37.30 51.81
C THR E 280 25.22 38.12 53.09
N ALA E 281 24.36 39.13 53.30
CA ALA E 281 24.45 39.95 54.51
C ALA E 281 24.04 39.17 55.74
N HIS E 282 23.14 38.19 55.57
CA HIS E 282 22.77 37.35 56.70
C HIS E 282 23.86 36.34 57.02
N GLY E 283 24.55 35.84 56.00
CA GLY E 283 25.65 34.92 56.24
C GLY E 283 26.86 35.61 56.83
N LYS E 284 27.07 36.88 56.47
CA LYS E 284 28.13 37.68 57.04
C LYS E 284 27.69 38.45 58.27
N GLY E 285 26.43 38.32 58.67
CA GLY E 285 25.91 38.98 59.87
C GLY E 285 25.69 40.46 59.73
N GLU E 286 25.78 41.01 58.53
CA GLU E 286 25.76 42.45 58.31
C GLU E 286 24.42 42.89 57.72
N ARG E 287 24.37 44.18 57.41
CA ARG E 287 23.25 44.78 56.72
C ARG E 287 23.50 44.73 55.22
N VAL E 288 22.42 44.55 54.45
CA VAL E 288 22.47 44.72 53.01
C VAL E 288 22.92 46.14 52.68
N ASN E 289 23.96 46.26 51.86
CA ASN E 289 24.49 47.56 51.50
C ASN E 289 24.77 47.55 50.00
N GLU E 290 25.45 48.59 49.54
CA GLU E 290 25.60 48.82 48.11
C GLU E 290 26.57 47.82 47.48
N ASP E 291 27.60 47.42 48.22
CA ASP E 291 28.63 46.56 47.65
C ASP E 291 28.12 45.14 47.49
N TYR E 292 27.24 44.69 48.39
CA TYR E 292 26.61 43.39 48.22
C TYR E 292 25.73 43.37 46.98
N LEU E 293 25.05 44.48 46.72
CA LEU E 293 24.27 44.63 45.51
C LEU E 293 25.15 44.64 44.27
N ARG E 294 26.33 45.25 44.38
CA ARG E 294 27.26 45.28 43.24
C ARG E 294 27.79 43.90 42.93
N GLN E 295 28.13 43.12 43.96
CA GLN E 295 28.61 41.77 43.73
C GLN E 295 27.50 40.87 43.18
N ALA E 296 26.28 41.05 43.70
CA ALA E 296 25.12 40.32 43.20
C ALA E 296 24.87 40.60 41.73
N PHE E 297 24.91 41.87 41.33
CA PHE E 297 24.71 42.23 39.94
C PHE E 297 25.93 41.86 39.09
N ARG E 298 27.10 41.78 39.71
CA ARG E 298 28.31 41.37 39.03
C ARG E 298 28.26 39.89 38.69
N GLU E 299 27.46 39.13 39.44
CA GLU E 299 27.15 37.76 39.05
C GLU E 299 26.17 37.74 37.88
N LEU E 300 25.63 36.54 37.62
CA LEU E 300 24.50 36.21 36.75
C LEU E 300 24.84 36.23 35.26
N ASP E 301 26.05 36.64 34.87
CA ASP E 301 26.49 36.79 33.49
C ASP E 301 25.52 37.62 32.65
N LEU E 302 25.36 38.87 33.06
CA LEU E 302 24.43 39.75 32.35
C LEU E 302 25.11 40.45 31.18
N ASP E 303 26.42 40.71 31.30
CA ASP E 303 27.22 41.28 30.22
C ASP E 303 28.05 40.22 29.52
N VAL E 304 27.84 38.95 29.85
CA VAL E 304 28.59 37.82 29.28
C VAL E 304 27.66 37.07 28.33
N ASP E 305 28.06 36.94 27.08
CA ASP E 305 27.25 36.31 26.04
C ASP E 305 27.35 34.79 26.11
N LEU F 67 15.36 -68.67 19.43
CA LEU F 67 14.67 -69.18 20.62
C LEU F 67 14.85 -68.36 21.93
N PRO F 68 16.05 -67.84 22.28
CA PRO F 68 16.10 -66.97 23.46
C PRO F 68 15.52 -65.60 23.18
N GLU F 69 15.38 -64.81 24.24
CA GLU F 69 14.94 -63.44 24.10
C GLU F 69 16.03 -62.59 23.46
N PRO F 70 15.67 -61.79 22.45
CA PRO F 70 16.66 -60.88 21.87
C PRO F 70 17.04 -59.79 22.84
N PRO F 71 18.34 -59.52 23.08
CA PRO F 71 18.73 -58.36 23.91
C PRO F 71 18.80 -57.07 23.06
N ARG F 72 18.06 -56.04 23.46
CA ARG F 72 18.01 -54.77 22.67
C ARG F 72 19.36 -54.03 22.66
N PHE F 73 20.08 -54.00 23.79
CA PHE F 73 21.33 -53.20 23.86
C PHE F 73 22.48 -54.07 24.36
N VAL F 74 23.69 -53.87 23.80
CA VAL F 74 24.88 -54.62 24.29
C VAL F 74 26.01 -53.63 24.62
N GLU F 75 26.72 -53.85 25.72
CA GLU F 75 27.90 -52.97 26.00
C GLU F 75 28.96 -53.25 24.92
N THR F 76 29.56 -52.21 24.35
CA THR F 76 30.52 -52.39 23.24
C THR F 76 31.70 -51.45 23.45
N GLN F 77 32.77 -51.61 22.66
CA GLN F 77 33.97 -50.75 22.80
C GLN F 77 33.54 -49.29 22.57
N THR F 78 32.69 -49.05 21.56
CA THR F 78 32.17 -47.68 21.36
C THR F 78 31.34 -47.28 22.58
N VAL F 79 30.54 -48.20 23.10
CA VAL F 79 29.69 -47.91 24.30
C VAL F 79 30.61 -47.57 25.47
N LYS F 80 31.74 -48.27 25.58
CA LYS F 80 32.69 -48.04 26.70
C LYS F 80 33.30 -46.66 26.49
N GLN F 81 33.81 -46.42 25.29
CA GLN F 81 34.38 -45.13 24.95
C GLN F 81 33.41 -43.98 25.22
N ILE F 82 32.18 -44.11 24.75
CA ILE F 82 31.28 -42.97 24.74
C ILE F 82 30.72 -42.75 26.14
N TRP F 83 30.64 -43.80 26.96
CA TRP F 83 30.25 -43.62 28.35
C TRP F 83 31.34 -42.94 29.14
N THR F 84 32.60 -43.25 28.83
CA THR F 84 33.69 -42.59 29.51
C THR F 84 33.73 -41.11 29.11
N SER F 85 33.42 -40.82 27.85
CA SER F 85 33.29 -39.42 27.43
C SER F 85 32.10 -38.75 28.08
N MET F 86 31.02 -39.50 28.28
CA MET F 86 29.80 -38.95 28.86
C MET F 86 30.00 -38.63 30.34
N ARG F 87 30.56 -39.57 31.09
CA ARG F 87 30.86 -39.34 32.50
C ARG F 87 31.97 -38.32 32.67
N PHE F 88 32.86 -38.22 31.68
CA PHE F 88 33.87 -37.18 31.68
C PHE F 88 33.24 -35.80 31.59
N ALA F 89 32.33 -35.61 30.65
CA ALA F 89 31.65 -34.32 30.55
C ALA F 89 30.72 -34.09 31.72
N SER F 90 30.28 -35.17 32.37
CA SER F 90 29.49 -35.06 33.59
C SER F 90 30.29 -34.49 34.75
N LEU F 91 31.32 -35.21 35.19
CA LEU F 91 32.11 -34.76 36.33
C LEU F 91 32.88 -33.50 36.00
N THR F 92 33.33 -33.39 34.76
CA THR F 92 34.02 -32.22 34.25
C THR F 92 33.10 -31.02 34.13
N GLU F 93 31.81 -31.27 33.96
CA GLU F 93 30.77 -30.24 33.85
C GLU F 93 31.06 -29.34 32.67
N SER F 94 31.39 -29.96 31.54
CA SER F 94 31.84 -29.24 30.36
C SER F 94 31.28 -29.91 29.11
N ILE F 95 31.58 -29.33 27.95
CA ILE F 95 30.90 -29.68 26.70
C ILE F 95 31.67 -30.77 25.96
N ALA F 96 30.96 -31.84 25.55
CA ALA F 96 31.51 -32.93 24.76
C ALA F 96 30.72 -33.12 23.48
N VAL F 97 31.38 -32.92 22.34
CA VAL F 97 30.74 -33.04 21.02
C VAL F 97 31.03 -34.43 20.49
N VAL F 98 29.98 -35.16 20.14
CA VAL F 98 30.11 -36.49 19.59
C VAL F 98 29.62 -36.42 18.15
N CYS F 99 30.54 -36.20 17.21
CA CYS F 99 30.22 -36.22 15.80
C CYS F 99 30.68 -37.56 15.24
N GLY F 100 29.82 -38.21 14.45
CA GLY F 100 30.17 -39.52 13.90
C GLY F 100 29.42 -39.79 12.62
N ASN F 101 29.68 -40.94 11.99
CA ASN F 101 28.92 -41.31 10.77
C ASN F 101 27.51 -41.68 11.20
N PRO F 102 26.48 -41.57 10.34
CA PRO F 102 25.12 -41.86 10.77
C PRO F 102 25.01 -43.33 11.20
N GLY F 103 24.15 -43.60 12.19
CA GLY F 103 23.93 -44.99 12.64
C GLY F 103 25.16 -45.67 13.20
N VAL F 104 25.96 -44.95 14.00
CA VAL F 104 27.12 -45.62 14.66
C VAL F 104 26.67 -46.18 16.01
N GLY F 105 25.38 -46.04 16.34
CA GLY F 105 24.84 -46.61 17.59
C GLY F 105 24.92 -45.65 18.77
N LYS F 106 25.36 -44.41 18.53
CA LYS F 106 25.51 -43.42 19.61
C LYS F 106 24.16 -43.08 20.25
N THR F 107 23.11 -42.93 19.44
CA THR F 107 21.82 -42.46 20.01
C THR F 107 21.34 -43.46 21.04
N GLU F 108 21.41 -44.74 20.71
CA GLU F 108 20.88 -45.76 21.66
C GLU F 108 21.70 -45.73 22.94
N ALA F 109 23.02 -45.62 22.81
CA ALA F 109 23.83 -45.73 24.03
C ALA F 109 23.48 -44.60 24.99
N ALA F 110 23.29 -43.41 24.45
CA ALA F 110 22.89 -42.27 25.27
C ALA F 110 21.69 -42.62 26.12
N ARG F 111 20.75 -43.39 25.57
CA ARG F 111 19.58 -43.74 26.36
C ARG F 111 19.91 -44.77 27.41
N GLU F 112 20.90 -45.61 27.15
CA GLU F 112 21.33 -46.54 28.19
C GLU F 112 22.02 -45.80 29.31
N TYR F 113 22.78 -44.75 28.97
CA TYR F 113 23.35 -43.89 30.00
C TYR F 113 22.26 -43.18 30.79
N ARG F 114 21.19 -42.77 30.12
CA ARG F 114 20.09 -42.10 30.79
C ARG F 114 19.35 -43.06 31.71
N ARG F 115 19.26 -44.33 31.30
CA ARG F 115 18.53 -45.30 32.10
C ARG F 115 19.35 -45.75 33.30
N THR F 116 20.67 -45.78 33.17
CA THR F 116 21.48 -46.32 34.26
C THR F 116 21.90 -45.28 35.30
N ASN F 117 21.86 -44.00 34.97
CA ASN F 117 22.50 -42.99 35.79
C ASN F 117 21.49 -41.94 36.25
N ASN F 118 21.73 -41.41 37.44
CA ASN F 118 20.93 -40.33 37.99
C ASN F 118 21.43 -38.97 37.50
N ASN F 119 20.54 -37.97 37.62
CA ASN F 119 20.77 -36.59 37.17
C ASN F 119 21.18 -36.56 35.70
N VAL F 120 20.44 -37.26 34.87
CA VAL F 120 20.71 -37.33 33.45
C VAL F 120 19.43 -36.96 32.73
N TRP F 121 19.55 -36.12 31.71
CA TRP F 121 18.41 -35.78 30.88
C TRP F 121 18.81 -35.81 29.42
N MET F 122 17.81 -36.00 28.58
CA MET F 122 18.03 -36.10 27.15
C MET F 122 16.82 -35.56 26.44
N ILE F 123 17.06 -34.77 25.39
CA ILE F 123 16.03 -34.47 24.42
C ILE F 123 16.50 -35.03 23.08
N THR F 124 15.62 -34.91 22.10
CA THR F 124 16.02 -34.98 20.71
C THR F 124 15.68 -33.65 20.11
N ILE F 125 16.36 -33.27 19.06
CA ILE F 125 16.03 -32.05 18.35
C ILE F 125 15.55 -32.46 16.97
N THR F 126 14.25 -32.43 16.77
CA THR F 126 13.73 -32.30 15.43
C THR F 126 13.99 -30.88 14.97
N PRO F 127 14.24 -30.66 13.67
CA PRO F 127 14.36 -29.28 13.17
C PRO F 127 13.07 -28.48 13.25
N SER F 128 11.93 -29.12 13.54
CA SER F 128 10.74 -28.39 13.95
C SER F 128 10.96 -27.66 15.27
N CYS F 129 11.63 -28.29 16.21
CA CYS F 129 11.84 -27.70 17.54
C CYS F 129 13.19 -27.00 17.64
N ALA F 130 13.68 -26.44 16.53
CA ALA F 130 15.07 -26.00 16.46
C ALA F 130 15.28 -24.55 16.88
N SER F 131 14.29 -23.91 17.48
CA SER F 131 14.46 -22.55 17.98
C SER F 131 15.05 -22.63 19.38
N VAL F 132 15.39 -21.47 19.93
CA VAL F 132 15.81 -21.42 21.33
C VAL F 132 14.61 -21.73 22.22
N LEU F 133 13.46 -21.14 21.87
CA LEU F 133 12.22 -21.28 22.65
C LEU F 133 11.76 -22.72 22.68
N GLU F 134 11.69 -23.35 21.51
CA GLU F 134 11.19 -24.71 21.43
C GLU F 134 12.15 -25.70 22.10
N CYS F 135 13.46 -25.54 21.88
CA CYS F 135 14.42 -26.48 22.43
C CYS F 135 14.51 -26.39 23.94
N LEU F 136 14.53 -25.15 24.46
CA LEU F 136 14.55 -25.00 25.90
C LEU F 136 13.23 -25.46 26.50
N THR F 137 12.13 -25.33 25.76
CA THR F 137 10.87 -25.89 26.21
C THR F 137 10.96 -27.40 26.32
N GLU F 138 11.64 -28.02 25.35
CA GLU F 138 11.80 -29.46 25.36
C GLU F 138 12.62 -29.91 26.56
N LEU F 139 13.70 -29.18 26.84
CA LEU F 139 14.53 -29.50 27.99
C LEU F 139 13.78 -29.28 29.28
N ALA F 140 12.89 -28.28 29.29
CA ALA F 140 12.12 -27.99 30.48
C ALA F 140 11.11 -29.08 30.77
N PHE F 141 10.40 -29.54 29.73
CA PHE F 141 9.48 -30.65 29.94
C PHE F 141 10.25 -31.92 30.26
N GLU F 142 11.48 -32.03 29.78
CA GLU F 142 12.28 -33.17 30.20
C GLU F 142 12.69 -33.04 31.66
N LEU F 143 12.83 -31.81 32.15
CA LEU F 143 13.06 -31.62 33.57
C LEU F 143 11.81 -31.79 34.41
N GLY F 144 10.65 -31.95 33.79
CA GLY F 144 9.43 -32.19 34.54
C GLY F 144 8.71 -30.94 34.99
N MET F 145 9.21 -29.76 34.65
CA MET F 145 8.53 -28.50 34.97
C MET F 145 7.47 -28.24 33.92
N ASN F 146 6.31 -28.87 34.11
CA ASN F 146 5.19 -28.69 33.19
C ASN F 146 4.58 -27.31 33.25
N ASP F 147 4.94 -26.51 34.27
CA ASP F 147 4.49 -25.15 34.45
C ASP F 147 5.46 -24.16 33.81
N ALA F 148 6.11 -24.57 32.74
CA ALA F 148 7.14 -23.75 32.15
C ALA F 148 6.51 -22.62 31.33
N PRO F 149 7.08 -21.43 31.41
CA PRO F 149 6.50 -20.30 30.68
C PRO F 149 6.81 -20.39 29.19
N ARG F 150 5.89 -19.87 28.39
CA ARG F 150 6.03 -19.89 26.94
C ARG F 150 6.85 -18.74 26.41
N ARG F 151 7.40 -17.90 27.28
CA ARG F 151 8.32 -16.86 26.85
C ARG F 151 9.74 -17.43 26.96
N LYS F 152 10.71 -16.79 26.30
CA LYS F 152 12.09 -17.23 26.35
C LYS F 152 12.73 -16.95 27.70
N GLY F 153 12.62 -15.69 28.13
CA GLY F 153 13.26 -15.18 29.32
C GLY F 153 12.94 -15.90 30.61
N PRO F 154 11.67 -15.89 31.03
CA PRO F 154 11.33 -16.58 32.28
C PRO F 154 11.55 -18.07 32.22
N LEU F 155 11.48 -18.65 31.03
CA LEU F 155 11.88 -20.05 30.88
C LEU F 155 13.35 -20.23 31.16
N SER F 156 14.17 -19.34 30.62
CA SER F 156 15.61 -19.41 30.85
C SER F 156 15.92 -19.25 32.33
N ARG F 157 15.19 -18.35 32.99
CA ARG F 157 15.35 -18.18 34.44
C ARG F 157 14.90 -19.42 35.20
N ALA F 158 13.82 -20.06 34.75
CA ALA F 158 13.34 -21.24 35.45
C ALA F 158 14.31 -22.39 35.28
N LEU F 159 14.91 -22.50 34.10
CA LEU F 159 15.94 -23.50 33.88
C LEU F 159 17.16 -23.22 34.74
N ARG F 160 17.50 -21.94 34.86
CA ARG F 160 18.68 -21.56 35.63
C ARG F 160 18.49 -21.85 37.11
N ARG F 161 17.28 -21.68 37.61
CA ARG F 161 17.04 -21.96 39.01
C ARG F 161 16.85 -23.45 39.26
N ARG F 162 16.20 -24.14 38.34
CA ARG F 162 15.91 -25.55 38.51
C ARG F 162 17.15 -26.40 38.36
N LEU F 163 17.97 -26.08 37.39
CA LEU F 163 18.96 -27.02 36.90
C LEU F 163 20.30 -26.86 37.59
N GLU F 164 20.57 -25.68 38.15
CA GLU F 164 21.82 -25.44 38.84
C GLU F 164 21.78 -26.01 40.25
N GLY F 165 22.86 -26.68 40.64
CA GLY F 165 22.95 -27.31 41.93
C GLY F 165 22.56 -28.77 41.97
N THR F 166 22.06 -29.31 40.86
CA THR F 166 21.69 -30.71 40.79
C THR F 166 22.86 -31.60 40.38
N GLN F 167 23.90 -31.02 39.80
CA GLN F 167 25.01 -31.72 39.17
C GLN F 167 24.50 -32.75 38.17
N GLY F 168 23.88 -32.22 37.11
CA GLY F 168 23.26 -33.05 36.11
C GLY F 168 24.03 -33.08 34.80
N LEU F 169 23.46 -33.82 33.85
CA LEU F 169 24.06 -33.98 32.53
C LEU F 169 22.96 -33.91 31.48
N VAL F 170 22.99 -32.84 30.70
CA VAL F 170 22.09 -32.69 29.57
C VAL F 170 22.71 -33.38 28.37
N ILE F 171 21.92 -34.17 27.66
CA ILE F 171 22.35 -34.81 26.43
C ILE F 171 21.54 -34.22 25.29
N ILE F 172 22.22 -33.75 24.25
CA ILE F 172 21.50 -33.16 23.08
C ILE F 172 21.89 -33.94 21.83
N ASP F 173 20.91 -34.47 21.09
CA ASP F 173 21.18 -35.32 19.90
C ASP F 173 20.94 -34.50 18.63
N GLU F 174 21.63 -34.85 17.54
CA GLU F 174 21.50 -34.10 16.26
C GLU F 174 21.89 -32.65 16.47
N ALA F 175 23.07 -32.42 17.06
CA ALA F 175 23.54 -31.06 17.29
C ALA F 175 23.90 -30.31 16.02
N ASP F 176 23.63 -30.88 14.84
CA ASP F 176 23.95 -30.15 13.61
C ASP F 176 22.90 -29.09 13.32
N HIS F 177 21.67 -29.29 13.79
CA HIS F 177 20.57 -28.38 13.50
C HIS F 177 20.46 -27.27 14.53
N LEU F 178 21.56 -26.97 15.23
CA LEU F 178 21.55 -25.91 16.22
C LEU F 178 21.70 -24.56 15.55
N GLY F 179 20.84 -23.63 15.95
CA GLY F 179 21.07 -22.24 15.65
C GLY F 179 22.22 -21.73 16.51
N ALA F 180 22.83 -20.64 16.04
CA ALA F 180 23.94 -20.04 16.77
C ALA F 180 23.45 -19.50 18.11
N GLU F 181 22.28 -18.89 18.13
CA GLU F 181 21.66 -18.47 19.38
C GLU F 181 21.23 -19.67 20.20
N VAL F 182 20.87 -20.77 19.53
CA VAL F 182 20.40 -21.96 20.23
C VAL F 182 21.52 -22.59 21.03
N LEU F 183 22.56 -23.03 20.34
CA LEU F 183 23.76 -23.56 20.97
C LEU F 183 24.45 -22.54 21.87
N GLU F 184 24.32 -21.25 21.52
CA GLU F 184 24.83 -20.17 22.34
C GLU F 184 24.15 -20.13 23.70
N GLU F 185 22.83 -20.23 23.72
CA GLU F 185 22.10 -20.20 24.98
C GLU F 185 22.35 -21.49 25.75
N LEU F 186 22.54 -22.60 25.04
CA LEU F 186 22.86 -23.85 25.72
C LEU F 186 24.22 -23.80 26.40
N ARG F 187 25.24 -23.30 25.70
CA ARG F 187 26.57 -23.27 26.30
C ARG F 187 26.64 -22.28 27.44
N LEU F 188 25.95 -21.13 27.30
CA LEU F 188 25.95 -20.18 28.40
C LEU F 188 25.07 -20.67 29.53
N LEU F 189 24.10 -21.52 29.21
CA LEU F 189 23.31 -22.18 30.24
C LEU F 189 24.18 -23.08 31.09
N GLN F 190 24.73 -24.12 30.47
CA GLN F 190 25.50 -25.11 31.28
C GLN F 190 26.56 -24.35 32.07
N GLU F 191 27.16 -23.34 31.43
CA GLU F 191 28.25 -22.60 32.10
C GLU F 191 27.66 -21.91 33.33
N SER F 192 26.49 -21.28 33.15
CA SER F 192 25.87 -20.55 34.28
C SER F 192 25.04 -21.53 35.10
N THR F 193 25.33 -22.83 34.97
CA THR F 193 24.47 -23.78 35.65
C THR F 193 25.28 -24.82 36.41
N ARG F 194 26.56 -25.00 36.07
CA ARG F 194 27.45 -25.99 36.68
C ARG F 194 26.89 -27.40 36.51
N ILE F 195 26.67 -27.74 35.24
CA ILE F 195 26.07 -29.00 34.80
C ILE F 195 26.84 -29.48 33.58
N GLY F 196 26.34 -30.55 33.00
CA GLY F 196 26.94 -31.07 31.79
C GLY F 196 26.06 -30.93 30.56
N LEU F 197 26.71 -30.58 29.44
CA LEU F 197 26.10 -30.56 28.12
C LEU F 197 26.91 -31.49 27.23
N VAL F 198 26.24 -32.31 26.43
CA VAL F 198 26.90 -33.23 25.51
C VAL F 198 26.19 -33.17 24.18
N LEU F 199 26.93 -32.91 23.11
CA LEU F 199 26.37 -32.81 21.77
C LEU F 199 26.56 -34.11 20.99
N MET F 200 25.56 -34.47 20.18
CA MET F 200 25.60 -35.68 19.37
C MET F 200 25.52 -35.32 17.89
N GLY F 201 25.38 -36.33 17.04
CA GLY F 201 24.98 -36.14 15.65
C GLY F 201 26.10 -36.48 14.67
N ASN F 202 25.96 -36.00 13.44
CA ASN F 202 26.91 -36.28 12.37
C ASN F 202 28.07 -35.29 12.44
N HIS F 203 28.97 -35.42 11.46
CA HIS F 203 30.19 -34.61 11.46
C HIS F 203 29.98 -33.21 10.91
N ARG F 204 28.73 -32.79 10.71
CA ARG F 204 28.48 -31.40 10.32
C ARG F 204 28.53 -30.48 11.53
N VAL F 205 28.53 -31.04 12.74
CA VAL F 205 28.54 -30.22 13.96
C VAL F 205 29.88 -29.54 14.13
N TYR F 206 30.97 -30.29 13.98
CA TYR F 206 32.30 -29.70 14.00
C TYR F 206 32.57 -28.91 12.73
N SER F 207 31.88 -29.24 11.63
CA SER F 207 32.03 -28.48 10.40
C SER F 207 31.37 -27.11 10.48
N ASN F 208 30.37 -26.96 11.35
CA ASN F 208 29.72 -25.66 11.53
C ASN F 208 30.57 -24.69 12.32
N MET F 209 31.64 -25.17 12.95
CA MET F 209 32.58 -24.32 13.66
C MET F 209 33.84 -24.04 12.85
N THR F 210 34.16 -24.91 11.90
CA THR F 210 35.35 -24.75 11.06
C THR F 210 34.98 -24.76 9.58
N THR F 215 35.17 -19.38 13.74
CA THR F 215 35.79 -19.29 15.06
C THR F 215 36.10 -17.85 15.47
N VAL F 216 35.13 -16.97 15.18
CA VAL F 216 34.84 -15.81 16.03
C VAL F 216 33.40 -15.83 16.51
N GLU F 217 32.50 -16.50 15.79
CA GLU F 217 31.14 -16.77 16.24
C GLU F 217 31.07 -18.01 17.11
N PHE F 218 31.98 -18.97 16.88
CA PHE F 218 32.09 -20.17 17.68
C PHE F 218 33.40 -20.23 18.46
N ALA F 219 34.02 -19.08 18.72
CA ALA F 219 35.40 -19.05 19.21
C ALA F 219 35.51 -19.50 20.65
N ARG F 220 34.72 -18.87 21.54
CA ARG F 220 34.72 -19.27 22.94
C ARG F 220 34.11 -20.66 23.11
N LEU F 221 33.27 -21.08 22.16
CA LEU F 221 32.70 -22.41 22.22
C LEU F 221 33.73 -23.47 21.86
N PHE F 222 34.54 -23.22 20.83
CA PHE F 222 35.68 -24.06 20.52
C PHE F 222 36.71 -24.02 21.66
N SER F 223 36.73 -22.93 22.43
CA SER F 223 37.48 -22.91 23.69
C SER F 223 36.83 -23.74 24.80
N ARG F 224 35.53 -24.00 24.72
CA ARG F 224 34.90 -24.79 25.79
C ARG F 224 35.24 -26.27 25.67
N ILE F 225 35.48 -26.77 24.46
CA ILE F 225 35.30 -28.18 24.10
C ILE F 225 36.24 -29.07 24.89
N ALA F 226 35.66 -30.02 25.62
CA ALA F 226 36.38 -30.88 26.53
C ALA F 226 36.87 -32.17 25.89
N LYS F 227 35.97 -32.98 25.36
CA LYS F 227 36.32 -34.27 24.78
C LYS F 227 35.43 -34.53 23.57
N ARG F 228 35.95 -34.22 22.39
CA ARG F 228 35.35 -34.73 21.17
C ARG F 228 35.72 -36.20 21.08
N THR F 229 34.78 -37.00 20.59
CA THR F 229 35.01 -38.40 20.27
C THR F 229 34.32 -38.70 18.95
N ALA F 230 35.11 -38.98 17.91
CA ALA F 230 34.57 -39.29 16.60
C ALA F 230 34.46 -40.80 16.47
N ILE F 231 33.27 -41.28 16.16
CA ILE F 231 33.06 -42.68 15.87
C ILE F 231 32.66 -42.77 14.41
N ASN F 232 33.61 -43.16 13.56
CA ASN F 232 33.34 -43.28 12.14
C ASN F 232 32.59 -44.58 11.86
N LYS F 233 33.20 -45.72 12.18
CA LYS F 233 32.53 -47.00 12.03
C LYS F 233 32.85 -47.87 13.23
N THR F 234 32.38 -49.10 13.15
CA THR F 234 32.48 -50.02 14.27
C THR F 234 33.89 -50.57 14.38
N LYS F 235 34.10 -51.40 15.40
CA LYS F 235 35.33 -52.16 15.49
C LYS F 235 35.01 -53.66 15.47
N LYS F 236 36.07 -54.46 15.55
CA LYS F 236 35.87 -55.91 15.50
C LYS F 236 35.47 -56.44 16.86
N ALA F 237 35.97 -55.83 17.94
CA ALA F 237 35.52 -56.21 19.27
C ALA F 237 34.10 -55.74 19.52
N ASP F 238 33.68 -54.69 18.81
CA ASP F 238 32.30 -54.23 18.82
C ASP F 238 31.36 -55.35 18.38
N VAL F 239 31.54 -55.84 17.14
CA VAL F 239 30.69 -56.91 16.64
C VAL F 239 30.98 -58.23 17.34
N LYS F 240 32.17 -58.36 17.94
CA LYS F 240 32.48 -59.57 18.70
C LYS F 240 31.64 -59.64 19.96
N ALA F 241 31.52 -58.52 20.68
CA ALA F 241 30.65 -58.48 21.85
C ALA F 241 29.18 -58.56 21.43
N ILE F 242 28.87 -58.08 20.23
CA ILE F 242 27.53 -58.28 19.66
C ILE F 242 27.24 -59.77 19.47
N ALA F 243 28.20 -60.50 18.93
CA ALA F 243 28.02 -61.94 18.73
C ALA F 243 28.01 -62.69 20.06
N ASP F 244 28.70 -62.15 21.06
CA ASP F 244 28.65 -62.73 22.41
C ASP F 244 27.28 -62.54 23.03
N ALA F 245 26.69 -61.36 22.83
CA ALA F 245 25.36 -61.10 23.38
C ALA F 245 24.29 -61.88 22.63
N TRP F 246 24.45 -62.06 21.32
CA TRP F 246 23.47 -62.77 20.51
C TRP F 246 23.77 -64.26 20.39
N GLN F 247 24.74 -64.76 21.18
CA GLN F 247 25.10 -66.19 21.25
C GLN F 247 25.48 -66.75 19.88
N ILE F 248 26.39 -66.06 19.22
CA ILE F 248 26.81 -66.40 17.87
C ILE F 248 28.25 -66.91 17.95
N ASN F 249 28.46 -68.12 17.46
CA ASN F 249 29.74 -68.79 17.61
C ASN F 249 30.43 -69.13 16.30
N GLY F 250 29.75 -68.98 15.16
CA GLY F 250 30.37 -69.29 13.88
C GLY F 250 31.41 -68.27 13.47
N GLU F 251 32.56 -68.76 13.00
CA GLU F 251 33.58 -67.86 12.49
C GLU F 251 33.18 -67.32 11.12
N LYS F 252 32.56 -68.16 10.29
CA LYS F 252 31.91 -67.68 9.07
C LYS F 252 30.82 -66.68 9.41
N GLU F 253 30.05 -66.97 10.46
CA GLU F 253 29.04 -66.04 10.96
C GLU F 253 29.69 -64.74 11.44
N LEU F 254 30.83 -64.84 12.12
CA LEU F 254 31.53 -63.65 12.63
C LEU F 254 32.06 -62.79 11.48
N GLU F 255 32.63 -63.42 10.47
CA GLU F 255 33.13 -62.68 9.30
C GLU F 255 31.98 -62.03 8.53
N LEU F 256 30.84 -62.73 8.44
CA LEU F 256 29.70 -62.15 7.76
C LEU F 256 29.12 -60.97 8.53
N LEU F 257 29.09 -61.06 9.87
CA LEU F 257 28.67 -59.94 10.69
C LEU F 257 29.61 -58.75 10.53
N GLN F 258 30.91 -59.02 10.44
CA GLN F 258 31.89 -57.96 10.21
C GLN F 258 31.67 -57.31 8.86
N GLN F 259 31.39 -58.10 7.82
CA GLN F 259 31.16 -57.57 6.48
C GLN F 259 29.88 -56.72 6.44
N ILE F 260 28.88 -57.12 7.21
CA ILE F 260 27.68 -56.29 7.35
C ILE F 260 28.01 -54.99 8.07
N ALA F 261 28.92 -55.07 9.06
CA ALA F 261 29.33 -53.87 9.78
C ALA F 261 30.16 -52.94 8.91
N GLN F 262 30.70 -53.45 7.80
CA GLN F 262 31.44 -52.58 6.90
C GLN F 262 30.50 -51.68 6.09
N LYS F 263 29.23 -52.03 6.00
CA LYS F 263 28.30 -51.21 5.25
C LYS F 263 27.58 -50.23 6.19
N PRO F 264 27.25 -49.02 5.71
CA PRO F 264 26.72 -47.99 6.61
C PRO F 264 25.32 -48.32 7.12
N GLY F 265 24.90 -47.54 8.11
CA GLY F 265 23.80 -47.98 8.94
C GLY F 265 24.23 -49.19 9.73
N ALA F 266 25.51 -49.22 10.09
CA ALA F 266 26.13 -50.43 10.69
C ALA F 266 25.32 -51.04 11.82
N LEU F 267 25.21 -50.35 12.95
CA LEU F 267 24.54 -51.01 14.09
C LEU F 267 23.11 -51.30 13.66
N ARG F 268 22.47 -50.36 12.97
CA ARG F 268 21.04 -50.57 12.61
C ARG F 268 20.90 -51.79 11.69
N ILE F 269 21.71 -51.86 10.64
CA ILE F 269 21.54 -52.97 9.66
C ILE F 269 21.85 -54.27 10.38
N LEU F 270 22.90 -54.26 11.20
CA LEU F 270 23.30 -55.50 11.90
C LEU F 270 22.13 -55.90 12.80
N ASN F 271 21.56 -54.94 13.51
CA ASN F 271 20.44 -55.25 14.45
C ASN F 271 19.27 -55.77 13.63
N HIS F 272 18.99 -55.12 12.49
CA HIS F 272 17.87 -55.56 11.62
C HIS F 272 18.16 -56.99 11.16
N SER F 273 19.37 -57.22 10.66
CA SER F 273 19.75 -58.54 10.19
C SER F 273 19.62 -59.57 11.30
N LEU F 274 20.06 -59.22 12.51
CA LEU F 274 19.93 -60.09 13.67
C LEU F 274 18.46 -60.39 13.96
N ARG F 275 17.60 -59.40 13.81
CA ARG F 275 16.20 -59.60 14.16
C ARG F 275 15.46 -60.38 13.07
N LEU F 276 15.82 -60.15 11.79
CA LEU F 276 15.32 -60.99 10.70
C LEU F 276 15.68 -62.45 10.89
N ALA F 277 16.95 -62.71 11.20
CA ALA F 277 17.38 -64.09 11.35
C ALA F 277 16.77 -64.74 12.58
N ALA F 278 16.61 -63.97 13.66
CA ALA F 278 16.01 -64.53 14.87
C ALA F 278 14.54 -64.87 14.65
N MET F 279 13.79 -63.98 13.99
CA MET F 279 12.38 -64.26 13.78
C MET F 279 12.19 -65.37 12.74
N THR F 280 13.08 -65.46 11.76
CA THR F 280 12.98 -66.53 10.77
C THR F 280 13.31 -67.88 11.38
N ALA F 281 14.35 -67.95 12.21
CA ALA F 281 14.72 -69.20 12.85
C ALA F 281 13.71 -69.60 13.92
N HIS F 282 13.04 -68.62 14.53
CA HIS F 282 11.98 -68.94 15.48
C HIS F 282 10.72 -69.41 14.76
N GLY F 283 10.43 -68.82 13.60
CA GLY F 283 9.27 -69.27 12.84
C GLY F 283 9.47 -70.63 12.21
N LYS F 284 10.72 -70.96 11.86
CA LYS F 284 11.05 -72.26 11.35
C LYS F 284 11.49 -73.24 12.43
N GLY F 285 11.51 -72.79 13.70
CA GLY F 285 11.85 -73.64 14.81
C GLY F 285 13.31 -73.97 14.93
N GLU F 286 14.18 -73.33 14.17
CA GLU F 286 15.58 -73.69 14.08
C GLU F 286 16.46 -72.68 14.81
N ARG F 287 17.76 -72.91 14.70
CA ARG F 287 18.77 -72.00 15.21
C ARG F 287 19.13 -70.99 14.12
N VAL F 288 19.43 -69.77 14.55
CA VAL F 288 20.02 -68.78 13.66
C VAL F 288 21.35 -69.32 13.13
N ASN F 289 21.49 -69.32 11.81
CA ASN F 289 22.70 -69.82 11.18
C ASN F 289 23.10 -68.86 10.08
N GLU F 290 24.07 -69.27 9.26
CA GLU F 290 24.70 -68.36 8.30
C GLU F 290 23.77 -68.06 7.14
N ASP F 291 22.95 -69.03 6.73
CA ASP F 291 22.11 -68.85 5.56
C ASP F 291 20.94 -67.91 5.84
N TYR F 292 20.44 -67.93 7.08
CA TYR F 292 19.41 -66.98 7.48
C TYR F 292 19.96 -65.56 7.46
N LEU F 293 21.22 -65.40 7.86
CA LEU F 293 21.89 -64.13 7.79
C LEU F 293 22.11 -63.69 6.35
N ARG F 294 22.40 -64.65 5.46
CA ARG F 294 22.58 -64.32 4.05
C ARG F 294 21.29 -63.86 3.42
N GLN F 295 20.17 -64.53 3.73
CA GLN F 295 18.89 -64.12 3.19
C GLN F 295 18.46 -62.76 3.76
N ALA F 296 18.73 -62.54 5.05
CA ALA F 296 18.44 -61.26 5.69
C ALA F 296 19.21 -60.12 5.04
N PHE F 297 20.50 -60.33 4.78
CA PHE F 297 21.32 -59.30 4.13
C PHE F 297 20.98 -59.20 2.64
N ARG F 298 20.47 -60.28 2.06
CA ARG F 298 20.04 -60.29 0.67
C ARG F 298 18.78 -59.45 0.49
N GLU F 299 18.02 -59.28 1.57
CA GLU F 299 16.94 -58.31 1.57
C GLU F 299 17.48 -56.89 1.69
N LEU F 300 16.56 -55.95 1.95
CA LEU F 300 16.76 -54.56 2.34
C LEU F 300 17.17 -53.64 1.19
N ASP F 301 17.42 -54.17 0.00
CA ASP F 301 17.89 -53.43 -1.18
C ASP F 301 19.13 -52.58 -0.88
N LEU F 302 20.20 -53.27 -0.48
CA LEU F 302 21.43 -52.56 -0.14
C LEU F 302 22.30 -52.32 -1.37
N ASP F 303 22.23 -53.23 -2.35
CA ASP F 303 22.93 -53.07 -3.62
C ASP F 303 21.98 -52.61 -4.72
N VAL F 304 20.75 -52.26 -4.38
CA VAL F 304 19.73 -51.83 -5.33
C VAL F 304 19.52 -50.33 -5.14
N ASP F 305 19.70 -49.56 -6.22
CA ASP F 305 19.60 -48.12 -6.18
C ASP F 305 18.15 -47.65 -6.23
N LEU G 67 -25.33 -68.52 -1.47
CA LEU G 67 -26.07 -68.96 -0.28
C LEU G 67 -25.34 -68.84 1.08
N PRO G 68 -24.05 -69.19 1.21
CA PRO G 68 -23.37 -68.94 2.49
C PRO G 68 -23.09 -67.46 2.69
N GLU G 69 -22.65 -67.13 3.90
CA GLU G 69 -22.22 -65.78 4.21
C GLU G 69 -20.90 -65.48 3.50
N PRO G 70 -20.81 -64.32 2.83
CA PRO G 70 -19.54 -63.93 2.23
C PRO G 70 -18.51 -63.61 3.29
N PRO G 71 -17.27 -64.15 3.22
CA PRO G 71 -16.20 -63.72 4.15
C PRO G 71 -15.51 -62.46 3.63
N ARG G 72 -15.50 -61.38 4.43
CA ARG G 72 -14.90 -60.09 3.99
C ARG G 72 -13.38 -60.20 3.79
N PHE G 73 -12.67 -60.92 4.66
CA PHE G 73 -11.18 -60.95 4.56
C PHE G 73 -10.69 -62.40 4.49
N VAL G 74 -9.65 -62.66 3.70
CA VAL G 74 -9.07 -64.03 3.64
C VAL G 74 -7.56 -63.95 3.87
N GLU G 75 -6.98 -64.90 4.62
CA GLU G 75 -5.50 -64.93 4.75
C GLU G 75 -4.91 -65.25 3.39
N THR G 76 -3.87 -64.56 2.97
CA THR G 76 -3.29 -64.75 1.61
C THR G 76 -1.77 -64.79 1.70
N GLN G 77 -1.10 -65.17 0.61
CA GLN G 77 0.38 -65.19 0.60
C GLN G 77 0.88 -63.77 0.88
N THR G 78 0.25 -62.76 0.28
CA THR G 78 0.63 -61.36 0.61
C THR G 78 0.32 -61.10 2.08
N VAL G 79 -0.83 -61.58 2.56
CA VAL G 79 -1.24 -61.34 3.97
C VAL G 79 -0.21 -61.99 4.90
N LYS G 80 0.30 -63.17 4.53
CA LYS G 80 1.29 -63.89 5.37
C LYS G 80 2.57 -63.07 5.34
N GLN G 81 3.04 -62.77 4.13
CA GLN G 81 4.23 -61.95 3.96
C GLN G 81 4.13 -60.64 4.73
N ILE G 82 3.02 -59.93 4.57
CA ILE G 82 2.95 -58.57 5.07
C ILE G 82 2.76 -58.57 6.58
N TRP G 83 2.16 -59.63 7.12
CA TRP G 83 2.07 -59.74 8.57
C TRP G 83 3.42 -60.06 9.18
N THR G 84 4.22 -60.85 8.49
CA THR G 84 5.56 -61.13 8.98
C THR G 84 6.41 -59.87 8.93
N SER G 85 6.21 -59.05 7.90
CA SER G 85 6.88 -57.75 7.85
C SER G 85 6.38 -56.81 8.94
N MET G 86 5.08 -56.90 9.23
CA MET G 86 4.46 -56.03 10.23
C MET G 86 4.95 -56.38 11.63
N ARG G 87 4.91 -57.67 11.98
CA ARG G 87 5.42 -58.12 13.28
C ARG G 87 6.93 -57.95 13.37
N PHE G 88 7.61 -58.01 12.22
CA PHE G 88 9.04 -57.73 12.19
C PHE G 88 9.33 -56.29 12.58
N ALA G 89 8.61 -55.34 11.98
CA ALA G 89 8.81 -53.94 12.35
C ALA G 89 8.29 -53.68 13.76
N SER G 90 7.37 -54.52 14.24
CA SER G 90 6.90 -54.42 15.62
C SER G 90 7.98 -54.78 16.62
N LEU G 91 8.44 -56.03 16.59
CA LEU G 91 9.44 -56.49 17.56
C LEU G 91 10.77 -55.79 17.33
N THR G 92 11.09 -55.52 16.07
CA THR G 92 12.28 -54.81 15.67
C THR G 92 12.22 -53.34 16.08
N GLU G 93 11.01 -52.79 16.21
CA GLU G 93 10.77 -51.41 16.61
C GLU G 93 11.42 -50.45 15.63
N SER G 94 11.22 -50.73 14.35
CA SER G 94 11.90 -50.01 13.28
C SER G 94 10.94 -49.82 12.11
N ILE G 95 11.41 -49.15 11.07
CA ILE G 95 10.55 -48.64 10.00
C ILE G 95 10.47 -49.65 8.86
N ALA G 96 9.25 -49.97 8.42
CA ALA G 96 8.99 -50.84 7.29
C ALA G 96 8.12 -50.15 6.26
N VAL G 97 8.66 -49.94 5.06
CA VAL G 97 7.96 -49.27 3.97
C VAL G 97 7.33 -50.33 3.07
N VAL G 98 6.04 -50.23 2.86
CA VAL G 98 5.31 -51.15 2.00
C VAL G 98 4.83 -50.35 0.81
N CYS G 99 5.61 -50.35 -0.26
CA CYS G 99 5.23 -49.72 -1.51
C CYS G 99 4.77 -50.82 -2.47
N GLY G 100 3.62 -50.60 -3.12
CA GLY G 100 3.10 -51.64 -4.02
C GLY G 100 2.21 -51.03 -5.08
N ASN G 101 1.69 -51.85 -5.99
CA ASN G 101 0.74 -51.31 -7.01
C ASN G 101 -0.58 -51.01 -6.30
N PRO G 102 -1.42 -50.09 -6.80
CA PRO G 102 -2.64 -49.75 -6.11
C PRO G 102 -3.56 -50.98 -6.00
N GLY G 103 -4.32 -51.07 -4.91
CA GLY G 103 -5.27 -52.19 -4.74
C GLY G 103 -4.62 -53.56 -4.69
N VAL G 104 -3.49 -53.68 -4.01
CA VAL G 104 -2.88 -55.04 -3.84
C VAL G 104 -3.47 -55.69 -2.59
N GLY G 105 -4.40 -55.01 -1.92
CA GLY G 105 -5.07 -55.57 -0.72
C GLY G 105 -4.34 -55.24 0.56
N LYS G 106 -3.30 -54.41 0.50
CA LYS G 106 -2.49 -54.07 1.69
C LYS G 106 -3.32 -53.33 2.74
N THR G 107 -4.15 -52.39 2.32
CA THR G 107 -4.86 -51.55 3.31
C THR G 107 -5.73 -52.45 4.19
N GLU G 108 -6.46 -53.38 3.56
CA GLU G 108 -7.39 -54.22 4.34
C GLU G 108 -6.60 -55.06 5.33
N ALA G 109 -5.47 -55.63 4.88
CA ALA G 109 -4.77 -56.57 5.77
C ALA G 109 -4.30 -55.82 7.01
N ALA G 110 -3.78 -54.61 6.81
CA ALA G 110 -3.37 -53.80 7.95
C ALA G 110 -4.47 -53.73 9.00
N ARG G 111 -5.72 -53.65 8.55
CA ARG G 111 -6.81 -53.57 9.52
C ARG G 111 -7.05 -54.91 10.19
N GLU G 112 -6.75 -56.00 9.50
CA GLU G 112 -6.85 -57.29 10.14
C GLU G 112 -5.76 -57.46 11.18
N TYR G 113 -4.58 -56.91 10.89
CA TYR G 113 -3.52 -56.89 11.90
C TYR G 113 -3.92 -56.03 13.09
N ARG G 114 -4.61 -54.93 12.84
CA ARG G 114 -5.04 -54.06 13.92
C ARG G 114 -6.12 -54.73 14.75
N ARG G 115 -6.97 -55.53 14.10
CA ARG G 115 -8.05 -56.18 14.81
C ARG G 115 -7.54 -57.36 15.64
N THR G 116 -6.51 -58.05 15.16
CA THR G 116 -6.06 -59.25 15.83
C THR G 116 -5.03 -59.01 16.93
N ASN G 117 -4.34 -57.87 16.93
CA ASN G 117 -3.16 -57.70 17.76
C ASN G 117 -3.33 -56.50 18.69
N ASN G 118 -2.71 -56.61 19.87
CA ASN G 118 -2.69 -55.53 20.84
C ASN G 118 -1.54 -54.56 20.55
N ASN G 119 -1.67 -53.36 21.12
CA ASN G 119 -0.72 -52.25 20.95
C ASN G 119 -0.50 -51.95 19.47
N VAL G 120 -1.58 -51.82 18.73
CA VAL G 120 -1.53 -51.54 17.31
C VAL G 120 -2.41 -50.34 17.05
N TRP G 121 -1.93 -49.40 16.26
CA TRP G 121 -2.73 -48.26 15.86
C TRP G 121 -2.55 -47.99 14.39
N MET G 122 -3.55 -47.33 13.82
CA MET G 122 -3.55 -47.05 12.40
C MET G 122 -4.27 -45.74 12.17
N ILE G 123 -3.72 -44.92 11.30
CA ILE G 123 -4.47 -43.82 10.73
C ILE G 123 -4.54 -44.04 9.23
N THR G 124 -5.26 -43.15 8.57
CA THR G 124 -5.11 -42.96 7.15
C THR G 124 -4.66 -41.53 6.97
N ILE G 125 -3.98 -41.24 5.88
CA ILE G 125 -3.60 -39.87 5.59
C ILE G 125 -4.35 -39.47 4.33
N THR G 126 -5.41 -38.70 4.50
CA THR G 126 -5.87 -37.88 3.40
C THR G 126 -4.87 -36.75 3.22
N PRO G 127 -4.66 -36.28 2.00
CA PRO G 127 -3.81 -35.09 1.80
C PRO G 127 -4.37 -33.81 2.41
N SER G 128 -5.64 -33.81 2.83
CA SER G 128 -6.15 -32.76 3.70
C SER G 128 -5.43 -32.74 5.03
N CYS G 129 -5.16 -33.91 5.61
CA CYS G 129 -4.53 -34.01 6.92
C CYS G 129 -3.03 -34.20 6.82
N ALA G 130 -2.39 -33.65 5.78
CA ALA G 130 -1.03 -33.99 5.43
C ALA G 130 0.02 -33.12 6.11
N SER G 131 -0.36 -32.29 7.08
CA SER G 131 0.62 -31.51 7.81
C SER G 131 1.17 -32.35 8.94
N VAL G 132 2.17 -31.80 9.63
CA VAL G 132 2.66 -32.44 10.84
C VAL G 132 1.59 -32.36 11.92
N LEU G 133 0.98 -31.18 12.04
CA LEU G 133 -0.03 -30.91 13.06
C LEU G 133 -1.25 -31.80 12.88
N GLU G 134 -1.77 -31.86 11.67
CA GLU G 134 -2.98 -32.64 11.41
C GLU G 134 -2.71 -34.13 11.57
N CYS G 135 -1.58 -34.62 11.04
CA CYS G 135 -1.31 -36.05 11.09
C CYS G 135 -1.03 -36.52 12.51
N LEU G 136 -0.25 -35.75 13.26
CA LEU G 136 -0.03 -36.13 14.65
C LEU G 136 -1.31 -36.00 15.47
N THR G 137 -2.19 -35.08 15.09
CA THR G 137 -3.49 -34.99 15.73
C THR G 137 -4.29 -36.26 15.45
N GLU G 138 -4.18 -36.78 14.23
CA GLU G 138 -4.90 -38.00 13.86
C GLU G 138 -4.38 -39.18 14.68
N LEU G 139 -3.06 -39.27 14.80
CA LEU G 139 -2.47 -40.34 15.59
C LEU G 139 -2.84 -40.20 17.06
N ALA G 140 -2.97 -38.96 17.53
CA ALA G 140 -3.32 -38.73 18.92
C ALA G 140 -4.74 -39.15 19.21
N PHE G 141 -5.67 -38.79 18.32
CA PHE G 141 -7.05 -39.25 18.51
C PHE G 141 -7.14 -40.75 18.32
N GLU G 142 -6.25 -41.33 17.52
CA GLU G 142 -6.23 -42.78 17.45
C GLU G 142 -5.69 -43.38 18.74
N LEU G 143 -4.82 -42.65 19.43
CA LEU G 143 -4.39 -43.10 20.74
C LEU G 143 -5.42 -42.85 21.83
N GLY G 144 -6.52 -42.17 21.52
CA GLY G 144 -7.57 -41.96 22.48
C GLY G 144 -7.38 -40.77 23.39
N MET G 145 -6.32 -39.98 23.19
CA MET G 145 -6.12 -38.77 23.96
C MET G 145 -6.92 -37.64 23.32
N ASN G 146 -8.21 -37.59 23.67
CA ASN G 146 -9.09 -36.56 23.14
C ASN G 146 -8.77 -35.18 23.67
N ASP G 147 -7.93 -35.09 24.70
CA ASP G 147 -7.48 -33.85 25.30
C ASP G 147 -6.18 -33.37 24.67
N ALA G 148 -5.98 -33.67 23.40
CA ALA G 148 -4.73 -33.36 22.76
C ALA G 148 -4.66 -31.88 22.42
N PRO G 149 -3.50 -31.26 22.61
CA PRO G 149 -3.37 -29.84 22.33
C PRO G 149 -3.32 -29.58 20.83
N ARG G 150 -3.82 -28.41 20.45
CA ARG G 150 -3.85 -28.01 19.05
C ARG G 150 -2.56 -27.37 18.58
N ARG G 151 -1.56 -27.28 19.45
CA ARG G 151 -0.25 -26.82 19.03
C ARG G 151 0.58 -28.04 18.62
N LYS G 152 1.67 -27.83 17.89
CA LYS G 152 2.54 -28.91 17.48
C LYS G 152 3.34 -29.48 18.63
N GLY G 153 4.03 -28.59 19.35
CA GLY G 153 4.94 -28.92 20.40
C GLY G 153 4.39 -29.75 21.54
N PRO G 154 3.39 -29.23 22.27
CA PRO G 154 2.84 -30.00 23.38
C PRO G 154 2.15 -31.26 22.93
N LEU G 155 1.64 -31.28 21.70
CA LEU G 155 1.13 -32.53 21.14
C LEU G 155 2.25 -33.53 20.97
N SER G 156 3.39 -33.09 20.44
CA SER G 156 4.53 -33.98 20.27
C SER G 156 5.01 -34.52 21.60
N ARG G 157 5.00 -33.65 22.63
CA ARG G 157 5.35 -34.10 23.97
C ARG G 157 4.34 -35.07 24.54
N ALA G 158 3.05 -34.86 24.26
CA ALA G 158 2.04 -35.77 24.77
C ALA G 158 2.14 -37.12 24.10
N LEU G 159 2.45 -37.12 22.80
CA LEU G 159 2.69 -38.37 22.09
C LEU G 159 3.91 -39.07 22.63
N ARG G 160 4.95 -38.30 22.95
CA ARG G 160 6.19 -38.88 23.44
C ARG G 160 6.00 -39.50 24.81
N ARG G 161 5.16 -38.90 25.65
CA ARG G 161 4.94 -39.47 26.96
C ARG G 161 3.94 -40.62 26.91
N ARG G 162 2.92 -40.51 26.06
CA ARG G 162 1.89 -41.52 25.98
C ARG G 162 2.38 -42.78 25.33
N LEU G 163 3.14 -42.63 24.26
CA LEU G 163 3.35 -43.72 23.34
C LEU G 163 4.59 -44.54 23.66
N GLU G 164 5.55 -43.95 24.38
CA GLU G 164 6.76 -44.64 24.75
C GLU G 164 6.52 -45.54 25.95
N GLY G 165 7.05 -46.76 25.88
CA GLY G 165 6.86 -47.73 26.93
C GLY G 165 5.71 -48.68 26.73
N THR G 166 4.89 -48.47 25.70
CA THR G 166 3.77 -49.36 25.43
C THR G 166 4.15 -50.52 24.53
N GLN G 167 5.29 -50.42 23.84
CA GLN G 167 5.72 -51.33 22.79
C GLN G 167 4.62 -51.53 21.76
N GLY G 168 4.33 -50.45 21.05
CA GLY G 168 3.26 -50.43 20.09
C GLY G 168 3.74 -50.41 18.65
N LEU G 169 2.76 -50.37 17.74
CA LEU G 169 3.04 -50.37 16.31
C LEU G 169 2.10 -49.37 15.64
N VAL G 170 2.67 -48.30 15.14
CA VAL G 170 1.94 -47.33 14.35
C VAL G 170 1.93 -47.78 12.90
N ILE G 171 0.76 -47.75 12.28
CA ILE G 171 0.63 -48.07 10.86
C ILE G 171 0.21 -46.80 10.14
N ILE G 172 0.93 -46.42 9.09
CA ILE G 172 0.52 -45.21 8.32
C ILE G 172 0.27 -45.59 6.86
N ASP G 173 -0.92 -45.26 6.33
CA ASP G 173 -1.31 -45.62 4.95
C ASP G 173 -1.06 -44.43 4.02
N GLU G 174 -0.81 -44.69 2.74
CA GLU G 174 -0.58 -43.61 1.74
C GLU G 174 0.63 -42.77 2.16
N ALA G 175 1.76 -43.42 2.43
CA ALA G 175 2.95 -42.69 2.84
C ALA G 175 3.57 -41.86 1.70
N ASP G 176 2.92 -41.77 0.54
CA ASP G 176 3.48 -40.95 -0.52
C ASP G 176 3.22 -39.47 -0.29
N HIS G 177 2.15 -39.14 0.44
CA HIS G 177 1.77 -37.76 0.66
C HIS G 177 2.41 -37.18 1.91
N LEU G 178 3.53 -37.75 2.35
CA LEU G 178 4.24 -37.26 3.51
C LEU G 178 5.09 -36.05 3.16
N GLY G 179 4.97 -35.01 3.95
CA GLY G 179 5.94 -33.93 3.93
C GLY G 179 7.23 -34.43 4.54
N ALA G 180 8.31 -33.74 4.19
CA ALA G 180 9.63 -34.10 4.72
C ALA G 180 9.69 -33.88 6.23
N GLU G 181 9.08 -32.78 6.69
CA GLU G 181 8.94 -32.56 8.12
C GLU G 181 7.96 -33.54 8.74
N VAL G 182 6.98 -33.99 7.96
CA VAL G 182 5.96 -34.91 8.46
C VAL G 182 6.58 -36.26 8.78
N LEU G 183 7.10 -36.92 7.75
CA LEU G 183 7.82 -38.17 7.91
C LEU G 183 9.04 -38.03 8.79
N GLU G 184 9.66 -36.85 8.79
CA GLU G 184 10.78 -36.54 9.67
C GLU G 184 10.37 -36.62 11.14
N GLU G 185 9.25 -36.00 11.48
CA GLU G 185 8.79 -36.03 12.86
C GLU G 185 8.31 -37.42 13.24
N LEU G 186 7.76 -38.15 12.26
CA LEU G 186 7.35 -39.53 12.53
C LEU G 186 8.54 -40.44 12.81
N ARG G 187 9.59 -40.34 12.01
CA ARG G 187 10.74 -41.21 12.21
C ARG G 187 11.48 -40.85 13.49
N LEU G 188 11.58 -39.56 13.81
CA LEU G 188 12.22 -39.17 15.05
C LEU G 188 11.33 -39.48 16.23
N LEU G 189 10.02 -39.53 16.00
CA LEU G 189 9.09 -39.97 17.03
C LEU G 189 9.35 -41.42 17.38
N GLN G 190 9.12 -42.32 16.43
CA GLN G 190 9.26 -43.76 16.76
C GLN G 190 10.65 -43.98 17.34
N GLU G 191 11.63 -43.26 16.78
CA GLU G 191 13.03 -43.44 17.24
C GLU G 191 13.07 -43.02 18.70
N SER G 192 12.40 -41.92 19.03
CA SER G 192 12.43 -41.38 20.41
C SER G 192 11.24 -41.95 21.18
N THR G 193 10.77 -43.13 20.78
CA THR G 193 9.59 -43.65 21.42
C THR G 193 9.70 -45.15 21.68
N ARG G 194 10.60 -45.86 20.99
CA ARG G 194 10.81 -47.30 21.11
C ARG G 194 9.51 -48.05 20.78
N ILE G 195 9.02 -47.77 19.57
CA ILE G 195 7.77 -48.30 19.03
C ILE G 195 7.99 -48.66 17.57
N GLY G 196 6.92 -49.05 16.91
CA GLY G 196 6.99 -49.36 15.51
C GLY G 196 6.26 -48.37 14.62
N LEU G 197 6.88 -48.05 13.49
CA LEU G 197 6.29 -47.28 12.42
C LEU G 197 6.32 -48.12 11.15
N VAL G 198 5.22 -48.15 10.40
CA VAL G 198 5.15 -48.91 9.15
C VAL G 198 4.48 -48.04 8.10
N LEU G 199 5.14 -47.87 6.96
CA LEU G 199 4.63 -47.05 5.87
C LEU G 199 3.95 -47.91 4.81
N MET G 200 2.87 -47.38 4.23
CA MET G 200 2.12 -48.08 3.19
C MET G 200 2.13 -47.24 1.90
N GLY G 201 1.34 -47.68 0.91
CA GLY G 201 1.02 -46.86 -0.24
C GLY G 201 1.64 -47.38 -1.53
N ASN G 202 1.69 -46.52 -2.54
CA ASN G 202 2.20 -46.88 -3.85
C ASN G 202 3.72 -46.74 -3.89
N HIS G 203 4.29 -46.98 -5.06
CA HIS G 203 5.75 -46.99 -5.21
C HIS G 203 6.34 -45.60 -5.35
N ARG G 204 5.56 -44.53 -5.11
CA ARG G 204 6.12 -43.19 -5.09
C ARG G 204 6.81 -42.91 -3.77
N VAL G 205 6.60 -43.75 -2.75
CA VAL G 205 7.18 -43.53 -1.44
C VAL G 205 8.69 -43.76 -1.47
N TYR G 206 9.11 -44.86 -2.08
CA TYR G 206 10.53 -45.10 -2.28
C TYR G 206 11.10 -44.20 -3.37
N SER G 207 10.25 -43.73 -4.28
CA SER G 207 10.70 -42.80 -5.31
C SER G 207 10.97 -41.41 -4.75
N ASN G 208 10.33 -41.06 -3.63
CA ASN G 208 10.57 -39.76 -3.01
C ASN G 208 11.90 -39.72 -2.27
N MET G 209 12.54 -40.87 -2.07
CA MET G 209 13.86 -40.93 -1.46
C MET G 209 14.96 -41.10 -2.49
N THR G 210 14.64 -41.64 -3.67
CA THR G 210 15.61 -41.84 -4.73
C THR G 210 15.18 -41.16 -6.02
N THR G 215 18.83 -38.46 -0.97
CA THR G 215 19.50 -39.15 0.13
C THR G 215 20.63 -38.32 0.75
N VAL G 216 20.34 -37.04 0.94
CA VAL G 216 20.84 -36.26 2.07
C VAL G 216 19.70 -35.68 2.91
N GLU G 217 18.53 -35.49 2.32
CA GLU G 217 17.31 -35.14 3.04
C GLU G 217 16.61 -36.37 3.59
N PHE G 218 16.76 -37.52 2.93
CA PHE G 218 16.22 -38.79 3.38
C PHE G 218 17.33 -39.79 3.73
N ALA G 219 18.53 -39.30 4.07
CA ALA G 219 19.70 -40.17 4.17
C ALA G 219 19.64 -41.06 5.40
N ARG G 220 19.47 -40.45 6.59
CA ARG G 220 19.35 -41.23 7.82
C ARG G 220 18.07 -42.06 7.82
N LEU G 221 17.06 -41.62 7.06
CA LEU G 221 15.82 -42.38 6.95
C LEU G 221 16.01 -43.63 6.11
N PHE G 222 16.72 -43.51 4.99
CA PHE G 222 17.13 -44.67 4.21
C PHE G 222 18.09 -45.56 5.00
N SER G 223 18.66 -45.01 6.09
CA SER G 223 19.51 -45.83 6.98
C SER G 223 18.65 -46.60 7.99
N ARG G 224 17.53 -46.03 8.42
CA ARG G 224 16.59 -46.73 9.35
C ARG G 224 15.94 -47.93 8.67
N ILE G 225 15.56 -47.82 7.39
CA ILE G 225 14.79 -48.90 6.68
C ILE G 225 15.12 -50.30 7.18
N ALA G 226 14.10 -51.03 7.65
CA ALA G 226 14.27 -52.40 8.12
C ALA G 226 13.87 -53.44 7.08
N LYS G 227 12.62 -53.43 6.66
CA LYS G 227 12.09 -54.41 5.72
C LYS G 227 11.12 -53.75 4.77
N ARG G 228 11.60 -53.39 3.60
CA ARG G 228 10.72 -53.05 2.50
C ARG G 228 10.15 -54.37 1.98
N THR G 229 8.88 -54.34 1.59
CA THR G 229 8.22 -55.45 0.91
C THR G 229 7.39 -54.87 -0.21
N ALA G 230 7.76 -55.15 -1.44
CA ALA G 230 7.02 -54.67 -2.60
C ALA G 230 6.05 -55.76 -3.04
N ILE G 231 4.78 -55.41 -3.12
CA ILE G 231 3.76 -56.29 -3.66
C ILE G 231 3.26 -55.65 -4.95
N ASN G 232 3.73 -56.17 -6.07
CA ASN G 232 3.31 -55.65 -7.36
C ASN G 232 1.93 -56.18 -7.72
N LYS G 233 1.79 -57.49 -7.83
CA LYS G 233 0.49 -58.09 -8.09
C LYS G 233 0.34 -59.34 -7.24
N THR G 234 -0.77 -60.03 -7.47
CA THR G 234 -1.11 -61.18 -6.65
C THR G 234 -0.28 -62.39 -7.05
N LYS G 235 -0.50 -63.49 -6.33
CA LYS G 235 0.06 -64.76 -6.75
C LYS G 235 -1.07 -65.76 -7.02
N LYS G 236 -0.68 -66.97 -7.41
CA LYS G 236 -1.67 -67.98 -7.73
C LYS G 236 -2.19 -68.64 -6.46
N ALA G 237 -1.33 -68.80 -5.45
CA ALA G 237 -1.79 -69.30 -4.17
C ALA G 237 -2.65 -68.27 -3.46
N ASP G 238 -2.44 -66.99 -3.77
CA ASP G 238 -3.29 -65.91 -3.29
C ASP G 238 -4.74 -66.15 -3.71
N VAL G 239 -4.99 -66.21 -5.02
CA VAL G 239 -6.35 -66.42 -5.51
C VAL G 239 -6.81 -67.85 -5.24
N LYS G 240 -5.88 -68.78 -5.01
CA LYS G 240 -6.26 -70.13 -4.65
C LYS G 240 -6.87 -70.19 -3.26
N ALA G 241 -6.25 -69.48 -2.30
CA ALA G 241 -6.84 -69.39 -0.98
C ALA G 241 -8.10 -68.54 -0.99
N ILE G 242 -8.18 -67.59 -1.93
CA ILE G 242 -9.43 -66.86 -2.14
C ILE G 242 -10.54 -67.81 -2.58
N ALA G 243 -10.24 -68.70 -3.51
CA ALA G 243 -11.25 -69.66 -3.98
C ALA G 243 -11.57 -70.69 -2.89
N ASP G 244 -10.61 -70.98 -2.02
CA ASP G 244 -10.87 -71.85 -0.88
C ASP G 244 -11.81 -71.18 0.12
N ALA G 245 -11.62 -69.89 0.35
CA ALA G 245 -12.50 -69.18 1.27
C ALA G 245 -13.88 -68.96 0.68
N TRP G 246 -13.97 -68.76 -0.62
CA TRP G 246 -15.24 -68.52 -1.29
C TRP G 246 -15.88 -69.81 -1.80
N GLN G 247 -15.32 -70.97 -1.44
CA GLN G 247 -15.85 -72.30 -1.79
C GLN G 247 -16.00 -72.48 -3.30
N ILE G 248 -14.91 -72.20 -4.00
CA ILE G 248 -14.89 -72.23 -5.46
C ILE G 248 -14.02 -73.40 -5.87
N ASN G 249 -14.59 -74.31 -6.68
CA ASN G 249 -13.94 -75.55 -7.03
C ASN G 249 -13.69 -75.72 -8.51
N GLY G 250 -14.25 -74.88 -9.37
CA GLY G 250 -14.06 -75.00 -10.79
C GLY G 250 -12.66 -74.63 -11.23
N GLU G 251 -12.05 -75.45 -12.08
CA GLU G 251 -10.74 -75.11 -12.63
C GLU G 251 -10.88 -74.02 -13.69
N LYS G 252 -11.95 -74.06 -14.48
CA LYS G 252 -12.30 -72.94 -15.35
C LYS G 252 -12.56 -71.70 -14.52
N GLU G 253 -13.26 -71.87 -13.39
CA GLU G 253 -13.49 -70.79 -12.45
C GLU G 253 -12.18 -70.27 -11.88
N LEU G 254 -11.24 -71.19 -11.56
CA LEU G 254 -9.95 -70.79 -11.02
C LEU G 254 -9.13 -70.00 -12.02
N GLU G 255 -9.12 -70.46 -13.28
CA GLU G 255 -8.39 -69.74 -14.33
C GLU G 255 -9.01 -68.38 -14.60
N LEU G 256 -10.33 -68.29 -14.54
CA LEU G 256 -10.99 -67.01 -14.75
C LEU G 256 -10.69 -66.05 -13.61
N LEU G 257 -10.66 -66.56 -12.37
CA LEU G 257 -10.27 -65.73 -11.23
C LEU G 257 -8.84 -65.24 -11.36
N GLN G 258 -7.96 -66.11 -11.86
CA GLN G 258 -6.57 -65.71 -12.09
C GLN G 258 -6.48 -64.62 -13.16
N GLN G 259 -7.27 -64.75 -14.23
CA GLN G 259 -7.26 -63.76 -15.30
C GLN G 259 -7.80 -62.43 -14.81
N ILE G 260 -8.78 -62.46 -13.91
CA ILE G 260 -9.25 -61.23 -13.28
C ILE G 260 -8.16 -60.64 -12.40
N ALA G 261 -7.40 -61.51 -11.73
CA ALA G 261 -6.29 -61.03 -10.89
C ALA G 261 -5.16 -60.44 -11.72
N GLN G 262 -5.12 -60.74 -13.01
CA GLN G 262 -4.10 -60.15 -13.87
C GLN G 262 -4.40 -58.69 -14.17
N LYS G 263 -5.65 -58.26 -14.00
CA LYS G 263 -5.98 -56.87 -14.26
C LYS G 263 -5.92 -56.05 -12.98
N PRO G 264 -5.52 -54.78 -13.06
CA PRO G 264 -5.27 -53.99 -11.84
C PRO G 264 -6.55 -53.69 -11.08
N GLY G 265 -6.35 -53.19 -9.85
CA GLY G 265 -7.42 -53.24 -8.88
C GLY G 265 -7.71 -54.69 -8.54
N ALA G 266 -6.65 -55.50 -8.53
CA ALA G 266 -6.81 -56.96 -8.40
C ALA G 266 -7.75 -57.37 -7.27
N LEU G 267 -7.35 -57.12 -6.02
CA LEU G 267 -8.21 -57.64 -4.93
C LEU G 267 -9.56 -56.95 -5.05
N ARG G 268 -9.58 -55.65 -5.35
CA ARG G 268 -10.87 -54.94 -5.37
C ARG G 268 -11.77 -55.51 -6.46
N ILE G 269 -11.24 -55.67 -7.68
CA ILE G 269 -12.10 -56.15 -8.80
C ILE G 269 -12.55 -57.56 -8.46
N LEU G 270 -11.63 -58.37 -7.95
CA LEU G 270 -11.97 -59.78 -7.67
C LEU G 270 -13.07 -59.78 -6.61
N ASN G 271 -12.92 -58.96 -5.57
CA ASN G 271 -13.92 -58.93 -4.48
C ASN G 271 -15.24 -58.44 -5.08
N HIS G 272 -15.18 -57.41 -5.93
CA HIS G 272 -16.41 -56.90 -6.59
C HIS G 272 -17.04 -58.03 -7.39
N SER G 273 -16.22 -58.72 -8.18
CA SER G 273 -16.72 -59.80 -9.01
C SER G 273 -17.33 -60.90 -8.17
N LEU G 274 -16.66 -61.27 -7.08
CA LEU G 274 -17.18 -62.27 -6.15
C LEU G 274 -18.50 -61.84 -5.56
N ARG G 275 -18.64 -60.55 -5.24
CA ARG G 275 -19.86 -60.10 -4.58
C ARG G 275 -21.01 -59.94 -5.59
N LEU G 276 -20.70 -59.52 -6.83
CA LEU G 276 -21.69 -59.54 -7.91
C LEU G 276 -22.22 -60.94 -8.15
N ALA G 277 -21.32 -61.93 -8.26
CA ALA G 277 -21.76 -63.29 -8.55
C ALA G 277 -22.52 -63.89 -7.38
N ALA G 278 -22.11 -63.56 -6.15
CA ALA G 278 -22.80 -64.08 -4.98
C ALA G 278 -24.21 -63.51 -4.87
N MET G 279 -24.36 -62.21 -5.09
CA MET G 279 -25.69 -61.61 -4.99
C MET G 279 -26.58 -62.03 -6.16
N THR G 280 -25.99 -62.22 -7.33
CA THR G 280 -26.78 -62.68 -8.48
C THR G 280 -27.26 -64.11 -8.29
N ALA G 281 -26.37 -64.99 -7.79
CA ALA G 281 -26.75 -66.39 -7.58
C ALA G 281 -27.71 -66.52 -6.41
N HIS G 282 -27.63 -65.61 -5.43
CA HIS G 282 -28.58 -65.63 -4.34
C HIS G 282 -29.93 -65.09 -4.78
N GLY G 283 -29.94 -64.09 -5.66
CA GLY G 283 -31.19 -63.57 -6.17
C GLY G 283 -31.88 -64.54 -7.11
N LYS G 284 -31.09 -65.32 -7.85
CA LYS G 284 -31.63 -66.35 -8.71
C LYS G 284 -31.75 -67.70 -8.03
N GLY G 285 -31.36 -67.79 -6.75
CA GLY G 285 -31.48 -69.01 -5.98
C GLY G 285 -30.47 -70.08 -6.34
N GLU G 286 -29.46 -69.77 -7.13
CA GLU G 286 -28.55 -70.76 -7.68
C GLU G 286 -27.19 -70.68 -6.99
N ARG G 287 -26.28 -71.50 -7.50
CA ARG G 287 -24.89 -71.49 -7.08
C ARG G 287 -24.11 -70.53 -7.97
N VAL G 288 -23.12 -69.87 -7.38
CA VAL G 288 -22.14 -69.11 -8.15
C VAL G 288 -21.43 -70.04 -9.12
N ASN G 289 -21.44 -69.68 -10.39
CA ASN G 289 -20.80 -70.50 -11.42
C ASN G 289 -20.01 -69.58 -12.33
N GLU G 290 -19.55 -70.14 -13.46
CA GLU G 290 -18.59 -69.44 -14.31
C GLU G 290 -19.27 -68.30 -15.08
N ASP G 291 -20.53 -68.50 -15.46
CA ASP G 291 -21.23 -67.52 -16.31
C ASP G 291 -21.59 -66.28 -15.52
N TYR G 292 -21.90 -66.45 -14.23
CA TYR G 292 -22.15 -65.30 -13.37
C TYR G 292 -20.88 -64.47 -13.22
N LEU G 293 -19.73 -65.15 -13.14
CA LEU G 293 -18.44 -64.47 -13.09
C LEU G 293 -18.15 -63.77 -14.40
N ARG G 294 -18.55 -64.37 -15.53
CA ARG G 294 -18.34 -63.74 -16.82
C ARG G 294 -19.18 -62.47 -16.97
N GLN G 295 -20.44 -62.52 -16.53
CA GLN G 295 -21.29 -61.34 -16.61
C GLN G 295 -20.79 -60.25 -15.65
N ALA G 296 -20.34 -60.65 -14.46
CA ALA G 296 -19.77 -59.72 -13.50
C ALA G 296 -18.54 -59.02 -14.06
N PHE G 297 -17.63 -59.76 -14.68
CA PHE G 297 -16.45 -59.17 -15.28
C PHE G 297 -16.78 -58.41 -16.56
N ARG G 298 -17.88 -58.80 -17.22
CA ARG G 298 -18.35 -58.10 -18.41
C ARG G 298 -18.91 -56.73 -18.05
N GLU G 299 -19.32 -56.57 -16.81
CA GLU G 299 -19.63 -55.24 -16.30
C GLU G 299 -18.35 -54.44 -16.01
N LEU G 300 -18.53 -53.32 -15.32
CA LEU G 300 -17.52 -52.46 -14.68
C LEU G 300 -16.77 -51.58 -15.65
N ASP G 301 -16.98 -51.71 -16.97
CA ASP G 301 -16.27 -50.99 -18.03
C ASP G 301 -14.75 -51.08 -17.88
N LEU G 302 -14.25 -52.31 -17.95
CA LEU G 302 -12.81 -52.51 -17.79
C LEU G 302 -12.08 -52.37 -19.13
N ASP G 303 -12.75 -52.71 -20.22
CA ASP G 303 -12.21 -52.53 -21.56
C ASP G 303 -12.80 -51.30 -22.25
N VAL G 304 -13.58 -50.50 -21.52
CA VAL G 304 -14.22 -49.30 -22.04
C VAL G 304 -13.51 -48.08 -21.47
N ASP G 305 -13.01 -47.22 -22.36
CA ASP G 305 -12.24 -46.05 -21.97
C ASP G 305 -13.16 -44.90 -21.53
N LEU H 67 44.03 2.33 58.19
CA LEU H 67 43.46 1.84 59.45
C LEU H 67 42.14 2.50 59.93
N PRO H 68 41.96 3.83 59.85
CA PRO H 68 40.65 4.37 60.21
C PRO H 68 39.61 4.08 59.13
N GLU H 69 38.36 4.39 59.45
CA GLU H 69 37.29 4.27 58.48
C GLU H 69 37.42 5.37 57.43
N PRO H 70 37.31 5.01 56.14
CA PRO H 70 37.31 6.02 55.10
C PRO H 70 36.07 6.87 55.16
N PRO H 71 36.15 8.23 55.14
CA PRO H 71 34.95 9.06 55.03
C PRO H 71 34.54 9.25 53.57
N ARG H 72 33.31 8.87 53.21
CA ARG H 72 32.84 8.95 51.80
C ARG H 72 32.74 10.40 51.30
N PHE H 73 32.27 11.33 52.12
CA PHE H 73 32.04 12.72 51.63
C PHE H 73 32.81 13.72 52.47
N VAL H 74 33.38 14.76 51.83
CA VAL H 74 34.10 15.81 52.60
C VAL H 74 33.56 17.19 52.20
N GLU H 75 33.42 18.11 53.15
CA GLU H 75 33.01 19.50 52.80
C GLU H 75 34.17 20.13 52.02
N THR H 76 33.87 20.81 50.91
CA THR H 76 34.95 21.36 50.04
C THR H 76 34.58 22.79 49.64
N GLN H 77 35.55 23.60 49.21
CA GLN H 77 35.17 25.00 48.91
C GLN H 77 34.19 25.04 47.74
N THR H 78 34.13 23.94 46.97
CA THR H 78 33.05 23.77 45.97
C THR H 78 31.77 23.38 46.72
N VAL H 79 31.87 22.51 47.72
CA VAL H 79 30.68 22.07 48.50
C VAL H 79 30.06 23.29 49.19
N LYS H 80 30.90 24.19 49.68
CA LYS H 80 30.41 25.41 50.39
C LYS H 80 29.71 26.27 49.35
N GLN H 81 30.41 26.53 48.24
CA GLN H 81 29.85 27.31 47.15
C GLN H 81 28.54 26.74 46.65
N ILE H 82 28.51 25.44 46.39
CA ILE H 82 27.38 24.87 45.68
C ILE H 82 26.19 24.71 46.62
N TRP H 83 26.45 24.56 47.93
CA TRP H 83 25.36 24.55 48.88
C TRP H 83 24.76 25.92 49.04
N THR H 84 25.59 26.96 48.99
CA THR H 84 25.05 28.31 49.06
C THR H 84 24.22 28.62 47.83
N SER H 85 24.65 28.12 46.67
CA SER H 85 23.85 28.25 45.45
C SER H 85 22.56 27.44 45.56
N MET H 86 22.64 26.27 46.20
CA MET H 86 21.49 25.39 46.32
C MET H 86 20.43 25.98 47.26
N ARG H 87 20.86 26.45 48.43
CA ARG H 87 19.95 27.11 49.36
C ARG H 87 19.47 28.44 48.82
N PHE H 88 20.29 29.08 47.98
CA PHE H 88 19.87 30.30 47.30
C PHE H 88 18.70 30.02 46.37
N ALA H 89 18.82 29.00 45.53
CA ALA H 89 17.71 28.66 44.63
C ALA H 89 16.54 28.10 45.42
N SER H 90 16.79 27.57 46.61
CA SER H 90 15.72 27.12 47.51
C SER H 90 14.89 28.27 48.02
N LEU H 91 15.49 29.17 48.80
CA LEU H 91 14.75 30.27 49.39
C LEU H 91 14.28 31.24 48.32
N THR H 92 15.09 31.42 47.28
CA THR H 92 14.76 32.24 46.13
C THR H 92 13.65 31.64 45.29
N GLU H 93 13.50 30.31 45.34
CA GLU H 93 12.47 29.57 44.62
C GLU H 93 12.60 29.80 43.12
N SER H 94 13.84 29.71 42.65
CA SER H 94 14.17 30.04 41.27
C SER H 94 15.21 29.07 40.74
N ILE H 95 15.59 29.23 39.47
CA ILE H 95 16.36 28.23 38.75
C ILE H 95 17.85 28.52 38.85
N ALA H 96 18.64 27.49 39.22
CA ALA H 96 20.10 27.57 39.30
C ALA H 96 20.73 26.49 38.44
N VAL H 97 21.48 26.89 37.42
CA VAL H 97 22.14 25.97 36.50
C VAL H 97 23.57 25.79 36.97
N VAL H 98 23.97 24.53 37.18
CA VAL H 98 25.32 24.21 37.60
C VAL H 98 25.95 23.44 36.45
N CYS H 99 26.65 24.15 35.57
CA CYS H 99 27.40 23.53 34.50
C CYS H 99 28.87 23.51 34.90
N GLY H 100 29.47 22.33 34.83
CA GLY H 100 30.89 22.20 35.24
C GLY H 100 31.59 21.13 34.45
N ASN H 101 32.87 20.93 34.69
CA ASN H 101 33.60 19.82 34.01
C ASN H 101 33.10 18.51 34.64
N PRO H 102 33.16 17.37 33.94
CA PRO H 102 32.75 16.10 34.55
C PRO H 102 33.63 15.79 35.76
N GLY H 103 33.04 15.19 36.79
CA GLY H 103 33.83 14.78 37.97
C GLY H 103 34.31 15.93 38.83
N VAL H 104 33.56 17.03 38.87
CA VAL H 104 33.94 18.13 39.80
C VAL H 104 33.35 17.85 41.18
N GLY H 105 32.63 16.73 41.33
CA GLY H 105 32.07 16.35 42.63
C GLY H 105 30.68 16.92 42.87
N LYS H 106 30.10 17.56 41.86
CA LYS H 106 28.78 18.21 42.01
C LYS H 106 27.71 17.18 42.33
N THR H 107 27.73 16.03 41.63
CA THR H 107 26.62 15.05 41.81
C THR H 107 26.60 14.59 43.25
N GLU H 108 27.77 14.27 43.80
CA GLU H 108 27.79 13.72 45.18
C GLU H 108 27.29 14.77 46.16
N ALA H 109 27.70 16.02 45.98
CA ALA H 109 27.33 17.02 47.01
C ALA H 109 25.82 17.16 47.03
N ALA H 110 25.20 17.16 45.86
CA ALA H 110 23.76 17.26 45.79
C ALA H 110 23.10 16.23 46.69
N ARG H 111 23.68 15.03 46.76
CA ARG H 111 23.08 14.01 47.61
C ARG H 111 23.32 14.30 49.08
N GLU H 112 24.42 14.98 49.39
CA GLU H 112 24.62 15.38 50.78
C GLU H 112 23.64 16.47 51.16
N TYR H 113 23.32 17.37 50.22
CA TYR H 113 22.28 18.35 50.45
C TYR H 113 20.92 17.67 50.65
N ARG H 114 20.67 16.61 49.87
CA ARG H 114 19.41 15.90 49.99
C ARG H 114 19.33 15.17 51.32
N ARG H 115 20.46 14.68 51.80
CA ARG H 115 20.46 13.92 53.05
C ARG H 115 20.34 14.86 54.26
N THR H 116 20.89 16.07 54.16
CA THR H 116 20.90 16.95 55.32
C THR H 116 19.66 17.82 55.45
N ASN H 117 18.91 18.02 54.39
CA ASN H 117 17.88 19.07 54.37
C ASN H 117 16.51 18.48 54.07
N ASN H 118 15.49 19.12 54.65
CA ASN H 118 14.11 18.74 54.40
C ASN H 118 13.58 19.42 53.15
N ASN H 119 12.48 18.86 52.62
CA ASN H 119 11.81 19.32 51.39
C ASN H 119 12.80 19.39 50.22
N VAL H 120 13.56 18.33 50.05
CA VAL H 120 14.55 18.25 48.99
C VAL H 120 14.29 16.97 48.22
N TRP H 121 14.31 17.06 46.90
CA TRP H 121 14.18 15.88 46.06
C TRP H 121 15.20 15.92 44.95
N MET H 122 15.51 14.75 44.43
CA MET H 122 16.51 14.62 43.39
C MET H 122 16.12 13.44 42.52
N ILE H 123 16.26 13.63 41.22
CA ILE H 123 16.28 12.51 40.29
C ILE H 123 17.63 12.51 39.60
N THR H 124 17.84 11.50 38.78
CA THR H 124 18.85 11.54 37.76
C THR H 124 18.12 11.41 36.44
N ILE H 125 18.70 11.92 35.37
CA ILE H 125 18.12 11.74 34.07
C ILE H 125 19.08 10.89 33.26
N THR H 126 18.74 9.62 33.12
CA THR H 126 19.28 8.87 32.01
C THR H 126 18.59 9.36 30.74
N PRO H 127 19.29 9.36 29.60
CA PRO H 127 18.62 9.70 28.33
C PRO H 127 17.55 8.69 27.91
N SER H 128 17.47 7.53 28.56
CA SER H 128 16.30 6.68 28.43
C SER H 128 15.05 7.36 28.98
N CYS H 129 15.17 8.05 30.10
CA CYS H 129 14.03 8.69 30.75
C CYS H 129 13.90 10.15 30.36
N ALA H 130 14.31 10.52 29.14
CA ALA H 130 14.50 11.91 28.77
C ALA H 130 13.25 12.56 28.18
N SER H 131 12.09 11.91 28.25
CA SER H 131 10.87 12.54 27.78
C SER H 131 10.28 13.38 28.89
N VAL H 132 9.22 14.11 28.58
CA VAL H 132 8.49 14.82 29.61
C VAL H 132 7.78 13.82 30.51
N LEU H 133 7.18 12.81 29.90
CA LEU H 133 6.41 11.78 30.61
C LEU H 133 7.29 10.99 31.55
N GLU H 134 8.42 10.51 31.05
CA GLU H 134 9.31 9.69 31.86
C GLU H 134 9.95 10.50 32.99
N CYS H 135 10.40 11.72 32.69
CA CYS H 135 11.08 12.52 33.70
C CYS H 135 10.13 12.96 34.79
N LEU H 136 8.93 13.41 34.42
CA LEU H 136 7.97 13.78 35.44
C LEU H 136 7.51 12.56 36.22
N THR H 137 7.49 11.39 35.59
CA THR H 137 7.21 10.17 36.31
C THR H 137 8.28 9.90 37.34
N GLU H 138 9.54 10.17 36.98
CA GLU H 138 10.65 9.97 37.91
C GLU H 138 10.52 10.90 39.10
N LEU H 139 10.19 12.16 38.83
CA LEU H 139 10.02 13.13 39.90
C LEU H 139 8.83 12.76 40.77
N ALA H 140 7.80 12.17 40.17
CA ALA H 140 6.61 11.78 40.91
C ALA H 140 6.91 10.62 41.84
N PHE H 141 7.62 9.62 41.35
CA PHE H 141 8.02 8.53 42.23
C PHE H 141 9.00 9.00 43.28
N GLU H 142 9.78 10.03 42.96
CA GLU H 142 10.63 10.60 43.99
C GLU H 142 9.81 11.34 45.03
N LEU H 143 8.67 11.88 44.62
CA LEU H 143 7.76 12.47 45.58
C LEU H 143 6.96 11.44 46.36
N GLY H 144 7.06 10.17 46.01
CA GLY H 144 6.39 9.12 46.75
C GLY H 144 4.96 8.85 46.33
N MET H 145 4.48 9.54 45.30
CA MET H 145 3.14 9.28 44.77
C MET H 145 3.21 8.10 43.81
N ASN H 146 3.17 6.89 44.38
CA ASN H 146 3.22 5.68 43.57
C ASN H 146 1.96 5.47 42.75
N ASP H 147 0.91 6.23 43.03
CA ASP H 147 -0.35 6.18 42.30
C ASP H 147 -0.38 7.19 41.16
N ALA H 148 0.78 7.47 40.59
CA ALA H 148 0.87 8.50 39.59
C ALA H 148 0.32 8.00 38.26
N PRO H 149 -0.41 8.85 37.54
CA PRO H 149 -0.98 8.43 36.27
C PRO H 149 0.06 8.35 35.19
N ARG H 150 -0.15 7.45 34.24
CA ARG H 150 0.77 7.24 33.15
C ARG H 150 0.52 8.18 31.98
N ARG H 151 -0.42 9.09 32.10
CA ARG H 151 -0.62 10.13 31.10
C ARG H 151 0.21 11.35 31.52
N LYS H 152 0.45 12.27 30.59
CA LYS H 152 1.20 13.48 30.89
C LYS H 152 0.40 14.46 31.73
N GLY H 153 -0.80 14.76 31.28
CA GLY H 153 -1.68 15.75 31.85
C GLY H 153 -2.03 15.57 33.31
N PRO H 154 -2.69 14.46 33.65
CA PRO H 154 -3.06 14.25 35.06
C PRO H 154 -1.86 14.08 35.96
N LEU H 155 -0.74 13.61 35.41
CA LEU H 155 0.49 13.59 36.18
C LEU H 155 0.95 15.00 36.48
N SER H 156 0.90 15.88 35.49
CA SER H 156 1.29 17.27 35.69
C SER H 156 0.39 17.94 36.72
N ARG H 157 -0.90 17.62 36.68
CA ARG H 157 -1.83 18.14 37.68
C ARG H 157 -1.53 17.57 39.06
N ALA H 158 -1.15 16.30 39.14
CA ALA H 158 -0.87 15.71 40.44
C ALA H 158 0.40 16.31 41.01
N LEU H 159 1.38 16.57 40.17
CA LEU H 159 2.59 17.25 40.62
C LEU H 159 2.27 18.66 41.07
N ARG H 160 1.38 19.34 40.35
CA ARG H 160 1.04 20.71 40.67
C ARG H 160 0.31 20.79 42.01
N ARG H 161 -0.52 19.79 42.31
CA ARG H 161 -1.23 19.83 43.57
C ARG H 161 -0.35 19.33 44.71
N ARG H 162 0.49 18.34 44.46
CA ARG H 162 1.32 17.76 45.50
C ARG H 162 2.44 18.68 45.90
N LEU H 163 3.07 19.32 44.93
CA LEU H 163 4.37 19.91 45.13
C LEU H 163 4.29 21.37 45.53
N GLU H 164 3.18 22.03 45.22
CA GLU H 164 3.01 23.44 45.57
C GLU H 164 2.57 23.56 47.02
N GLY H 165 3.19 24.51 47.73
CA GLY H 165 2.91 24.73 49.13
C GLY H 165 3.83 24.02 50.08
N THR H 166 4.71 23.16 49.59
CA THR H 166 5.66 22.46 50.44
C THR H 166 6.95 23.24 50.67
N GLN H 167 7.20 24.24 49.82
CA GLN H 167 8.47 24.97 49.76
C GLN H 167 9.64 24.01 49.64
N GLY H 168 9.69 23.32 48.52
CA GLY H 168 10.68 22.31 48.28
C GLY H 168 11.74 22.73 47.27
N LEU H 169 12.66 21.80 47.02
CA LEU H 169 13.76 22.02 46.09
C LEU H 169 13.96 20.77 45.25
N VAL H 170 13.65 20.89 43.97
CA VAL H 170 13.91 19.82 43.02
C VAL H 170 15.34 19.97 42.51
N ILE H 171 16.08 18.87 42.49
CA ILE H 171 17.42 18.85 41.94
C ILE H 171 17.41 17.96 40.70
N ILE H 172 17.95 18.46 39.59
CA ILE H 172 17.97 17.66 38.34
C ILE H 172 19.40 17.58 37.81
N ASP H 173 19.91 16.37 37.56
CA ASP H 173 21.30 16.14 37.09
C ASP H 173 21.27 15.86 35.57
N GLU H 174 22.43 15.98 34.91
CA GLU H 174 22.52 15.72 33.44
C GLU H 174 21.53 16.64 32.71
N ALA H 175 21.48 17.91 33.12
CA ALA H 175 20.55 18.88 32.51
C ALA H 175 20.91 19.16 31.04
N ASP H 176 21.87 18.42 30.48
CA ASP H 176 22.17 18.62 29.06
C ASP H 176 21.22 17.82 28.18
N HIS H 177 20.69 16.72 28.68
CA HIS H 177 19.83 15.85 27.91
C HIS H 177 18.36 16.24 28.01
N LEU H 178 18.09 17.51 28.33
CA LEU H 178 16.73 17.99 28.43
C LEU H 178 16.18 18.31 27.05
N GLY H 179 14.98 17.82 26.77
CA GLY H 179 14.22 18.32 25.66
C GLY H 179 13.73 19.71 25.98
N ALA H 180 13.40 20.45 24.91
CA ALA H 180 12.90 21.81 25.07
C ALA H 180 11.54 21.79 25.77
N GLU H 181 10.70 20.83 25.41
CA GLU H 181 9.45 20.64 26.12
C GLU H 181 9.68 20.11 27.53
N VAL H 182 10.77 19.35 27.72
CA VAL H 182 11.07 18.77 29.03
C VAL H 182 11.42 19.86 30.03
N LEU H 183 12.51 20.57 29.75
CA LEU H 183 12.92 21.72 30.56
C LEU H 183 11.86 22.81 30.58
N GLU H 184 11.09 22.93 29.51
CA GLU H 184 9.97 23.87 29.44
C GLU H 184 8.90 23.54 30.48
N GLU H 185 8.52 22.27 30.58
CA GLU H 185 7.53 21.88 31.55
C GLU H 185 8.09 21.97 32.95
N LEU H 186 9.38 21.72 33.11
CA LEU H 186 10.00 21.86 34.42
C LEU H 186 10.02 23.31 34.89
N ARG H 187 10.40 24.24 34.01
CA ARG H 187 10.47 25.63 34.43
C ARG H 187 9.08 26.19 34.67
N LEU H 188 8.10 25.80 33.85
CA LEU H 188 6.74 26.29 34.10
C LEU H 188 6.14 25.59 35.30
N LEU H 189 6.63 24.38 35.61
CA LEU H 189 6.23 23.70 36.83
C LEU H 189 6.68 24.49 38.04
N GLN H 190 7.99 24.61 38.23
CA GLN H 190 8.48 25.28 39.46
C GLN H 190 7.83 26.66 39.54
N GLU H 191 7.67 27.29 38.39
CA GLU H 191 7.10 28.66 38.37
C GLU H 191 5.68 28.55 38.90
N SER H 192 4.92 27.55 38.44
CA SER H 192 3.51 27.42 38.86
C SER H 192 3.46 26.58 40.12
N THR H 193 4.56 26.51 40.86
CA THR H 193 4.57 25.63 42.00
C THR H 193 5.16 26.30 43.24
N ARG H 194 5.92 27.38 43.07
CA ARG H 194 6.57 28.13 44.15
C ARG H 194 7.52 27.21 44.93
N ILE H 195 8.44 26.62 44.17
CA ILE H 195 9.43 25.67 44.64
C ILE H 195 10.76 25.99 43.99
N GLY H 196 11.73 25.13 44.24
CA GLY H 196 13.02 25.29 43.62
C GLY H 196 13.37 24.23 42.59
N LEU H 197 13.98 24.67 41.50
CA LEU H 197 14.55 23.80 40.48
C LEU H 197 16.04 24.13 40.37
N VAL H 198 16.89 23.12 40.29
CA VAL H 198 18.32 23.31 40.15
C VAL H 198 18.84 22.36 39.09
N LEU H 199 19.54 22.88 38.10
CA LEU H 199 20.07 22.08 37.00
C LEU H 199 21.54 21.76 37.23
N MET H 200 21.96 20.55 36.85
CA MET H 200 23.35 20.10 36.99
C MET H 200 23.93 19.77 35.62
N GLY H 201 25.13 19.22 35.61
CA GLY H 201 25.69 18.58 34.43
C GLY H 201 26.90 19.32 33.87
N ASN H 202 27.23 19.04 32.62
CA ASN H 202 28.38 19.62 31.95
C ASN H 202 28.02 20.98 31.35
N HIS H 203 28.98 21.58 30.66
CA HIS H 203 28.80 22.93 30.13
C HIS H 203 28.03 22.95 28.81
N ARG H 204 27.42 21.83 28.41
CA ARG H 204 26.56 21.84 27.24
C ARG H 204 25.18 22.39 27.59
N VAL H 205 24.86 22.53 28.87
CA VAL H 205 23.55 23.00 29.30
C VAL H 205 23.39 24.49 28.97
N TYR H 206 24.40 25.28 29.31
CA TYR H 206 24.39 26.68 28.93
C TYR H 206 24.66 26.86 27.44
N SER H 207 25.33 25.88 26.82
CA SER H 207 25.55 25.93 25.37
C SER H 207 24.29 25.66 24.58
N ASN H 208 23.32 24.95 25.17
CA ASN H 208 22.06 24.69 24.50
C ASN H 208 21.16 25.92 24.48
N MET H 209 21.48 26.95 25.25
CA MET H 209 20.76 28.21 25.25
C MET H 209 21.45 29.28 24.41
N THR H 210 22.76 29.16 24.23
CA THR H 210 23.54 30.13 23.45
C THR H 210 24.30 29.44 22.33
N THR H 215 17.96 31.89 22.11
CA THR H 215 17.32 32.79 23.07
C THR H 215 16.12 33.52 22.47
N VAL H 216 15.32 32.77 21.70
CA VAL H 216 13.88 32.96 21.62
C VAL H 216 13.12 31.70 22.03
N GLU H 217 13.73 30.53 21.91
CA GLU H 217 13.23 29.29 22.45
C GLU H 217 13.59 29.11 23.92
N PHE H 218 14.72 29.68 24.34
CA PHE H 218 15.17 29.67 25.73
C PHE H 218 15.19 31.06 26.33
N ALA H 219 14.39 32.00 25.78
CA ALA H 219 14.54 33.41 26.12
C ALA H 219 14.04 33.71 27.53
N ARG H 220 12.79 33.35 27.82
CA ARG H 220 12.25 33.55 29.15
C ARG H 220 12.96 32.68 30.18
N LEU H 221 13.55 31.57 29.73
CA LEU H 221 14.31 30.70 30.62
C LEU H 221 15.64 31.33 31.01
N PHE H 222 16.33 31.93 30.04
CA PHE H 222 17.51 32.74 30.32
C PHE H 222 17.15 33.96 31.15
N SER H 223 15.90 34.43 31.06
CA SER H 223 15.38 35.43 32.00
C SER H 223 15.12 34.86 33.39
N ARG H 224 14.92 33.54 33.52
CA ARG H 224 14.66 32.99 34.85
C ARG H 224 15.92 32.93 35.71
N ILE H 225 17.09 32.75 35.08
CA ILE H 225 18.28 32.17 35.70
C ILE H 225 18.77 33.01 36.87
N ALA H 226 18.84 32.38 38.04
CA ALA H 226 19.16 33.06 39.28
C ALA H 226 20.65 33.06 39.59
N LYS H 227 21.26 31.90 39.72
CA LYS H 227 22.66 31.77 40.08
C LYS H 227 23.28 30.61 39.33
N ARG H 228 23.93 30.90 38.22
CA ARG H 228 24.81 29.94 37.61
C ARG H 228 26.07 29.90 38.46
N THR H 229 26.64 28.71 38.61
CA THR H 229 27.93 28.51 39.25
C THR H 229 28.70 27.50 38.43
N ALA H 230 29.78 27.94 37.80
CA ALA H 230 30.62 27.05 36.99
C ALA H 230 31.77 26.55 37.86
N ILE H 231 31.90 25.24 37.95
CA ILE H 231 33.04 24.62 38.62
C ILE H 231 33.84 23.90 37.54
N ASN H 232 34.93 24.52 37.13
CA ASN H 232 35.79 23.91 36.12
C ASN H 232 36.65 22.82 36.73
N LYS H 233 37.50 23.19 37.70
CA LYS H 233 38.31 22.21 38.40
C LYS H 233 38.33 22.56 39.88
N THR H 234 39.12 21.79 40.61
CA THR H 234 39.15 21.92 42.06
C THR H 234 39.97 23.14 42.46
N LYS H 235 40.04 23.36 43.77
CA LYS H 235 40.95 24.35 44.31
C LYS H 235 41.95 23.68 45.25
N LYS H 236 42.84 24.50 45.80
CA LYS H 236 43.87 23.94 46.69
C LYS H 236 43.31 23.73 48.09
N ALA H 237 42.40 24.60 48.52
CA ALA H 237 41.72 24.38 49.80
C ALA H 237 40.77 23.21 49.71
N ASP H 238 40.28 22.92 48.50
CA ASP H 238 39.47 21.73 48.24
C ASP H 238 40.25 20.47 48.63
N VAL H 239 41.40 20.24 47.98
CA VAL H 239 42.19 19.07 48.30
C VAL H 239 42.84 19.18 49.66
N LYS H 240 42.97 20.39 50.19
CA LYS H 240 43.51 20.56 51.54
C LYS H 240 42.53 20.04 52.59
N ALA H 241 41.25 20.36 52.43
CA ALA H 241 40.24 19.81 53.31
C ALA H 241 40.05 18.32 53.07
N ILE H 242 40.30 17.87 51.84
CA ILE H 242 40.35 16.43 51.56
C ILE H 242 41.45 15.75 52.36
N ALA H 243 42.64 16.35 52.39
CA ALA H 243 43.75 15.78 53.15
C ALA H 243 43.49 15.88 54.65
N ASP H 244 42.74 16.90 55.07
CA ASP H 244 42.35 16.99 56.48
C ASP H 244 41.37 15.90 56.86
N ALA H 245 40.44 15.58 55.97
CA ALA H 245 39.48 14.52 56.25
C ALA H 245 40.13 13.15 56.18
N TRP H 246 41.10 12.96 55.29
CA TRP H 246 41.78 11.69 55.13
C TRP H 246 43.03 11.57 55.99
N GLN H 247 43.26 12.54 56.89
CA GLN H 247 44.37 12.54 57.85
C GLN H 247 45.73 12.45 57.14
N ILE H 248 45.92 13.34 56.17
CA ILE H 248 47.11 13.35 55.34
C ILE H 248 47.91 14.59 55.71
N ASN H 249 49.17 14.40 56.09
CA ASN H 249 50.00 15.46 56.62
C ASN H 249 51.25 15.74 55.80
N GLY H 250 51.60 14.88 54.84
CA GLY H 250 52.77 15.09 54.04
C GLY H 250 52.63 16.24 53.06
N GLU H 251 53.65 17.09 52.98
CA GLU H 251 53.64 18.16 51.99
C GLU H 251 53.93 17.62 50.61
N LYS H 252 54.82 16.62 50.52
CA LYS H 252 54.98 15.86 49.28
C LYS H 252 53.68 15.16 48.92
N GLU H 253 53.02 14.60 49.93
CA GLU H 253 51.70 14.00 49.75
C GLU H 253 50.69 15.03 49.28
N LEU H 254 50.73 16.23 49.85
CA LEU H 254 49.79 17.29 49.47
C LEU H 254 50.01 17.74 48.03
N GLU H 255 51.28 17.91 47.63
CA GLU H 255 51.59 18.29 46.26
C GLU H 255 51.19 17.20 45.28
N LEU H 256 51.38 15.94 45.65
CA LEU H 256 50.98 14.84 44.79
C LEU H 256 49.47 14.77 44.64
N LEU H 257 48.73 15.02 45.74
CA LEU H 257 47.27 15.07 45.67
C LEU H 257 46.82 16.22 44.77
N GLN H 258 47.50 17.36 44.85
CA GLN H 258 47.19 18.49 43.98
C GLN H 258 47.44 18.15 42.52
N GLN H 259 48.55 17.45 42.24
CA GLN H 259 48.87 17.07 40.86
C GLN H 259 47.86 16.07 40.31
N ILE H 260 47.35 15.19 41.18
CA ILE H 260 46.27 14.29 40.78
C ILE H 260 45.00 15.09 40.51
N ALA H 261 44.77 16.15 41.29
CA ALA H 261 43.60 17.00 41.09
C ALA H 261 43.71 17.81 39.81
N GLN H 262 44.92 17.95 39.28
CA GLN H 262 45.07 18.65 38.01
C GLN H 262 44.58 17.81 36.83
N LYS H 263 44.48 16.51 37.00
CA LYS H 263 44.00 15.66 35.91
C LYS H 263 42.49 15.43 36.03
N PRO H 264 41.78 15.32 34.90
CA PRO H 264 40.31 15.27 34.95
C PRO H 264 39.79 13.99 35.57
N GLY H 265 38.49 14.00 35.86
CA GLY H 265 37.95 13.04 36.80
C GLY H 265 38.52 13.32 38.17
N ALA H 266 38.78 14.60 38.43
CA ALA H 266 39.51 14.97 39.67
C ALA H 266 38.97 14.32 40.93
N LEU H 267 37.74 14.64 41.30
CA LEU H 267 37.29 14.09 42.60
C LEU H 267 37.30 12.57 42.48
N ARG H 268 36.86 12.04 41.32
CA ARG H 268 36.77 10.58 41.19
C ARG H 268 38.16 9.95 41.29
N ILE H 269 39.13 10.48 40.55
CA ILE H 269 40.48 9.84 40.54
C ILE H 269 41.05 9.97 41.94
N LEU H 270 40.88 11.13 42.54
CA LEU H 270 41.48 11.35 43.87
C LEU H 270 40.85 10.35 44.84
N ASN H 271 39.52 10.20 44.76
CA ASN H 271 38.82 9.27 45.68
C ASN H 271 39.31 7.86 45.40
N HIS H 272 39.45 7.52 44.12
CA HIS H 272 39.95 6.17 43.73
C HIS H 272 41.35 5.99 44.31
N SER H 273 42.22 6.97 44.07
CA SER H 273 43.59 6.90 44.54
C SER H 273 43.64 6.77 46.06
N LEU H 274 42.80 7.55 46.76
CA LEU H 274 42.71 7.47 48.21
C LEU H 274 42.27 6.09 48.66
N ARG H 275 41.34 5.47 47.93
CA ARG H 275 40.82 4.18 48.35
C ARG H 275 41.79 3.05 48.02
N LEU H 276 42.50 3.16 46.88
CA LEU H 276 43.60 2.23 46.58
C LEU H 276 44.66 2.26 47.63
N ALA H 277 45.11 3.46 48.03
CA ALA H 277 46.17 3.56 49.02
C ALA H 277 45.71 3.10 50.39
N ALA H 278 44.45 3.39 50.74
CA ALA H 278 43.93 2.96 52.03
C ALA H 278 43.83 1.44 52.10
N MET H 279 43.32 0.80 51.05
CA MET H 279 43.18 -0.65 51.07
C MET H 279 44.54 -1.34 50.99
N THR H 280 45.49 -0.74 50.26
CA THR H 280 46.83 -1.31 50.18
C THR H 280 47.57 -1.20 51.52
N ALA H 281 47.46 -0.05 52.18
CA ALA H 281 48.12 0.13 53.47
C ALA H 281 47.45 -0.68 54.56
N HIS H 282 46.15 -0.94 54.42
CA HIS H 282 45.47 -1.80 55.38
C HIS H 282 45.81 -3.26 55.15
N GLY H 283 45.98 -3.66 53.88
CA GLY H 283 46.37 -5.03 53.59
C GLY H 283 47.81 -5.31 53.97
N LYS H 284 48.67 -4.30 53.87
CA LYS H 284 50.05 -4.42 54.32
C LYS H 284 50.24 -4.00 55.77
N GLY H 285 49.18 -3.59 56.46
CA GLY H 285 49.26 -3.23 57.85
C GLY H 285 49.91 -1.90 58.13
N GLU H 286 50.18 -1.10 57.11
CA GLU H 286 50.97 0.11 57.24
C GLU H 286 50.09 1.34 57.16
N ARG H 287 50.75 2.50 57.20
CA ARG H 287 50.12 3.79 57.00
C ARG H 287 50.15 4.13 55.51
N VAL H 288 49.11 4.81 55.05
CA VAL H 288 49.11 5.42 53.73
C VAL H 288 50.25 6.41 53.63
N ASN H 289 51.09 6.25 52.62
CA ASN H 289 52.23 7.13 52.43
C ASN H 289 52.32 7.50 50.96
N GLU H 290 53.43 8.13 50.58
CA GLU H 290 53.54 8.73 49.25
C GLU H 290 53.69 7.67 48.17
N ASP H 291 54.38 6.56 48.49
CA ASP H 291 54.67 5.54 47.48
C ASP H 291 53.42 4.74 47.12
N TYR H 292 52.54 4.55 48.11
CA TYR H 292 51.26 3.90 47.82
C TYR H 292 50.42 4.76 46.90
N LEU H 293 50.49 6.07 47.09
CA LEU H 293 49.81 7.01 46.21
C LEU H 293 50.42 6.99 44.82
N ARG H 294 51.75 6.83 44.74
CA ARG H 294 52.41 6.77 43.44
C ARG H 294 52.02 5.52 42.67
N GLN H 295 51.95 4.38 43.37
CA GLN H 295 51.54 3.15 42.71
C GLN H 295 50.07 3.21 42.28
N ALA H 296 49.23 3.79 43.14
CA ALA H 296 47.82 3.99 42.83
C ALA H 296 47.63 4.85 41.58
N PHE H 297 48.36 5.96 41.50
CA PHE H 297 48.28 6.83 40.33
C PHE H 297 48.98 6.21 39.12
N ARG H 298 49.94 5.33 39.37
CA ARG H 298 50.63 4.61 38.29
C ARG H 298 49.70 3.59 37.66
N GLU H 299 48.68 3.16 38.40
CA GLU H 299 47.62 2.37 37.80
C GLU H 299 46.68 3.26 36.97
N LEU H 300 45.54 2.68 36.59
CA LEU H 300 44.35 3.30 36.00
C LEU H 300 44.49 3.65 34.53
N ASP H 301 45.68 3.50 33.94
CA ASP H 301 46.00 3.86 32.55
C ASP H 301 45.60 5.30 32.23
N LEU H 302 46.23 6.23 32.95
CA LEU H 302 45.91 7.64 32.74
C LEU H 302 46.76 8.24 31.63
N ASP H 303 47.98 7.74 31.45
CA ASP H 303 48.86 8.15 30.36
C ASP H 303 48.86 7.12 29.23
N VAL H 304 47.99 6.12 29.30
CA VAL H 304 47.91 5.06 28.30
C VAL H 304 46.63 5.26 27.49
N ASP H 305 46.77 5.39 26.17
CA ASP H 305 45.64 5.65 25.29
C ASP H 305 44.86 4.39 24.97
N LEU I 67 -57.76 40.90 18.38
CA LEU I 67 -58.40 40.59 19.66
C LEU I 67 -58.87 39.13 19.86
N PRO I 68 -59.51 38.46 18.87
CA PRO I 68 -59.81 37.04 19.10
C PRO I 68 -58.57 36.18 19.01
N GLU I 69 -58.74 34.91 19.37
CA GLU I 69 -57.67 33.94 19.23
C GLU I 69 -57.43 33.63 17.74
N PRO I 70 -56.17 33.64 17.31
CA PRO I 70 -55.88 33.25 15.94
C PRO I 70 -56.12 31.77 15.73
N PRO I 71 -56.87 31.33 14.68
CA PRO I 71 -56.99 29.90 14.37
C PRO I 71 -55.78 29.44 13.54
N ARG I 72 -55.05 28.43 14.03
CA ARG I 72 -53.83 27.93 13.32
C ARG I 72 -54.17 27.30 11.95
N PHE I 73 -55.25 26.53 11.86
CA PHE I 73 -55.55 25.81 10.60
C PHE I 73 -56.97 26.14 10.13
N VAL I 74 -57.16 26.27 8.81
CA VAL I 74 -58.52 26.53 8.27
C VAL I 74 -58.84 25.48 7.19
N GLU I 75 -60.06 24.94 7.19
CA GLU I 75 -60.44 24.02 6.08
C GLU I 75 -60.49 24.83 4.79
N THR I 76 -59.94 24.31 3.70
CA THR I 76 -59.85 25.09 2.44
C THR I 76 -60.22 24.19 1.26
N GLN I 77 -60.39 24.77 0.07
CA GLN I 77 -60.71 23.96 -1.13
C GLN I 77 -59.57 22.98 -1.36
N THR I 78 -58.32 23.43 -1.20
CA THR I 78 -57.17 22.49 -1.31
C THR I 78 -57.29 21.44 -0.19
N VAL I 79 -57.64 21.87 1.02
CA VAL I 79 -57.77 20.94 2.18
C VAL I 79 -58.87 19.92 1.86
N LYS I 80 -59.96 20.35 1.22
CA LYS I 80 -61.10 19.45 0.91
C LYS I 80 -60.58 18.46 -0.14
N GLN I 81 -60.03 18.99 -1.23
CA GLN I 81 -59.45 18.16 -2.27
C GLN I 81 -58.47 17.15 -1.72
N ILE I 82 -57.54 17.60 -0.89
CA ILE I 82 -56.42 16.75 -0.51
C ILE I 82 -56.86 15.74 0.53
N TRP I 83 -57.89 16.06 1.32
CA TRP I 83 -58.44 15.08 2.23
C TRP I 83 -59.19 13.99 1.49
N THR I 84 -59.88 14.37 0.41
CA THR I 84 -60.57 13.37 -0.39
C THR I 84 -59.56 12.47 -1.09
N SER I 85 -58.43 13.04 -1.51
CA SER I 85 -57.35 12.22 -2.06
C SER I 85 -56.72 11.34 -0.99
N MET I 86 -56.63 11.85 0.24
CA MET I 86 -56.02 11.12 1.34
C MET I 86 -56.88 9.94 1.76
N ARG I 87 -58.17 10.18 1.96
CA ARG I 87 -59.11 9.11 2.30
C ARG I 87 -59.29 8.15 1.14
N PHE I 88 -59.13 8.65 -0.10
CA PHE I 88 -59.15 7.79 -1.26
C PHE I 88 -58.01 6.79 -1.23
N ALA I 89 -56.79 7.28 -0.99
CA ALA I 89 -55.65 6.37 -0.90
C ALA I 89 -55.74 5.50 0.35
N SER I 90 -56.48 5.97 1.36
CA SER I 90 -56.73 5.16 2.55
C SER I 90 -57.61 3.95 2.26
N LEU I 91 -58.85 4.19 1.84
CA LEU I 91 -59.78 3.10 1.58
C LEU I 91 -59.33 2.28 0.39
N THR I 92 -58.75 2.94 -0.59
CA THR I 92 -58.20 2.31 -1.79
C THR I 92 -56.97 1.49 -1.47
N GLU I 93 -56.26 1.85 -0.40
CA GLU I 93 -55.05 1.16 0.06
C GLU I 93 -53.99 1.18 -1.02
N SER I 94 -53.80 2.35 -1.62
CA SER I 94 -52.94 2.50 -2.78
C SER I 94 -52.18 3.83 -2.68
N ILE I 95 -51.32 4.09 -3.66
CA ILE I 95 -50.34 5.17 -3.58
C ILE I 95 -50.90 6.45 -4.20
N ALA I 96 -50.81 7.56 -3.47
CA ALA I 96 -51.21 8.88 -3.95
C ALA I 96 -50.05 9.87 -3.83
N VAL I 97 -49.60 10.38 -4.97
CA VAL I 97 -48.48 11.34 -5.02
C VAL I 97 -49.06 12.74 -5.06
N VAL I 98 -48.62 13.58 -4.13
CA VAL I 98 -49.07 14.96 -4.07
C VAL I 98 -47.84 15.82 -4.37
N CYS I 99 -47.66 16.18 -5.62
CA CYS I 99 -46.61 17.10 -6.02
C CYS I 99 -47.23 18.47 -6.24
N GLY I 100 -46.59 19.50 -5.69
CA GLY I 100 -47.14 20.85 -5.83
C GLY I 100 -46.05 21.90 -5.73
N ASN I 101 -46.41 23.17 -5.86
CA ASN I 101 -45.40 24.25 -5.69
C ASN I 101 -45.04 24.32 -4.21
N PRO I 102 -43.84 24.78 -3.83
CA PRO I 102 -43.46 24.81 -2.42
C PRO I 102 -44.41 25.72 -1.63
N GLY I 103 -44.66 25.39 -0.37
CA GLY I 103 -45.51 26.24 0.48
C GLY I 103 -46.94 26.36 -0.02
N VAL I 104 -47.54 25.28 -0.52
CA VAL I 104 -48.97 25.34 -0.91
C VAL I 104 -49.84 24.97 0.30
N GLY I 105 -49.21 24.72 1.46
CA GLY I 105 -49.96 24.41 2.69
C GLY I 105 -50.26 22.93 2.85
N LYS I 106 -49.70 22.08 1.99
CA LYS I 106 -50.00 20.63 2.02
C LYS I 106 -49.50 20.00 3.33
N THR I 107 -48.31 20.39 3.79
CA THR I 107 -47.73 19.70 4.97
C THR I 107 -48.68 19.88 6.14
N GLU I 108 -49.18 21.10 6.34
CA GLU I 108 -50.03 21.34 7.53
C GLU I 108 -51.30 20.50 7.45
N ALA I 109 -51.90 20.43 6.26
CA ALA I 109 -53.20 19.73 6.19
C ALA I 109 -52.99 18.26 6.56
N ALA I 110 -51.93 17.66 6.05
CA ALA I 110 -51.62 16.29 6.40
C ALA I 110 -51.66 16.08 7.90
N ARG I 111 -51.19 17.07 8.66
CA ARG I 111 -51.20 16.91 10.11
C ARG I 111 -52.60 17.05 10.66
N GLU I 112 -53.46 17.82 9.99
CA GLU I 112 -54.84 17.88 10.42
C GLU I 112 -55.54 16.56 10.15
N TYR I 113 -55.19 15.92 9.03
CA TYR I 113 -55.70 14.58 8.76
C TYR I 113 -55.22 13.59 9.81
N ARG I 114 -53.96 13.74 10.23
CA ARG I 114 -53.41 12.84 11.24
C ARG I 114 -54.07 13.07 12.58
N ARG I 115 -54.44 14.31 12.88
CA ARG I 115 -55.05 14.62 14.16
C ARG I 115 -56.50 14.18 14.20
N THR I 116 -57.19 14.22 13.07
CA THR I 116 -58.61 13.93 13.07
C THR I 116 -58.94 12.45 12.89
N ASN I 117 -58.04 11.66 12.35
CA ASN I 117 -58.38 10.32 11.89
C ASN I 117 -57.55 9.27 12.59
N ASN I 118 -58.14 8.09 12.79
CA ASN I 118 -57.45 6.94 13.36
C ASN I 118 -56.70 6.17 12.28
N ASN I 119 -55.73 5.36 12.74
CA ASN I 119 -54.85 4.55 11.89
C ASN I 119 -54.14 5.41 10.85
N VAL I 120 -53.58 6.52 11.30
CA VAL I 120 -52.87 7.44 10.43
C VAL I 120 -51.50 7.66 11.02
N TRP I 121 -50.47 7.63 10.18
CA TRP I 121 -49.13 7.93 10.63
C TRP I 121 -48.46 8.84 9.62
N MET I 122 -47.46 9.57 10.10
CA MET I 122 -46.75 10.52 9.29
C MET I 122 -45.32 10.60 9.77
N ILE I 123 -44.39 10.63 8.83
CA ILE I 123 -43.03 11.04 9.12
C ILE I 123 -42.75 12.29 8.30
N THR I 124 -41.58 12.84 8.52
CA THR I 124 -40.97 13.75 7.56
C THR I 124 -39.69 13.10 7.13
N ILE I 125 -39.21 13.42 5.94
CA ILE I 125 -37.93 12.93 5.50
C ILE I 125 -37.01 14.12 5.37
N THR I 126 -36.13 14.29 6.34
CA THR I 126 -34.93 15.05 6.09
C THR I 126 -34.03 14.20 5.20
N PRO I 127 -33.24 14.84 4.32
CA PRO I 127 -32.26 14.07 3.55
C PRO I 127 -31.15 13.44 4.39
N SER I 128 -31.02 13.82 5.66
CA SER I 128 -30.22 13.06 6.60
C SER I 128 -30.77 11.65 6.79
N CYS I 129 -32.09 11.52 6.90
CA CYS I 129 -32.73 10.23 7.16
C CYS I 129 -33.19 9.55 5.87
N ALA I 130 -32.47 9.77 4.76
CA ALA I 130 -32.97 9.42 3.44
C ALA I 130 -32.57 8.01 3.00
N SER I 131 -32.05 7.18 3.90
CA SER I 131 -31.75 5.80 3.54
C SER I 131 -33.00 4.96 3.74
N VAL I 132 -32.92 3.70 3.35
CA VAL I 132 -34.00 2.77 3.65
C VAL I 132 -34.04 2.52 5.15
N LEU I 133 -32.86 2.32 5.74
CA LEU I 133 -32.73 2.02 7.17
C LEU I 133 -33.25 3.14 8.02
N GLU I 134 -32.81 4.37 7.74
CA GLU I 134 -33.20 5.51 8.55
C GLU I 134 -34.69 5.81 8.39
N CYS I 135 -35.21 5.77 7.16
CA CYS I 135 -36.61 6.12 6.93
C CYS I 135 -37.55 5.09 7.54
N LEU I 136 -37.23 3.80 7.36
CA LEU I 136 -38.07 2.79 7.99
C LEU I 136 -37.94 2.83 9.49
N THR I 137 -36.78 3.25 10.01
CA THR I 137 -36.65 3.46 11.44
C THR I 137 -37.57 4.58 11.91
N GLU I 138 -37.68 5.63 11.08
CA GLU I 138 -38.55 6.75 11.42
C GLU I 138 -40.00 6.31 11.46
N LEU I 139 -40.40 5.52 10.47
CA LEU I 139 -41.76 5.01 10.43
C LEU I 139 -42.02 4.07 11.58
N ALA I 140 -41.00 3.33 12.00
CA ALA I 140 -41.15 2.39 13.09
C ALA I 140 -41.34 3.12 14.41
N PHE I 141 -40.54 4.15 14.65
CA PHE I 141 -40.74 4.94 15.86
C PHE I 141 -42.05 5.69 15.80
N GLU I 142 -42.52 6.02 14.60
CA GLU I 142 -43.83 6.62 14.50
C GLU I 142 -44.92 5.59 14.81
N LEU I 143 -44.64 4.31 14.53
CA LEU I 143 -45.56 3.27 14.94
C LEU I 143 -45.47 2.93 16.41
N GLY I 144 -44.52 3.51 17.13
CA GLY I 144 -44.41 3.29 18.56
C GLY I 144 -43.62 2.06 18.96
N MET I 145 -43.06 1.33 18.00
CA MET I 145 -42.21 0.18 18.31
C MET I 145 -40.81 0.68 18.62
N ASN I 146 -40.61 1.11 19.86
CA ASN I 146 -39.30 1.60 20.28
C ASN I 146 -38.25 0.49 20.37
N ASP I 147 -38.66 -0.76 20.29
CA ASP I 147 -37.80 -1.93 20.30
C ASP I 147 -37.42 -2.35 18.89
N ALA I 148 -37.35 -1.40 17.99
CA ALA I 148 -37.11 -1.71 16.61
C ALA I 148 -35.64 -2.06 16.37
N PRO I 149 -35.37 -3.07 15.56
CA PRO I 149 -33.99 -3.47 15.31
C PRO I 149 -33.28 -2.49 14.41
N ARG I 150 -31.98 -2.36 14.61
CA ARG I 150 -31.16 -1.44 13.83
C ARG I 150 -30.68 -2.06 12.53
N ARG I 151 -31.07 -3.28 12.22
CA ARG I 151 -30.78 -3.87 10.92
C ARG I 151 -31.96 -3.55 9.99
N LYS I 152 -31.75 -3.69 8.67
CA LYS I 152 -32.81 -3.45 7.70
C LYS I 152 -33.85 -4.54 7.72
N GLY I 153 -33.40 -5.78 7.61
CA GLY I 153 -34.24 -6.95 7.47
C GLY I 153 -35.25 -7.18 8.57
N PRO I 154 -34.79 -7.37 9.81
CA PRO I 154 -35.75 -7.61 10.90
C PRO I 154 -36.63 -6.41 11.16
N LEU I 155 -36.15 -5.21 10.85
CA LEU I 155 -37.02 -4.05 10.92
C LEU I 155 -38.14 -4.15 9.90
N SER I 156 -37.79 -4.55 8.67
CA SER I 156 -38.79 -4.71 7.63
C SER I 156 -39.81 -5.77 8.02
N ARG I 157 -39.34 -6.85 8.64
CA ARG I 157 -40.24 -7.88 9.13
C ARG I 157 -41.12 -7.38 10.25
N ALA I 158 -40.56 -6.55 11.14
CA ALA I 158 -41.36 -6.03 12.24
C ALA I 158 -42.42 -5.07 11.73
N LEU I 159 -42.08 -4.28 10.72
CA LEU I 159 -43.06 -3.41 10.10
C LEU I 159 -44.13 -4.22 9.40
N ARG I 160 -43.73 -5.32 8.76
CA ARG I 160 -44.67 -6.14 8.03
C ARG I 160 -45.65 -6.83 8.98
N ARG I 161 -45.18 -7.22 10.15
CA ARG I 161 -46.08 -7.87 11.10
C ARG I 161 -46.92 -6.85 11.85
N ARG I 162 -46.34 -5.70 12.18
CA ARG I 162 -47.04 -4.69 12.96
C ARG I 162 -48.11 -3.99 12.14
N LEU I 163 -47.79 -3.66 10.91
CA LEU I 163 -48.54 -2.69 10.17
C LEU I 163 -49.65 -3.30 9.34
N GLU I 164 -49.53 -4.58 9.00
CA GLU I 164 -50.54 -5.26 8.22
C GLU I 164 -51.71 -5.69 9.09
N GLY I 165 -52.92 -5.46 8.60
CA GLY I 165 -54.12 -5.78 9.34
C GLY I 165 -54.69 -4.64 10.14
N THR I 166 -54.01 -3.51 10.21
CA THR I 166 -54.51 -2.35 10.93
C THR I 166 -55.39 -1.45 10.07
N GLN I 167 -55.30 -1.61 8.75
CA GLN I 167 -55.91 -0.71 7.77
C GLN I 167 -55.54 0.74 8.05
N GLY I 168 -54.25 1.02 7.90
CA GLY I 168 -53.71 2.32 8.20
C GLY I 168 -53.33 3.12 6.97
N LEU I 169 -52.81 4.32 7.23
CA LEU I 169 -52.41 5.23 6.17
C LEU I 169 -51.09 5.88 6.56
N VAL I 170 -50.04 5.53 5.82
CA VAL I 170 -48.75 6.15 5.98
C VAL I 170 -48.71 7.41 5.13
N ILE I 171 -48.25 8.51 5.71
CA ILE I 171 -48.05 9.75 4.98
C ILE I 171 -46.57 10.04 4.93
N ILE I 172 -46.03 10.31 3.73
CA ILE I 172 -44.58 10.60 3.61
C ILE I 172 -44.41 11.97 2.96
N ASP I 173 -43.66 12.87 3.60
CA ASP I 173 -43.49 14.27 3.11
C ASP I 173 -42.15 14.41 2.41
N GLU I 174 -42.05 15.33 1.45
CA GLU I 174 -40.78 15.56 0.71
C GLU I 174 -40.38 14.27 -0.01
N ALA I 175 -41.31 13.67 -0.78
CA ALA I 175 -41.00 12.45 -1.49
C ALA I 175 -40.00 12.64 -2.63
N ASP I 176 -39.42 13.82 -2.79
CA ASP I 176 -38.43 14.00 -3.84
C ASP I 176 -37.09 13.41 -3.47
N HIS I 177 -36.79 13.33 -2.18
CA HIS I 177 -35.50 12.85 -1.70
C HIS I 177 -35.51 11.35 -1.48
N LEU I 178 -36.40 10.63 -2.15
CA LEU I 178 -36.45 9.19 -2.02
C LEU I 178 -35.40 8.53 -2.89
N GLY I 179 -34.65 7.60 -2.31
CA GLY I 179 -33.86 6.69 -3.08
C GLY I 179 -34.78 5.71 -3.78
N ALA I 180 -34.26 5.12 -4.85
CA ALA I 180 -35.02 4.14 -5.61
C ALA I 180 -35.30 2.90 -4.77
N GLU I 181 -34.31 2.47 -3.99
CA GLU I 181 -34.52 1.39 -3.04
C GLU I 181 -35.43 1.85 -1.90
N VAL I 182 -35.40 3.14 -1.57
CA VAL I 182 -36.20 3.66 -0.46
C VAL I 182 -37.68 3.59 -0.81
N LEU I 183 -38.07 4.32 -1.85
CA LEU I 183 -39.43 4.29 -2.37
C LEU I 183 -39.83 2.90 -2.85
N GLU I 184 -38.87 2.12 -3.31
CA GLU I 184 -39.08 0.74 -3.70
C GLU I 184 -39.54 -0.11 -2.51
N GLU I 185 -38.85 0.01 -1.39
CA GLU I 185 -39.21 -0.75 -0.21
C GLU I 185 -40.52 -0.24 0.36
N LEU I 186 -40.77 1.06 0.23
CA LEU I 186 -42.05 1.61 0.69
C LEU I 186 -43.22 1.08 -0.13
N ARG I 187 -43.10 1.07 -1.45
CA ARG I 187 -44.21 0.62 -2.27
C ARG I 187 -44.43 -0.88 -2.11
N LEU I 188 -43.35 -1.65 -1.99
CA LEU I 188 -43.53 -3.09 -1.78
C LEU I 188 -44.00 -3.36 -0.36
N LEU I 189 -43.70 -2.45 0.56
CA LEU I 189 -44.24 -2.54 1.91
C LEU I 189 -45.75 -2.40 1.87
N GLN I 190 -46.24 -1.21 1.49
CA GLN I 190 -47.70 -0.99 1.56
C GLN I 190 -48.39 -2.11 0.80
N GLU I 191 -47.80 -2.52 -0.32
CA GLU I 191 -48.44 -3.56 -1.14
C GLU I 191 -48.49 -4.83 -0.30
N SER I 192 -47.38 -5.15 0.36
CA SER I 192 -47.32 -6.40 1.16
C SER I 192 -47.89 -6.11 2.55
N THR I 193 -48.70 -5.06 2.67
CA THR I 193 -49.15 -4.71 4.00
C THR I 193 -50.64 -4.40 4.04
N ARG I 194 -51.26 -4.10 2.88
CA ARG I 194 -52.67 -3.76 2.74
C ARG I 194 -53.00 -2.52 3.59
N ILE I 195 -52.26 -1.45 3.29
CA ILE I 195 -52.32 -0.18 3.97
C ILE I 195 -52.24 0.92 2.92
N GLY I 196 -52.17 2.15 3.41
CA GLY I 196 -52.03 3.28 2.52
C GLY I 196 -50.68 3.98 2.61
N LEU I 197 -50.16 4.36 1.45
CA LEU I 197 -48.98 5.20 1.32
C LEU I 197 -49.37 6.44 0.54
N VAL I 198 -48.92 7.61 0.99
CA VAL I 198 -49.21 8.87 0.31
C VAL I 198 -47.94 9.69 0.24
N LEU I 199 -47.56 10.11 -0.96
CA LEU I 199 -46.35 10.90 -1.16
C LEU I 199 -46.67 12.38 -1.25
N MET I 200 -45.78 13.22 -0.71
CA MET I 200 -45.94 14.67 -0.72
C MET I 200 -44.76 15.31 -1.46
N GLY I 201 -44.69 16.64 -1.42
CA GLY I 201 -43.50 17.38 -1.81
C GLY I 201 -43.70 18.19 -3.08
N ASN I 202 -42.60 18.59 -3.69
CA ASN I 202 -42.61 19.42 -4.89
C ASN I 202 -42.78 18.56 -6.13
N HIS I 203 -42.75 19.21 -7.28
CA HIS I 203 -43.01 18.53 -8.55
C HIS I 203 -41.79 17.79 -9.09
N ARG I 204 -40.73 17.63 -8.29
CA ARG I 204 -39.61 16.81 -8.71
C ARG I 204 -39.90 15.33 -8.48
N VAL I 205 -40.96 15.02 -7.74
CA VAL I 205 -41.30 13.62 -7.44
C VAL I 205 -41.80 12.91 -8.68
N TYR I 206 -42.72 13.55 -9.40
CA TYR I 206 -43.18 13.01 -10.68
C TYR I 206 -42.11 13.17 -11.75
N SER I 207 -41.21 14.14 -11.59
CA SER I 207 -40.12 14.32 -12.54
C SER I 207 -39.06 13.22 -12.40
N ASN I 208 -38.95 12.61 -11.22
CA ASN I 208 -38.01 11.52 -11.02
C ASN I 208 -38.47 10.22 -11.66
N MET I 209 -39.73 10.15 -12.09
CA MET I 209 -40.27 9.00 -12.80
C MET I 209 -40.31 9.23 -14.31
N THR I 210 -40.36 10.49 -14.74
CA THR I 210 -40.42 10.82 -16.16
C THR I 210 -39.29 11.76 -16.55
N THR I 215 -39.13 4.97 -16.49
CA THR I 215 -40.27 4.05 -16.41
C THR I 215 -39.93 2.65 -16.94
N VAL I 216 -38.73 2.19 -16.56
CA VAL I 216 -38.48 0.78 -16.29
C VAL I 216 -37.98 0.56 -14.88
N GLU I 217 -37.37 1.57 -14.26
CA GLU I 217 -37.02 1.57 -12.86
C GLU I 217 -38.19 2.00 -11.98
N PHE I 218 -39.07 2.85 -12.52
CA PHE I 218 -40.30 3.29 -11.85
C PHE I 218 -41.55 2.79 -12.55
N ALA I 219 -41.45 1.69 -13.31
CA ALA I 219 -42.52 1.30 -14.23
C ALA I 219 -43.72 0.75 -13.47
N ARG I 220 -43.51 -0.26 -12.63
CA ARG I 220 -44.60 -0.82 -11.83
C ARG I 220 -45.10 0.19 -10.81
N LEU I 221 -44.25 1.15 -10.43
CA LEU I 221 -44.66 2.19 -9.51
C LEU I 221 -45.59 3.19 -10.17
N PHE I 222 -45.27 3.60 -11.40
CA PHE I 222 -46.18 4.38 -12.22
C PHE I 222 -47.45 3.60 -12.54
N SER I 223 -47.37 2.26 -12.55
CA SER I 223 -48.58 1.43 -12.59
C SER I 223 -49.33 1.41 -11.26
N ARG I 224 -48.70 1.74 -10.14
CA ARG I 224 -49.42 1.72 -8.87
C ARG I 224 -50.34 2.93 -8.72
N ILE I 225 -49.98 4.07 -9.33
CA ILE I 225 -50.41 5.40 -8.91
C ILE I 225 -51.91 5.57 -9.01
N ALA I 226 -52.54 5.88 -7.89
CA ALA I 226 -53.99 5.95 -7.77
C ALA I 226 -54.55 7.33 -8.07
N LYS I 227 -54.15 8.34 -7.31
CA LYS I 227 -54.65 9.69 -7.46
C LYS I 227 -53.54 10.68 -7.21
N ARG I 228 -52.93 11.15 -8.28
CA ARG I 228 -52.09 12.33 -8.20
C ARG I 228 -53.03 13.53 -8.07
N THR I 229 -52.61 14.50 -7.27
CA THR I 229 -53.29 15.79 -7.16
C THR I 229 -52.23 16.87 -7.11
N ALA I 230 -52.17 17.69 -8.16
CA ALA I 230 -51.22 18.78 -8.23
C ALA I 230 -51.88 20.05 -7.72
N ILE I 231 -51.26 20.67 -6.72
CA ILE I 231 -51.71 21.97 -6.23
C ILE I 231 -50.61 22.96 -6.57
N ASN I 232 -50.83 23.74 -7.62
CA ASN I 232 -49.86 24.74 -8.01
C ASN I 232 -49.94 25.96 -7.12
N LYS I 233 -51.10 26.62 -7.10
CA LYS I 233 -51.30 27.75 -6.22
C LYS I 233 -52.70 27.67 -5.63
N THR I 234 -53.04 28.71 -4.88
CA THR I 234 -54.29 28.71 -4.14
C THR I 234 -55.46 29.01 -5.07
N LYS I 235 -56.66 29.01 -4.50
CA LYS I 235 -57.81 29.50 -5.23
C LYS I 235 -58.42 30.70 -4.49
N LYS I 236 -59.50 31.23 -5.06
CA LYS I 236 -60.13 32.39 -4.46
C LYS I 236 -61.04 31.98 -3.31
N ALA I 237 -61.68 30.81 -3.41
CA ALA I 237 -62.46 30.30 -2.30
C ALA I 237 -61.56 29.86 -1.17
N ASP I 238 -60.32 29.49 -1.50
CA ASP I 238 -59.29 29.19 -0.50
C ASP I 238 -59.08 30.39 0.43
N VAL I 239 -58.67 31.53 -0.14
CA VAL I 239 -58.44 32.72 0.67
C VAL I 239 -59.75 33.31 1.17
N LYS I 240 -60.87 32.98 0.53
CA LYS I 240 -62.17 33.43 1.01
C LYS I 240 -62.54 32.74 2.32
N ALA I 241 -62.31 31.42 2.40
CA ALA I 241 -62.52 30.72 3.65
C ALA I 241 -61.47 31.10 4.68
N ILE I 242 -60.28 31.48 4.21
CA ILE I 242 -59.28 32.06 5.12
C ILE I 242 -59.79 33.35 5.75
N ALA I 243 -60.38 34.23 4.94
CA ALA I 243 -60.92 35.48 5.47
C ALA I 243 -62.15 35.24 6.34
N ASP I 244 -62.89 34.16 6.06
CA ASP I 244 -64.00 33.79 6.92
C ASP I 244 -63.51 33.31 8.28
N ALA I 245 -62.42 32.54 8.30
CA ALA I 245 -61.88 32.07 9.55
C ALA I 245 -61.21 33.18 10.34
N TRP I 246 -60.58 34.14 9.65
CA TRP I 246 -59.90 35.24 10.30
C TRP I 246 -60.79 36.46 10.48
N GLN I 247 -62.10 36.32 10.22
CA GLN I 247 -63.12 37.37 10.41
C GLN I 247 -62.77 38.64 9.65
N ILE I 248 -62.50 38.47 8.36
CA ILE I 248 -62.08 39.55 7.49
C ILE I 248 -63.22 39.83 6.52
N ASN I 249 -63.68 41.08 6.49
CA ASN I 249 -64.85 41.46 5.73
C ASN I 249 -64.60 42.50 4.65
N GLY I 250 -63.42 43.12 4.64
CA GLY I 250 -63.13 44.12 3.63
C GLY I 250 -62.92 43.54 2.25
N GLU I 251 -63.55 44.16 1.24
CA GLU I 251 -63.32 43.72 -0.13
C GLU I 251 -61.95 44.17 -0.62
N LYS I 252 -61.52 45.37 -0.21
CA LYS I 252 -60.13 45.79 -0.41
C LYS I 252 -59.19 44.85 0.31
N GLU I 253 -59.57 44.46 1.54
CA GLU I 253 -58.82 43.47 2.30
C GLU I 253 -58.79 42.13 1.57
N LEU I 254 -59.92 41.72 0.99
CA LEU I 254 -59.99 40.45 0.27
C LEU I 254 -59.12 40.46 -0.97
N GLU I 255 -59.14 41.56 -1.73
CA GLU I 255 -58.30 41.67 -2.91
C GLU I 255 -56.82 41.70 -2.54
N LEU I 256 -56.49 42.35 -1.44
CA LEU I 256 -55.10 42.38 -1.00
C LEU I 256 -54.63 41.00 -0.55
N LEU I 257 -55.50 40.25 0.13
CA LEU I 257 -55.17 38.87 0.51
C LEU I 257 -54.98 38.00 -0.71
N GLN I 258 -55.80 38.21 -1.74
CA GLN I 258 -55.65 37.49 -3.00
C GLN I 258 -54.33 37.82 -3.67
N GLN I 259 -53.94 39.10 -3.66
CA GLN I 259 -52.68 39.52 -4.26
C GLN I 259 -51.49 38.95 -3.52
N ILE I 260 -51.61 38.83 -2.20
CA ILE I 260 -50.58 38.16 -1.42
C ILE I 260 -50.52 36.68 -1.77
N ALA I 261 -51.70 36.08 -2.03
CA ALA I 261 -51.74 34.68 -2.42
C ALA I 261 -51.17 34.44 -3.81
N GLN I 262 -51.06 35.51 -4.60
CA GLN I 262 -50.44 35.35 -5.92
C GLN I 262 -48.93 35.20 -5.82
N LYS I 263 -48.33 35.60 -4.71
CA LYS I 263 -46.89 35.45 -4.55
C LYS I 263 -46.55 34.15 -3.84
N PRO I 264 -45.43 33.51 -4.19
CA PRO I 264 -45.15 32.17 -3.65
C PRO I 264 -44.84 32.18 -2.17
N GLY I 265 -44.80 30.98 -1.60
CA GLY I 265 -44.94 30.85 -0.17
C GLY I 265 -46.32 31.29 0.25
N ALA I 266 -47.30 31.03 -0.63
CA ALA I 266 -48.67 31.56 -0.45
C ALA I 266 -49.21 31.38 0.95
N LEU I 267 -49.46 30.14 1.36
CA LEU I 267 -50.11 29.98 2.67
C LEU I 267 -49.18 30.55 3.73
N ARG I 268 -47.87 30.29 3.60
CA ARG I 268 -46.94 30.73 4.66
C ARG I 268 -46.94 32.27 4.74
N ILE I 269 -46.80 32.95 3.60
CA ILE I 269 -46.69 34.43 3.64
C ILE I 269 -48.01 34.97 4.16
N LEU I 270 -49.11 34.38 3.68
CA LEU I 270 -50.44 34.90 4.09
C LEU I 270 -50.55 34.73 5.60
N ASN I 271 -50.16 33.55 6.10
CA ASN I 271 -50.28 33.29 7.56
C ASN I 271 -49.37 34.26 8.29
N HIS I 272 -48.15 34.48 7.77
CA HIS I 272 -47.22 35.45 8.39
C HIS I 272 -47.89 36.82 8.40
N SER I 273 -48.43 37.22 7.26
CA SER I 273 -49.06 38.54 7.16
C SER I 273 -50.23 38.66 8.12
N LEU I 274 -51.05 37.61 8.21
CA LEU I 274 -52.17 37.57 9.15
C LEU I 274 -51.69 37.69 10.59
N ARG I 275 -50.57 37.05 10.91
CA ARG I 275 -50.10 37.07 12.29
C ARG I 275 -49.41 38.38 12.64
N LEU I 276 -48.69 38.97 11.67
CA LEU I 276 -48.17 40.33 11.83
C LEU I 276 -49.27 41.34 12.10
N ALA I 277 -50.33 41.29 11.29
CA ALA I 277 -51.41 42.26 11.44
C ALA I 277 -52.18 42.03 12.73
N ALA I 278 -52.36 40.76 13.12
CA ALA I 278 -53.07 40.47 14.36
C ALA I 278 -52.28 40.95 15.57
N MET I 279 -50.97 40.70 15.60
CA MET I 279 -50.18 41.13 16.75
C MET I 279 -50.01 42.64 16.77
N THR I 280 -49.95 43.28 15.60
CA THR I 280 -49.84 44.73 15.56
C THR I 280 -51.13 45.40 16.02
N ALA I 281 -52.28 44.88 15.58
CA ALA I 281 -53.57 45.44 15.99
C ALA I 281 -53.87 45.14 17.44
N HIS I 282 -53.35 44.03 17.97
CA HIS I 282 -53.52 43.75 19.38
C HIS I 282 -52.61 44.62 20.23
N GLY I 283 -51.39 44.90 19.74
CA GLY I 283 -50.50 45.77 20.48
C GLY I 283 -50.95 47.22 20.46
N LYS I 284 -51.60 47.63 19.37
CA LYS I 284 -52.17 48.95 19.27
C LYS I 284 -53.62 49.01 19.74
N GLY I 285 -54.18 47.89 20.18
CA GLY I 285 -55.53 47.84 20.70
C GLY I 285 -56.62 47.95 19.65
N GLU I 286 -56.28 47.89 18.37
CA GLU I 286 -57.22 48.16 17.29
C GLU I 286 -57.64 46.87 16.60
N ARG I 287 -58.43 47.06 15.54
CA ARG I 287 -58.83 45.98 14.67
C ARG I 287 -57.82 45.85 13.53
N VAL I 288 -57.60 44.61 13.08
CA VAL I 288 -56.85 44.37 11.86
C VAL I 288 -57.56 45.05 10.70
N ASN I 289 -56.82 45.86 9.96
CA ASN I 289 -57.38 46.60 8.83
C ASN I 289 -56.39 46.50 7.68
N GLU I 290 -56.65 47.29 6.63
CA GLU I 290 -55.93 47.14 5.38
C GLU I 290 -54.50 47.67 5.49
N ASP I 291 -54.30 48.72 6.29
CA ASP I 291 -52.99 49.35 6.37
C ASP I 291 -52.00 48.50 7.16
N TYR I 292 -52.51 47.77 8.16
CA TYR I 292 -51.67 46.82 8.89
C TYR I 292 -51.21 45.70 7.96
N LEU I 293 -52.10 45.28 7.07
CA LEU I 293 -51.75 44.28 6.07
C LEU I 293 -50.73 44.83 5.08
N ARG I 294 -50.86 46.11 4.73
CA ARG I 294 -49.90 46.73 3.81
C ARG I 294 -48.52 46.82 4.43
N GLN I 295 -48.45 47.20 5.71
CA GLN I 295 -47.15 47.27 6.39
C GLN I 295 -46.55 45.89 6.56
N ALA I 296 -47.39 44.90 6.88
CA ALA I 296 -46.95 43.51 7.00
C ALA I 296 -46.36 43.00 5.69
N PHE I 297 -47.05 43.26 4.58
CA PHE I 297 -46.55 42.82 3.28
C PHE I 297 -45.37 43.68 2.81
N ARG I 298 -45.30 44.91 3.32
CA ARG I 298 -44.18 45.80 3.02
C ARG I 298 -42.91 45.31 3.70
N GLU I 299 -43.07 44.54 4.77
CA GLU I 299 -41.93 43.84 5.35
C GLU I 299 -41.56 42.63 4.50
N LEU I 300 -40.70 41.79 5.08
CA LEU I 300 -40.31 40.43 4.65
C LEU I 300 -39.34 40.41 3.48
N ASP I 301 -39.02 41.56 2.88
CA ASP I 301 -38.14 41.69 1.69
C ASP I 301 -38.59 40.78 0.56
N LEU I 302 -39.81 41.02 0.08
CA LEU I 302 -40.34 40.19 -1.00
C LEU I 302 -39.93 40.73 -2.37
N ASP I 303 -39.76 42.05 -2.47
CA ASP I 303 -39.29 42.69 -3.69
C ASP I 303 -37.80 43.05 -3.59
N VAL I 304 -37.14 42.63 -2.51
CA VAL I 304 -35.73 42.93 -2.28
C VAL I 304 -34.92 41.65 -2.49
N ASP I 305 -33.95 41.72 -3.40
CA ASP I 305 -33.14 40.55 -3.77
C ASP I 305 -32.03 40.30 -2.75
N LEU J 67 -46.36 8.47 -55.70
CA LEU J 67 -45.76 8.79 -57.00
C LEU J 67 -44.84 10.04 -57.07
N PRO J 68 -45.20 11.18 -56.45
CA PRO J 68 -44.23 12.29 -56.44
C PRO J 68 -43.08 12.03 -55.49
N GLU J 69 -42.08 12.90 -55.56
CA GLU J 69 -40.97 12.84 -54.63
C GLU J 69 -41.42 13.27 -53.23
N PRO J 70 -41.07 12.50 -52.19
CA PRO J 70 -41.38 12.92 -50.84
C PRO J 70 -40.57 14.13 -50.45
N PRO J 71 -41.18 15.21 -49.88
CA PRO J 71 -40.39 16.33 -49.34
C PRO J 71 -39.94 16.05 -47.90
N ARG J 72 -38.63 16.10 -47.64
CA ARG J 72 -38.09 15.79 -46.29
C ARG J 72 -38.54 16.81 -45.22
N PHE J 73 -38.56 18.10 -45.56
CA PHE J 73 -38.87 19.14 -44.54
C PHE J 73 -40.00 20.04 -45.02
N VAL J 74 -40.87 20.47 -44.10
CA VAL J 74 -41.96 21.42 -44.49
C VAL J 74 -41.97 22.61 -43.52
N GLU J 75 -42.21 23.82 -44.02
CA GLU J 75 -42.35 24.97 -43.08
C GLU J 75 -43.63 24.75 -42.27
N THR J 76 -43.57 24.99 -40.96
CA THR J 76 -44.74 24.69 -40.08
C THR J 76 -44.91 25.85 -39.10
N GLN J 77 -46.02 25.87 -38.36
CA GLN J 77 -46.25 26.94 -37.36
C GLN J 77 -45.12 26.87 -36.33
N THR J 78 -44.73 25.67 -35.91
CA THR J 78 -43.56 25.55 -34.99
C THR J 78 -42.31 26.06 -35.72
N VAL J 79 -42.16 25.70 -36.99
CA VAL J 79 -40.97 26.11 -37.78
C VAL J 79 -40.94 27.64 -37.87
N LYS J 80 -42.10 28.27 -38.04
CA LYS J 80 -42.18 29.75 -38.17
C LYS J 80 -41.80 30.31 -36.81
N GLN J 81 -42.47 29.84 -35.76
CA GLN J 81 -42.16 30.28 -34.41
C GLN J 81 -40.70 30.12 -34.07
N ILE J 82 -40.14 28.95 -34.35
CA ILE J 82 -38.81 28.64 -33.83
C ILE J 82 -37.74 29.35 -34.66
N TRP J 83 -38.05 29.64 -35.93
CA TRP J 83 -37.13 30.45 -36.72
C TRP J 83 -37.12 31.88 -36.26
N THR J 84 -38.28 32.40 -35.86
CA THR J 84 -38.34 33.75 -35.35
C THR J 84 -37.59 33.84 -34.02
N SER J 85 -37.68 32.79 -33.21
CA SER J 85 -36.89 32.72 -31.98
C SER J 85 -35.40 32.60 -32.28
N MET J 86 -35.07 31.86 -33.35
CA MET J 86 -33.69 31.64 -33.71
C MET J 86 -33.03 32.91 -34.24
N ARG J 87 -33.71 33.60 -35.16
CA ARG J 87 -33.21 34.88 -35.67
C ARG J 87 -33.25 35.95 -34.60
N PHE J 88 -34.18 35.83 -33.64
CA PHE J 88 -34.20 36.72 -32.50
C PHE J 88 -32.95 36.58 -31.66
N ALA J 89 -32.58 35.34 -31.32
CA ALA J 89 -31.36 35.14 -30.56
C ALA J 89 -30.13 35.46 -31.38
N SER J 90 -30.26 35.40 -32.72
CA SER J 90 -29.19 35.80 -33.62
C SER J 90 -28.91 37.29 -33.56
N LEU J 91 -29.88 38.10 -33.95
CA LEU J 91 -29.69 39.55 -33.98
C LEU J 91 -29.54 40.10 -32.57
N THR J 92 -30.25 39.51 -31.63
CA THR J 92 -30.19 39.86 -30.22
C THR J 92 -28.86 39.47 -29.60
N GLU J 93 -28.21 38.44 -30.16
CA GLU J 93 -26.91 37.95 -29.72
C GLU J 93 -26.99 37.48 -28.28
N SER J 94 -28.04 36.73 -27.98
CA SER J 94 -28.35 36.33 -26.62
C SER J 94 -28.88 34.90 -26.63
N ILE J 95 -29.18 34.38 -25.43
CA ILE J 95 -29.43 32.95 -25.23
C ILE J 95 -30.92 32.65 -25.34
N ALA J 96 -31.27 31.65 -26.16
CA ALA J 96 -32.65 31.17 -26.32
C ALA J 96 -32.72 29.68 -26.03
N VAL J 97 -33.49 29.31 -25.00
CA VAL J 97 -33.65 27.93 -24.58
C VAL J 97 -34.93 27.38 -25.21
N VAL J 98 -34.82 26.29 -25.93
CA VAL J 98 -35.97 25.66 -26.56
C VAL J 98 -36.15 24.31 -25.87
N CYS J 99 -36.99 24.27 -24.85
CA CYS J 99 -37.35 23.03 -24.18
C CYS J 99 -38.71 22.61 -24.68
N GLY J 100 -38.84 21.32 -25.04
CA GLY J 100 -40.12 20.84 -25.58
C GLY J 100 -40.29 19.35 -25.34
N ASN J 101 -41.39 18.79 -25.79
CA ASN J 101 -41.57 17.31 -25.67
C ASN J 101 -40.62 16.65 -26.66
N PRO J 102 -40.22 15.38 -26.46
CA PRO J 102 -39.36 14.71 -27.43
C PRO J 102 -40.06 14.59 -28.78
N GLY J 103 -39.29 14.68 -29.87
CA GLY J 103 -39.87 14.54 -31.22
C GLY J 103 -40.89 15.59 -31.58
N VAL J 104 -40.65 16.85 -31.20
CA VAL J 104 -41.57 17.93 -31.64
C VAL J 104 -41.09 18.47 -32.99
N GLY J 105 -40.01 17.90 -33.54
CA GLY J 105 -39.50 18.32 -34.86
C GLY J 105 -38.49 19.45 -34.77
N LYS J 106 -38.10 19.84 -33.56
CA LYS J 106 -37.16 20.98 -33.38
C LYS J 106 -35.79 20.68 -33.99
N THR J 107 -35.29 19.46 -33.82
CA THR J 107 -33.90 19.18 -34.28
C THR J 107 -33.82 19.42 -35.78
N GLU J 108 -34.81 18.91 -36.52
CA GLU J 108 -34.74 19.03 -37.99
C GLU J 108 -34.78 20.51 -38.39
N ALA J 109 -35.65 21.28 -37.76
CA ALA J 109 -35.80 22.67 -38.22
C ALA J 109 -34.49 23.41 -38.04
N ALA J 110 -33.83 23.18 -36.91
CA ALA J 110 -32.53 23.80 -36.68
C ALA J 110 -31.60 23.56 -37.87
N ARG J 111 -31.68 22.37 -38.47
CA ARG J 111 -30.80 22.10 -39.60
C ARG J 111 -31.26 22.85 -40.84
N GLU J 112 -32.56 23.10 -40.94
CA GLU J 112 -33.04 23.91 -42.06
C GLU J 112 -32.59 25.35 -41.89
N TYR J 113 -32.56 25.83 -40.65
CA TYR J 113 -32.01 27.15 -40.38
C TYR J 113 -30.53 27.19 -40.71
N ARG J 114 -29.82 26.11 -40.41
CA ARG J 114 -28.39 26.06 -40.70
C ARG J 114 -28.14 26.01 -42.20
N ARG J 115 -29.04 25.36 -42.94
CA ARG J 115 -28.85 25.25 -44.37
C ARG J 115 -29.21 26.54 -45.09
N THR J 116 -30.17 27.29 -44.55
CA THR J 116 -30.63 28.48 -45.26
C THR J 116 -29.86 29.74 -44.93
N ASN J 117 -29.15 29.78 -43.81
CA ASN J 117 -28.62 31.04 -43.29
C ASN J 117 -27.11 30.97 -43.15
N ASN J 118 -26.46 32.12 -43.33
CA ASN J 118 -25.03 32.26 -43.13
C ASN J 118 -24.70 32.53 -41.67
N ASN J 119 -23.43 32.29 -41.32
CA ASN J 119 -22.89 32.43 -39.96
C ASN J 119 -23.72 31.64 -38.95
N VAL J 120 -23.98 30.38 -39.29
CA VAL J 120 -24.77 29.51 -38.43
C VAL J 120 -23.96 28.24 -38.22
N TRP J 121 -23.90 27.78 -36.98
CA TRP J 121 -23.24 26.52 -36.68
C TRP J 121 -24.10 25.71 -35.74
N MET J 122 -23.88 24.41 -35.77
CA MET J 122 -24.64 23.49 -34.96
C MET J 122 -23.77 22.32 -34.59
N ILE J 123 -23.85 21.90 -33.34
CA ILE J 123 -23.35 20.60 -32.95
C ILE J 123 -24.52 19.79 -32.45
N THR J 124 -24.25 18.55 -32.12
CA THR J 124 -25.10 17.77 -31.25
C THR J 124 -24.26 17.42 -30.04
N ILE J 125 -24.90 17.18 -28.91
CA ILE J 125 -24.18 16.75 -27.74
C ILE J 125 -24.65 15.33 -27.43
N THR J 126 -23.84 14.35 -27.78
CA THR J 126 -23.94 13.08 -27.12
C THR J 126 -23.39 13.25 -25.71
N PRO J 127 -23.93 12.51 -24.73
CA PRO J 127 -23.33 12.55 -23.38
C PRO J 127 -21.93 11.97 -23.31
N SER J 128 -21.46 11.29 -24.35
CA SER J 128 -20.05 11.00 -24.49
C SER J 128 -19.21 12.26 -24.61
N CYS J 129 -19.69 13.25 -25.36
CA CYS J 129 -18.95 14.49 -25.60
C CYS J 129 -19.37 15.59 -24.63
N ALA J 130 -19.78 15.24 -23.42
CA ALA J 130 -20.46 16.17 -22.54
C ALA J 130 -19.53 16.95 -21.63
N SER J 131 -18.22 16.91 -21.86
CA SER J 131 -17.30 17.71 -21.08
C SER J 131 -17.20 19.09 -21.71
N VAL J 132 -16.48 19.98 -21.04
CA VAL J 132 -16.17 21.28 -21.63
C VAL J 132 -15.21 21.08 -22.80
N LEU J 133 -14.21 20.23 -22.59
CA LEU J 133 -13.17 19.97 -23.58
C LEU J 133 -13.75 19.35 -24.84
N GLU J 134 -14.56 18.30 -24.67
CA GLU J 134 -15.12 17.61 -25.81
C GLU J 134 -16.11 18.48 -26.57
N CYS J 135 -16.98 19.19 -25.84
CA CYS J 135 -18.02 19.99 -26.50
C CYS J 135 -17.41 21.18 -27.24
N LEU J 136 -16.45 21.86 -26.62
CA LEU J 136 -15.80 22.95 -27.32
C LEU J 136 -14.97 22.43 -28.49
N THR J 137 -14.45 21.22 -28.37
CA THR J 137 -13.77 20.61 -29.50
C THR J 137 -14.74 20.39 -30.64
N GLU J 138 -15.97 19.97 -30.31
CA GLU J 138 -16.98 19.74 -31.32
C GLU J 138 -17.34 21.03 -32.03
N LEU J 139 -17.50 22.10 -31.25
CA LEU J 139 -17.82 23.40 -31.82
C LEU J 139 -16.66 23.91 -32.66
N ALA J 140 -15.43 23.58 -32.27
CA ALA J 140 -14.26 24.03 -33.00
C ALA J 140 -14.16 23.32 -34.34
N PHE J 141 -14.38 22.01 -34.35
CA PHE J 141 -14.38 21.31 -35.62
C PHE J 141 -15.57 21.73 -36.47
N GLU J 142 -16.66 22.15 -35.84
CA GLU J 142 -17.75 22.70 -36.62
C GLU J 142 -17.37 24.07 -37.20
N LEU J 143 -16.50 24.79 -36.51
CA LEU J 143 -15.98 26.03 -37.08
C LEU J 143 -14.92 25.80 -38.13
N GLY J 144 -14.49 24.56 -38.33
CA GLY J 144 -13.53 24.26 -39.37
C GLY J 144 -12.08 24.42 -38.97
N MET J 145 -11.80 24.76 -37.72
CA MET J 145 -10.43 24.86 -37.22
C MET J 145 -9.95 23.47 -36.83
N ASN J 146 -9.50 22.72 -37.83
CA ASN J 146 -9.00 21.37 -37.58
C ASN J 146 -7.69 21.35 -36.82
N ASP J 147 -7.04 22.51 -36.67
CA ASP J 147 -5.81 22.68 -35.93
C ASP J 147 -6.08 23.07 -34.48
N ALA J 148 -7.20 22.62 -33.95
CA ALA J 148 -7.60 23.03 -32.62
C ALA J 148 -6.78 22.31 -31.56
N PRO J 149 -6.38 23.00 -30.51
CA PRO J 149 -5.58 22.36 -29.47
C PRO J 149 -6.42 21.47 -28.60
N ARG J 150 -5.78 20.41 -28.10
CA ARG J 150 -6.45 19.43 -27.25
C ARG J 150 -6.49 19.85 -25.78
N ARG J 151 -5.99 21.03 -25.45
CA ARG J 151 -6.13 21.56 -24.10
C ARG J 151 -7.39 22.41 -24.06
N LYS J 152 -7.90 22.70 -22.87
CA LYS J 152 -9.09 23.53 -22.72
C LYS J 152 -8.81 24.99 -23.03
N GLY J 153 -7.78 25.53 -22.38
CA GLY J 153 -7.43 26.92 -22.44
C GLY J 153 -7.15 27.49 -23.82
N PRO J 154 -6.14 26.98 -24.51
CA PRO J 154 -5.85 27.52 -25.85
C PRO J 154 -6.97 27.27 -26.84
N LEU J 155 -7.76 26.21 -26.62
CA LEU J 155 -8.95 26.03 -27.43
C LEU J 155 -9.94 27.13 -27.19
N SER J 156 -10.14 27.48 -25.92
CA SER J 156 -11.07 28.55 -25.58
C SER J 156 -10.60 29.88 -26.17
N ARG J 157 -9.29 30.10 -26.15
CA ARG J 157 -8.73 31.30 -26.78
C ARG J 157 -8.90 31.27 -28.29
N ALA J 158 -8.75 30.10 -28.90
CA ALA J 158 -8.91 30.02 -30.35
C ALA J 158 -10.35 30.25 -30.75
N LEU J 159 -11.28 29.75 -29.95
CA LEU J 159 -12.68 30.01 -30.19
C LEU J 159 -12.98 31.49 -30.01
N ARG J 160 -12.37 32.10 -29.02
CA ARG J 160 -12.63 33.51 -28.73
C ARG J 160 -12.10 34.39 -29.85
N ARG J 161 -10.98 34.02 -30.44
CA ARG J 161 -10.45 34.83 -31.53
C ARG J 161 -11.17 34.53 -32.85
N ARG J 162 -11.53 33.27 -33.08
CA ARG J 162 -12.14 32.89 -34.33
C ARG J 162 -13.57 33.37 -34.42
N LEU J 163 -14.30 33.26 -33.33
CA LEU J 163 -15.75 33.33 -33.39
C LEU J 163 -16.28 34.73 -33.16
N GLU J 164 -15.51 35.58 -32.51
CA GLU J 164 -15.92 36.95 -32.26
C GLU J 164 -15.70 37.81 -33.50
N GLY J 165 -16.69 38.64 -33.80
CA GLY J 165 -16.65 39.50 -34.96
C GLY J 165 -17.30 38.92 -36.21
N THR J 166 -17.74 37.67 -36.17
CA THR J 166 -18.39 37.06 -37.31
C THR J 166 -19.90 37.29 -37.31
N GLN J 167 -20.45 37.68 -36.16
CA GLN J 167 -21.90 37.77 -35.92
C GLN J 167 -22.59 36.47 -36.30
N GLY J 168 -22.26 35.43 -35.55
CA GLY J 168 -22.75 34.10 -35.83
C GLY J 168 -23.79 33.63 -34.83
N LEU J 169 -24.25 32.40 -35.06
CA LEU J 169 -25.26 31.78 -34.22
C LEU J 169 -24.89 30.33 -33.97
N VAL J 170 -24.54 30.04 -32.72
CA VAL J 170 -24.28 28.67 -32.31
C VAL J 170 -25.60 28.03 -31.90
N ILE J 171 -25.85 26.82 -32.39
CA ILE J 171 -27.01 26.05 -32.00
C ILE J 171 -26.55 24.83 -31.23
N ILE J 172 -27.11 24.60 -30.05
CA ILE J 172 -26.70 23.38 -29.30
C ILE J 172 -27.94 22.53 -29.01
N ASP J 173 -27.89 21.24 -29.40
CA ASP J 173 -29.04 20.31 -29.22
C ASP J 173 -28.86 19.49 -27.95
N GLU J 174 -29.96 19.06 -27.34
CA GLU J 174 -29.91 18.24 -26.09
C GLU J 174 -29.20 19.02 -24.99
N ALA J 175 -29.64 20.25 -24.70
CA ALA J 175 -29.02 21.04 -23.65
C ALA J 175 -29.28 20.51 -22.25
N ASP J 176 -29.92 19.36 -22.10
CA ASP J 176 -30.15 18.84 -20.76
C ASP J 176 -28.90 18.19 -20.19
N HIS J 177 -28.01 17.69 -21.05
CA HIS J 177 -26.82 17.00 -20.62
C HIS J 177 -25.64 17.94 -20.42
N LEU J 178 -25.91 19.22 -20.20
CA LEU J 178 -24.85 20.19 -19.98
C LEU J 178 -24.37 20.12 -18.54
N GLY J 179 -23.04 20.07 -18.38
CA GLY J 179 -22.44 20.34 -17.10
C GLY J 179 -22.56 21.81 -16.79
N ALA J 180 -22.47 22.12 -15.49
CA ALA J 180 -22.55 23.51 -15.06
C ALA J 180 -21.36 24.31 -15.58
N GLU J 181 -20.19 23.70 -15.58
CA GLU J 181 -19.02 24.31 -16.19
C GLU J 181 -19.15 24.35 -17.70
N VAL J 182 -19.87 23.38 -18.27
CA VAL J 182 -20.03 23.29 -19.73
C VAL J 182 -20.87 24.45 -20.23
N LEU J 183 -22.11 24.52 -19.78
CA LEU J 183 -23.02 25.62 -20.09
C LEU J 183 -22.48 26.96 -19.59
N GLU J 184 -21.72 26.93 -18.49
CA GLU J 184 -21.06 28.11 -17.96
C GLU J 184 -20.05 28.68 -18.95
N GLU J 185 -19.22 27.81 -19.52
CA GLU J 185 -18.22 28.27 -20.48
C GLU J 185 -18.89 28.69 -21.77
N LEU J 186 -20.00 28.03 -22.12
CA LEU J 186 -20.74 28.43 -23.31
C LEU J 186 -21.36 29.82 -23.16
N ARG J 187 -21.99 30.08 -22.02
CA ARG J 187 -22.64 31.38 -21.85
C ARG J 187 -21.61 32.49 -21.73
N LEU J 188 -20.49 32.23 -21.06
CA LEU J 188 -19.45 33.24 -20.96
C LEU J 188 -18.73 33.40 -22.29
N LEU J 189 -18.74 32.33 -23.10
CA LEU J 189 -18.21 32.41 -24.45
C LEU J 189 -19.04 33.38 -25.28
N GLN J 190 -20.30 33.03 -25.52
CA GLN J 190 -21.13 33.87 -26.42
C GLN J 190 -21.10 35.29 -25.88
N GLU J 191 -21.13 35.42 -24.56
CA GLU J 191 -21.16 36.77 -23.97
C GLU J 191 -19.85 37.45 -24.37
N SER J 192 -18.73 36.71 -24.26
CA SER J 192 -17.40 37.29 -24.56
C SER J 192 -17.10 37.08 -26.04
N THR J 193 -18.14 37.00 -26.85
CA THR J 193 -17.90 36.73 -28.25
C THR J 193 -18.81 37.54 -29.17
N ARG J 194 -19.91 38.08 -28.63
CA ARG J 194 -20.90 38.88 -29.38
C ARG J 194 -21.47 38.06 -30.54
N ILE J 195 -22.03 36.91 -30.16
CA ILE J 195 -22.59 35.91 -31.06
C ILE J 195 -23.88 35.39 -30.44
N GLY J 196 -24.46 34.40 -31.10
CA GLY J 196 -25.66 33.78 -30.58
C GLY J 196 -25.46 32.36 -30.10
N LEU J 197 -26.11 32.04 -28.97
CA LEU J 197 -26.19 30.69 -28.45
C LEU J 197 -27.67 30.34 -28.33
N VAL J 198 -28.05 29.13 -28.74
CA VAL J 198 -29.43 28.67 -28.66
C VAL J 198 -29.43 27.25 -28.12
N LEU J 199 -30.20 27.02 -27.06
CA LEU J 199 -30.28 25.71 -26.43
C LEU J 199 -31.52 24.96 -26.90
N MET J 200 -31.40 23.65 -27.06
CA MET J 200 -32.51 22.79 -27.50
C MET J 200 -32.78 21.74 -26.42
N GLY J 201 -33.67 20.79 -26.74
CA GLY J 201 -33.83 19.57 -25.96
C GLY J 201 -35.17 19.50 -25.26
N ASN J 202 -35.25 18.63 -24.26
CA ASN J 202 -36.48 18.39 -23.51
C ASN J 202 -36.62 19.42 -22.40
N HIS J 203 -37.69 19.26 -21.60
CA HIS J 203 -38.00 20.22 -20.56
C HIS J 203 -37.19 20.01 -19.29
N ARG J 204 -36.16 19.18 -19.32
CA ARG J 204 -35.27 19.05 -18.17
C ARG J 204 -34.25 20.19 -18.14
N VAL J 205 -34.13 20.94 -19.24
CA VAL J 205 -33.15 22.02 -19.32
C VAL J 205 -33.55 23.18 -18.42
N TYR J 206 -34.82 23.58 -18.49
CA TYR J 206 -35.33 24.59 -17.58
C TYR J 206 -35.51 24.03 -16.18
N SER J 207 -35.68 22.71 -16.06
CA SER J 207 -35.79 22.08 -14.75
C SER J 207 -34.45 22.05 -14.02
N ASN J 208 -33.34 22.07 -14.76
CA ASN J 208 -32.03 22.08 -14.14
C ASN J 208 -31.68 23.44 -13.55
N MET J 209 -32.45 24.48 -13.88
CA MET J 209 -32.27 25.80 -13.31
C MET J 209 -33.25 26.08 -12.17
N THR J 210 -34.39 25.39 -12.17
CA THR J 210 -35.41 25.59 -11.14
C THR J 210 -35.75 24.27 -10.45
N THR J 215 -30.87 28.68 -8.73
CA THR J 215 -30.71 30.06 -9.19
C THR J 215 -29.85 30.90 -8.24
N VAL J 216 -28.77 30.28 -7.78
CA VAL J 216 -27.51 30.97 -7.51
C VAL J 216 -26.36 30.40 -8.32
N GLU J 217 -26.46 29.13 -8.74
CA GLU J 217 -25.55 28.53 -9.69
C GLU J 217 -25.94 28.82 -11.12
N PHE J 218 -27.23 29.01 -11.38
CA PHE J 218 -27.76 29.39 -12.68
C PHE J 218 -28.38 30.78 -12.67
N ALA J 219 -27.96 31.64 -11.74
CA ALA J 219 -28.68 32.89 -11.49
C ALA J 219 -28.47 33.90 -12.60
N ARG J 220 -27.20 34.20 -12.91
CA ARG J 220 -26.90 35.12 -14.01
C ARG J 220 -27.31 34.53 -15.35
N LEU J 221 -27.37 33.19 -15.44
CA LEU J 221 -27.81 32.55 -16.66
C LEU J 221 -29.31 32.70 -16.87
N PHE J 222 -30.09 32.54 -15.80
CA PHE J 222 -31.51 32.86 -15.84
C PHE J 222 -31.73 34.35 -16.07
N SER J 223 -30.69 35.15 -15.86
CA SER J 223 -30.78 36.61 -16.17
C SER J 223 -30.52 36.83 -17.67
N ARG J 224 -29.67 36.01 -18.29
CA ARG J 224 -29.41 36.13 -19.75
C ARG J 224 -30.65 35.75 -20.58
N ILE J 225 -31.42 34.73 -20.17
CA ILE J 225 -32.56 34.20 -20.98
C ILE J 225 -33.25 35.29 -21.81
N ALA J 226 -33.26 35.14 -23.13
CA ALA J 226 -33.94 36.08 -24.02
C ALA J 226 -35.33 35.61 -24.42
N LYS J 227 -35.44 34.46 -25.06
CA LYS J 227 -36.71 33.95 -25.55
C LYS J 227 -36.75 32.44 -25.39
N ARG J 228 -37.36 31.99 -24.32
CA ARG J 228 -37.75 30.60 -24.23
C ARG J 228 -38.96 30.42 -25.13
N THR J 229 -39.02 29.27 -25.79
CA THR J 229 -40.19 28.86 -26.56
C THR J 229 -40.43 27.38 -26.29
N ALA J 230 -41.53 27.08 -25.62
CA ALA J 230 -41.88 25.69 -25.32
C ALA J 230 -42.81 25.17 -26.40
N ILE J 231 -42.43 24.07 -27.03
CA ILE J 231 -43.29 23.38 -27.97
C ILE J 231 -43.65 22.04 -27.35
N ASN J 232 -44.85 21.95 -26.82
CA ASN J 232 -45.31 20.71 -26.21
C ASN J 232 -45.73 19.72 -27.28
N LYS J 233 -46.73 20.08 -28.09
CA LYS J 233 -47.15 19.23 -29.19
C LYS J 233 -47.44 20.11 -30.39
N THR J 234 -47.94 19.45 -31.44
CA THR J 234 -48.14 20.12 -32.71
C THR J 234 -49.39 20.98 -32.66
N LYS J 235 -49.66 21.66 -33.77
CA LYS J 235 -50.93 22.33 -33.94
C LYS J 235 -51.66 21.78 -35.15
N LYS J 236 -52.86 22.31 -35.40
CA LYS J 236 -53.64 21.81 -36.52
C LYS J 236 -53.17 22.42 -37.83
N ALA J 237 -52.72 23.68 -37.80
CA ALA J 237 -52.14 24.26 -38.99
C ALA J 237 -50.78 23.64 -39.31
N ASP J 238 -50.12 23.11 -38.28
CA ASP J 238 -48.90 22.33 -38.46
C ASP J 238 -49.14 21.14 -39.38
N VAL J 239 -50.05 20.24 -38.98
CA VAL J 239 -50.35 19.08 -39.81
C VAL J 239 -51.12 19.46 -41.06
N LYS J 240 -51.75 20.63 -41.07
CA LYS J 240 -52.43 21.11 -42.27
C LYS J 240 -51.41 21.47 -43.35
N ALA J 241 -50.35 22.17 -42.96
CA ALA J 241 -49.28 22.47 -43.92
C ALA J 241 -48.52 21.21 -44.27
N ILE J 242 -48.47 20.23 -43.35
CA ILE J 242 -47.91 18.93 -43.68
C ILE J 242 -48.73 18.25 -44.78
N ALA J 243 -50.05 18.30 -44.66
CA ALA J 243 -50.91 17.69 -45.69
C ALA J 243 -50.85 18.48 -46.99
N ASP J 244 -50.60 19.78 -46.91
CA ASP J 244 -50.40 20.58 -48.11
C ASP J 244 -49.11 20.21 -48.82
N ALA J 245 -48.05 19.96 -48.05
CA ALA J 245 -46.79 19.56 -48.66
C ALA J 245 -46.83 18.14 -49.20
N TRP J 246 -47.58 17.25 -48.55
CA TRP J 246 -47.68 15.87 -48.97
C TRP J 246 -48.86 15.62 -49.90
N GLN J 247 -49.53 16.70 -50.36
CA GLN J 247 -50.64 16.66 -51.32
C GLN J 247 -51.78 15.76 -50.83
N ILE J 248 -52.22 16.04 -49.61
CA ILE J 248 -53.24 15.25 -48.94
C ILE J 248 -54.49 16.11 -48.84
N ASN J 249 -55.60 15.60 -49.38
CA ASN J 249 -56.82 16.37 -49.49
C ASN J 249 -58.00 15.78 -48.75
N GLY J 250 -57.90 14.55 -48.25
CA GLY J 250 -59.00 13.94 -47.53
C GLY J 250 -59.23 14.55 -46.17
N GLU J 251 -60.49 14.84 -45.85
CA GLU J 251 -60.81 15.33 -44.51
C GLU J 251 -60.73 14.21 -43.49
N LYS J 252 -61.15 13.00 -43.88
CA LYS J 252 -60.90 11.81 -43.07
C LYS J 252 -59.41 11.59 -42.91
N GLU J 253 -58.66 11.80 -44.00
CA GLU J 253 -57.21 11.74 -43.96
C GLU J 253 -56.64 12.79 -43.04
N LEU J 254 -57.20 14.01 -43.07
CA LEU J 254 -56.72 15.10 -42.23
C LEU J 254 -56.98 14.81 -40.75
N GLU J 255 -58.17 14.28 -40.43
CA GLU J 255 -58.48 13.93 -39.05
C GLU J 255 -57.60 12.80 -38.55
N LEU J 256 -57.31 11.83 -39.43
CA LEU J 256 -56.45 10.73 -39.04
C LEU J 256 -55.01 11.21 -38.81
N LEU J 257 -54.53 12.14 -39.65
CA LEU J 257 -53.22 12.73 -39.44
C LEU J 257 -53.16 13.50 -38.13
N GLN J 258 -54.24 14.20 -37.80
CA GLN J 258 -54.33 14.91 -36.52
C GLN J 258 -54.29 13.95 -35.34
N GLN J 259 -55.02 12.82 -35.46
CA GLN J 259 -55.04 11.82 -34.40
C GLN J 259 -53.67 11.17 -34.21
N ILE J 260 -52.94 10.99 -35.31
CA ILE J 260 -51.56 10.51 -35.22
C ILE J 260 -50.68 11.56 -34.54
N ALA J 261 -50.95 12.84 -34.81
CA ALA J 261 -50.20 13.92 -34.19
C ALA J 261 -50.51 14.04 -32.70
N GLN J 262 -51.62 13.47 -32.26
CA GLN J 262 -51.93 13.48 -30.83
C GLN J 262 -51.05 12.50 -30.05
N LYS J 263 -50.45 11.53 -30.73
CA LYS J 263 -49.59 10.58 -30.03
C LYS J 263 -48.13 11.03 -30.12
N PRO J 264 -47.34 10.75 -29.07
CA PRO J 264 -45.98 11.32 -29.00
C PRO J 264 -45.05 10.70 -30.04
N GLY J 265 -43.89 11.34 -30.19
CA GLY J 265 -43.10 11.14 -31.39
C GLY J 265 -43.84 11.70 -32.57
N ALA J 266 -44.58 12.79 -32.33
CA ALA J 266 -45.51 13.34 -33.34
C ALA J 266 -44.90 13.47 -34.73
N LEU J 267 -43.94 14.37 -34.89
CA LEU J 267 -43.45 14.58 -36.27
C LEU J 267 -42.84 13.27 -36.75
N ARG J 268 -42.11 12.58 -35.87
CA ARG J 268 -41.41 11.36 -36.33
C ARG J 268 -42.45 10.31 -36.76
N ILE J 269 -43.46 10.06 -35.93
CA ILE J 269 -44.43 8.98 -36.28
C ILE J 269 -45.16 9.40 -37.54
N LEU J 270 -45.52 10.68 -37.61
CA LEU J 270 -46.30 11.14 -38.79
C LEU J 270 -45.42 10.96 -40.02
N ASN J 271 -44.14 11.33 -39.92
CA ASN J 271 -43.24 11.20 -41.08
C ASN J 271 -43.11 9.72 -41.43
N HIS J 272 -42.95 8.89 -40.40
CA HIS J 272 -42.85 7.42 -40.64
C HIS J 272 -44.12 6.96 -41.34
N SER J 273 -45.28 7.35 -40.81
CA SER J 273 -46.55 6.94 -41.39
C SER J 273 -46.67 7.43 -42.84
N LEU J 274 -46.28 8.69 -43.08
CA LEU J 274 -46.28 9.23 -44.44
C LEU J 274 -45.37 8.44 -45.36
N ARG J 275 -44.22 8.01 -44.86
CA ARG J 275 -43.28 7.31 -45.72
C ARG J 275 -43.69 5.86 -45.95
N LEU J 276 -44.28 5.21 -44.92
CA LEU J 276 -44.90 3.90 -45.11
C LEU J 276 -45.99 3.93 -46.17
N ALA J 277 -46.89 4.90 -46.08
CA ALA J 277 -47.99 4.97 -47.03
C ALA J 277 -47.51 5.32 -48.42
N ALA J 278 -46.50 6.18 -48.52
CA ALA J 278 -45.97 6.55 -49.83
C ALA J 278 -45.29 5.36 -50.50
N MET J 279 -44.48 4.61 -49.75
CA MET J 279 -43.79 3.48 -50.35
C MET J 279 -44.76 2.34 -50.65
N THR J 280 -45.80 2.18 -49.83
CA THR J 280 -46.80 1.14 -50.11
C THR J 280 -47.63 1.48 -51.33
N ALA J 281 -48.04 2.75 -51.47
CA ALA J 281 -48.83 3.15 -52.63
C ALA J 281 -47.99 3.17 -53.89
N HIS J 282 -46.68 3.42 -53.76
CA HIS J 282 -45.81 3.36 -54.92
C HIS J 282 -45.53 1.92 -55.33
N GLY J 283 -45.43 1.01 -54.35
CA GLY J 283 -45.22 -0.38 -54.67
C GLY J 283 -46.46 -1.03 -55.25
N LYS J 284 -47.64 -0.56 -54.83
CA LYS J 284 -48.89 -1.03 -55.39
C LYS J 284 -49.36 -0.19 -56.57
N GLY J 285 -48.60 0.85 -56.93
CA GLY J 285 -48.94 1.68 -58.07
C GLY J 285 -50.08 2.64 -57.85
N GLU J 286 -50.56 2.78 -56.62
CA GLU J 286 -51.76 3.53 -56.32
C GLU J 286 -51.43 4.86 -55.68
N ARG J 287 -52.49 5.57 -55.30
CA ARG J 287 -52.40 6.80 -54.54
C ARG J 287 -52.43 6.49 -53.06
N VAL J 288 -51.70 7.28 -52.27
CA VAL J 288 -51.82 7.24 -50.83
C VAL J 288 -53.25 7.58 -50.44
N ASN J 289 -53.86 6.72 -49.64
CA ASN J 289 -55.25 6.92 -49.22
C ASN J 289 -55.34 6.60 -47.73
N GLU J 290 -56.56 6.53 -47.23
CA GLU J 290 -56.79 6.45 -45.79
C GLU J 290 -56.42 5.08 -45.24
N ASP J 291 -56.64 4.03 -46.02
CA ASP J 291 -56.42 2.67 -45.55
C ASP J 291 -54.94 2.35 -45.45
N TYR J 292 -54.14 2.92 -46.34
CA TYR J 292 -52.69 2.77 -46.24
C TYR J 292 -52.17 3.44 -44.97
N LEU J 293 -52.76 4.60 -44.63
CA LEU J 293 -52.43 5.27 -43.38
C LEU J 293 -52.86 4.46 -42.18
N ARG J 294 -54.01 3.77 -42.28
CA ARG J 294 -54.47 2.94 -41.17
C ARG J 294 -53.56 1.75 -40.96
N GLN J 295 -53.11 1.11 -42.03
CA GLN J 295 -52.20 -0.01 -41.89
C GLN J 295 -50.84 0.44 -41.36
N ALA J 296 -50.38 1.61 -41.83
CA ALA J 296 -49.13 2.19 -41.36
C ALA J 296 -49.19 2.48 -39.85
N PHE J 297 -50.29 3.08 -39.39
CA PHE J 297 -50.44 3.36 -37.97
C PHE J 297 -50.73 2.10 -37.17
N ARG J 298 -51.29 1.08 -37.84
CA ARG J 298 -51.55 -0.21 -37.21
C ARG J 298 -50.24 -0.95 -36.95
N GLU J 299 -49.21 -0.62 -37.72
CA GLU J 299 -47.87 -1.08 -37.40
C GLU J 299 -47.29 -0.31 -36.21
N LEU J 300 -45.99 -0.50 -36.00
CA LEU J 300 -45.08 0.24 -35.12
C LEU J 300 -45.23 -0.10 -33.64
N ASP J 301 -46.20 -0.94 -33.27
CA ASP J 301 -46.52 -1.32 -31.88
C ASP J 301 -46.69 -0.10 -30.97
N LEU J 302 -47.69 0.71 -31.31
CA LEU J 302 -47.92 1.92 -30.52
C LEU J 302 -48.84 1.64 -29.34
N ASP J 303 -49.75 0.66 -29.48
CA ASP J 303 -50.62 0.23 -28.40
C ASP J 303 -50.12 -1.08 -27.78
N VAL J 304 -48.93 -1.54 -28.17
CA VAL J 304 -48.36 -2.78 -27.68
C VAL J 304 -47.19 -2.43 -26.76
N ASP J 305 -47.25 -2.92 -25.52
CA ASP J 305 -46.25 -2.61 -24.51
C ASP J 305 -45.00 -3.48 -24.65
N LEU K 67 35.26 63.81 5.12
CA LEU K 67 35.84 64.34 3.88
C LEU K 67 36.83 63.40 3.13
N PRO K 68 37.76 62.70 3.80
CA PRO K 68 38.57 61.73 3.04
C PRO K 68 37.78 60.50 2.66
N GLU K 69 38.39 59.66 1.83
CA GLU K 69 37.80 58.39 1.47
C GLU K 69 37.85 57.43 2.66
N PRO K 70 36.73 56.77 2.97
CA PRO K 70 36.76 55.77 4.02
C PRO K 70 37.58 54.57 3.62
N PRO K 71 38.53 54.07 4.47
CA PRO K 71 39.22 52.81 4.15
C PRO K 71 38.37 51.60 4.62
N ARG K 72 38.07 50.68 3.69
CA ARG K 72 37.22 49.51 4.02
C ARG K 72 37.90 48.55 5.03
N PHE K 73 39.21 48.32 4.89
CA PHE K 73 39.88 47.34 5.77
C PHE K 73 41.10 47.97 6.44
N VAL K 74 41.38 47.60 7.69
CA VAL K 74 42.59 48.13 8.38
C VAL K 74 43.39 46.96 8.97
N GLU K 75 44.73 47.00 8.89
CA GLU K 75 45.53 45.94 9.56
C GLU K 75 45.34 46.11 11.07
N THR K 76 45.13 45.01 11.79
CA THR K 76 44.82 45.09 13.24
C THR K 76 45.63 44.01 13.99
N GLN K 77 45.63 44.07 15.31
CA GLN K 77 46.36 43.04 16.11
C GLN K 77 45.75 41.68 15.79
N THR K 78 44.42 41.60 15.70
CA THR K 78 43.78 40.32 15.30
C THR K 78 44.21 39.99 13.88
N VAL K 79 44.27 40.99 12.99
CA VAL K 79 44.64 40.77 11.57
C VAL K 79 46.08 40.23 11.52
N LYS K 80 46.96 40.75 12.38
CA LYS K 80 48.38 40.33 12.40
C LYS K 80 48.40 38.89 12.89
N GLN K 81 47.78 38.65 14.05
CA GLN K 81 47.68 37.31 14.60
C GLN K 81 47.12 36.32 13.60
N ILE K 82 46.00 36.67 12.97
CA ILE K 82 45.28 35.68 12.20
C ILE K 82 45.97 35.44 10.85
N TRP K 83 46.71 36.43 10.36
CA TRP K 83 47.52 36.21 9.16
C TRP K 83 48.69 35.32 9.45
N THR K 84 49.28 35.45 10.64
CA THR K 84 50.38 34.58 11.01
C THR K 84 49.88 33.15 11.18
N SER K 85 48.66 33.00 11.71
CA SER K 85 48.03 31.68 11.79
C SER K 85 47.71 31.14 10.41
N MET K 86 47.31 32.04 9.50
CA MET K 86 46.92 31.64 8.16
C MET K 86 48.13 31.18 7.35
N ARG K 87 49.20 31.98 7.37
CA ARG K 87 50.44 31.59 6.69
C ARG K 87 51.10 30.40 7.37
N PHE K 88 50.87 30.25 8.67
CA PHE K 88 51.33 29.07 9.38
C PHE K 88 50.67 27.81 8.85
N ALA K 89 49.34 27.83 8.73
CA ALA K 89 48.65 26.67 8.19
C ALA K 89 48.95 26.50 6.71
N SER K 90 49.34 27.58 6.04
CA SER K 90 49.77 27.51 4.64
C SER K 90 51.08 26.74 4.49
N LEU K 91 52.16 27.26 5.06
CA LEU K 91 53.46 26.61 4.91
C LEU K 91 53.49 25.27 5.62
N THR K 92 52.79 25.19 6.75
CA THR K 92 52.66 23.97 7.52
C THR K 92 51.81 22.94 6.80
N GLU K 93 50.91 23.39 5.92
CA GLU K 93 50.03 22.54 5.12
C GLU K 93 49.16 21.69 6.03
N SER K 94 48.59 22.33 7.04
CA SER K 94 47.85 21.64 8.07
C SER K 94 46.64 22.48 8.48
N ILE K 95 45.84 21.96 9.42
CA ILE K 95 44.52 22.50 9.71
C ILE K 95 44.59 23.50 10.85
N ALA K 96 43.99 24.69 10.63
CA ALA K 96 43.90 25.74 11.64
C ALA K 96 42.44 26.15 11.85
N VAL K 97 41.93 25.93 13.06
CA VAL K 97 40.56 26.24 13.42
C VAL K 97 40.53 27.62 14.07
N VAL K 98 39.73 28.51 13.54
CA VAL K 98 39.58 29.85 14.09
C VAL K 98 38.16 29.96 14.61
N CYS K 99 37.98 29.68 15.89
CA CYS K 99 36.69 29.85 16.55
C CYS K 99 36.74 31.13 17.36
N GLY K 100 35.72 31.97 17.21
CA GLY K 100 35.72 33.26 17.93
C GLY K 100 34.31 33.73 18.18
N ASN K 101 34.15 34.88 18.82
CA ASN K 101 32.80 35.45 19.01
C ASN K 101 32.31 35.94 17.63
N PRO K 102 30.98 36.02 17.39
CA PRO K 102 30.50 36.54 16.11
C PRO K 102 30.98 37.97 15.89
N GLY K 103 31.25 38.32 14.63
CA GLY K 103 31.66 39.70 14.30
C GLY K 103 32.96 40.14 14.95
N VAL K 104 33.96 39.26 15.01
CA VAL K 104 35.29 39.68 15.52
C VAL K 104 36.11 40.21 14.35
N GLY K 105 35.53 40.24 13.16
CA GLY K 105 36.24 40.76 11.97
C GLY K 105 37.02 39.69 11.23
N LYS K 106 36.89 38.42 11.64
CA LYS K 106 37.67 37.33 11.04
C LYS K 106 37.32 37.16 9.55
N THR K 107 36.03 37.23 9.21
CA THR K 107 35.64 36.94 7.81
C THR K 107 36.32 37.93 6.88
N GLU K 108 36.30 39.21 7.23
CA GLU K 108 36.86 40.21 6.30
C GLU K 108 38.36 39.99 6.12
N ALA K 109 39.07 39.69 7.21
CA ALA K 109 40.53 39.59 7.08
C ALA K 109 40.88 38.46 6.13
N ALA K 110 40.17 37.34 6.26
CA ALA K 110 40.39 36.23 5.34
C ALA K 110 40.36 36.70 3.90
N ARG K 111 39.47 37.63 3.58
CA ARG K 111 39.40 38.10 2.21
C ARG K 111 40.57 38.99 1.87
N GLU K 112 41.13 39.68 2.86
CA GLU K 112 42.32 40.46 2.60
C GLU K 112 43.51 39.54 2.37
N TYR K 113 43.54 38.41 3.08
CA TYR K 113 44.56 37.40 2.82
C TYR K 113 44.39 36.82 1.42
N ARG K 114 43.14 36.63 1.00
CA ARG K 114 42.89 36.08 -0.32
C ARG K 114 43.28 37.08 -1.41
N ARG K 115 43.10 38.37 -1.13
CA ARG K 115 43.41 39.38 -2.12
C ARG K 115 44.91 39.60 -2.22
N THR K 116 45.64 39.45 -1.11
CA THR K 116 47.06 39.76 -1.13
C THR K 116 47.95 38.62 -1.55
N ASN K 117 47.48 37.38 -1.46
CA ASN K 117 48.36 36.23 -1.57
C ASN K 117 47.94 35.31 -2.71
N ASN K 118 48.93 34.65 -3.31
CA ASN K 118 48.68 33.68 -4.36
C ASN K 118 48.39 32.30 -3.76
N ASN K 119 47.79 31.44 -4.59
CA ASN K 119 47.37 30.08 -4.23
C ASN K 119 46.49 30.09 -2.99
N VAL K 120 45.50 30.96 -2.99
CA VAL K 120 44.59 31.09 -1.87
C VAL K 120 43.18 30.97 -2.43
N TRP K 121 42.34 30.20 -1.75
CA TRP K 121 40.94 30.10 -2.14
C TRP K 121 40.07 30.18 -0.90
N MET K 122 38.83 30.58 -1.13
CA MET K 122 37.89 30.75 -0.04
C MET K 122 36.50 30.44 -0.56
N ILE K 123 35.73 29.72 0.23
CA ILE K 123 34.29 29.65 0.03
C ILE K 123 33.63 30.23 1.27
N THR K 124 32.32 30.32 1.21
CA THR K 124 31.51 30.42 2.40
C THR K 124 30.62 29.21 2.43
N ILE K 125 30.18 28.80 3.59
CA ILE K 125 29.24 27.71 3.69
C ILE K 125 27.94 28.28 4.23
N THR K 126 26.98 28.47 3.35
CA THR K 126 25.61 28.53 3.79
C THR K 126 25.20 27.10 4.19
N PRO K 127 24.32 26.96 5.17
CA PRO K 127 23.80 25.62 5.49
C PRO K 127 22.94 25.01 4.38
N SER K 128 22.55 25.80 3.37
CA SER K 128 22.02 25.23 2.14
C SER K 128 23.05 24.37 1.43
N CYS K 129 24.31 24.83 1.39
CA CYS K 129 25.37 24.12 0.67
C CYS K 129 26.18 23.22 1.59
N ALA K 130 25.54 22.66 2.63
CA ALA K 130 26.26 22.02 3.71
C ALA K 130 26.49 20.53 3.50
N SER K 131 26.25 20.01 2.31
CA SER K 131 26.54 18.62 2.04
C SER K 131 28.00 18.50 1.62
N VAL K 132 28.45 17.26 1.43
CA VAL K 132 29.78 17.04 0.86
C VAL K 132 29.77 17.46 -0.60
N LEU K 133 28.70 17.09 -1.30
CA LEU K 133 28.56 17.36 -2.73
C LEU K 133 28.51 18.85 -3.01
N GLU K 134 27.66 19.56 -2.28
CA GLU K 134 27.50 20.99 -2.51
C GLU K 134 28.76 21.76 -2.13
N CYS K 135 29.37 21.42 -0.98
CA CYS K 135 30.54 22.17 -0.52
C CYS K 135 31.75 21.94 -1.42
N LEU K 136 31.97 20.69 -1.82
CA LEU K 136 33.07 20.43 -2.74
C LEU K 136 32.79 21.05 -4.09
N THR K 137 31.51 21.14 -4.48
CA THR K 137 31.17 21.84 -5.71
C THR K 137 31.54 23.31 -5.60
N GLU K 138 31.31 23.89 -4.40
CA GLU K 138 31.64 25.30 -4.18
C GLU K 138 33.13 25.51 -4.28
N LEU K 139 33.90 24.61 -3.68
CA LEU K 139 35.36 24.72 -3.74
C LEU K 139 35.84 24.51 -5.16
N ALA K 140 35.15 23.67 -5.93
CA ALA K 140 35.55 23.40 -7.29
C ALA K 140 35.32 24.61 -8.17
N PHE K 141 34.16 25.25 -8.03
CA PHE K 141 33.92 26.47 -8.78
C PHE K 141 34.83 27.58 -8.31
N GLU K 142 35.24 27.55 -7.05
CA GLU K 142 36.23 28.51 -6.61
C GLU K 142 37.60 28.22 -7.24
N LEU K 143 37.87 26.95 -7.52
CA LEU K 143 39.07 26.62 -8.25
C LEU K 143 38.97 26.90 -9.74
N GLY K 144 37.80 27.31 -10.23
CA GLY K 144 37.66 27.66 -11.62
C GLY K 144 37.38 26.51 -12.55
N MET K 145 37.23 25.29 -12.04
CA MET K 145 36.88 24.13 -12.86
C MET K 145 35.37 24.11 -13.04
N ASN K 146 34.89 24.90 -14.01
CA ASN K 146 33.47 24.97 -14.29
C ASN K 146 32.93 23.68 -14.91
N ASP K 147 33.81 22.78 -15.33
CA ASP K 147 33.47 21.48 -15.88
C ASP K 147 33.42 20.41 -14.81
N ALA K 148 33.06 20.80 -13.60
CA ALA K 148 33.11 19.88 -12.49
C ALA K 148 31.93 18.91 -12.54
N PRO K 149 32.15 17.64 -12.24
CA PRO K 149 31.05 16.67 -12.30
C PRO K 149 30.11 16.83 -11.12
N ARG K 150 28.86 16.51 -11.35
CA ARG K 150 27.82 16.61 -10.34
C ARG K 150 27.74 15.39 -9.45
N ARG K 151 28.62 14.42 -9.64
CA ARG K 151 28.70 13.30 -8.72
C ARG K 151 29.75 13.63 -7.66
N LYS K 152 29.74 12.90 -6.54
CA LYS K 152 30.71 13.11 -5.47
C LYS K 152 32.10 12.64 -5.85
N GLY K 153 32.17 11.40 -6.30
CA GLY K 153 33.41 10.70 -6.60
C GLY K 153 34.31 11.36 -7.61
N PRO K 154 33.85 11.52 -8.85
CA PRO K 154 34.71 12.15 -9.86
C PRO K 154 35.03 13.59 -9.54
N LEU K 155 34.16 14.27 -8.80
CA LEU K 155 34.49 15.59 -8.31
C LEU K 155 35.65 15.53 -7.33
N SER K 156 35.61 14.56 -6.41
CA SER K 156 36.69 14.40 -5.45
C SER K 156 37.99 14.09 -6.16
N ARG K 157 37.92 13.26 -7.21
CA ARG K 157 39.11 12.96 -8.01
C ARG K 157 39.59 14.19 -8.75
N ALA K 158 38.69 15.02 -9.25
CA ALA K 158 39.11 16.20 -9.98
C ALA K 158 39.76 17.20 -9.04
N LEU K 159 39.23 17.31 -7.82
CA LEU K 159 39.85 18.15 -6.82
C LEU K 159 41.21 17.63 -6.44
N ARG K 160 41.34 16.30 -6.35
CA ARG K 160 42.59 15.70 -5.95
C ARG K 160 43.66 15.91 -7.01
N ARG K 161 43.26 15.88 -8.28
CA ARG K 161 44.26 16.09 -9.32
C ARG K 161 44.55 17.57 -9.52
N ARG K 162 43.55 18.42 -9.40
CA ARG K 162 43.72 19.85 -9.63
C ARG K 162 44.51 20.50 -8.52
N LEU K 163 44.21 20.14 -7.29
CA LEU K 163 44.58 20.94 -6.15
C LEU K 163 45.92 20.53 -5.56
N GLU K 164 46.34 19.28 -5.79
CA GLU K 164 47.61 18.81 -5.29
C GLU K 164 48.75 19.27 -6.17
N GLY K 165 49.83 19.74 -5.53
CA GLY K 165 50.98 20.24 -6.24
C GLY K 165 50.98 21.74 -6.45
N THR K 166 49.90 22.44 -6.09
CA THR K 166 49.85 23.88 -6.23
C THR K 166 50.38 24.61 -5.02
N GLN K 167 50.49 23.91 -3.89
CA GLN K 167 50.80 24.48 -2.58
C GLN K 167 49.86 25.64 -2.26
N GLY K 168 48.59 25.31 -2.11
CA GLY K 168 47.56 26.28 -1.89
C GLY K 168 47.02 26.29 -0.47
N LEU K 169 46.05 27.18 -0.27
CA LEU K 169 45.43 27.35 1.04
C LEU K 169 43.93 27.52 0.86
N VAL K 170 43.19 26.51 1.30
CA VAL K 170 41.73 26.59 1.31
C VAL K 170 41.30 27.25 2.60
N ILE K 171 40.39 28.21 2.50
CA ILE K 171 39.81 28.87 3.65
C ILE K 171 38.33 28.50 3.70
N ILE K 172 37.86 28.01 4.86
CA ILE K 172 36.41 27.68 4.96
C ILE K 172 35.80 28.48 6.11
N ASP K 173 34.72 29.23 5.82
CA ASP K 173 34.06 30.09 6.84
C ASP K 173 32.86 29.35 7.42
N GLU K 174 32.48 29.67 8.66
CA GLU K 174 31.31 29.04 9.32
C GLU K 174 31.53 27.52 9.41
N ALA K 175 32.66 27.09 9.96
CA ALA K 175 32.93 25.66 10.08
C ALA K 175 32.05 24.96 11.10
N ASP K 176 31.06 25.64 11.70
CA ASP K 176 30.20 24.97 12.65
C ASP K 176 29.16 24.11 11.96
N HIS K 177 28.79 24.46 10.74
CA HIS K 177 27.75 23.75 10.01
C HIS K 177 28.31 22.60 9.18
N LEU K 178 29.48 22.09 9.56
CA LEU K 178 30.08 20.97 8.85
C LEU K 178 29.45 19.66 9.30
N GLY K 179 29.08 18.85 8.32
CA GLY K 179 28.78 17.47 8.59
C GLY K 179 30.07 16.74 8.89
N ALA K 180 29.92 15.60 9.57
CA ALA K 180 31.08 14.78 9.91
C ALA K 180 31.73 14.22 8.67
N GLU K 181 30.92 13.80 7.71
CA GLU K 181 31.44 13.38 6.41
C GLU K 181 31.98 14.57 5.63
N VAL K 182 31.42 15.76 5.86
CA VAL K 182 31.85 16.96 5.14
C VAL K 182 33.26 17.35 5.55
N LEU K 183 33.44 17.67 6.82
CA LEU K 183 34.75 17.97 7.39
C LEU K 183 35.70 16.79 7.27
N GLU K 184 35.16 15.57 7.30
CA GLU K 184 35.95 14.36 7.09
C GLU K 184 36.57 14.34 5.70
N GLU K 185 35.78 14.62 4.68
CA GLU K 185 36.30 14.62 3.33
C GLU K 185 37.24 15.79 3.12
N LEU K 186 36.98 16.91 3.81
CA LEU K 186 37.90 18.05 3.71
C LEU K 186 39.25 17.74 4.32
N ARG K 187 39.27 17.13 5.51
CA ARG K 187 40.55 16.87 6.16
C ARG K 187 41.31 15.79 5.42
N LEU K 188 40.61 14.78 4.89
CA LEU K 188 41.31 13.76 4.13
C LEU K 188 41.71 14.29 2.77
N LEU K 189 41.00 15.30 2.28
CA LEU K 189 41.39 15.99 1.06
C LEU K 189 42.72 16.69 1.27
N GLN K 190 42.75 17.68 2.15
CA GLN K 190 44.00 18.48 2.30
C GLN K 190 45.14 17.51 2.58
N GLU K 191 44.86 16.48 3.38
CA GLU K 191 45.94 15.54 3.74
C GLU K 191 46.41 14.86 2.47
N SER K 192 45.46 14.43 1.63
CA SER K 192 45.83 13.71 0.39
C SER K 192 46.10 14.74 -0.70
N THR K 193 46.39 15.98 -0.32
CA THR K 193 46.54 16.99 -1.34
C THR K 193 47.77 17.86 -1.13
N ARG K 194 48.33 17.85 0.09
CA ARG K 194 49.51 18.64 0.47
C ARG K 194 49.24 20.14 0.24
N ILE K 195 48.18 20.60 0.89
CA ILE K 195 47.67 21.96 0.81
C ILE K 195 47.27 22.41 2.21
N GLY K 196 46.68 23.59 2.26
CA GLY K 196 46.19 24.10 3.53
C GLY K 196 44.68 24.17 3.63
N LEU K 197 44.18 23.81 4.80
CA LEU K 197 42.78 23.99 5.17
C LEU K 197 42.73 24.84 6.42
N VAL K 198 41.82 25.81 6.46
CA VAL K 198 41.67 26.68 7.62
C VAL K 198 40.18 26.83 7.91
N LEU K 199 39.79 26.55 9.15
CA LEU K 199 38.39 26.62 9.56
C LEU K 199 38.12 27.95 10.28
N MET K 200 36.93 28.50 10.06
CA MET K 200 36.51 29.76 10.69
C MET K 200 35.25 29.52 11.53
N GLY K 201 34.67 30.60 12.04
CA GLY K 201 33.32 30.58 12.60
C GLY K 201 33.31 30.82 14.10
N ASN K 202 32.21 30.45 14.73
CA ASN K 202 32.01 30.65 16.17
C ASN K 202 32.63 29.51 16.95
N HIS K 203 32.46 29.56 18.28
CA HIS K 203 33.08 28.58 19.15
C HIS K 203 32.31 27.28 19.24
N ARG K 204 31.32 27.06 18.38
CA ARG K 204 30.66 25.76 18.33
C ARG K 204 31.48 24.75 17.53
N VAL K 205 32.50 25.22 16.81
CA VAL K 205 33.32 24.32 15.98
C VAL K 205 34.18 23.43 16.86
N TYR K 206 34.84 24.02 17.86
CA TYR K 206 35.59 23.23 18.81
C TYR K 206 34.65 22.50 19.77
N SER K 207 33.43 23.01 19.96
CA SER K 207 32.46 22.34 20.81
C SER K 207 31.91 21.07 20.14
N ASN K 208 31.94 21.02 18.81
CA ASN K 208 31.47 19.83 18.11
C ASN K 208 32.47 18.68 18.20
N MET K 209 33.69 18.94 18.66
CA MET K 209 34.69 17.91 18.87
C MET K 209 34.79 17.50 20.32
N THR K 210 34.39 18.39 21.25
CA THR K 210 34.46 18.09 22.68
C THR K 210 33.09 18.28 23.33
N THR K 215 35.59 12.64 20.46
CA THR K 215 36.97 12.37 20.10
C THR K 215 37.26 10.86 19.97
N VAL K 216 36.31 10.16 19.35
CA VAL K 216 36.61 9.01 18.49
C VAL K 216 36.09 9.21 17.08
N GLU K 217 35.07 10.06 16.89
CA GLU K 217 34.62 10.51 15.59
C GLU K 217 35.45 11.67 15.06
N PHE K 218 35.97 12.50 15.97
CA PHE K 218 36.85 13.61 15.64
C PHE K 218 38.26 13.41 16.17
N ALA K 219 38.67 12.15 16.39
CA ALA K 219 39.90 11.88 17.15
C ALA K 219 41.14 12.21 16.34
N ARG K 220 41.26 11.63 15.14
CA ARG K 220 42.38 11.93 14.27
C ARG K 220 42.35 13.37 13.80
N LEU K 221 41.16 13.98 13.78
CA LEU K 221 41.05 15.39 13.40
C LEU K 221 41.58 16.30 14.50
N PHE K 222 41.25 16.00 15.75
CA PHE K 222 41.85 16.67 16.89
C PHE K 222 43.35 16.40 16.97
N SER K 223 43.80 15.27 16.41
CA SER K 223 45.22 15.04 16.19
C SER K 223 45.81 15.87 15.06
N ARG K 224 44.98 16.34 14.11
CA ARG K 224 45.53 17.13 13.01
C ARG K 224 45.89 18.55 13.45
N ILE K 225 45.17 19.09 14.44
CA ILE K 225 45.00 20.54 14.64
C ILE K 225 46.32 21.22 14.92
N ALA K 226 46.67 22.18 14.09
CA ALA K 226 47.96 22.86 14.12
C ALA K 226 47.97 24.09 15.01
N LYS K 227 47.12 25.07 14.70
CA LYS K 227 47.08 26.33 15.43
C LYS K 227 45.65 26.81 15.53
N ARG K 228 45.01 26.52 16.65
CA ARG K 228 43.78 27.20 16.99
C ARG K 228 44.16 28.59 17.44
N THR K 229 43.32 29.57 17.09
CA THR K 229 43.44 30.94 17.58
C THR K 229 42.03 31.43 17.90
N ALA K 230 41.77 31.65 19.17
CA ALA K 230 40.48 32.15 19.62
C ALA K 230 40.54 33.66 19.72
N ILE K 231 39.63 34.34 19.03
CA ILE K 231 39.48 35.79 19.16
C ILE K 231 38.13 36.03 19.78
N ASN K 232 38.13 36.32 21.08
CA ASN K 232 36.88 36.61 21.77
C ASN K 232 36.40 38.01 21.48
N LYS K 233 37.20 39.02 21.82
CA LYS K 233 36.86 40.39 21.49
C LYS K 233 38.11 41.11 21.04
N THR K 234 37.95 42.40 20.82
CA THR K 234 39.02 43.21 20.25
C THR K 234 40.06 43.53 21.30
N LYS K 235 41.10 44.24 20.88
CA LYS K 235 42.05 44.80 21.83
C LYS K 235 42.07 46.32 21.71
N LYS K 236 42.90 46.95 22.54
CA LYS K 236 42.97 48.40 22.52
C LYS K 236 43.85 48.90 21.38
N ALA K 237 44.90 48.14 21.05
CA ALA K 237 45.70 48.48 19.87
C ALA K 237 44.95 48.22 18.59
N ASP K 238 43.98 47.29 18.65
CA ASP K 238 43.06 47.06 17.54
C ASP K 238 42.31 48.34 17.18
N VAL K 239 41.54 48.88 18.13
CA VAL K 239 40.79 50.10 17.87
C VAL K 239 41.71 51.30 17.76
N LYS K 240 42.93 51.21 18.29
CA LYS K 240 43.90 52.30 18.13
C LYS K 240 44.37 52.40 16.70
N ALA K 241 44.67 51.27 16.07
CA ALA K 241 45.02 51.28 14.66
C ALA K 241 43.81 51.61 13.80
N ILE K 242 42.61 51.27 14.28
CA ILE K 242 41.38 51.71 13.62
C ILE K 242 41.29 53.23 13.63
N ALA K 243 41.57 53.86 14.77
CA ALA K 243 41.52 55.31 14.85
C ALA K 243 42.65 55.95 14.06
N ASP K 244 43.77 55.25 13.92
CA ASP K 244 44.86 55.73 13.07
C ASP K 244 44.47 55.70 11.60
N ALA K 245 43.77 54.64 11.19
CA ALA K 245 43.32 54.55 9.80
C ALA K 245 42.21 55.53 9.50
N TRP K 246 41.33 55.78 10.47
CA TRP K 246 40.22 56.70 10.28
C TRP K 246 40.53 58.12 10.69
N GLN K 247 41.81 58.42 10.98
CA GLN K 247 42.31 59.76 11.31
C GLN K 247 41.57 60.36 12.50
N ILE K 248 41.53 59.58 13.58
CA ILE K 248 40.80 59.95 14.79
C ILE K 248 41.83 60.23 15.87
N ASN K 249 41.76 61.43 16.44
CA ASN K 249 42.78 61.89 17.38
C ASN K 249 42.24 62.20 18.77
N GLY K 250 40.93 62.24 18.95
CA GLY K 250 40.36 62.55 20.25
C GLY K 250 40.54 61.43 21.25
N GLU K 251 40.96 61.77 22.47
CA GLU K 251 41.06 60.76 23.52
C GLU K 251 39.68 60.39 24.04
N LYS K 252 38.78 61.38 24.13
CA LYS K 252 37.36 61.08 24.38
C LYS K 252 36.80 60.24 23.26
N GLU K 253 37.18 60.56 22.01
CA GLU K 253 36.80 59.77 20.86
C GLU K 253 37.36 58.36 20.96
N LEU K 254 38.62 58.23 21.41
CA LEU K 254 39.26 56.92 21.54
C LEU K 254 38.56 56.07 22.60
N GLU K 255 38.23 56.68 23.75
CA GLU K 255 37.53 55.95 24.80
C GLU K 255 36.13 55.54 24.36
N LEU K 256 35.46 56.41 23.59
CA LEU K 256 34.13 56.07 23.10
C LEU K 256 34.20 54.93 22.09
N LEU K 257 35.22 54.93 21.22
CA LEU K 257 35.42 53.83 20.29
C LEU K 257 35.70 52.52 21.03
N GLN K 258 36.48 52.61 22.12
CA GLN K 258 36.73 51.43 22.94
C GLN K 258 35.46 50.91 23.58
N GLN K 259 34.61 51.82 24.07
CA GLN K 259 33.36 51.42 24.70
C GLN K 259 32.40 50.78 23.70
N ILE K 260 32.44 51.27 22.45
CA ILE K 260 31.68 50.63 21.39
C ILE K 260 32.25 49.25 21.09
N ALA K 261 33.57 49.11 21.17
CA ALA K 261 34.20 47.82 20.94
C ALA K 261 33.90 46.83 22.07
N GLN K 262 33.46 47.33 23.22
CA GLN K 262 33.08 46.43 24.29
C GLN K 262 31.75 45.75 24.03
N LYS K 263 30.94 46.29 23.13
CA LYS K 263 29.66 45.68 22.83
C LYS K 263 29.79 44.77 21.60
N PRO K 264 29.04 43.65 21.57
CA PRO K 264 29.25 42.65 20.51
C PRO K 264 28.82 43.14 19.13
N GLY K 265 29.21 42.38 18.13
CA GLY K 265 29.24 42.91 16.78
C GLY K 265 30.29 43.99 16.70
N ALA K 266 31.38 43.79 17.46
CA ALA K 266 32.40 44.84 17.62
C ALA K 266 32.82 45.49 16.31
N LEU K 267 33.49 44.73 15.44
CA LEU K 267 34.02 45.40 14.23
C LEU K 267 32.82 45.93 13.44
N ARG K 268 31.74 45.15 13.36
CA ARG K 268 30.60 45.58 12.52
C ARG K 268 30.01 46.88 13.08
N ILE K 269 29.73 46.91 14.38
CA ILE K 269 29.04 48.11 14.95
C ILE K 269 30.00 49.29 14.81
N LEU K 270 31.29 49.05 15.08
CA LEU K 270 32.25 50.16 15.03
C LEU K 270 32.29 50.68 13.59
N ASN K 271 32.32 49.76 12.62
CA ASN K 271 32.39 50.18 11.20
C ASN K 271 31.10 50.92 10.87
N HIS K 272 29.96 50.40 11.35
CA HIS K 272 28.66 51.09 11.11
C HIS K 272 28.74 52.48 11.72
N SER K 273 29.23 52.57 12.96
CA SER K 273 29.30 53.85 13.64
C SER K 273 30.23 54.81 12.91
N LEU K 274 31.40 54.30 12.46
CA LEU K 274 32.33 55.10 11.68
C LEU K 274 31.71 55.59 10.39
N ARG K 275 30.90 54.75 9.74
CA ARG K 275 30.33 55.14 8.46
C ARG K 275 29.16 56.11 8.63
N LEU K 276 28.35 55.92 9.70
CA LEU K 276 27.33 56.90 10.07
C LEU K 276 27.93 58.27 10.33
N ALA K 277 28.99 58.31 11.13
CA ALA K 277 29.59 59.60 11.47
C ALA K 277 30.26 60.25 10.27
N ALA K 278 30.88 59.43 9.41
CA ALA K 278 31.52 59.97 8.22
C ALA K 278 30.50 60.55 7.26
N MET K 279 29.39 59.84 7.02
CA MET K 279 28.39 60.35 6.09
C MET K 279 27.65 61.54 6.68
N THR K 280 27.45 61.56 8.00
CA THR K 280 26.78 62.71 8.63
C THR K 280 27.68 63.94 8.59
N ALA K 281 28.96 63.79 8.86
CA ALA K 281 29.88 64.93 8.84
C ALA K 281 30.14 65.40 7.41
N HIS K 282 30.03 64.49 6.44
CA HIS K 282 30.18 64.90 5.06
C HIS K 282 28.92 65.60 4.56
N GLY K 283 27.74 65.16 5.03
CA GLY K 283 26.51 65.82 4.65
C GLY K 283 26.36 67.17 5.31
N LYS K 284 26.90 67.34 6.51
CA LYS K 284 26.92 68.62 7.20
C LYS K 284 28.18 69.42 6.90
N GLY K 285 29.09 68.89 6.09
CA GLY K 285 30.30 69.60 5.71
C GLY K 285 31.35 69.69 6.79
N GLU K 286 31.18 68.98 7.89
CA GLU K 286 32.04 69.13 9.05
C GLU K 286 33.00 67.96 9.19
N ARG K 287 33.75 67.98 10.29
CA ARG K 287 34.63 66.89 10.67
C ARG K 287 33.86 65.93 11.57
N VAL K 288 34.18 64.64 11.44
CA VAL K 288 33.71 63.65 12.40
C VAL K 288 34.21 64.01 13.79
N ASN K 289 33.29 64.08 14.73
CA ASN K 289 33.62 64.44 16.10
C ASN K 289 32.87 63.51 17.04
N GLU K 290 32.90 63.83 18.33
CA GLU K 290 32.42 62.91 19.35
C GLU K 290 30.89 62.83 19.35
N ASP K 291 30.23 63.94 19.05
CA ASP K 291 28.77 63.99 19.13
C ASP K 291 28.13 63.22 17.98
N TYR K 292 28.78 63.23 16.82
CA TYR K 292 28.30 62.41 15.70
C TYR K 292 28.41 60.94 16.03
N LEU K 293 29.47 60.57 16.73
CA LEU K 293 29.64 59.20 17.21
C LEU K 293 28.60 58.84 18.25
N ARG K 294 28.24 59.81 19.11
CA ARG K 294 27.22 59.56 20.11
C ARG K 294 25.85 59.36 19.49
N GLN K 295 25.51 60.16 18.48
CA GLN K 295 24.23 59.99 17.80
C GLN K 295 24.19 58.68 17.01
N ALA K 296 25.32 58.33 16.39
CA ALA K 296 25.45 57.06 15.67
C ALA K 296 25.24 55.87 16.59
N PHE K 297 25.88 55.89 17.76
CA PHE K 297 25.71 54.81 18.73
C PHE K 297 24.35 54.86 19.40
N ARG K 298 23.75 56.05 19.47
CA ARG K 298 22.41 56.22 20.02
C ARG K 298 21.37 55.60 19.09
N GLU K 299 21.71 55.47 17.81
CA GLU K 299 20.89 54.69 16.90
C GLU K 299 21.10 53.19 17.15
N LEU K 300 20.58 52.39 16.21
CA LEU K 300 20.79 50.95 16.01
C LEU K 300 20.03 50.07 16.99
N ASP K 301 19.34 50.65 17.98
CA ASP K 301 18.61 49.93 19.03
C ASP K 301 19.49 48.89 19.73
N LEU K 302 20.55 49.37 20.36
CA LEU K 302 21.47 48.45 21.03
C LEU K 302 21.02 48.18 22.46
N ASP K 303 20.36 49.15 23.09
CA ASP K 303 19.79 48.99 24.42
C ASP K 303 18.28 48.76 24.36
N VAL K 304 17.73 48.58 23.16
CA VAL K 304 16.30 48.37 22.96
C VAL K 304 16.08 46.91 22.57
N ASP K 305 15.25 46.22 23.34
CA ASP K 305 15.00 44.79 23.13
C ASP K 305 13.99 44.56 22.01
N LEU L 67 50.07 -47.27 -24.31
CA LEU L 67 50.82 -46.87 -25.50
C LEU L 67 49.99 -46.50 -26.76
N PRO L 68 48.93 -47.23 -27.13
CA PRO L 68 48.12 -46.76 -28.25
C PRO L 68 47.26 -45.57 -27.87
N GLU L 69 46.63 -44.97 -28.87
CA GLU L 69 45.68 -43.90 -28.63
C GLU L 69 44.41 -44.44 -27.99
N PRO L 70 43.93 -43.80 -26.92
CA PRO L 70 42.66 -44.22 -26.33
C PRO L 70 41.52 -43.92 -27.26
N PRO L 71 40.59 -44.88 -27.55
CA PRO L 71 39.38 -44.56 -28.32
C PRO L 71 38.29 -43.95 -27.40
N ARG L 72 37.81 -42.76 -27.72
CA ARG L 72 36.79 -42.08 -26.87
C ARG L 72 35.45 -42.83 -26.85
N PHE L 73 35.01 -43.37 -28.00
CA PHE L 73 33.67 -44.01 -28.06
C PHE L 73 33.79 -45.43 -28.58
N VAL L 74 33.00 -46.36 -28.03
CA VAL L 74 33.02 -47.76 -28.54
C VAL L 74 31.58 -48.18 -28.91
N GLU L 75 31.40 -48.88 -30.04
CA GLU L 75 30.04 -49.41 -30.35
C GLU L 75 29.73 -50.49 -29.31
N THR L 76 28.52 -50.48 -28.76
CA THR L 76 28.18 -51.44 -27.66
C THR L 76 26.80 -52.03 -27.91
N GLN L 77 26.42 -53.05 -27.15
CA GLN L 77 25.06 -53.65 -27.30
C GLN L 77 24.03 -52.57 -27.00
N THR L 78 24.27 -51.75 -25.97
CA THR L 78 23.35 -50.61 -25.70
C THR L 78 23.39 -49.65 -26.90
N VAL L 79 24.58 -49.40 -27.43
CA VAL L 79 24.74 -48.47 -28.58
C VAL L 79 23.96 -49.01 -29.77
N LYS L 80 23.99 -50.34 -29.97
CA LYS L 80 23.30 -50.97 -31.12
C LYS L 80 21.81 -50.80 -30.87
N GLN L 81 21.34 -51.24 -29.69
CA GLN L 81 19.96 -51.09 -29.32
C GLN L 81 19.46 -49.66 -29.47
N ILE L 82 20.23 -48.71 -28.94
CA ILE L 82 19.71 -47.35 -28.83
C ILE L 82 19.77 -46.65 -30.18
N TRP L 83 20.69 -47.07 -31.05
CA TRP L 83 20.70 -46.54 -32.41
C TRP L 83 19.53 -47.07 -33.20
N THR L 84 19.16 -48.32 -32.98
CA THR L 84 18.01 -48.87 -33.67
C THR L 84 16.74 -48.18 -33.19
N SER L 85 16.69 -47.85 -31.90
CA SER L 85 15.57 -47.06 -31.38
C SER L 85 15.58 -45.65 -31.94
N MET L 86 16.77 -45.10 -32.13
CA MET L 86 16.92 -43.73 -32.62
C MET L 86 16.50 -43.62 -34.08
N ARG L 87 17.00 -44.53 -34.92
CA ARG L 87 16.60 -44.57 -36.32
C ARG L 87 15.15 -44.97 -36.48
N PHE L 88 14.64 -45.76 -35.53
CA PHE L 88 13.23 -46.10 -35.52
C PHE L 88 12.37 -44.86 -35.31
N ALA L 89 12.71 -44.05 -34.32
CA ALA L 89 11.94 -42.81 -34.10
C ALA L 89 12.19 -41.82 -35.22
N SER L 90 13.33 -41.96 -35.91
CA SER L 90 13.62 -41.13 -37.08
C SER L 90 12.69 -41.43 -38.24
N LEU L 91 12.76 -42.65 -38.77
CA LEU L 91 11.94 -43.02 -39.93
C LEU L 91 10.46 -43.05 -39.55
N THR L 92 10.17 -43.47 -38.33
CA THR L 92 8.83 -43.50 -37.79
C THR L 92 8.28 -42.11 -37.55
N GLU L 93 9.17 -41.14 -37.34
CA GLU L 93 8.82 -39.73 -37.12
C GLU L 93 7.93 -39.60 -35.89
N SER L 94 8.32 -40.28 -34.83
CA SER L 94 7.50 -40.39 -33.62
C SER L 94 8.40 -40.34 -32.39
N ILE L 95 7.78 -40.39 -31.21
CA ILE L 95 8.46 -40.08 -29.96
C ILE L 95 9.03 -41.35 -29.32
N ALA L 96 10.31 -41.32 -28.95
CA ALA L 96 10.98 -42.41 -28.25
C ALA L 96 11.59 -41.92 -26.95
N VAL L 97 11.11 -42.45 -25.83
CA VAL L 97 11.58 -42.07 -24.49
C VAL L 97 12.64 -43.08 -24.06
N VAL L 98 13.81 -42.58 -23.70
CA VAL L 98 14.90 -43.41 -23.23
C VAL L 98 15.13 -43.06 -21.77
N CYS L 99 14.50 -43.79 -20.87
CA CYS L 99 14.71 -43.64 -19.45
C CYS L 99 15.63 -44.76 -18.99
N GLY L 100 16.66 -44.41 -18.21
CA GLY L 100 17.61 -45.42 -17.76
C GLY L 100 18.27 -45.01 -16.46
N ASN L 101 19.15 -45.85 -15.92
CA ASN L 101 19.89 -45.48 -14.68
C ASN L 101 20.90 -44.40 -15.05
N PRO L 102 21.32 -43.52 -14.11
CA PRO L 102 22.25 -42.46 -14.46
C PRO L 102 23.58 -43.04 -14.95
N GLY L 103 24.23 -42.36 -15.90
CA GLY L 103 25.53 -42.82 -16.41
C GLY L 103 25.49 -44.17 -17.08
N VAL L 104 24.47 -44.46 -17.87
CA VAL L 104 24.46 -45.73 -18.63
C VAL L 104 25.17 -45.52 -19.97
N GLY L 105 25.68 -44.31 -20.21
CA GLY L 105 26.42 -44.02 -21.45
C GLY L 105 25.54 -43.53 -22.58
N LYS L 106 24.26 -43.29 -22.31
CA LYS L 106 23.30 -42.88 -23.37
C LYS L 106 23.68 -41.53 -23.96
N THR L 107 24.10 -40.58 -23.12
CA THR L 107 24.34 -39.20 -23.64
C THR L 107 25.41 -39.27 -24.73
N GLU L 108 26.48 -40.00 -24.48
CA GLU L 108 27.59 -40.02 -25.46
C GLU L 108 27.10 -40.64 -26.76
N ALA L 109 26.34 -41.72 -26.67
CA ALA L 109 25.97 -42.41 -27.92
C ALA L 109 25.13 -41.47 -28.79
N ALA L 110 24.20 -40.76 -28.17
CA ALA L 110 23.42 -39.78 -28.90
C ALA L 110 24.31 -38.86 -29.72
N ARG L 111 25.46 -38.50 -29.17
CA ARG L 111 26.36 -37.61 -29.91
C ARG L 111 27.04 -38.35 -31.04
N GLU L 112 27.25 -39.65 -30.89
CA GLU L 112 27.79 -40.42 -31.99
C GLU L 112 26.77 -40.55 -33.10
N TYR L 113 25.50 -40.67 -32.74
CA TYR L 113 24.44 -40.65 -33.74
C TYR L 113 24.38 -39.30 -34.43
N ARG L 114 24.59 -38.23 -33.68
CA ARG L 114 24.56 -36.90 -34.27
C ARG L 114 25.74 -36.69 -35.20
N ARG L 115 26.89 -37.28 -34.86
CA ARG L 115 28.08 -37.11 -35.68
C ARG L 115 28.01 -37.94 -36.95
N THR L 116 27.36 -39.10 -36.89
CA THR L 116 27.36 -40.00 -38.03
C THR L 116 26.25 -39.74 -39.03
N ASN L 117 25.17 -39.08 -38.63
CA ASN L 117 23.95 -39.04 -39.43
C ASN L 117 23.56 -37.62 -39.76
N ASN L 118 22.94 -37.46 -40.93
CA ASN L 118 22.42 -36.18 -41.38
C ASN L 118 21.02 -35.94 -40.82
N ASN L 119 20.62 -34.67 -40.84
CA ASN L 119 19.32 -34.19 -40.32
C ASN L 119 19.12 -34.63 -38.88
N VAL L 120 20.14 -34.42 -38.05
CA VAL L 120 20.09 -34.79 -36.65
C VAL L 120 20.45 -33.56 -35.84
N TRP L 121 19.69 -33.29 -34.78
CA TRP L 121 20.01 -32.20 -33.88
C TRP L 121 19.87 -32.67 -32.46
N MET L 122 20.58 -31.97 -31.58
CA MET L 122 20.58 -32.32 -30.17
C MET L 122 20.76 -31.05 -29.36
N ILE L 123 19.99 -30.94 -28.29
CA ILE L 123 20.30 -29.97 -27.25
C ILE L 123 20.57 -30.75 -25.98
N THR L 124 20.93 -30.01 -24.95
CA THR L 124 20.84 -30.49 -23.58
C THR L 124 19.88 -29.56 -22.89
N ILE L 125 19.23 -30.03 -21.84
CA ILE L 125 18.38 -29.17 -21.05
C ILE L 125 19.00 -29.07 -19.68
N THR L 126 19.67 -27.95 -19.41
CA THR L 126 19.86 -27.56 -18.04
C THR L 126 18.51 -27.07 -17.51
N PRO L 127 18.24 -27.27 -16.21
CA PRO L 127 17.01 -26.70 -15.64
C PRO L 127 16.97 -25.18 -15.62
N SER L 128 18.11 -24.51 -15.87
CA SER L 128 18.09 -23.09 -16.18
C SER L 128 17.31 -22.81 -17.46
N CYS L 129 17.48 -23.64 -18.49
CA CYS L 129 16.84 -23.43 -19.78
C CYS L 129 15.53 -24.21 -19.91
N ALA L 130 14.83 -24.42 -18.79
CA ALA L 130 13.73 -25.38 -18.75
C ALA L 130 12.38 -24.79 -19.09
N SER L 131 12.33 -23.57 -19.61
CA SER L 131 11.06 -22.99 -20.04
C SER L 131 10.79 -23.45 -21.47
N VAL L 132 9.61 -23.09 -21.96
CA VAL L 132 9.31 -23.31 -23.38
C VAL L 132 10.16 -22.39 -24.22
N LEU L 133 10.26 -21.12 -23.78
CA LEU L 133 11.00 -20.09 -24.51
C LEU L 133 12.47 -20.43 -24.60
N GLU L 134 13.08 -20.77 -23.47
CA GLU L 134 14.50 -21.06 -23.44
C GLU L 134 14.83 -22.32 -24.22
N CYS L 135 14.04 -23.38 -24.05
CA CYS L 135 14.33 -24.65 -24.70
C CYS L 135 14.15 -24.56 -26.21
N LEU L 136 13.08 -23.91 -26.65
CA LEU L 136 12.90 -23.74 -28.09
C LEU L 136 13.96 -22.81 -28.66
N THR L 137 14.44 -21.86 -27.85
CA THR L 137 15.54 -21.03 -28.28
C THR L 137 16.79 -21.87 -28.47
N GLU L 138 17.00 -22.84 -27.57
CA GLU L 138 18.15 -23.72 -27.68
C GLU L 138 18.09 -24.56 -28.94
N LEU L 139 16.90 -25.09 -29.23
CA LEU L 139 16.72 -25.88 -30.43
C LEU L 139 16.87 -25.03 -31.68
N ALA L 140 16.47 -23.75 -31.57
CA ALA L 140 16.58 -22.86 -32.72
C ALA L 140 18.03 -22.54 -33.01
N PHE L 141 18.82 -22.25 -31.98
CA PHE L 141 20.24 -22.02 -32.21
C PHE L 141 20.93 -23.29 -32.64
N GLU L 142 20.41 -24.44 -32.23
CA GLU L 142 20.96 -25.68 -32.76
C GLU L 142 20.60 -25.85 -34.23
N LEU L 143 19.46 -25.31 -34.64
CA LEU L 143 19.13 -25.31 -36.05
C LEU L 143 19.89 -24.26 -36.85
N GLY L 144 20.65 -23.39 -36.18
CA GLY L 144 21.46 -22.42 -36.87
C GLY L 144 20.76 -21.13 -37.23
N MET L 145 19.49 -20.98 -36.82
CA MET L 145 18.75 -19.74 -37.05
C MET L 145 19.11 -18.76 -35.94
N ASN L 146 20.25 -18.08 -36.10
CA ASN L 146 20.69 -17.10 -35.11
C ASN L 146 19.81 -15.86 -35.07
N ASP L 147 18.92 -15.69 -36.05
CA ASP L 147 17.97 -14.60 -36.13
C ASP L 147 16.65 -14.96 -35.48
N ALA L 148 16.70 -15.81 -34.47
CA ALA L 148 15.48 -16.31 -33.88
C ALA L 148 14.86 -15.26 -32.97
N PRO L 149 13.54 -15.12 -33.00
CA PRO L 149 12.89 -14.11 -32.17
C PRO L 149 12.85 -14.52 -30.72
N ARG L 150 12.89 -13.52 -29.84
CA ARG L 150 12.89 -13.76 -28.40
C ARG L 150 11.48 -13.91 -27.84
N ARG L 151 10.46 -13.88 -28.68
CA ARG L 151 9.11 -14.18 -28.23
C ARG L 151 8.87 -15.68 -28.44
N LYS L 152 7.84 -16.22 -27.79
CA LYS L 152 7.50 -17.63 -27.95
C LYS L 152 6.89 -17.92 -29.30
N GLY L 153 5.86 -17.16 -29.65
CA GLY L 153 5.06 -17.36 -30.83
C GLY L 153 5.80 -17.37 -32.15
N PRO L 154 6.45 -16.24 -32.51
CA PRO L 154 7.17 -16.22 -33.78
C PRO L 154 8.33 -17.18 -33.82
N LEU L 155 8.90 -17.50 -32.67
CA LEU L 155 9.90 -18.55 -32.62
C LEU L 155 9.29 -19.89 -32.98
N SER L 156 8.12 -20.18 -32.43
CA SER L 156 7.44 -21.43 -32.73
C SER L 156 7.10 -21.51 -34.22
N ARG L 157 6.69 -20.37 -34.79
CA ARG L 157 6.41 -20.32 -36.22
C ARG L 157 7.69 -20.51 -37.03
N ALA L 158 8.80 -19.95 -36.58
CA ALA L 158 10.05 -20.10 -37.31
C ALA L 158 10.54 -21.53 -37.27
N LEU L 159 10.36 -22.17 -36.12
CA LEU L 159 10.68 -23.58 -36.01
C LEU L 159 9.79 -24.42 -36.91
N ARG L 160 8.51 -24.05 -36.98
CA ARG L 160 7.56 -24.81 -37.77
C ARG L 160 7.87 -24.69 -39.26
N ARG L 161 8.33 -23.53 -39.69
CA ARG L 161 8.66 -23.37 -41.10
C ARG L 161 10.02 -23.95 -41.42
N ARG L 162 10.98 -23.81 -40.51
CA ARG L 162 12.34 -24.28 -40.76
C ARG L 162 12.43 -25.78 -40.72
N LEU L 163 11.77 -26.39 -39.77
CA LEU L 163 12.06 -27.75 -39.39
C LEU L 163 11.21 -28.77 -40.13
N GLU L 164 10.05 -28.36 -40.62
CA GLU L 164 9.18 -29.26 -41.37
C GLU L 164 9.66 -29.40 -42.80
N GLY L 165 9.65 -30.64 -43.28
CA GLY L 165 10.12 -30.95 -44.62
C GLY L 165 11.57 -31.36 -44.71
N THR L 166 12.32 -31.30 -43.62
CA THR L 166 13.71 -31.71 -43.63
C THR L 166 13.89 -33.18 -43.33
N GLN L 167 12.86 -33.82 -42.76
CA GLN L 167 12.91 -35.18 -42.23
C GLN L 167 14.08 -35.33 -41.26
N GLY L 168 13.98 -34.63 -40.15
CA GLY L 168 15.04 -34.58 -39.17
C GLY L 168 14.69 -35.35 -37.90
N LEU L 169 15.65 -35.31 -36.98
CA LEU L 169 15.52 -35.99 -35.70
C LEU L 169 16.05 -35.10 -34.59
N VAL L 170 15.14 -34.64 -33.75
CA VAL L 170 15.51 -33.86 -32.57
C VAL L 170 15.80 -34.84 -31.44
N ILE L 171 16.91 -34.62 -30.75
CA ILE L 171 17.26 -35.41 -29.58
C ILE L 171 17.22 -34.50 -28.37
N ILE L 172 16.52 -34.91 -27.31
CA ILE L 172 16.45 -34.07 -26.08
C ILE L 172 16.95 -34.88 -24.89
N ASP L 173 17.94 -34.35 -24.16
CA ASP L 173 18.57 -35.06 -23.00
C ASP L 173 17.96 -34.56 -21.69
N GLU L 174 17.93 -35.41 -20.66
CA GLU L 174 17.38 -35.02 -19.34
C GLU L 174 15.91 -34.62 -19.50
N ALA L 175 15.11 -35.48 -20.13
CA ALA L 175 13.69 -35.17 -20.31
C ALA L 175 12.90 -35.18 -19.00
N ASP L 176 13.54 -35.33 -17.85
CA ASP L 176 12.80 -35.31 -16.60
C ASP L 176 12.44 -33.90 -16.19
N HIS L 177 13.24 -32.91 -16.61
CA HIS L 177 13.02 -31.54 -16.21
C HIS L 177 12.11 -30.79 -17.18
N LEU L 178 11.27 -31.53 -17.91
CA LEU L 178 10.34 -30.90 -18.83
C LEU L 178 9.12 -30.39 -18.09
N GLY L 179 8.76 -29.15 -18.38
CA GLY L 179 7.44 -28.66 -18.01
C GLY L 179 6.40 -29.32 -18.89
N ALA L 180 5.17 -29.32 -18.40
CA ALA L 180 4.06 -29.90 -19.14
C ALA L 180 3.81 -29.12 -20.42
N GLU L 181 3.90 -27.79 -20.34
CA GLU L 181 3.81 -26.96 -21.53
C GLU L 181 5.05 -27.13 -22.40
N VAL L 182 6.19 -27.45 -21.79
CA VAL L 182 7.45 -27.60 -22.53
C VAL L 182 7.37 -28.83 -23.42
N LEU L 183 7.23 -29.99 -22.80
CA LEU L 183 7.06 -31.25 -23.53
C LEU L 183 5.80 -31.24 -24.39
N GLU L 184 4.77 -30.51 -23.97
CA GLU L 184 3.56 -30.32 -24.75
C GLU L 184 3.84 -29.63 -26.07
N GLU L 185 4.61 -28.54 -26.03
CA GLU L 185 4.92 -27.82 -27.25
C GLU L 185 5.88 -28.62 -28.10
N LEU L 186 6.75 -29.41 -27.47
CA LEU L 186 7.64 -30.28 -28.24
C LEU L 186 6.87 -31.37 -28.98
N ARG L 187 5.94 -32.03 -28.30
CA ARG L 187 5.21 -33.12 -28.96
C ARG L 187 4.30 -32.58 -30.04
N LEU L 188 3.67 -31.42 -29.80
CA LEU L 188 2.83 -30.85 -30.84
C LEU L 188 3.67 -30.27 -31.95
N LEU L 189 4.91 -29.89 -31.64
CA LEU L 189 5.85 -29.47 -32.66
C LEU L 189 6.15 -30.62 -33.60
N GLN L 190 6.79 -31.68 -33.09
CA GLN L 190 7.20 -32.78 -33.98
C GLN L 190 5.97 -33.27 -34.74
N GLU L 191 4.83 -33.30 -34.05
CA GLU L 191 3.59 -33.82 -34.67
C GLU L 191 3.27 -32.88 -35.84
N SER L 192 3.40 -31.57 -35.61
CA SER L 192 3.05 -30.59 -36.66
C SER L 192 4.30 -30.25 -37.46
N THR L 193 5.24 -31.19 -37.51
CA THR L 193 6.48 -30.90 -38.21
C THR L 193 6.94 -32.07 -39.06
N ARG L 194 6.44 -33.28 -38.80
CA ARG L 194 6.81 -34.52 -39.52
C ARG L 194 8.31 -34.76 -39.41
N ILE L 195 8.76 -34.83 -38.15
CA ILE L 195 10.14 -35.01 -37.76
C ILE L 195 10.20 -35.99 -36.60
N GLY L 196 11.40 -36.16 -36.06
CA GLY L 196 11.56 -37.03 -34.92
C GLY L 196 11.92 -36.30 -33.64
N LEU L 197 11.32 -36.74 -32.54
CA LEU L 197 11.65 -36.31 -31.20
C LEU L 197 12.06 -37.54 -30.40
N VAL L 198 13.13 -37.45 -29.62
CA VAL L 198 13.59 -38.56 -28.79
C VAL L 198 13.95 -38.01 -27.42
N LEU L 199 13.38 -38.59 -26.38
CA LEU L 199 13.61 -38.17 -25.01
C LEU L 199 14.65 -39.05 -24.33
N MET L 200 15.49 -38.44 -23.49
CA MET L 200 16.54 -39.14 -22.76
C MET L 200 16.31 -38.99 -21.25
N GLY L 201 17.26 -39.46 -20.45
CA GLY L 201 17.34 -39.12 -19.04
C GLY L 201 17.09 -40.32 -18.14
N ASN L 202 16.79 -40.05 -16.89
CA ASN L 202 16.56 -41.07 -15.88
C ASN L 202 15.12 -41.56 -15.93
N HIS L 203 14.78 -42.48 -15.02
CA HIS L 203 13.48 -43.10 -15.02
C HIS L 203 12.39 -42.24 -14.38
N ARG L 204 12.67 -40.97 -14.09
CA ARG L 204 11.63 -40.08 -13.62
C ARG L 204 10.77 -39.55 -14.77
N VAL L 205 11.22 -39.76 -16.02
CA VAL L 205 10.48 -39.26 -17.17
C VAL L 205 9.20 -40.05 -17.37
N TYR L 206 9.29 -41.38 -17.31
CA TYR L 206 8.11 -42.20 -17.37
C TYR L 206 7.31 -42.12 -16.06
N SER L 207 7.98 -41.78 -14.95
CA SER L 207 7.29 -41.61 -13.68
C SER L 207 6.45 -40.34 -13.65
N ASN L 208 6.82 -39.34 -14.47
CA ASN L 208 6.04 -38.11 -14.53
C ASN L 208 4.74 -38.29 -15.30
N MET L 209 4.58 -39.40 -16.01
CA MET L 209 3.36 -39.72 -16.72
C MET L 209 2.49 -40.70 -15.95
N THR L 210 3.10 -41.50 -15.07
CA THR L 210 2.36 -42.49 -14.28
C THR L 210 2.61 -42.29 -12.79
N THR L 215 -2.21 -39.40 -16.61
CA THR L 215 -2.65 -39.78 -17.96
C THR L 215 -4.05 -39.28 -18.29
N VAL L 216 -4.30 -38.03 -17.91
CA VAL L 216 -5.16 -37.12 -18.67
C VAL L 216 -4.41 -35.86 -19.08
N GLU L 217 -3.37 -35.48 -18.36
CA GLU L 217 -2.44 -34.43 -18.76
C GLU L 217 -1.37 -34.94 -19.70
N PHE L 218 -1.00 -36.22 -19.57
CA PHE L 218 -0.04 -36.89 -20.45
C PHE L 218 -0.70 -37.98 -21.29
N ALA L 219 -2.02 -37.90 -21.51
CA ALA L 219 -2.76 -39.03 -22.06
C ALA L 219 -2.46 -39.24 -23.54
N ARG L 220 -2.63 -38.19 -24.35
CA ARG L 220 -2.32 -38.28 -25.77
C ARG L 220 -0.83 -38.47 -25.99
N LEU L 221 0.00 -38.02 -25.03
CA LEU L 221 1.44 -38.22 -25.13
C LEU L 221 1.82 -39.66 -24.89
N PHE L 222 1.21 -40.30 -23.89
CA PHE L 222 1.35 -41.74 -23.69
C PHE L 222 0.76 -42.51 -24.87
N SER L 223 -0.07 -41.84 -25.68
CA SER L 223 -0.60 -42.48 -26.91
C SER L 223 0.42 -42.38 -28.05
N ARG L 224 1.19 -41.28 -28.09
CA ARG L 224 2.25 -41.12 -29.12
C ARG L 224 3.37 -42.15 -28.94
N ILE L 225 3.77 -42.44 -27.70
CA ILE L 225 4.96 -43.33 -27.42
C ILE L 225 5.16 -44.39 -28.50
N ALA L 226 6.33 -44.40 -29.13
CA ALA L 226 6.68 -45.40 -30.13
C ALA L 226 7.54 -46.52 -29.59
N LYS L 227 8.72 -46.21 -29.07
CA LYS L 227 9.65 -47.20 -28.58
C LYS L 227 10.36 -46.66 -27.35
N ARG L 228 9.88 -47.04 -26.18
CA ARG L 228 10.65 -46.87 -24.96
C ARG L 228 11.72 -47.94 -24.98
N THR L 229 12.91 -47.59 -24.50
CA THR L 229 13.99 -48.53 -24.26
C THR L 229 14.63 -48.19 -22.94
N ALA L 230 14.49 -49.08 -21.97
CA ALA L 230 15.08 -48.87 -20.65
C ALA L 230 16.44 -49.56 -20.60
N ILE L 231 17.47 -48.81 -20.27
CA ILE L 231 18.80 -49.37 -20.04
C ILE L 231 19.10 -49.17 -18.57
N ASN L 232 18.97 -50.25 -17.80
CA ASN L 232 19.26 -50.19 -16.38
C ASN L 232 20.76 -50.24 -16.14
N LYS L 233 21.41 -51.31 -16.56
CA LYS L 233 22.85 -51.41 -16.45
C LYS L 233 23.41 -52.04 -17.72
N THR L 234 24.71 -52.27 -17.68
CA THR L 234 25.40 -52.75 -18.87
C THR L 234 25.16 -54.23 -19.09
N LYS L 235 25.72 -54.76 -20.16
CA LYS L 235 25.75 -56.19 -20.35
C LYS L 235 27.19 -56.70 -20.41
N LYS L 236 27.34 -58.00 -20.58
CA LYS L 236 28.67 -58.58 -20.61
C LYS L 236 29.30 -58.41 -21.99
N ALA L 237 28.49 -58.45 -23.05
CA ALA L 237 29.02 -58.16 -24.37
C ALA L 237 29.34 -56.69 -24.52
N ASP L 238 28.66 -55.84 -23.73
CA ASP L 238 28.99 -54.43 -23.65
C ASP L 238 30.44 -54.23 -23.23
N VAL L 239 30.80 -54.72 -22.04
CA VAL L 239 32.17 -54.57 -21.56
C VAL L 239 33.13 -55.46 -22.34
N LYS L 240 32.62 -56.49 -23.02
CA LYS L 240 33.47 -57.32 -23.86
C LYS L 240 33.93 -56.55 -25.09
N ALA L 241 33.02 -55.82 -25.73
CA ALA L 241 33.41 -54.96 -26.84
C ALA L 241 34.24 -53.79 -26.36
N ILE L 242 34.01 -53.35 -25.12
CA ILE L 242 34.89 -52.36 -24.50
C ILE L 242 36.32 -52.88 -24.40
N ALA L 243 36.47 -54.13 -23.94
CA ALA L 243 37.80 -54.72 -23.82
C ALA L 243 38.41 -54.98 -25.19
N ASP L 244 37.56 -55.24 -26.19
CA ASP L 244 38.06 -55.39 -27.55
C ASP L 244 38.58 -54.08 -28.10
N ALA L 245 37.88 -52.98 -27.80
CA ALA L 245 38.32 -51.67 -28.26
C ALA L 245 39.56 -51.20 -27.52
N TRP L 246 39.67 -51.53 -26.24
CA TRP L 246 40.81 -51.13 -25.43
C TRP L 246 41.92 -52.15 -25.41
N GLN L 247 41.85 -53.18 -26.27
CA GLN L 247 42.88 -54.21 -26.46
C GLN L 247 43.20 -54.92 -25.14
N ILE L 248 42.15 -55.40 -24.48
CA ILE L 248 42.27 -56.03 -23.18
C ILE L 248 41.96 -57.51 -23.36
N ASN L 249 42.89 -58.36 -22.95
CA ASN L 249 42.81 -59.78 -23.20
C ASN L 249 42.77 -60.64 -21.94
N GLY L 250 43.03 -60.07 -20.77
CA GLY L 250 43.01 -60.84 -19.55
C GLY L 250 41.62 -61.24 -19.12
N GLU L 251 41.46 -62.51 -18.74
CA GLU L 251 40.17 -62.96 -18.23
C GLU L 251 39.95 -62.45 -16.81
N LYS L 252 41.02 -62.39 -16.01
CA LYS L 252 40.97 -61.69 -14.73
C LYS L 252 40.66 -60.21 -14.95
N GLU L 253 41.28 -59.63 -15.98
CA GLU L 253 40.98 -58.26 -16.37
C GLU L 253 39.54 -58.11 -16.80
N LEU L 254 39.02 -59.09 -17.54
CA LEU L 254 37.63 -59.03 -18.01
C LEU L 254 36.65 -59.13 -16.85
N GLU L 255 36.92 -60.02 -15.89
CA GLU L 255 36.05 -60.15 -14.72
C GLU L 255 36.11 -58.89 -13.86
N LEU L 256 37.29 -58.28 -13.74
CA LEU L 256 37.41 -57.05 -12.98
C LEU L 256 36.67 -55.90 -13.65
N LEU L 257 36.73 -55.83 -14.98
CA LEU L 257 35.96 -54.83 -15.72
C LEU L 257 34.47 -55.04 -15.53
N GLN L 258 34.03 -56.30 -15.51
CA GLN L 258 32.64 -56.60 -15.27
C GLN L 258 32.21 -56.19 -13.87
N GLN L 259 33.07 -56.43 -12.87
CA GLN L 259 32.76 -56.05 -11.49
C GLN L 259 32.70 -54.54 -11.33
N ILE L 260 33.53 -53.81 -12.08
CA ILE L 260 33.45 -52.36 -12.11
C ILE L 260 32.14 -51.92 -12.77
N ALA L 261 31.71 -52.66 -13.81
CA ALA L 261 30.45 -52.35 -14.47
C ALA L 261 29.25 -52.65 -13.59
N GLN L 262 29.43 -53.45 -12.55
CA GLN L 262 28.34 -53.71 -11.62
C GLN L 262 28.07 -52.51 -10.72
N LYS L 263 29.03 -51.60 -10.57
CA LYS L 263 28.81 -50.43 -9.74
C LYS L 263 28.33 -49.26 -10.58
N PRO L 264 27.48 -48.39 -10.02
CA PRO L 264 26.84 -47.34 -10.83
C PRO L 264 27.83 -46.27 -11.29
N GLY L 265 27.36 -45.44 -12.21
CA GLY L 265 28.28 -44.67 -13.01
C GLY L 265 29.09 -45.60 -13.89
N ALA L 266 28.44 -46.68 -14.32
CA ALA L 266 29.14 -47.77 -15.03
C ALA L 266 30.07 -47.27 -16.13
N LEU L 267 29.51 -46.71 -17.20
CA LEU L 267 30.40 -46.35 -18.32
C LEU L 267 31.39 -45.32 -17.80
N ARG L 268 30.90 -44.37 -16.99
CA ARG L 268 31.81 -43.28 -16.55
C ARG L 268 32.95 -43.85 -15.71
N ILE L 269 32.64 -44.70 -14.74
CA ILE L 269 33.70 -45.22 -13.83
C ILE L 269 34.65 -46.07 -14.68
N LEU L 270 34.07 -46.87 -15.57
CA LEU L 270 34.92 -47.77 -16.38
C LEU L 270 35.84 -46.90 -17.23
N ASN L 271 35.29 -45.85 -17.83
CA ASN L 271 36.12 -44.98 -18.71
C ASN L 271 37.18 -44.32 -17.84
N HIS L 272 36.79 -43.86 -16.66
CA HIS L 272 37.77 -43.24 -15.73
C HIS L 272 38.85 -44.27 -15.41
N SER L 273 38.42 -45.48 -15.06
CA SER L 273 39.39 -46.53 -14.70
C SER L 273 40.30 -46.86 -15.86
N LEU L 274 39.73 -46.97 -17.07
CA LEU L 274 40.52 -47.21 -18.26
C LEU L 274 41.53 -46.10 -18.51
N ARG L 275 41.12 -44.85 -18.26
CA ARG L 275 42.01 -43.73 -18.55
C ARG L 275 43.08 -43.58 -17.47
N LEU L 276 42.74 -43.86 -16.21
CA LEU L 276 43.75 -43.93 -15.14
C LEU L 276 44.80 -44.98 -15.44
N ALA L 277 44.37 -46.18 -15.83
CA ALA L 277 45.32 -47.25 -16.08
C ALA L 277 46.16 -46.97 -17.32
N ALA L 278 45.55 -46.36 -18.34
CA ALA L 278 46.31 -46.04 -19.55
C ALA L 278 47.36 -44.98 -19.28
N MET L 279 47.00 -43.93 -18.54
CA MET L 279 47.98 -42.88 -18.26
C MET L 279 49.05 -43.36 -17.29
N THR L 280 48.69 -44.24 -16.36
CA THR L 280 49.69 -44.77 -15.43
C THR L 280 50.67 -45.70 -16.14
N ALA L 281 50.16 -46.57 -17.03
CA ALA L 281 51.03 -47.48 -17.76
C ALA L 281 51.87 -46.74 -18.79
N HIS L 282 51.35 -45.62 -19.30
CA HIS L 282 52.14 -44.82 -20.23
C HIS L 282 53.22 -44.02 -19.47
N GLY L 283 52.90 -43.56 -18.27
CA GLY L 283 53.90 -42.85 -17.48
C GLY L 283 54.97 -43.77 -16.95
N LYS L 284 54.62 -45.02 -16.67
CA LYS L 284 55.59 -46.03 -16.26
C LYS L 284 56.16 -46.81 -17.43
N GLY L 285 55.74 -46.51 -18.66
CA GLY L 285 56.26 -47.16 -19.84
C GLY L 285 55.78 -48.58 -20.05
N GLU L 286 54.80 -49.04 -19.28
CA GLU L 286 54.39 -50.43 -19.28
C GLU L 286 53.07 -50.61 -20.00
N ARG L 287 52.59 -51.85 -19.96
CA ARG L 287 51.28 -52.21 -20.47
C ARG L 287 50.26 -52.08 -19.35
N VAL L 288 49.04 -51.68 -19.70
CA VAL L 288 47.92 -51.75 -18.78
C VAL L 288 47.71 -53.19 -18.35
N ASN L 289 47.67 -53.41 -17.05
CA ASN L 289 47.49 -54.76 -16.51
C ASN L 289 46.49 -54.69 -15.37
N GLU L 290 46.37 -55.78 -14.63
CA GLU L 290 45.30 -55.93 -13.65
C GLU L 290 45.53 -55.05 -12.43
N ASP L 291 46.80 -54.88 -12.04
CA ASP L 291 47.13 -54.15 -10.82
C ASP L 291 46.90 -52.66 -10.99
N TYR L 292 47.15 -52.14 -12.20
CA TYR L 292 46.85 -50.75 -12.49
C TYR L 292 45.36 -50.50 -12.40
N LEU L 293 44.57 -51.46 -12.87
CA LEU L 293 43.12 -51.39 -12.75
C LEU L 293 42.68 -51.46 -11.30
N ARG L 294 43.37 -52.26 -10.49
CA ARG L 294 43.03 -52.35 -9.07
C ARG L 294 43.33 -51.05 -8.34
N GLN L 295 44.46 -50.42 -8.65
CA GLN L 295 44.78 -49.14 -8.01
C GLN L 295 43.82 -48.04 -8.47
N ALA L 296 43.48 -48.06 -9.76
CA ALA L 296 42.50 -47.12 -10.32
C ALA L 296 41.14 -47.24 -9.63
N PHE L 297 40.66 -48.47 -9.45
CA PHE L 297 39.39 -48.69 -8.78
C PHE L 297 39.52 -48.46 -7.28
N ARG L 298 40.72 -48.62 -6.73
CA ARG L 298 40.98 -48.35 -5.32
C ARG L 298 40.91 -46.86 -5.04
N GLU L 299 41.13 -46.05 -6.06
CA GLU L 299 40.87 -44.62 -5.96
C GLU L 299 39.36 -44.34 -6.01
N LEU L 300 39.03 -43.06 -6.17
CA LEU L 300 37.72 -42.49 -6.49
C LEU L 300 36.75 -42.45 -5.31
N ASP L 301 37.10 -43.03 -4.16
CA ASP L 301 36.25 -43.14 -2.96
C ASP L 301 34.89 -43.74 -3.28
N LEU L 302 34.91 -44.98 -3.76
CA LEU L 302 33.66 -45.63 -4.13
C LEU L 302 33.05 -46.35 -2.92
N ASP L 303 33.88 -46.82 -2.00
CA ASP L 303 33.42 -47.44 -0.76
C ASP L 303 33.55 -46.47 0.43
N VAL L 304 33.87 -45.21 0.15
CA VAL L 304 34.05 -44.19 1.18
C VAL L 304 32.88 -43.22 1.10
N ASP L 305 32.15 -43.07 2.20
CA ASP L 305 30.96 -42.23 2.26
C ASP L 305 31.30 -40.76 2.41
N LEU M 67 -60.18 -40.14 -10.21
CA LEU M 67 -60.94 -40.50 -9.00
C LEU M 67 -60.15 -41.26 -7.90
N PRO M 68 -59.28 -42.24 -8.20
CA PRO M 68 -58.48 -42.82 -7.11
C PRO M 68 -57.37 -41.88 -6.66
N GLU M 69 -56.72 -42.26 -5.57
CA GLU M 69 -55.57 -41.52 -5.10
C GLU M 69 -54.38 -41.72 -6.04
N PRO M 70 -53.70 -40.65 -6.43
CA PRO M 70 -52.50 -40.80 -7.24
C PRO M 70 -51.39 -41.44 -6.45
N PRO M 71 -50.69 -42.48 -6.97
CA PRO M 71 -49.51 -43.03 -6.29
C PRO M 71 -48.34 -42.04 -6.39
N ARG M 72 -47.64 -41.78 -5.27
CA ARG M 72 -46.45 -40.90 -5.30
C ARG M 72 -45.28 -41.54 -6.05
N PHE M 73 -45.05 -42.84 -5.84
CA PHE M 73 -43.86 -43.51 -6.45
C PHE M 73 -44.29 -44.83 -7.08
N VAL M 74 -43.62 -45.24 -8.16
CA VAL M 74 -43.94 -46.55 -8.80
C VAL M 74 -42.66 -47.39 -8.93
N GLU M 75 -42.72 -48.68 -8.57
CA GLU M 75 -41.54 -49.56 -8.78
C GLU M 75 -41.36 -49.73 -10.30
N THR M 76 -40.13 -49.64 -10.79
CA THR M 76 -39.90 -49.66 -12.26
C THR M 76 -38.68 -50.54 -12.57
N GLN M 77 -38.46 -50.85 -13.85
CA GLN M 77 -37.27 -51.65 -14.25
C GLN M 77 -36.01 -50.89 -13.82
N THR M 78 -36.00 -49.57 -14.02
CA THR M 78 -34.84 -48.76 -13.53
C THR M 78 -34.79 -48.88 -12.01
N VAL M 79 -35.95 -48.80 -11.35
CA VAL M 79 -36.00 -48.88 -9.86
C VAL M 79 -35.45 -50.24 -9.41
N LYS M 80 -35.75 -51.30 -10.17
CA LYS M 80 -35.29 -52.67 -9.81
C LYS M 80 -33.77 -52.66 -10.00
N GLN M 81 -33.32 -52.27 -11.18
CA GLN M 81 -31.90 -52.18 -11.47
C GLN M 81 -31.15 -51.36 -10.43
N ILE M 82 -31.66 -50.18 -10.12
CA ILE M 82 -30.88 -49.25 -9.32
C ILE M 82 -30.91 -49.65 -7.85
N TRP M 83 -31.96 -50.35 -7.43
CA TRP M 83 -31.97 -50.88 -6.08
C TRP M 83 -30.99 -52.03 -5.93
N THR M 84 -30.87 -52.84 -6.97
CA THR M 84 -29.90 -53.93 -6.93
C THR M 84 -28.48 -53.37 -6.91
N SER M 85 -28.26 -52.27 -7.64
CA SER M 85 -26.97 -51.58 -7.58
C SER M 85 -26.75 -50.94 -6.21
N MET M 86 -27.82 -50.44 -5.61
CA MET M 86 -27.73 -49.77 -4.32
C MET M 86 -27.42 -50.77 -3.21
N ARG M 87 -28.15 -51.88 -3.16
CA ARG M 87 -27.88 -52.93 -2.19
C ARG M 87 -26.56 -53.62 -2.46
N PHE M 88 -26.14 -53.64 -3.73
CA PHE M 88 -24.82 -54.14 -4.07
C PHE M 88 -23.73 -53.29 -3.45
N ALA M 89 -23.80 -51.98 -3.62
CA ALA M 89 -22.80 -51.11 -3.00
C ALA M 89 -22.94 -51.11 -1.49
N SER M 90 -24.13 -51.43 -0.98
CA SER M 90 -24.34 -51.58 0.46
C SER M 90 -23.59 -52.77 1.03
N LEU M 91 -23.93 -53.98 0.60
CA LEU M 91 -23.30 -55.18 1.14
C LEU M 91 -21.83 -55.25 0.73
N THR M 92 -21.53 -54.78 -0.47
CA THR M 92 -20.19 -54.69 -1.00
C THR M 92 -19.35 -53.66 -0.28
N GLU M 93 -20.01 -52.64 0.28
CA GLU M 93 -19.37 -51.57 1.04
C GLU M 93 -18.38 -50.82 0.16
N SER M 94 -18.82 -50.51 -1.05
CA SER M 94 -17.95 -49.94 -2.07
C SER M 94 -18.72 -48.89 -2.86
N ILE M 95 -18.04 -48.25 -3.81
CA ILE M 95 -18.55 -47.05 -4.48
C ILE M 95 -19.30 -47.41 -5.75
N ALA M 96 -20.52 -46.88 -5.90
CA ALA M 96 -21.34 -47.06 -7.10
C ALA M 96 -21.73 -45.71 -7.68
N VAL M 97 -21.29 -45.43 -8.91
CA VAL M 97 -21.56 -44.17 -9.59
C VAL M 97 -22.76 -44.38 -10.49
N VAL M 98 -23.77 -43.55 -10.33
CA VAL M 98 -24.97 -43.62 -11.15
C VAL M 98 -25.01 -42.33 -11.96
N CYS M 99 -24.47 -42.38 -13.17
CA CYS M 99 -24.54 -41.27 -14.10
C CYS M 99 -25.63 -41.57 -15.12
N GLY M 100 -26.51 -40.60 -15.36
CA GLY M 100 -27.61 -40.82 -16.31
C GLY M 100 -28.04 -39.53 -16.95
N ASN M 101 -29.04 -39.58 -17.82
CA ASN M 101 -29.57 -38.33 -18.42
C ASN M 101 -30.32 -37.57 -17.32
N PRO M 102 -30.47 -36.23 -17.40
CA PRO M 102 -31.22 -35.50 -16.40
C PRO M 102 -32.67 -35.99 -16.35
N GLY M 103 -33.25 -36.02 -15.16
CA GLY M 103 -34.66 -36.43 -15.00
C GLY M 103 -34.94 -37.86 -15.44
N VAL M 104 -34.05 -38.81 -15.12
CA VAL M 104 -34.36 -40.23 -15.43
C VAL M 104 -35.09 -40.84 -14.23
N GLY M 105 -35.36 -40.05 -13.20
CA GLY M 105 -36.10 -40.54 -12.02
C GLY M 105 -35.22 -41.14 -10.95
N LYS M 106 -33.89 -41.05 -11.11
CA LYS M 106 -32.95 -41.67 -10.16
C LYS M 106 -33.10 -41.04 -8.77
N THR M 107 -33.26 -39.72 -8.71
CA THR M 107 -33.27 -39.04 -7.39
C THR M 107 -34.41 -39.61 -6.56
N GLU M 108 -35.59 -39.75 -7.17
CA GLU M 108 -36.77 -40.19 -6.39
C GLU M 108 -36.55 -41.60 -5.84
N ALA M 109 -36.00 -42.49 -6.66
CA ALA M 109 -35.92 -43.89 -6.19
C ALA M 109 -35.02 -43.95 -4.97
N ALA M 110 -33.91 -43.22 -5.01
CA ALA M 110 -33.01 -43.18 -3.87
C ALA M 110 -33.78 -42.89 -2.58
N ARG M 111 -34.78 -42.03 -2.65
CA ARG M 111 -35.53 -41.74 -1.44
C ARG M 111 -36.43 -42.88 -1.05
N GLU M 112 -36.89 -43.67 -2.03
CA GLU M 112 -37.66 -44.84 -1.69
C GLU M 112 -36.77 -45.89 -1.04
N TYR M 113 -35.52 -45.98 -1.49
CA TYR M 113 -34.56 -46.85 -0.83
C TYR M 113 -34.29 -46.38 0.59
N ARG M 114 -34.23 -45.06 0.78
CA ARG M 114 -33.98 -44.52 2.10
C ARG M 114 -35.17 -44.76 3.02
N ARG M 115 -36.37 -44.74 2.46
CA ARG M 115 -37.57 -44.92 3.27
C ARG M 115 -37.76 -46.38 3.63
N THR M 116 -37.35 -47.29 2.76
CA THR M 116 -37.62 -48.70 3.00
C THR M 116 -36.56 -49.42 3.81
N ASN M 117 -35.34 -48.89 3.88
CA ASN M 117 -34.20 -49.64 4.39
C ASN M 117 -33.57 -48.94 5.57
N ASN M 118 -33.02 -49.73 6.48
CA ASN M 118 -32.29 -49.22 7.64
C ASN M 118 -30.83 -48.96 7.28
N ASN M 119 -30.19 -48.14 8.12
CA ASN M 119 -28.79 -47.70 7.96
C ASN M 119 -28.56 -47.08 6.59
N VAL M 120 -29.45 -46.18 6.21
CA VAL M 120 -29.37 -45.50 4.92
C VAL M 120 -29.42 -44.02 5.19
N TRP M 121 -28.55 -43.26 4.53
CA TRP M 121 -28.57 -41.82 4.63
C TRP M 121 -28.42 -41.21 3.26
N MET M 122 -28.90 -39.98 3.13
CA MET M 122 -28.87 -39.28 1.87
C MET M 122 -28.72 -37.80 2.14
N ILE M 123 -27.87 -37.14 1.36
CA ILE M 123 -27.89 -35.70 1.28
C ILE M 123 -28.22 -35.33 -0.15
N THR M 124 -28.35 -34.05 -0.39
CA THR M 124 -28.24 -33.49 -1.72
C THR M 124 -27.07 -32.54 -1.67
N ILE M 125 -26.45 -32.31 -2.81
CA ILE M 125 -25.39 -31.32 -2.87
C ILE M 125 -25.88 -30.20 -3.77
N THR M 126 -26.28 -29.10 -3.16
CA THR M 126 -26.27 -27.85 -3.88
C THR M 126 -24.82 -27.42 -4.06
N PRO M 127 -24.50 -26.75 -5.15
CA PRO M 127 -23.13 -26.19 -5.30
C PRO M 127 -22.80 -25.10 -4.29
N SER M 128 -23.79 -24.58 -3.56
CA SER M 128 -23.53 -23.78 -2.37
C SER M 128 -22.80 -24.59 -1.31
N CYS M 129 -23.20 -25.84 -1.10
CA CYS M 129 -22.64 -26.69 -0.06
C CYS M 129 -21.53 -27.59 -0.60
N ALA M 130 -20.80 -27.13 -1.61
CA ALA M 130 -19.92 -28.00 -2.38
C ALA M 130 -18.50 -28.08 -1.83
N SER M 131 -18.24 -27.57 -0.63
CA SER M 131 -16.93 -27.70 -0.03
C SER M 131 -16.87 -29.03 0.70
N VAL M 132 -15.68 -29.35 1.20
CA VAL M 132 -15.54 -30.52 2.06
C VAL M 132 -16.26 -30.26 3.38
N LEU M 133 -16.07 -29.05 3.92
CA LEU M 133 -16.64 -28.66 5.21
C LEU M 133 -18.15 -28.67 5.16
N GLU M 134 -18.72 -28.03 4.15
CA GLU M 134 -20.17 -27.93 4.04
C GLU M 134 -20.80 -29.29 3.79
N CYS M 135 -20.23 -30.09 2.88
CA CYS M 135 -20.82 -31.37 2.53
C CYS M 135 -20.74 -32.36 3.68
N LEU M 136 -19.59 -32.41 4.37
CA LEU M 136 -19.50 -33.29 5.52
C LEU M 136 -20.40 -32.80 6.64
N THR M 137 -20.61 -31.49 6.74
CA THR M 137 -21.57 -30.96 7.70
C THR M 137 -22.96 -31.45 7.37
N GLU M 138 -23.29 -31.50 6.07
CA GLU M 138 -24.60 -31.96 5.65
C GLU M 138 -24.79 -33.43 6.00
N LEU M 139 -23.76 -34.23 5.76
CA LEU M 139 -23.83 -35.65 6.09
C LEU M 139 -23.91 -35.84 7.59
N ALA M 140 -23.27 -34.95 8.35
CA ALA M 140 -23.29 -35.06 9.80
C ALA M 140 -24.67 -34.74 10.36
N PHE M 141 -25.29 -33.68 9.85
CA PHE M 141 -26.65 -33.39 10.28
C PHE M 141 -27.61 -34.45 9.80
N GLU M 142 -27.29 -35.10 8.68
CA GLU M 142 -28.11 -36.23 8.27
C GLU M 142 -27.92 -37.42 9.21
N LEU M 143 -26.73 -37.53 9.79
CA LEU M 143 -26.51 -38.55 10.80
C LEU M 143 -27.11 -38.18 12.15
N GLY M 144 -27.64 -36.98 12.30
CA GLY M 144 -28.29 -36.58 13.54
C GLY M 144 -27.37 -36.05 14.61
N MET M 145 -26.07 -35.92 14.31
CA MET M 145 -25.12 -35.33 15.26
C MET M 145 -25.19 -33.81 15.12
N ASN M 146 -26.18 -33.22 15.80
CA ASN M 146 -26.35 -31.77 15.77
C ASN M 146 -25.24 -31.03 16.50
N ASP M 147 -24.41 -31.74 17.27
CA ASP M 147 -23.27 -31.21 17.99
C ASP M 147 -22.00 -31.29 17.17
N ALA M 148 -22.14 -31.21 15.85
CA ALA M 148 -21.00 -31.40 14.99
C ALA M 148 -20.11 -30.16 14.98
N PRO M 149 -18.80 -30.34 15.00
CA PRO M 149 -17.89 -29.19 15.02
C PRO M 149 -17.84 -28.52 13.66
N ARG M 150 -17.61 -27.21 13.69
CA ARG M 150 -17.53 -26.41 12.48
C ARG M 150 -16.15 -26.42 11.85
N ARG M 151 -15.22 -27.16 12.41
CA ARG M 151 -13.92 -27.34 11.78
C ARG M 151 -13.99 -28.59 10.91
N LYS M 152 -13.04 -28.74 9.99
CA LYS M 152 -13.00 -29.91 9.11
C LYS M 152 -12.57 -31.16 9.86
N GLY M 153 -11.44 -31.06 10.54
CA GLY M 153 -10.79 -32.15 11.22
C GLY M 153 -11.62 -32.90 12.25
N PRO M 154 -12.05 -32.21 13.31
CA PRO M 154 -12.85 -32.90 14.33
C PRO M 154 -14.18 -33.39 13.80
N LEU M 155 -14.72 -32.72 12.78
CA LEU M 155 -15.90 -33.25 12.11
C LEU M 155 -15.59 -34.57 11.42
N SER M 156 -14.46 -34.64 10.73
CA SER M 156 -14.06 -35.86 10.06
C SER M 156 -13.86 -36.98 11.07
N ARG M 157 -13.28 -36.64 12.22
CA ARG M 157 -13.12 -37.63 13.29
C ARG M 157 -14.46 -38.06 13.86
N ALA M 158 -15.40 -37.12 13.99
CA ALA M 158 -16.70 -37.49 14.54
C ALA M 158 -17.46 -38.38 13.57
N LEU M 159 -17.32 -38.11 12.28
CA LEU M 159 -17.93 -38.96 11.27
C LEU M 159 -17.28 -40.33 11.29
N ARG M 160 -15.96 -40.38 11.49
CA ARG M 160 -15.25 -41.63 11.49
C ARG M 160 -15.64 -42.49 12.68
N ARG M 161 -15.89 -41.86 13.82
CA ARG M 161 -16.28 -42.64 14.99
C ARG M 161 -17.76 -43.00 14.93
N ARG M 162 -18.60 -42.10 14.45
CA ARG M 162 -20.03 -42.33 14.42
C ARG M 162 -20.42 -43.36 13.38
N LEU M 163 -19.82 -43.28 12.22
CA LEU M 163 -20.35 -43.93 11.05
C LEU M 163 -19.78 -45.32 10.84
N GLU M 164 -18.61 -45.59 11.39
CA GLU M 164 -17.99 -46.90 11.26
C GLU M 164 -18.60 -47.89 12.25
N GLY M 165 -18.87 -49.09 11.76
CA GLY M 165 -19.49 -50.12 12.58
C GLY M 165 -20.99 -50.18 12.48
N THR M 166 -21.62 -49.25 11.78
CA THR M 166 -23.08 -49.28 11.62
C THR M 166 -23.52 -50.09 10.42
N GLN M 167 -22.59 -50.37 9.50
CA GLN M 167 -22.87 -50.97 8.19
C GLN M 167 -23.96 -50.19 7.47
N GLY M 168 -23.64 -48.95 7.13
CA GLY M 168 -24.59 -48.05 6.51
C GLY M 168 -24.31 -47.81 5.04
N LEU M 169 -25.17 -46.97 4.47
CA LEU M 169 -25.07 -46.63 3.05
C LEU M 169 -25.33 -45.14 2.88
N VAL M 170 -24.28 -44.41 2.50
CA VAL M 170 -24.39 -43.01 2.19
C VAL M 170 -24.79 -42.87 0.72
N ILE M 171 -25.78 -42.04 0.46
CA ILE M 171 -26.19 -41.73 -0.90
C ILE M 171 -25.87 -40.28 -1.19
N ILE M 172 -25.18 -40.01 -2.29
CA ILE M 172 -24.82 -38.60 -2.61
C ILE M 172 -25.38 -38.26 -3.99
N ASP M 173 -26.17 -37.19 -4.10
CA ASP M 173 -26.83 -36.81 -5.38
C ASP M 173 -26.04 -35.68 -6.05
N GLU M 174 -26.13 -35.58 -7.38
CA GLU M 174 -25.43 -34.53 -8.14
C GLU M 174 -23.92 -34.64 -7.89
N ALA M 175 -23.36 -35.84 -8.06
CA ALA M 175 -21.93 -36.02 -7.84
C ALA M 175 -21.06 -35.31 -8.86
N ASP M 176 -21.63 -34.51 -9.76
CA ASP M 176 -20.80 -33.80 -10.73
C ASP M 176 -20.13 -32.58 -10.10
N HIS M 177 -20.75 -32.01 -9.06
CA HIS M 177 -20.24 -30.80 -8.44
C HIS M 177 -19.28 -31.11 -7.32
N LEU M 178 -18.66 -32.28 -7.33
CA LEU M 178 -17.70 -32.65 -6.31
C LEU M 178 -16.35 -32.03 -6.60
N GLY M 179 -15.76 -31.41 -5.58
CA GLY M 179 -14.37 -31.08 -5.62
C GLY M 179 -13.54 -32.34 -5.50
N ALA M 180 -12.30 -32.24 -5.97
CA ALA M 180 -11.39 -33.39 -5.89
C ALA M 180 -11.08 -33.74 -4.45
N GLU M 181 -10.90 -32.73 -3.60
CA GLU M 181 -10.75 -32.95 -2.18
C GLU M 181 -12.06 -33.42 -1.56
N VAL M 182 -13.19 -33.00 -2.13
CA VAL M 182 -14.49 -33.37 -1.59
C VAL M 182 -14.74 -34.86 -1.77
N LEU M 183 -14.79 -35.30 -3.02
CA LEU M 183 -14.93 -36.71 -3.35
C LEU M 183 -13.76 -37.54 -2.81
N GLU M 184 -12.58 -36.94 -2.70
CA GLU M 184 -11.42 -37.56 -2.11
C GLU M 184 -11.66 -37.90 -0.64
N GLU M 185 -12.19 -36.95 0.12
CA GLU M 185 -12.45 -37.20 1.52
C GLU M 185 -13.61 -38.16 1.68
N LEU M 186 -14.57 -38.13 0.76
CA LEU M 186 -15.67 -39.09 0.80
C LEU M 186 -15.19 -40.51 0.55
N ARG M 187 -14.35 -40.71 -0.47
CA ARG M 187 -13.91 -42.07 -0.76
C ARG M 187 -12.99 -42.60 0.32
N LEU M 188 -12.14 -41.74 0.88
CA LEU M 188 -11.28 -42.20 1.96
C LEU M 188 -12.07 -42.36 3.23
N LEU M 189 -13.18 -41.64 3.35
CA LEU M 189 -14.10 -41.85 4.47
C LEU M 189 -14.70 -43.23 4.40
N GLN M 190 -15.49 -43.51 3.37
CA GLN M 190 -16.18 -44.82 3.33
C GLN M 190 -15.14 -45.92 3.46
N GLU M 191 -13.97 -45.70 2.85
CA GLU M 191 -12.92 -46.72 2.89
C GLU M 191 -12.50 -46.91 4.35
N SER M 192 -12.34 -45.80 5.07
CA SER M 192 -11.88 -45.88 6.48
C SER M 192 -13.10 -46.01 7.37
N THR M 193 -14.22 -46.47 6.82
CA THR M 193 -15.42 -46.48 7.62
C THR M 193 -16.18 -47.79 7.50
N ARG M 194 -15.91 -48.58 6.44
CA ARG M 194 -16.56 -49.87 6.17
C ARG M 194 -18.08 -49.67 6.04
N ILE M 195 -18.43 -48.79 5.10
CA ILE M 195 -19.79 -48.38 4.80
C ILE M 195 -19.94 -48.29 3.30
N GLY M 196 -21.11 -47.81 2.88
CA GLY M 196 -21.35 -47.62 1.47
C GLY M 196 -21.45 -46.17 1.05
N LEU M 197 -20.87 -45.86 -0.10
CA LEU M 197 -21.01 -44.58 -0.77
C LEU M 197 -21.58 -44.84 -2.16
N VAL M 198 -22.56 -44.03 -2.58
CA VAL M 198 -23.17 -44.16 -3.90
C VAL M 198 -23.30 -42.78 -4.51
N LEU M 199 -22.78 -42.62 -5.72
CA LEU M 199 -22.80 -41.34 -6.41
C LEU M 199 -23.95 -41.30 -7.42
N MET M 200 -24.58 -40.14 -7.56
CA MET M 200 -25.69 -39.94 -8.50
C MET M 200 -25.32 -38.85 -9.51
N GLY M 201 -26.29 -38.46 -10.34
CA GLY M 201 -26.19 -37.26 -11.14
C GLY M 201 -26.10 -37.56 -12.63
N ASN M 202 -25.66 -36.57 -13.40
CA ASN M 202 -25.56 -36.67 -14.85
C ASN M 202 -24.26 -37.34 -15.25
N HIS M 203 -24.04 -37.43 -16.56
CA HIS M 203 -22.88 -38.14 -17.08
C HIS M 203 -21.60 -37.30 -17.06
N ARG M 204 -21.60 -36.15 -16.39
CA ARG M 204 -20.37 -35.40 -16.23
C ARG M 204 -19.52 -35.98 -15.10
N VAL M 205 -20.10 -36.88 -14.28
CA VAL M 205 -19.37 -37.45 -13.14
C VAL M 205 -18.29 -38.39 -13.63
N TYR M 206 -18.63 -39.28 -14.56
CA TYR M 206 -17.63 -40.14 -15.18
C TYR M 206 -16.75 -39.36 -16.14
N SER M 207 -17.25 -38.24 -16.67
CA SER M 207 -16.45 -37.40 -17.55
C SER M 207 -15.37 -36.64 -16.78
N ASN M 208 -15.59 -36.41 -15.48
CA ASN M 208 -14.59 -35.72 -14.67
C ASN M 208 -13.42 -36.63 -14.32
N MET M 209 -13.54 -37.93 -14.56
CA MET M 209 -12.46 -38.88 -14.35
C MET M 209 -11.75 -39.23 -15.65
N THR M 210 -12.42 -39.08 -16.79
CA THR M 210 -11.85 -39.40 -18.09
C THR M 210 -11.93 -38.21 -19.02
N THR M 215 -6.94 -39.68 -14.65
CA THR M 215 -6.70 -40.94 -13.96
C THR M 215 -5.26 -41.09 -13.47
N VAL M 216 -4.73 -39.98 -12.93
CA VAL M 216 -3.78 -40.03 -11.83
C VAL M 216 -4.28 -39.26 -10.62
N GLU M 217 -5.19 -38.30 -10.82
CA GLU M 217 -5.91 -37.63 -9.75
C GLU M 217 -7.13 -38.42 -9.31
N PHE M 218 -7.73 -39.17 -10.23
CA PHE M 218 -8.86 -40.05 -9.96
C PHE M 218 -8.50 -41.52 -10.14
N ALA M 219 -7.22 -41.87 -10.03
CA ALA M 219 -6.76 -43.20 -10.44
C ALA M 219 -7.21 -44.29 -9.48
N ARG M 220 -6.90 -44.11 -8.19
CA ARG M 220 -7.33 -45.07 -7.18
C ARG M 220 -8.84 -45.06 -7.02
N LEU M 221 -9.48 -43.95 -7.37
CA LEU M 221 -10.93 -43.86 -7.31
C LEU M 221 -11.58 -44.65 -8.44
N PHE M 222 -11.03 -44.55 -9.65
CA PHE M 222 -11.44 -45.41 -10.75
C PHE M 222 -11.10 -46.87 -10.45
N SER M 223 -10.10 -47.12 -9.60
CA SER M 223 -9.87 -48.46 -9.06
C SER M 223 -10.91 -48.86 -8.01
N ARG M 224 -11.59 -47.91 -7.37
CA ARG M 224 -12.58 -48.30 -6.37
C ARG M 224 -13.86 -48.83 -6.99
N ILE M 225 -14.21 -48.36 -8.20
CA ILE M 225 -15.59 -48.34 -8.71
C ILE M 225 -16.15 -49.74 -8.85
N ALA M 226 -17.26 -49.99 -8.17
CA ALA M 226 -17.86 -51.30 -8.07
C ALA M 226 -18.89 -51.57 -9.17
N LYS M 227 -19.93 -50.76 -9.24
CA LYS M 227 -21.00 -50.95 -10.20
C LYS M 227 -21.51 -49.60 -10.68
N ARG M 228 -21.01 -49.18 -11.83
CA ARG M 228 -21.63 -48.09 -12.55
C ARG M 228 -22.89 -48.64 -13.18
N THR M 229 -23.95 -47.83 -13.20
CA THR M 229 -25.17 -48.14 -13.91
C THR M 229 -25.63 -46.87 -14.61
N ALA M 230 -25.60 -46.87 -15.93
CA ALA M 230 -26.03 -45.72 -16.72
C ALA M 230 -27.48 -45.92 -17.12
N ILE M 231 -28.32 -44.95 -16.77
CA ILE M 231 -29.70 -44.94 -17.21
C ILE M 231 -29.86 -43.74 -18.14
N ASN M 232 -29.88 -44.03 -19.43
CA ASN M 232 -30.04 -42.96 -20.41
C ASN M 232 -31.50 -42.53 -20.50
N LYS M 233 -32.38 -43.45 -20.87
CA LYS M 233 -33.80 -43.16 -20.90
C LYS M 233 -34.56 -44.35 -20.35
N THR M 234 -35.88 -44.25 -20.43
CA THR M 234 -36.75 -45.24 -19.83
C THR M 234 -36.81 -46.49 -20.69
N LYS M 235 -37.56 -47.48 -20.22
CA LYS M 235 -37.88 -48.63 -21.04
C LYS M 235 -39.39 -48.74 -21.22
N LYS M 236 -39.81 -49.75 -21.97
CA LYS M 236 -41.22 -49.92 -22.22
C LYS M 236 -41.92 -50.60 -21.04
N ALA M 237 -41.22 -51.51 -20.36
CA ALA M 237 -41.77 -52.09 -19.15
C ALA M 237 -41.81 -51.08 -18.02
N ASP M 238 -40.93 -50.08 -18.09
CA ASP M 238 -40.95 -48.95 -17.17
C ASP M 238 -42.30 -48.23 -17.23
N VAL M 239 -42.66 -47.72 -18.41
CA VAL M 239 -43.93 -47.02 -18.55
C VAL M 239 -45.10 -47.99 -18.49
N LYS M 240 -44.86 -49.28 -18.74
CA LYS M 240 -45.92 -50.27 -18.62
C LYS M 240 -46.32 -50.46 -17.16
N ALA M 241 -45.32 -50.55 -16.27
CA ALA M 241 -45.62 -50.62 -14.85
C ALA M 241 -46.16 -49.29 -14.33
N ILE M 242 -45.76 -48.18 -14.98
CA ILE M 242 -46.37 -46.89 -14.68
C ILE M 242 -47.86 -46.92 -15.01
N ALA M 243 -48.23 -47.45 -16.17
CA ALA M 243 -49.63 -47.53 -16.55
C ALA M 243 -50.39 -48.53 -15.68
N ASP M 244 -49.69 -49.55 -15.18
CA ASP M 244 -50.31 -50.48 -14.24
C ASP M 244 -50.59 -49.81 -12.91
N ALA M 245 -49.68 -48.97 -12.45
CA ALA M 245 -49.88 -48.26 -11.19
C ALA M 245 -50.95 -47.17 -11.33
N TRP M 246 -51.01 -46.53 -12.48
CA TRP M 246 -51.98 -45.46 -12.71
C TRP M 246 -53.29 -45.96 -13.33
N GLN M 247 -53.47 -47.29 -13.40
CA GLN M 247 -54.69 -47.95 -13.88
C GLN M 247 -55.05 -47.50 -15.30
N ILE M 248 -54.07 -47.60 -16.18
CA ILE M 248 -54.19 -47.15 -17.56
C ILE M 248 -54.22 -48.39 -18.45
N ASN M 249 -55.27 -48.52 -19.25
CA ASN M 249 -55.48 -49.73 -20.03
C ASN M 249 -55.52 -49.49 -21.53
N GLY M 250 -55.57 -48.25 -21.98
CA GLY M 250 -55.61 -47.98 -23.41
C GLY M 250 -54.29 -48.25 -24.10
N GLU M 251 -54.35 -48.93 -25.25
CA GLU M 251 -53.15 -49.16 -26.04
C GLU M 251 -52.72 -47.88 -26.74
N LYS M 252 -53.69 -47.09 -27.21
CA LYS M 252 -53.40 -45.73 -27.68
C LYS M 252 -52.83 -44.90 -26.55
N GLU M 253 -53.39 -45.05 -25.35
CA GLU M 253 -52.87 -44.40 -24.16
C GLU M 253 -51.45 -44.87 -23.86
N LEU M 254 -51.20 -46.17 -24.01
CA LEU M 254 -49.86 -46.72 -23.75
C LEU M 254 -48.84 -46.19 -24.73
N GLU M 255 -49.20 -46.14 -26.02
CA GLU M 255 -48.29 -45.60 -27.04
C GLU M 255 -48.04 -44.11 -26.82
N LEU M 256 -49.06 -43.37 -26.39
CA LEU M 256 -48.87 -41.96 -26.12
C LEU M 256 -47.97 -41.73 -24.92
N LEU M 257 -48.12 -42.57 -23.88
CA LEU M 257 -47.23 -42.51 -22.72
C LEU M 257 -45.80 -42.82 -23.11
N GLN M 258 -45.62 -43.80 -24.01
CA GLN M 258 -44.29 -44.13 -24.51
C GLN M 258 -43.69 -42.96 -25.28
N GLN M 259 -44.50 -42.30 -26.11
CA GLN M 259 -44.01 -41.16 -26.89
C GLN M 259 -43.64 -40.00 -25.99
N ILE M 260 -44.38 -39.82 -24.89
CA ILE M 260 -44.00 -38.82 -23.90
C ILE M 260 -42.69 -39.21 -23.22
N ALA M 261 -42.50 -40.52 -23.00
CA ALA M 261 -41.26 -41.00 -22.40
C ALA M 261 -40.07 -40.85 -23.34
N GLN M 262 -40.33 -40.68 -24.63
CA GLN M 262 -39.24 -40.46 -25.56
C GLN M 262 -38.67 -39.04 -25.44
N LYS M 263 -39.41 -38.12 -24.85
CA LYS M 263 -38.92 -36.77 -24.70
C LYS M 263 -38.27 -36.59 -23.33
N PRO M 264 -37.22 -35.76 -23.22
CA PRO M 264 -36.45 -35.69 -21.97
C PRO M 264 -37.25 -35.05 -20.84
N GLY M 265 -36.69 -35.16 -19.63
CA GLY M 265 -37.50 -34.98 -18.45
C GLY M 265 -38.53 -36.07 -18.38
N ALA M 266 -38.15 -37.26 -18.83
CA ALA M 266 -39.11 -38.38 -18.99
C ALA M 266 -40.01 -38.57 -17.77
N LEU M 267 -39.43 -39.01 -16.66
CA LEU M 267 -40.33 -39.32 -15.52
C LEU M 267 -41.02 -38.04 -15.12
N ARG M 268 -40.29 -36.92 -15.11
CA ARG M 268 -40.92 -35.66 -14.61
C ARG M 268 -42.09 -35.28 -15.51
N ILE M 269 -41.88 -35.27 -16.84
CA ILE M 269 -42.96 -34.80 -17.76
C ILE M 269 -44.11 -35.79 -17.65
N LEU M 270 -43.77 -37.09 -17.60
CA LEU M 270 -44.84 -38.11 -17.57
C LEU M 270 -45.65 -37.89 -16.29
N ASN M 271 -44.96 -37.67 -15.17
CA ASN M 271 -45.67 -37.47 -13.89
C ASN M 271 -46.50 -36.20 -14.00
N HIS M 272 -45.93 -35.15 -14.59
CA HIS M 272 -46.68 -33.88 -14.78
C HIS M 272 -47.92 -34.18 -15.63
N SER M 273 -47.73 -34.94 -16.71
CA SER M 273 -48.85 -35.24 -17.60
C SER M 273 -49.90 -36.08 -16.90
N LEU M 274 -49.46 -37.08 -16.13
CA LEU M 274 -50.38 -37.91 -15.35
C LEU M 274 -51.15 -37.08 -14.34
N ARG M 275 -50.49 -36.10 -13.72
CA ARG M 275 -51.16 -35.34 -12.69
C ARG M 275 -52.10 -34.28 -13.29
N LEU M 276 -51.72 -33.69 -14.43
CA LEU M 276 -52.63 -32.83 -15.18
C LEU M 276 -53.90 -33.57 -15.59
N ALA M 277 -53.74 -34.77 -16.15
CA ALA M 277 -54.90 -35.51 -16.62
C ALA M 277 -55.76 -35.99 -15.45
N ALA M 278 -55.13 -36.36 -14.34
CA ALA M 278 -55.90 -36.80 -13.17
C ALA M 278 -56.69 -35.65 -12.57
N MET M 279 -56.08 -34.48 -12.44
CA MET M 279 -56.80 -33.35 -11.85
C MET M 279 -57.87 -32.83 -12.81
N THR M 280 -57.63 -32.89 -14.12
CA THR M 280 -58.63 -32.46 -15.08
C THR M 280 -59.82 -33.40 -15.11
N ALA M 281 -59.56 -34.71 -15.07
CA ALA M 281 -60.66 -35.68 -15.08
C ALA M 281 -61.41 -35.69 -13.76
N HIS M 282 -60.73 -35.34 -12.67
CA HIS M 282 -61.41 -35.23 -11.39
C HIS M 282 -62.24 -33.96 -11.32
N GLY M 283 -61.75 -32.87 -11.92
CA GLY M 283 -62.52 -31.64 -11.94
C GLY M 283 -63.71 -31.72 -12.87
N LYS M 284 -63.59 -32.50 -13.94
CA LYS M 284 -64.70 -32.73 -14.86
C LYS M 284 -65.51 -33.97 -14.48
N GLY M 285 -65.13 -34.67 -13.40
CA GLY M 285 -65.87 -35.82 -12.93
C GLY M 285 -65.70 -37.06 -13.77
N GLU M 286 -64.77 -37.07 -14.73
CA GLU M 286 -64.65 -38.15 -15.69
C GLU M 286 -63.44 -39.02 -15.39
N ARG M 287 -63.22 -39.97 -16.29
CA ARG M 287 -62.05 -40.83 -16.26
C ARG M 287 -60.94 -40.17 -17.09
N VAL M 288 -59.70 -40.38 -16.64
CA VAL M 288 -58.54 -40.03 -17.45
C VAL M 288 -58.59 -40.81 -18.76
N ASN M 289 -58.49 -40.09 -19.87
CA ASN M 289 -58.55 -40.72 -21.18
C ASN M 289 -57.46 -40.09 -22.05
N GLU M 290 -57.50 -40.40 -23.35
CA GLU M 290 -56.40 -40.06 -24.24
C GLU M 290 -56.37 -38.55 -24.53
N ASP M 291 -57.55 -37.92 -24.60
CA ASP M 291 -57.61 -36.52 -24.99
C ASP M 291 -57.13 -35.62 -23.87
N TYR M 292 -57.36 -36.02 -22.62
CA TYR M 292 -56.81 -35.28 -21.49
C TYR M 292 -55.29 -35.34 -21.50
N LEU M 293 -54.75 -36.49 -21.87
CA LEU M 293 -53.32 -36.64 -22.01
C LEU M 293 -52.78 -35.80 -23.17
N ARG M 294 -53.55 -35.69 -24.25
CA ARG M 294 -53.13 -34.87 -25.38
C ARG M 294 -53.11 -33.39 -25.01
N GLN M 295 -54.11 -32.93 -24.27
CA GLN M 295 -54.13 -31.53 -23.85
C GLN M 295 -53.02 -31.25 -22.84
N ALA M 296 -52.76 -32.20 -21.94
CA ALA M 296 -51.68 -32.09 -20.98
C ALA M 296 -50.33 -31.98 -21.67
N PHE M 297 -50.08 -32.83 -22.66
CA PHE M 297 -48.83 -32.78 -23.41
C PHE M 297 -48.78 -31.58 -24.35
N ARG M 298 -49.95 -31.09 -24.76
CA ARG M 298 -50.04 -29.91 -25.59
C ARG M 298 -49.67 -28.66 -24.80
N GLU M 299 -49.80 -28.73 -23.48
CA GLU M 299 -49.24 -27.69 -22.62
C GLU M 299 -47.72 -27.84 -22.51
N LEU M 300 -47.15 -27.10 -21.56
CA LEU M 300 -45.79 -27.15 -21.04
C LEU M 300 -44.74 -26.53 -21.95
N ASP M 301 -45.12 -26.09 -23.16
CA ASP M 301 -44.21 -25.53 -24.19
C ASP M 301 -43.02 -26.44 -24.46
N LEU M 302 -43.33 -27.65 -24.94
CA LEU M 302 -42.26 -28.61 -25.22
C LEU M 302 -41.71 -28.42 -26.63
N ASP M 303 -42.55 -27.98 -27.56
CA ASP M 303 -42.13 -27.67 -28.92
C ASP M 303 -41.97 -26.16 -29.12
N VAL M 304 -42.06 -25.37 -28.05
CA VAL M 304 -41.94 -23.92 -28.11
C VAL M 304 -40.61 -23.53 -27.49
N ASP M 305 -39.79 -22.81 -28.25
CA ASP M 305 -38.46 -22.42 -27.82
C ASP M 305 -38.50 -21.19 -26.91
N LEU N 67 42.75 -40.66 43.36
CA LEU N 67 42.15 -41.17 44.59
C LEU N 67 41.51 -40.12 45.54
N PRO N 68 42.12 -38.95 45.80
CA PRO N 68 41.39 -37.95 46.60
C PRO N 68 40.29 -37.28 45.81
N GLU N 69 39.48 -36.50 46.52
CA GLU N 69 38.45 -35.71 45.88
C GLU N 69 39.07 -34.57 45.08
N PRO N 70 38.64 -34.38 43.83
CA PRO N 70 39.13 -33.24 43.06
C PRO N 70 38.61 -31.94 43.63
N PRO N 71 39.45 -30.89 43.85
CA PRO N 71 38.90 -29.57 44.22
C PRO N 71 38.71 -28.69 42.97
N ARG N 72 37.49 -28.18 42.78
CA ARG N 72 37.16 -27.37 41.56
C ARG N 72 37.86 -26.01 41.54
N PHE N 73 37.95 -25.31 42.67
CA PHE N 73 38.51 -23.93 42.65
C PHE N 73 39.72 -23.84 43.57
N VAL N 74 40.77 -23.15 43.11
CA VAL N 74 41.97 -22.93 43.97
C VAL N 74 42.29 -21.43 44.00
N GLU N 75 42.68 -20.89 45.16
CA GLU N 75 43.12 -19.47 45.18
C GLU N 75 44.39 -19.37 44.33
N THR N 76 44.48 -18.35 43.48
CA THR N 76 45.64 -18.22 42.55
C THR N 76 46.07 -16.76 42.52
N GLN N 77 47.22 -16.48 41.90
CA GLN N 77 47.73 -15.08 41.82
C GLN N 77 46.67 -14.24 41.10
N THR N 78 46.09 -14.77 40.02
CA THR N 78 45.00 -14.05 39.33
C THR N 78 43.81 -13.93 40.29
N VAL N 79 43.50 -15.00 41.02
CA VAL N 79 42.34 -14.99 41.96
C VAL N 79 42.58 -13.93 43.04
N LYS N 80 43.84 -13.80 43.49
CA LYS N 80 44.17 -12.83 44.57
C LYS N 80 44.03 -11.44 43.96
N GLN N 81 44.67 -11.24 42.81
CA GLN N 81 44.56 -9.97 42.11
C GLN N 81 43.11 -9.57 41.88
N ILE N 82 42.31 -10.49 41.36
CA ILE N 82 40.99 -10.12 40.88
C ILE N 82 40.03 -9.94 42.06
N TRP N 83 40.30 -10.62 43.18
CA TRP N 83 39.51 -10.38 44.38
C TRP N 83 39.83 -9.03 44.97
N THR N 84 41.10 -8.62 44.91
CA THR N 84 41.45 -7.31 45.42
C THR N 84 40.83 -6.23 44.54
N SER N 85 40.77 -6.47 43.24
CA SER N 85 40.07 -5.56 42.33
C SER N 85 38.57 -5.55 42.62
N MET N 86 38.03 -6.72 42.96
CA MET N 86 36.59 -6.86 43.20
C MET N 86 36.18 -6.15 44.48
N ARG N 87 36.92 -6.39 45.57
CA ARG N 87 36.66 -5.70 46.83
C ARG N 87 36.99 -4.22 46.73
N PHE N 88 37.93 -3.86 45.86
CA PHE N 88 38.22 -2.47 45.58
C PHE N 88 37.03 -1.77 44.98
N ALA N 89 36.44 -2.37 43.94
CA ALA N 89 35.26 -1.76 43.33
C ALA N 89 34.06 -1.84 44.27
N SER N 90 34.08 -2.79 45.21
CA SER N 90 33.06 -2.89 46.25
C SER N 90 33.09 -1.71 47.20
N LEU N 91 34.18 -1.56 47.95
CA LEU N 91 34.28 -0.50 48.94
C LEU N 91 34.35 0.86 48.27
N THR N 92 34.99 0.92 47.10
CA THR N 92 35.09 2.11 46.28
C THR N 92 33.76 2.50 45.67
N GLU N 93 32.88 1.50 45.48
CA GLU N 93 31.53 1.70 44.93
C GLU N 93 31.62 2.29 43.54
N SER N 94 32.51 1.74 42.73
CA SER N 94 32.83 2.28 41.43
C SER N 94 33.05 1.14 40.44
N ILE N 95 33.32 1.49 39.18
CA ILE N 95 33.29 0.53 38.08
C ILE N 95 34.68 -0.06 37.83
N ALA N 96 34.76 -1.39 37.75
CA ALA N 96 35.99 -2.11 37.45
C ALA N 96 35.79 -3.02 36.24
N VAL N 97 36.52 -2.76 35.16
CA VAL N 97 36.43 -3.53 33.92
C VAL N 97 37.53 -4.57 33.93
N VAL N 98 37.15 -5.82 33.76
CA VAL N 98 38.10 -6.92 33.72
C VAL N 98 38.04 -7.48 32.30
N CYS N 99 38.93 -7.01 31.44
CA CYS N 99 39.07 -7.53 30.09
C CYS N 99 40.28 -8.45 30.07
N GLY N 100 40.13 -9.62 29.48
CA GLY N 100 41.25 -10.58 29.45
C GLY N 100 41.13 -11.53 28.28
N ASN N 101 42.11 -12.42 28.11
CA ASN N 101 41.99 -13.44 27.05
C ASN N 101 40.92 -14.44 27.49
N PRO N 102 40.23 -15.14 26.58
CA PRO N 102 39.16 -16.05 26.98
C PRO N 102 39.73 -17.17 27.86
N GLY N 103 38.92 -17.66 28.79
CA GLY N 103 39.35 -18.77 29.67
C GLY N 103 40.56 -18.45 30.54
N VAL N 104 40.59 -17.25 31.12
CA VAL N 104 41.69 -16.94 32.08
C VAL N 104 41.23 -17.32 33.49
N GLY N 105 40.03 -17.89 33.62
CA GLY N 105 39.53 -18.36 34.93
C GLY N 105 38.76 -17.28 35.69
N LYS N 106 38.54 -16.12 35.06
CA LYS N 106 37.88 -14.99 35.75
C LYS N 106 36.43 -15.35 36.11
N THR N 107 35.71 -16.01 35.20
CA THR N 107 34.26 -16.25 35.46
C THR N 107 34.12 -17.06 36.74
N GLU N 108 34.90 -18.12 36.89
CA GLU N 108 34.73 -18.99 38.07
C GLU N 108 35.07 -18.19 39.32
N ALA N 109 36.13 -17.40 39.27
CA ALA N 109 36.55 -16.73 40.51
C ALA N 109 35.43 -15.81 40.97
N ALA N 110 34.80 -15.13 40.02
CA ALA N 110 33.67 -14.28 40.37
C ALA N 110 32.65 -15.04 41.18
N ARG N 111 32.42 -16.31 40.84
CA ARG N 111 31.44 -17.08 41.59
C ARG N 111 31.96 -17.45 42.95
N GLU N 112 33.27 -17.59 43.10
CA GLU N 112 33.82 -17.83 44.43
C GLU N 112 33.69 -16.59 45.28
N TYR N 113 33.84 -15.42 44.67
CA TYR N 113 33.59 -14.17 45.38
C TYR N 113 32.13 -14.07 45.79
N ARG N 114 31.23 -14.51 44.91
CA ARG N 114 29.81 -14.47 45.21
C ARG N 114 29.46 -15.44 46.33
N ARG N 115 30.15 -16.56 46.38
CA ARG N 115 29.84 -17.57 47.39
C ARG N 115 30.41 -17.16 48.74
N THR N 116 31.54 -16.47 48.76
CA THR N 116 32.19 -16.15 50.03
C THR N 116 31.70 -14.86 50.67
N ASN N 117 31.10 -13.95 49.92
CA ASN N 117 30.87 -12.61 50.40
C ASN N 117 29.39 -12.25 50.38
N ASN N 118 28.98 -11.41 51.32
CA ASN N 118 27.63 -10.90 51.40
C ASN N 118 27.46 -9.67 50.50
N ASN N 119 26.20 -9.37 50.19
CA ASN N 119 25.79 -8.26 49.32
C ASN N 119 26.50 -8.35 47.97
N VAL N 120 26.48 -9.52 47.37
CA VAL N 120 27.13 -9.74 46.09
C VAL N 120 26.10 -10.36 45.17
N TRP N 121 26.02 -9.88 43.94
CA TRP N 121 25.15 -10.46 42.95
C TRP N 121 25.89 -10.60 41.63
N MET N 122 25.40 -11.52 40.82
CA MET N 122 26.02 -11.80 39.54
C MET N 122 24.95 -12.24 38.57
N ILE N 123 25.03 -11.73 37.35
CA ILE N 123 24.31 -12.32 36.25
C ILE N 123 25.32 -12.81 35.23
N THR N 124 24.81 -13.44 34.20
CA THR N 124 25.55 -13.60 32.96
C THR N 124 24.75 -12.89 31.90
N ILE N 125 25.40 -12.44 30.85
CA ILE N 125 24.69 -11.84 29.74
C ILE N 125 24.88 -12.76 28.54
N THR N 126 23.87 -13.53 28.23
CA THR N 126 23.75 -14.05 26.89
C THR N 126 23.34 -12.88 25.99
N PRO N 127 23.78 -12.88 24.73
CA PRO N 127 23.30 -11.85 23.79
C PRO N 127 21.81 -11.94 23.48
N SER N 128 21.15 -13.03 23.86
CA SER N 128 19.70 -13.05 23.88
C SER N 128 19.14 -12.05 24.87
N CYS N 129 19.75 -11.92 26.04
CA CYS N 129 19.26 -11.03 27.10
C CYS N 129 19.97 -9.69 27.07
N ALA N 130 20.37 -9.22 25.90
CA ALA N 130 21.29 -8.09 25.79
C ALA N 130 20.61 -6.74 25.70
N SER N 131 19.31 -6.67 25.95
CA SER N 131 18.62 -5.39 25.97
C SER N 131 18.76 -4.78 27.36
N VAL N 132 18.28 -3.56 27.50
CA VAL N 132 18.21 -2.95 28.83
C VAL N 132 17.16 -3.67 29.65
N LEU N 133 16.01 -3.95 29.02
CA LEU N 133 14.87 -4.59 29.68
C LEU N 133 15.24 -5.98 30.17
N GLU N 134 15.82 -6.79 29.29
CA GLU N 134 16.14 -8.16 29.63
C GLU N 134 17.24 -8.22 30.68
N CYS N 135 18.28 -7.39 30.54
CA CYS N 135 19.41 -7.45 31.48
C CYS N 135 19.01 -6.97 32.86
N LEU N 136 18.26 -5.86 32.92
CA LEU N 136 17.80 -5.41 34.22
C LEU N 136 16.80 -6.38 34.82
N THR N 137 16.05 -7.09 33.98
CA THR N 137 15.18 -8.14 34.48
C THR N 137 16.01 -9.25 35.11
N GLU N 138 17.15 -9.58 34.48
CA GLU N 138 18.02 -10.61 35.00
C GLU N 138 18.59 -10.20 36.35
N LEU N 139 19.02 -8.95 36.45
CA LEU N 139 19.55 -8.46 37.72
C LEU N 139 18.46 -8.41 38.78
N ALA N 140 17.23 -8.14 38.36
CA ALA N 140 16.13 -8.07 39.30
C ALA N 140 15.79 -9.44 39.86
N PHE N 141 15.74 -10.45 38.99
CA PHE N 141 15.51 -11.80 39.48
C PHE N 141 16.70 -12.28 40.29
N GLU N 142 17.88 -11.77 40.00
CA GLU N 142 19.01 -12.11 40.85
C GLU N 142 18.88 -11.42 42.21
N LEU N 143 18.22 -10.27 42.25
CA LEU N 143 17.94 -9.65 43.53
C LEU N 143 16.77 -10.31 44.26
N GLY N 144 16.09 -11.25 43.63
CA GLY N 144 15.02 -11.96 44.30
C GLY N 144 13.66 -11.29 44.23
N MET N 145 13.56 -10.16 43.53
CA MET N 145 12.27 -9.49 43.35
C MET N 145 11.55 -10.15 42.18
N ASN N 146 10.89 -11.26 42.47
CA ASN N 146 10.14 -11.98 41.44
C ASN N 146 8.90 -11.23 40.97
N ASP N 147 8.51 -10.17 41.68
CA ASP N 147 7.39 -9.31 41.34
C ASP N 147 7.84 -8.13 40.48
N ALA N 148 8.88 -8.32 39.69
CA ALA N 148 9.44 -7.24 38.94
C ALA N 148 8.57 -6.90 37.73
N PRO N 149 8.39 -5.62 37.44
CA PRO N 149 7.55 -5.24 36.32
C PRO N 149 8.24 -5.49 34.99
N ARG N 150 7.45 -5.79 33.97
CA ARG N 150 7.96 -6.07 32.65
C ARG N 150 8.18 -4.81 31.83
N ARG N 151 7.94 -3.64 32.39
CA ARG N 151 8.28 -2.39 31.71
C ARG N 151 9.69 -2.00 32.14
N LYS N 152 10.33 -1.10 31.39
CA LYS N 152 11.67 -0.63 31.73
C LYS N 152 11.67 0.28 32.94
N GLY N 153 10.83 1.30 32.90
CA GLY N 153 10.76 2.34 33.90
C GLY N 153 10.52 1.90 35.31
N PRO N 154 9.38 1.27 35.59
CA PRO N 154 9.11 0.84 36.96
C PRO N 154 10.08 -0.22 37.44
N LEU N 155 10.64 -1.00 36.52
CA LEU N 155 11.71 -1.90 36.91
C LEU N 155 12.94 -1.13 37.36
N SER N 156 13.30 -0.09 36.62
CA SER N 156 14.43 0.74 37.00
C SER N 156 14.21 1.40 38.35
N ARG N 157 12.97 1.84 38.60
CA ARG N 157 12.63 2.40 39.90
C ARG N 157 12.68 1.35 41.00
N ALA N 158 12.26 0.12 40.70
CA ALA N 158 12.30 -0.92 41.72
C ALA N 158 13.72 -1.30 42.05
N LEU N 159 14.58 -1.32 41.03
CA LEU N 159 16.00 -1.56 41.28
C LEU N 159 16.60 -0.45 42.08
N ARG N 160 16.20 0.79 41.79
CA ARG N 160 16.75 1.94 42.48
C ARG N 160 16.35 1.96 43.94
N ARG N 161 15.13 1.51 44.24
CA ARG N 161 14.71 1.48 45.64
C ARG N 161 15.26 0.27 46.36
N ARG N 162 15.33 -0.87 45.67
CA ARG N 162 15.77 -2.10 46.30
C ARG N 162 17.26 -2.09 46.57
N LEU N 163 18.04 -1.60 45.63
CA LEU N 163 19.45 -1.87 45.58
C LEU N 163 20.27 -0.81 46.30
N GLU N 164 19.73 0.39 46.43
CA GLU N 164 20.43 1.46 47.12
C GLU N 164 20.31 1.32 48.62
N GLY N 165 21.43 1.52 49.31
CA GLY N 165 21.47 1.39 50.75
C GLY N 165 21.91 0.02 51.25
N THR N 166 22.08 -0.95 50.35
CA THR N 166 22.53 -2.27 50.75
C THR N 166 24.03 -2.41 50.78
N GLN N 167 24.74 -1.47 50.13
CA GLN N 167 26.18 -1.53 49.89
C GLN N 167 26.56 -2.87 49.26
N GLY N 168 26.09 -3.06 48.03
CA GLY N 168 26.27 -4.30 47.33
C GLY N 168 27.26 -4.20 46.18
N LEU N 169 27.44 -5.33 45.51
CA LEU N 169 28.37 -5.41 44.39
C LEU N 169 27.73 -6.23 43.27
N VAL N 170 27.41 -5.57 42.18
CA VAL N 170 26.90 -6.22 40.99
C VAL N 170 28.09 -6.69 40.16
N ILE N 171 28.04 -7.93 39.70
CA ILE N 171 29.05 -8.47 38.81
C ILE N 171 28.40 -8.75 37.47
N ILE N 172 29.00 -8.23 36.39
CA ILE N 172 28.42 -8.49 35.05
C ILE N 172 29.48 -9.16 34.17
N ASP N 173 29.15 -10.31 33.59
CA ASP N 173 30.11 -11.10 32.77
C ASP N 173 29.86 -10.82 31.29
N GLU N 174 30.88 -10.99 30.44
CA GLU N 174 30.74 -10.79 28.98
C GLU N 174 30.27 -9.36 28.71
N ALA N 175 30.94 -8.38 29.31
CA ALA N 175 30.57 -6.98 29.09
C ALA N 175 30.81 -6.50 27.68
N ASP N 176 31.21 -7.37 26.75
CA ASP N 176 31.41 -6.90 25.38
C ASP N 176 30.10 -6.74 24.64
N HIS N 177 29.08 -7.50 25.03
CA HIS N 177 27.80 -7.49 24.35
C HIS N 177 26.86 -6.44 24.93
N LEU N 178 27.41 -5.41 25.57
CA LEU N 178 26.58 -4.35 26.13
C LEU N 178 26.18 -3.37 25.06
N GLY N 179 24.90 -3.04 25.02
CA GLY N 179 24.45 -1.87 24.28
C GLY N 179 24.90 -0.63 25.01
N ALA N 180 24.95 0.47 24.26
CA ALA N 180 25.34 1.75 24.83
C ALA N 180 24.31 2.21 25.85
N GLU N 181 23.03 2.01 25.54
CA GLU N 181 21.98 2.28 26.51
C GLU N 181 22.02 1.28 27.65
N VAL N 182 22.47 0.06 27.38
CA VAL N 182 22.52 -0.99 28.41
C VAL N 182 23.54 -0.64 29.48
N LEU N 183 24.80 -0.55 29.07
CA LEU N 183 25.88 -0.13 29.96
C LEU N 183 25.66 1.28 30.49
N GLU N 184 24.99 2.12 29.72
CA GLU N 184 24.62 3.47 30.16
C GLU N 184 23.68 3.43 31.36
N GLU N 185 22.65 2.59 31.29
CA GLU N 185 21.71 2.48 32.38
C GLU N 185 22.36 1.80 33.58
N LEU N 186 23.29 0.88 33.31
CA LEU N 186 24.02 0.24 34.41
C LEU N 186 24.91 1.23 35.15
N ARG N 187 25.66 2.04 34.41
CA ARG N 187 26.57 2.96 35.08
C ARG N 187 25.80 4.05 35.81
N LEU N 188 24.69 4.53 35.23
CA LEU N 188 23.89 5.52 35.92
C LEU N 188 23.13 4.90 37.07
N LEU N 189 22.86 3.59 36.98
CA LEU N 189 22.28 2.86 38.09
C LEU N 189 23.23 2.86 39.27
N GLN N 190 24.38 2.21 39.11
CA GLN N 190 25.29 2.08 40.28
C GLN N 190 25.56 3.49 40.81
N GLU N 191 25.68 4.45 39.90
CA GLU N 191 26.00 5.83 40.32
C GLU N 191 24.84 6.32 41.19
N SER N 192 23.60 6.05 40.75
CA SER N 192 22.42 6.53 41.49
C SER N 192 22.04 5.48 42.52
N THR N 193 22.98 4.63 42.91
CA THR N 193 22.59 3.55 43.80
C THR N 193 23.58 3.37 44.94
N ARG N 194 24.81 3.89 44.81
CA ARG N 194 25.88 3.78 45.80
C ARG N 194 26.19 2.30 46.08
N ILE N 195 26.53 1.61 44.99
CA ILE N 195 26.82 0.19 44.97
C ILE N 195 28.02 -0.04 44.05
N GLY N 196 28.33 -1.30 43.84
CA GLY N 196 29.41 -1.65 42.94
C GLY N 196 28.96 -2.32 41.66
N LEU N 197 29.60 -1.94 40.57
CA LEU N 197 29.45 -2.59 39.28
C LEU N 197 30.83 -3.05 38.82
N VAL N 198 30.92 -4.28 38.31
CA VAL N 198 32.19 -4.82 37.83
C VAL N 198 31.94 -5.51 36.48
N LEU N 199 32.71 -5.13 35.47
CA LEU N 199 32.56 -5.68 34.14
C LEU N 199 33.59 -6.77 33.88
N MET N 200 33.19 -7.82 33.16
CA MET N 200 34.07 -8.94 32.83
C MET N 200 34.20 -9.05 31.31
N GLY N 201 34.85 -10.12 30.85
CA GLY N 201 34.81 -10.52 29.45
C GLY N 201 36.15 -10.37 28.76
N ASN N 202 36.12 -10.37 27.43
CA ASN N 202 37.32 -10.29 26.61
C ASN N 202 37.75 -8.84 26.44
N HIS N 203 38.81 -8.64 25.66
CA HIS N 203 39.38 -7.31 25.48
C HIS N 203 38.63 -6.47 24.46
N ARG N 204 37.46 -6.89 24.02
CA ARG N 204 36.64 -6.05 23.16
C ARG N 204 35.88 -5.00 23.97
N VAL N 205 35.84 -5.15 25.30
CA VAL N 205 35.09 -4.23 26.15
C VAL N 205 35.79 -2.87 26.20
N TYR N 206 37.10 -2.89 26.41
CA TYR N 206 37.86 -1.65 26.35
C TYR N 206 38.02 -1.17 24.91
N SER N 207 37.93 -2.09 23.94
CA SER N 207 38.00 -1.70 22.53
C SER N 207 36.73 -0.98 22.08
N ASN N 208 35.60 -1.24 22.75
CA ASN N 208 34.36 -0.55 22.40
C ASN N 208 34.34 0.89 22.89
N MET N 209 35.28 1.27 23.74
CA MET N 209 35.41 2.65 24.20
C MET N 209 36.51 3.40 23.46
N THR N 210 37.48 2.69 22.90
CA THR N 210 38.59 3.31 22.17
C THR N 210 38.69 2.73 20.76
N THR N 215 34.95 8.03 22.79
CA THR N 215 35.05 8.76 24.05
C THR N 215 34.44 10.17 23.96
N VAL N 216 33.28 10.23 23.31
CA VAL N 216 32.21 11.17 23.67
C VAL N 216 30.92 10.43 23.99
N GLU N 217 30.73 9.23 23.47
CA GLU N 217 29.65 8.33 23.86
C GLU N 217 30.00 7.52 25.10
N PHE N 218 31.28 7.24 25.30
CA PHE N 218 31.79 6.55 26.48
C PHE N 218 32.67 7.45 27.33
N ALA N 219 32.51 8.77 27.24
CA ALA N 219 33.49 9.69 27.81
C ALA N 219 33.41 9.74 29.33
N ARG N 220 32.21 10.00 29.87
CA ARG N 220 32.03 10.00 31.32
C ARG N 220 32.21 8.61 31.90
N LEU N 221 31.99 7.57 31.08
CA LEU N 221 32.21 6.21 31.54
C LEU N 221 33.69 5.89 31.66
N PHE N 222 34.49 6.30 30.68
CA PHE N 222 35.94 6.25 30.81
C PHE N 222 36.44 7.13 31.93
N SER N 223 35.69 8.18 32.29
CA SER N 223 35.95 8.92 33.52
C SER N 223 35.55 8.16 34.78
N ARG N 224 34.65 7.18 34.68
CA ARG N 224 34.26 6.45 35.89
C ARG N 224 35.33 5.46 36.34
N ILE N 225 36.11 4.92 35.39
CA ILE N 225 36.80 3.63 35.52
C ILE N 225 37.81 3.65 36.67
N ALA N 226 37.62 2.75 37.61
CA ALA N 226 38.41 2.70 38.84
C ALA N 226 39.64 1.84 38.71
N LYS N 227 39.47 0.56 38.43
CA LYS N 227 40.58 -0.39 38.36
C LYS N 227 40.31 -1.38 37.24
N ARG N 228 40.90 -1.13 36.09
CA ARG N 228 41.00 -2.15 35.06
C ARG N 228 42.08 -3.12 35.52
N THR N 229 41.87 -4.40 35.25
CA THR N 229 42.88 -5.44 35.46
C THR N 229 42.82 -6.37 34.26
N ALA N 230 43.88 -6.38 33.47
CA ALA N 230 43.97 -7.25 32.31
C ALA N 230 44.70 -8.52 32.69
N ILE N 231 44.05 -9.66 32.47
CA ILE N 231 44.69 -10.95 32.65
C ILE N 231 44.80 -11.58 31.27
N ASN N 232 46.01 -11.53 30.72
CA ASN N 232 46.24 -12.13 29.41
C ASN N 232 46.38 -13.64 29.52
N LYS N 233 47.36 -14.10 30.28
CA LYS N 233 47.53 -15.52 30.51
C LYS N 233 47.91 -15.74 31.96
N THR N 234 48.18 -17.00 32.28
CA THR N 234 48.44 -17.40 33.66
C THR N 234 49.84 -16.99 34.07
N LYS N 235 50.16 -17.28 35.33
CA LYS N 235 51.52 -17.15 35.79
C LYS N 235 52.05 -18.50 36.26
N LYS N 236 53.30 -18.51 36.70
CA LYS N 236 53.90 -19.76 37.15
C LYS N 236 53.47 -20.10 38.57
N ALA N 237 53.29 -19.08 39.41
CA ALA N 237 52.76 -19.33 40.74
C ALA N 237 51.29 -19.73 40.68
N ASP N 238 50.60 -19.30 39.62
CA ASP N 238 49.23 -19.73 39.34
C ASP N 238 49.17 -21.25 39.22
N VAL N 239 49.91 -21.82 38.26
CA VAL N 239 49.89 -23.27 38.09
C VAL N 239 50.63 -23.97 39.21
N LYS N 240 51.50 -23.26 39.93
CA LYS N 240 52.17 -23.84 41.09
C LYS N 240 51.19 -24.08 42.23
N ALA N 241 50.32 -23.11 42.50
CA ALA N 241 49.27 -23.32 43.48
C ALA N 241 48.24 -24.32 42.99
N ILE N 242 48.05 -24.40 41.66
CA ILE N 242 47.22 -25.46 41.09
C ILE N 242 47.81 -26.82 41.41
N ALA N 243 49.12 -26.98 41.23
CA ALA N 243 49.76 -28.26 41.53
C ALA N 243 49.78 -28.54 43.03
N ASP N 244 49.80 -27.49 43.84
CA ASP N 244 49.69 -27.66 45.29
C ASP N 244 48.30 -28.15 45.69
N ALA N 245 47.27 -27.62 45.03
CA ALA N 245 45.90 -28.05 45.33
C ALA N 245 45.64 -29.45 44.81
N TRP N 246 46.23 -29.80 43.67
CA TRP N 246 46.01 -31.12 43.07
C TRP N 246 47.06 -32.14 43.50
N GLN N 247 47.89 -31.79 44.49
CA GLN N 247 48.90 -32.67 45.09
C GLN N 247 49.87 -33.23 44.04
N ILE N 248 50.43 -32.31 43.27
CA ILE N 248 51.31 -32.65 42.17
C ILE N 248 52.71 -32.20 42.55
N ASN N 249 53.66 -33.14 42.52
CA ASN N 249 55.00 -32.90 43.01
C ASN N 249 56.09 -33.07 41.97
N GLY N 250 55.77 -33.61 40.80
CA GLY N 250 56.78 -33.80 39.76
C GLY N 250 57.21 -32.50 39.12
N GLU N 251 58.52 -32.33 38.96
CA GLU N 251 59.03 -31.16 38.26
C GLU N 251 58.81 -31.28 36.76
N LYS N 252 58.94 -32.50 36.22
CA LYS N 252 58.50 -32.77 34.85
C LYS N 252 57.00 -32.54 34.72
N GLU N 253 56.25 -32.96 35.74
CA GLU N 253 54.81 -32.70 35.79
C GLU N 253 54.55 -31.20 35.84
N LEU N 254 55.33 -30.46 36.62
CA LEU N 254 55.15 -29.02 36.75
C LEU N 254 55.43 -28.30 35.43
N GLU N 255 56.52 -28.70 34.74
CA GLU N 255 56.84 -28.11 33.45
C GLU N 255 55.78 -28.44 32.40
N LEU N 256 55.25 -29.66 32.45
CA LEU N 256 54.20 -30.03 31.51
C LEU N 256 52.91 -29.25 31.77
N LEU N 257 52.58 -29.03 33.05
CA LEU N 257 51.43 -28.20 33.40
C LEU N 257 51.62 -26.76 32.92
N GLN N 258 52.85 -26.25 33.05
CA GLN N 258 53.16 -24.92 32.55
C GLN N 258 53.01 -24.84 31.04
N GLN N 259 53.47 -25.87 30.32
CA GLN N 259 53.37 -25.90 28.87
C GLN N 259 51.91 -25.97 28.42
N ILE N 260 51.08 -26.69 29.19
CA ILE N 260 49.66 -26.69 28.92
C ILE N 260 49.06 -25.31 29.17
N ALA N 261 49.56 -24.62 30.20
CA ALA N 261 49.08 -23.28 30.50
C ALA N 261 49.51 -22.27 29.45
N GLN N 262 50.51 -22.62 28.63
CA GLN N 262 50.91 -21.72 27.55
C GLN N 262 49.90 -21.75 26.40
N LYS N 263 49.07 -22.78 26.32
CA LYS N 263 48.09 -22.85 25.25
C LYS N 263 46.75 -22.28 25.72
N PRO N 264 46.00 -21.63 24.83
CA PRO N 264 44.78 -20.92 25.27
C PRO N 264 43.68 -21.86 25.73
N GLY N 265 42.66 -21.26 26.35
CA GLY N 265 41.78 -22.05 27.18
C GLY N 265 42.53 -22.57 28.38
N ALA N 266 43.50 -21.77 28.83
CA ALA N 266 44.45 -22.21 29.87
C ALA N 266 43.78 -22.92 31.03
N LEU N 267 42.99 -22.20 31.81
CA LEU N 267 42.44 -22.85 33.02
C LEU N 267 41.57 -24.02 32.54
N ARG N 268 40.80 -23.81 31.48
CA ARG N 268 39.86 -24.89 31.06
C ARG N 268 40.65 -26.13 30.64
N ILE N 269 41.67 -25.95 29.80
CA ILE N 269 42.40 -27.14 29.28
C ILE N 269 43.09 -27.80 30.46
N LEU N 270 43.68 -26.98 31.34
CA LEU N 270 44.43 -27.55 32.47
C LEU N 270 43.43 -28.33 33.34
N ASN N 271 42.26 -27.76 33.58
CA ASN N 271 41.24 -28.44 34.42
C ASN N 271 40.79 -29.70 33.70
N HIS N 272 40.56 -29.60 32.39
CA HIS N 272 40.14 -30.79 31.60
C HIS N 272 41.23 -31.85 31.72
N SER N 273 42.49 -31.43 31.57
CA SER N 273 43.60 -32.37 31.63
C SER N 273 43.73 -32.99 33.00
N LEU N 274 43.58 -32.17 34.06
CA LEU N 274 43.60 -32.67 35.43
C LEU N 274 42.49 -33.66 35.67
N ARG N 275 41.31 -33.42 35.10
CA ARG N 275 40.19 -34.31 35.38
C ARG N 275 40.28 -35.59 34.56
N LEU N 276 40.80 -35.52 33.33
CA LEU N 276 41.12 -36.71 32.55
C LEU N 276 42.12 -37.60 33.26
N ALA N 277 43.20 -37.00 33.77
CA ALA N 277 44.23 -37.80 34.41
C ALA N 277 43.74 -38.38 35.74
N ALA N 278 42.91 -37.61 36.46
CA ALA N 278 42.39 -38.10 37.73
C ALA N 278 41.43 -39.27 37.51
N MET N 279 40.53 -39.16 36.52
CA MET N 279 39.60 -40.25 36.29
C MET N 279 40.29 -41.46 35.69
N THR N 280 41.33 -41.25 34.88
CA THR N 280 42.07 -42.37 34.31
C THR N 280 42.86 -43.11 35.38
N ALA N 281 43.52 -42.36 36.29
CA ALA N 281 44.29 -42.99 37.35
C ALA N 281 43.39 -43.63 38.38
N HIS N 282 42.18 -43.10 38.55
CA HIS N 282 41.23 -43.74 39.46
C HIS N 282 40.64 -44.99 38.84
N GLY N 283 40.41 -44.98 37.52
CA GLY N 283 39.90 -46.18 36.86
C GLY N 283 40.95 -47.27 36.76
N LYS N 284 42.22 -46.89 36.66
CA LYS N 284 43.31 -47.85 36.66
C LYS N 284 43.87 -48.10 38.06
N GLY N 285 43.30 -47.45 39.08
CA GLY N 285 43.73 -47.66 40.45
C GLY N 285 45.06 -47.04 40.82
N GLU N 286 45.63 -46.22 39.95
CA GLU N 286 46.99 -45.72 40.12
C GLU N 286 46.98 -44.26 40.54
N ARG N 287 48.18 -43.70 40.63
CA ARG N 287 48.39 -42.29 40.89
C ARG N 287 48.46 -41.55 39.55
N VAL N 288 47.96 -40.32 39.55
CA VAL N 288 48.18 -39.41 38.44
C VAL N 288 49.67 -39.19 38.24
N ASN N 289 50.14 -39.41 37.02
CA ASN N 289 51.56 -39.27 36.73
C ASN N 289 51.69 -38.53 35.39
N GLU N 290 52.90 -38.49 34.86
CA GLU N 290 53.21 -37.65 33.72
C GLU N 290 52.60 -38.21 32.44
N ASP N 291 52.55 -39.54 32.32
CA ASP N 291 52.09 -40.16 31.08
C ASP N 291 50.58 -40.03 30.92
N TYR N 292 49.86 -40.04 32.03
CA TYR N 292 48.42 -39.80 31.98
C TYR N 292 48.14 -38.37 31.52
N LEU N 293 48.97 -37.44 31.97
CA LEU N 293 48.87 -36.06 31.52
C LEU N 293 49.21 -35.94 30.04
N ARG N 294 50.19 -36.72 29.57
CA ARG N 294 50.55 -36.69 28.15
C ARG N 294 49.43 -37.23 27.28
N GLN N 295 48.78 -38.32 27.71
CA GLN N 295 47.67 -38.87 26.94
C GLN N 295 46.48 -37.91 26.96
N ALA N 296 46.22 -37.29 28.12
CA ALA N 296 45.16 -36.30 28.25
C ALA N 296 45.38 -35.12 27.31
N PHE N 297 46.59 -34.59 27.26
CA PHE N 297 46.90 -33.48 26.37
C PHE N 297 46.99 -33.94 24.92
N ARG N 298 47.29 -35.22 24.70
CA ARG N 298 47.32 -35.78 23.36
C ARG N 298 45.91 -35.90 22.80
N GLU N 299 44.91 -35.95 23.68
CA GLU N 299 43.53 -35.82 23.24
C GLU N 299 43.21 -34.36 22.90
N LEU N 300 41.91 -34.10 22.74
CA LEU N 300 41.24 -32.80 22.64
C LEU N 300 41.41 -32.11 21.30
N ASP N 301 42.21 -32.66 20.38
CA ASP N 301 42.53 -32.09 19.06
C ASP N 301 43.02 -30.64 19.17
N LEU N 302 44.14 -30.47 19.87
CA LEU N 302 44.66 -29.12 20.06
C LEU N 302 45.59 -28.73 18.92
N ASP N 303 46.27 -29.70 18.31
CA ASP N 303 47.10 -29.48 17.13
C ASP N 303 46.39 -29.92 15.85
N VAL N 304 45.10 -30.28 15.94
CA VAL N 304 44.32 -30.74 14.81
C VAL N 304 43.32 -29.65 14.44
N ASP N 305 43.37 -29.19 13.20
CA ASP N 305 42.52 -28.11 12.72
C ASP N 305 41.12 -28.59 12.37
N LEU O 67 -21.40 55.66 42.20
CA LEU O 67 -21.95 55.30 43.51
C LEU O 67 -23.17 54.32 43.50
N PRO O 68 -24.17 54.46 42.62
CA PRO O 68 -25.21 53.43 42.59
C PRO O 68 -24.71 52.14 41.96
N GLU O 69 -25.55 51.11 42.05
CA GLU O 69 -25.26 49.85 41.40
C GLU O 69 -25.40 49.99 39.88
N PRO O 70 -24.42 49.50 39.12
CA PRO O 70 -24.56 49.52 37.67
C PRO O 70 -25.63 48.57 37.22
N PRO O 71 -26.59 48.95 36.33
CA PRO O 71 -27.51 47.95 35.75
C PRO O 71 -26.97 47.43 34.41
N ARG O 72 -26.83 46.10 34.30
CA ARG O 72 -26.25 45.47 33.07
C ARG O 72 -27.14 45.60 31.84
N PHE O 73 -28.45 45.44 31.99
CA PHE O 73 -29.34 45.43 30.79
C PHE O 73 -30.35 46.56 30.86
N VAL O 74 -30.57 47.26 29.73
CA VAL O 74 -31.60 48.33 29.70
C VAL O 74 -32.55 48.04 28.53
N GLU O 75 -33.86 48.26 28.71
CA GLU O 75 -34.78 48.11 27.55
C GLU O 75 -34.43 49.21 26.55
N THR O 76 -34.36 48.88 25.27
CA THR O 76 -33.92 49.85 24.23
C THR O 76 -34.86 49.76 23.03
N GLN O 77 -34.74 50.70 22.09
CA GLN O 77 -35.58 50.65 20.87
C GLN O 77 -35.27 49.34 20.15
N THR O 78 -33.99 48.96 20.07
CA THR O 78 -33.65 47.65 19.46
C THR O 78 -34.25 46.54 20.33
N VAL O 79 -34.16 46.67 21.64
CA VAL O 79 -34.68 45.62 22.57
C VAL O 79 -36.19 45.49 22.38
N LYS O 80 -36.88 46.61 22.18
CA LYS O 80 -38.36 46.60 22.02
C LYS O 80 -38.63 45.93 20.68
N GLN O 81 -37.99 46.42 19.63
CA GLN O 81 -38.11 45.84 18.31
C GLN O 81 -37.84 44.35 18.32
N ILE O 82 -36.73 43.94 18.93
CA ILE O 82 -36.28 42.57 18.77
C ILE O 82 -37.11 41.63 19.64
N TRP O 83 -37.68 42.15 20.73
CA TRP O 83 -38.59 41.33 21.52
C TRP O 83 -39.91 41.13 20.80
N THR O 84 -40.36 42.16 20.07
CA THR O 84 -41.59 42.01 19.30
C THR O 84 -41.36 41.01 18.17
N SER O 85 -40.16 41.03 17.58
CA SER O 85 -39.81 40.03 16.57
C SER O 85 -39.71 38.64 17.20
N MET O 86 -39.20 38.57 18.42
CA MET O 86 -39.01 37.30 19.11
C MET O 86 -40.35 36.67 19.49
N ARG O 87 -41.24 37.46 20.10
CA ARG O 87 -42.57 36.98 20.43
C ARG O 87 -43.40 36.72 19.18
N PHE O 88 -43.11 37.46 18.10
CA PHE O 88 -43.75 37.19 16.83
C PHE O 88 -43.39 35.82 16.30
N ALA O 89 -42.10 35.48 16.30
CA ALA O 89 -41.70 34.15 15.85
C ALA O 89 -42.15 33.08 16.84
N SER O 90 -42.36 33.49 18.10
CA SER O 90 -42.91 32.57 19.10
C SER O 90 -44.33 32.18 18.80
N LEU O 91 -45.26 33.14 18.82
CA LEU O 91 -46.67 32.86 18.60
C LEU O 91 -46.91 32.39 17.17
N THR O 92 -46.16 32.96 16.23
CA THR O 92 -46.20 32.59 14.84
C THR O 92 -45.64 31.20 14.60
N GLU O 93 -44.74 30.75 15.47
CA GLU O 93 -44.12 29.43 15.40
C GLU O 93 -43.36 29.27 14.10
N SER O 94 -42.60 30.29 13.74
CA SER O 94 -41.93 30.37 12.46
C SER O 94 -40.55 31.00 12.63
N ILE O 95 -39.81 31.10 11.54
CA ILE O 95 -38.38 31.41 11.58
C ILE O 95 -38.16 32.92 11.44
N ALA O 96 -37.36 33.49 12.35
CA ALA O 96 -36.97 34.90 12.32
C ALA O 96 -35.46 35.04 12.32
N VAL O 97 -34.91 35.61 11.25
CA VAL O 97 -33.47 35.79 11.09
C VAL O 97 -33.13 37.21 11.54
N VAL O 98 -32.19 37.31 12.47
CA VAL O 98 -31.75 38.61 12.96
C VAL O 98 -30.29 38.75 12.54
N CYS O 99 -30.07 39.39 11.40
CA CYS O 99 -28.73 39.70 10.93
C CYS O 99 -28.46 41.17 11.21
N GLY O 100 -27.30 41.45 11.80
CA GLY O 100 -26.99 42.85 12.15
C GLY O 100 -25.49 43.07 12.17
N ASN O 101 -25.05 44.28 12.49
CA ASN O 101 -23.59 44.53 12.61
C ASN O 101 -23.12 43.83 13.89
N PRO O 102 -21.83 43.45 14.02
CA PRO O 102 -21.35 42.84 15.24
C PRO O 102 -21.53 43.79 16.43
N GLY O 103 -21.83 43.25 17.61
CA GLY O 103 -21.97 44.08 18.81
C GLY O 103 -23.10 45.09 18.74
N VAL O 104 -24.25 44.70 18.19
CA VAL O 104 -25.42 45.63 18.21
C VAL O 104 -26.21 45.37 19.49
N GLY O 105 -25.73 44.46 20.34
CA GLY O 105 -26.41 44.17 21.63
C GLY O 105 -27.46 43.08 21.51
N LYS O 106 -27.55 42.43 20.34
CA LYS O 106 -28.60 41.41 20.11
C LYS O 106 -28.42 40.22 21.05
N THR O 107 -27.19 39.76 21.25
CA THR O 107 -26.99 38.51 22.04
C THR O 107 -27.54 38.72 23.45
N GLU O 108 -27.22 39.85 24.06
CA GLU O 108 -27.64 40.05 25.47
C GLU O 108 -29.16 40.08 25.55
N ALA O 109 -29.80 40.77 24.62
CA ALA O 109 -31.27 40.92 24.76
C ALA O 109 -31.91 39.54 24.71
N ALA O 110 -31.42 38.69 23.82
CA ALA O 110 -31.93 37.34 23.75
C ALA O 110 -31.92 36.68 25.11
N ARG O 111 -30.88 36.94 25.91
CA ARG O 111 -30.83 36.32 27.22
C ARG O 111 -31.83 36.96 28.17
N GLU O 112 -32.15 38.23 27.96
CA GLU O 112 -33.18 38.84 28.77
C GLU O 112 -34.54 38.27 28.42
N TYR O 113 -34.75 37.97 27.13
CA TYR O 113 -35.97 37.28 26.72
C TYR O 113 -36.03 35.89 27.33
N ARG O 114 -34.88 35.21 27.41
CA ARG O 114 -34.85 33.88 27.99
C ARG O 114 -35.11 33.94 29.48
N ARG O 115 -34.66 34.99 30.14
CA ARG O 115 -34.83 35.10 31.58
C ARG O 115 -36.26 35.48 31.93
N THR O 116 -36.91 36.27 31.08
CA THR O 116 -38.24 36.77 31.42
C THR O 116 -39.38 35.85 31.01
N ASN O 117 -39.16 34.94 30.08
CA ASN O 117 -40.25 34.23 29.44
C ASN O 117 -40.11 32.72 29.61
N ASN O 118 -41.25 32.05 29.69
CA ASN O 118 -41.30 30.59 29.78
C ASN O 118 -41.25 29.97 28.38
N ASN O 119 -40.89 28.68 28.36
CA ASN O 119 -40.73 27.88 27.13
C ASN O 119 -39.78 28.56 26.16
N VAL O 120 -38.63 28.97 26.67
CA VAL O 120 -37.62 29.64 25.87
C VAL O 120 -36.32 28.91 26.07
N TRP O 121 -35.59 28.64 24.99
CA TRP O 121 -34.29 28.04 25.10
C TRP O 121 -33.32 28.75 24.17
N MET O 122 -32.04 28.64 24.50
CA MET O 122 -31.00 29.31 23.75
C MET O 122 -29.75 28.46 23.81
N ILE O 123 -29.08 28.33 22.68
CA ILE O 123 -27.71 27.86 22.67
C ILE O 123 -26.85 28.98 22.10
N THR O 124 -25.56 28.74 22.09
CA THR O 124 -24.65 29.47 21.23
C THR O 124 -24.04 28.44 20.31
N ILE O 125 -23.59 28.86 19.15
CA ILE O 125 -22.89 27.97 18.26
C ILE O 125 -21.47 28.48 18.15
N THR O 126 -20.55 27.82 18.84
CA THR O 126 -19.17 27.89 18.44
C THR O 126 -19.02 27.07 17.17
N PRO O 127 -18.11 27.46 16.26
CA PRO O 127 -17.85 26.62 15.09
C PRO O 127 -17.22 25.27 15.41
N SER O 128 -16.76 25.06 16.65
CA SER O 128 -16.45 23.73 17.12
C SER O 128 -17.68 22.84 17.15
N CYS O 129 -18.82 23.38 17.59
CA CYS O 129 -20.06 22.61 17.72
C CYS O 129 -20.96 22.76 16.49
N ALA O 130 -20.37 22.95 15.31
CA ALA O 130 -21.12 23.37 14.14
C ALA O 130 -21.66 22.22 13.30
N SER O 131 -21.62 20.99 13.81
CA SER O 131 -22.21 19.88 13.08
C SER O 131 -23.68 19.80 13.43
N VAL O 132 -24.39 18.90 12.76
CA VAL O 132 -25.77 18.62 13.14
C VAL O 132 -25.79 17.93 14.48
N LEU O 133 -24.88 16.95 14.66
CA LEU O 133 -24.80 16.16 15.87
C LEU O 133 -24.48 17.02 17.09
N GLU O 134 -23.45 17.84 16.96
CA GLU O 134 -23.02 18.67 18.08
C GLU O 134 -24.07 19.72 18.43
N CYS O 135 -24.64 20.38 17.43
CA CYS O 135 -25.59 21.45 17.68
C CYS O 135 -26.88 20.92 18.28
N LEU O 136 -27.40 19.81 17.74
CA LEU O 136 -28.59 19.22 18.33
C LEU O 136 -28.30 18.68 19.72
N THR O 137 -27.07 18.24 19.95
CA THR O 137 -26.68 17.83 21.29
C THR O 137 -26.74 19.02 22.24
N GLU O 138 -26.30 20.19 21.75
CA GLU O 138 -26.33 21.39 22.57
C GLU O 138 -27.75 21.78 22.91
N LEU O 139 -28.64 21.71 21.92
CA LEU O 139 -30.03 22.03 22.16
C LEU O 139 -30.67 21.02 23.09
N ALA O 140 -30.22 19.76 23.02
CA ALA O 140 -30.77 18.73 23.87
C ALA O 140 -30.36 18.95 25.32
N PHE O 141 -29.09 19.26 25.54
CA PHE O 141 -28.67 19.55 26.91
C PHE O 141 -29.30 20.85 27.40
N GLU O 142 -29.62 21.75 26.48
CA GLU O 142 -30.35 22.94 26.90
C GLU O 142 -31.79 22.58 27.27
N LEU O 143 -32.33 21.54 26.64
CA LEU O 143 -33.63 21.05 27.04
C LEU O 143 -33.60 20.23 28.31
N GLY O 144 -32.41 19.93 28.84
CA GLY O 144 -32.30 19.21 30.09
C GLY O 144 -32.33 17.71 29.97
N MET O 145 -32.39 17.18 28.75
CA MET O 145 -32.34 15.73 28.54
C MET O 145 -30.89 15.29 28.54
N ASN O 146 -30.34 15.09 29.74
CA ASN O 146 -28.95 14.66 29.87
C ASN O 146 -28.74 13.23 29.41
N ASP O 147 -29.81 12.48 29.17
CA ASP O 147 -29.78 11.11 28.67
C ASP O 147 -29.87 11.08 27.15
N ALA O 148 -29.35 12.11 26.51
CA ALA O 148 -29.50 12.21 25.08
C ALA O 148 -28.53 11.26 24.36
N PRO O 149 -28.98 10.62 23.30
CA PRO O 149 -28.11 9.68 22.59
C PRO O 149 -27.08 10.40 21.76
N ARG O 150 -25.92 9.76 21.62
CA ARG O 150 -24.82 10.33 20.87
C ARG O 150 -24.92 10.05 19.37
N ARG O 151 -25.98 9.41 18.92
CA ARG O 151 -26.22 9.25 17.49
C ARG O 151 -27.10 10.41 17.03
N LYS O 152 -27.14 10.66 15.72
CA LYS O 152 -27.96 11.73 15.17
C LYS O 152 -29.44 11.41 15.24
N GLY O 153 -29.80 10.24 14.72
CA GLY O 153 -31.17 9.79 14.57
C GLY O 153 -32.00 9.76 15.83
N PRO O 154 -31.60 8.93 16.82
CA PRO O 154 -32.40 8.86 18.05
C PRO O 154 -32.40 10.16 18.81
N LEU O 155 -31.35 10.97 18.65
CA LEU O 155 -31.38 12.31 19.23
C LEU O 155 -32.45 13.16 18.57
N SER O 156 -32.53 13.09 17.24
CA SER O 156 -33.54 13.84 16.51
C SER O 156 -34.94 13.39 16.92
N ARG O 157 -35.11 12.09 17.12
CA ARG O 157 -36.39 11.58 17.60
C ARG O 157 -36.68 12.03 19.02
N ALA O 158 -35.66 12.10 19.87
CA ALA O 158 -35.90 12.53 21.24
C ALA O 158 -36.25 14.00 21.29
N LEU O 159 -35.63 14.79 20.43
CA LEU O 159 -35.98 16.20 20.32
C LEU O 159 -37.38 16.35 19.79
N ARG O 160 -37.77 15.51 18.84
CA ARG O 160 -39.09 15.60 18.24
C ARG O 160 -40.17 15.24 19.24
N ARG O 161 -39.89 14.28 20.11
CA ARG O 161 -40.90 13.91 21.10
C ARG O 161 -40.90 14.89 22.27
N ARG O 162 -39.73 15.37 22.68
CA ARG O 162 -39.64 16.26 23.82
C ARG O 162 -40.18 17.63 23.53
N LEU O 163 -39.87 18.15 22.36
CA LEU O 163 -39.99 19.56 22.11
C LEU O 163 -41.34 19.93 21.50
N GLU O 164 -42.01 18.99 20.86
CA GLU O 164 -43.31 19.24 20.27
C GLU O 164 -44.40 19.21 21.33
N GLY O 165 -45.30 20.17 21.26
CA GLY O 165 -46.38 20.29 22.22
C GLY O 165 -46.10 21.20 23.38
N THR O 166 -44.88 21.72 23.51
CA THR O 166 -44.55 22.63 24.59
C THR O 166 -44.83 24.08 24.25
N GLN O 167 -44.98 24.38 22.95
CA GLN O 167 -45.07 25.73 22.41
C GLN O 167 -43.90 26.58 22.89
N GLY O 168 -42.71 26.19 22.44
CA GLY O 168 -41.49 26.83 22.87
C GLY O 168 -40.86 27.69 21.79
N LEU O 169 -39.72 28.26 22.17
CA LEU O 169 -38.97 29.15 21.27
C LEU O 169 -37.49 28.84 21.40
N VAL O 170 -36.93 28.29 20.34
CA VAL O 170 -35.49 28.05 20.26
C VAL O 170 -34.83 29.31 19.73
N ILE O 171 -33.76 29.73 20.39
CA ILE O 171 -32.97 30.86 19.93
C ILE O 171 -31.60 30.35 19.53
N ILE O 172 -31.14 30.68 18.32
CA ILE O 172 -29.78 30.23 17.94
C ILE O 172 -28.91 31.44 17.59
N ASP O 173 -27.74 31.56 18.23
CA ASP O 173 -26.83 32.71 18.01
C ASP O 173 -25.79 32.36 16.96
N GLU O 174 -25.25 33.36 16.24
CA GLU O 174 -24.20 33.13 15.22
C GLU O 174 -24.71 32.17 14.15
N ALA O 175 -25.87 32.47 13.54
CA ALA O 175 -26.39 31.59 12.51
C ALA O 175 -25.60 31.63 11.21
N ASP O 176 -24.46 32.31 11.16
CA ASP O 176 -23.67 32.31 9.94
C ASP O 176 -22.89 31.02 9.77
N HIS O 177 -22.55 30.36 10.88
CA HIS O 177 -21.73 29.16 10.84
C HIS O 177 -22.57 27.90 10.71
N LEU O 178 -23.79 28.03 10.18
CA LEU O 178 -24.65 26.88 10.00
C LEU O 178 -24.27 26.14 8.73
N GLY O 179 -24.15 24.82 8.86
CA GLY O 179 -24.12 23.96 7.70
C GLY O 179 -25.50 23.91 7.09
N ALA O 180 -25.53 23.55 5.80
CA ALA O 180 -26.80 23.43 5.09
C ALA O 180 -27.64 22.32 5.68
N GLU O 181 -27.01 21.20 6.03
CA GLU O 181 -27.71 20.13 6.74
C GLU O 181 -28.05 20.56 8.16
N VAL O 182 -27.24 21.44 8.75
CA VAL O 182 -27.47 21.88 10.12
C VAL O 182 -28.75 22.71 10.20
N LEU O 183 -28.75 23.84 9.51
CA LEU O 183 -29.93 24.69 9.40
C LEU O 183 -31.11 23.97 8.76
N GLU O 184 -30.83 23.02 7.87
CA GLU O 184 -31.85 22.19 7.27
C GLU O 184 -32.57 21.35 8.31
N GLU O 185 -31.82 20.70 9.19
CA GLU O 185 -32.43 19.88 10.23
C GLU O 185 -33.13 20.75 11.24
N LEU O 186 -32.60 21.95 11.48
CA LEU O 186 -33.27 22.88 12.40
C LEU O 186 -34.61 23.35 11.85
N ARG O 187 -34.65 23.73 10.58
CA ARG O 187 -35.91 24.24 10.02
C ARG O 187 -36.93 23.12 9.90
N LEU O 188 -36.49 21.91 9.53
CA LEU O 188 -37.44 20.81 9.46
C LEU O 188 -37.83 20.35 10.85
N LEU O 189 -36.96 20.58 11.83
CA LEU O 189 -37.31 20.33 13.22
C LEU O 189 -38.45 21.23 13.65
N GLN O 190 -38.20 22.53 13.69
CA GLN O 190 -39.25 23.44 14.23
C GLN O 190 -40.54 23.18 13.46
N GLU O 191 -40.41 22.94 12.15
CA GLU O 191 -41.63 22.73 11.33
C GLU O 191 -42.31 21.47 11.84
N SER O 192 -41.52 20.41 12.08
CA SER O 192 -42.11 19.13 12.54
C SER O 192 -42.25 19.17 14.05
N THR O 193 -42.30 20.38 14.63
CA THR O 193 -42.32 20.43 16.07
C THR O 193 -43.33 21.43 16.60
N ARG O 194 -43.79 22.37 15.76
CA ARG O 194 -44.76 23.42 16.11
C ARG O 194 -44.21 24.27 17.28
N ILE O 195 -43.02 24.82 17.03
CA ILE O 195 -42.26 25.63 17.96
C ILE O 195 -41.67 26.80 17.22
N GLY O 196 -40.85 27.56 17.93
CA GLY O 196 -40.17 28.68 17.31
C GLY O 196 -38.68 28.52 17.17
N LEU O 197 -38.16 28.94 16.03
CA LEU O 197 -36.74 29.03 15.76
C LEU O 197 -36.42 30.48 15.43
N VAL O 198 -35.33 31.02 15.97
CA VAL O 198 -34.92 32.39 15.71
C VAL O 198 -33.42 32.40 15.47
N LEU O 199 -32.99 32.96 14.35
CA LEU O 199 -31.59 33.01 13.99
C LEU O 199 -30.99 34.38 14.33
N MET O 200 -29.74 34.38 14.78
CA MET O 200 -29.03 35.61 15.13
C MET O 200 -27.78 35.76 14.25
N GLY O 201 -26.95 36.76 14.57
CA GLY O 201 -25.60 36.86 14.04
C GLY O 201 -25.43 38.04 13.10
N ASN O 202 -24.38 38.00 12.30
CA ASN O 202 -24.03 39.07 11.38
C ASN O 202 -24.80 38.91 10.08
N HIS O 203 -24.52 39.83 9.14
CA HIS O 203 -25.25 39.85 7.87
C HIS O 203 -24.76 38.83 6.86
N ARG O 204 -23.91 37.89 7.27
CA ARG O 204 -23.52 36.81 6.38
C ARG O 204 -24.59 35.72 6.33
N VAL O 205 -25.55 35.77 7.25
CA VAL O 205 -26.59 34.73 7.32
C VAL O 205 -27.54 34.87 6.15
N TYR O 206 -27.99 36.09 5.87
CA TYR O 206 -28.81 36.34 4.70
C TYR O 206 -27.97 36.28 3.43
N SER O 207 -26.66 36.53 3.54
CA SER O 207 -25.78 36.44 2.38
C SER O 207 -25.54 34.99 1.97
N ASN O 208 -25.69 34.04 2.90
CA ASN O 208 -25.52 32.63 2.57
C ASN O 208 -26.72 32.07 1.81
N MET O 209 -27.82 32.82 1.75
CA MET O 209 -28.99 32.44 0.98
C MET O 209 -29.06 33.16 -0.36
N THR O 210 -28.42 34.33 -0.47
CA THR O 210 -28.44 35.10 -1.70
C THR O 210 -27.01 35.40 -2.16
N THR O 215 -30.81 29.97 -3.68
CA THR O 215 -32.25 29.80 -3.50
C THR O 215 -32.83 28.71 -4.39
N VAL O 216 -32.09 27.61 -4.50
CA VAL O 216 -32.68 26.28 -4.63
C VAL O 216 -32.24 25.35 -3.51
N GLU O 217 -31.10 25.62 -2.88
CA GLU O 217 -30.67 24.96 -1.66
C GLU O 217 -31.28 25.60 -0.42
N PHE O 218 -31.56 26.90 -0.47
CA PHE O 218 -32.22 27.63 0.59
C PHE O 218 -33.59 28.13 0.18
N ALA O 219 -34.24 27.49 -0.81
CA ALA O 219 -35.43 28.05 -1.44
C ALA O 219 -36.64 27.98 -0.52
N ARG O 220 -36.95 26.78 -0.03
CA ARG O 220 -38.07 26.62 0.90
C ARG O 220 -37.78 27.32 2.22
N LEU O 221 -36.51 27.50 2.56
CA LEU O 221 -36.14 28.21 3.78
C LEU O 221 -36.38 29.70 3.63
N PHE O 222 -36.03 30.28 2.49
CA PHE O 222 -36.39 31.65 2.16
C PHE O 222 -37.90 31.80 2.05
N SER O 223 -38.61 30.71 1.72
CA SER O 223 -40.07 30.69 1.84
C SER O 223 -40.56 30.62 3.28
N ARG O 224 -39.73 30.15 4.22
CA ARG O 224 -40.19 30.07 5.61
C ARG O 224 -40.22 31.44 6.28
N ILE O 225 -39.33 32.36 5.86
CA ILE O 225 -38.87 33.48 6.69
C ILE O 225 -40.00 34.42 7.05
N ALA O 226 -40.21 34.60 8.35
CA ALA O 226 -41.32 35.36 8.89
C ALA O 226 -41.02 36.83 9.07
N LYS O 227 -40.02 37.14 9.89
CA LYS O 227 -39.67 38.52 10.21
C LYS O 227 -38.17 38.64 10.34
N ARG O 228 -37.51 39.07 9.29
CA ARG O 228 -36.15 39.54 9.39
C ARG O 228 -36.20 40.90 10.04
N THR O 229 -35.22 41.18 10.89
CA THR O 229 -35.02 42.50 11.47
C THR O 229 -33.53 42.79 11.45
N ALA O 230 -33.12 43.77 10.65
CA ALA O 230 -31.72 44.15 10.57
C ALA O 230 -31.47 45.31 11.52
N ILE O 231 -30.51 45.14 12.41
CA ILE O 231 -30.06 46.22 13.28
C ILE O 231 -28.63 46.54 12.88
N ASN O 232 -28.48 47.64 12.13
CA ASN O 232 -27.15 48.05 11.72
C ASN O 232 -26.42 48.75 12.85
N LYS O 233 -26.98 49.85 13.35
CA LYS O 233 -26.39 50.53 14.49
C LYS O 233 -27.51 50.99 15.41
N THR O 234 -27.10 51.71 16.44
CA THR O 234 -28.04 52.12 17.49
C THR O 234 -28.91 53.27 17.01
N LYS O 235 -29.82 53.69 17.89
CA LYS O 235 -30.55 54.92 17.65
C LYS O 235 -30.27 55.91 18.78
N LYS O 236 -30.89 57.08 18.67
CA LYS O 236 -30.67 58.11 19.68
C LYS O 236 -31.52 57.85 20.92
N ALA O 237 -32.72 57.31 20.74
CA ALA O 237 -33.53 56.92 21.88
C ALA O 237 -32.93 55.71 22.58
N ASP O 238 -32.18 54.90 21.83
CA ASP O 238 -31.41 53.80 22.40
C ASP O 238 -30.45 54.30 23.47
N VAL O 239 -29.53 55.19 23.08
CA VAL O 239 -28.56 55.72 24.04
C VAL O 239 -29.23 56.68 25.02
N LYS O 240 -30.40 57.22 24.66
CA LYS O 240 -31.14 58.07 25.59
C LYS O 240 -31.69 57.26 26.76
N ALA O 241 -32.27 56.09 26.47
CA ALA O 241 -32.70 55.22 27.53
C ALA O 241 -31.53 54.62 28.28
N ILE O 242 -30.39 54.46 27.60
CA ILE O 242 -29.15 54.09 28.29
C ILE O 242 -28.75 55.15 29.31
N ALA O 243 -28.81 56.42 28.92
CA ALA O 243 -28.46 57.50 29.84
C ALA O 243 -29.51 57.63 30.95
N ASP O 244 -30.75 57.27 30.67
CA ASP O 244 -31.79 57.25 31.70
C ASP O 244 -31.51 56.15 32.72
N ALA O 245 -31.08 54.98 32.25
CA ALA O 245 -30.78 53.90 33.16
C ALA O 245 -29.51 54.16 33.95
N TRP O 246 -28.52 54.82 33.34
CA TRP O 246 -27.26 55.11 34.01
C TRP O 246 -27.26 56.47 34.71
N GLN O 247 -28.42 57.12 34.80
CA GLN O 247 -28.62 58.39 35.51
C GLN O 247 -27.69 59.48 34.99
N ILE O 248 -27.71 59.65 33.67
CA ILE O 248 -26.84 60.59 32.98
C ILE O 248 -27.69 61.73 32.46
N ASN O 249 -27.35 62.95 32.85
CA ASN O 249 -28.17 64.12 32.56
C ASN O 249 -27.47 65.17 31.72
N GLY O 250 -26.18 65.06 31.51
CA GLY O 250 -25.46 66.05 30.71
C GLY O 250 -25.77 65.97 29.23
N GLU O 251 -26.03 67.11 28.61
CA GLU O 251 -26.24 67.14 27.17
C GLU O 251 -24.93 66.95 26.43
N LYS O 252 -23.84 67.53 26.96
CA LYS O 252 -22.50 67.21 26.47
C LYS O 252 -22.21 65.74 26.67
N GLU O 253 -22.61 65.20 27.82
CA GLU O 253 -22.49 63.77 28.10
C GLU O 253 -23.32 62.96 27.11
N LEU O 254 -24.53 63.43 26.79
CA LEU O 254 -25.40 62.72 25.87
C LEU O 254 -24.82 62.71 24.45
N GLU O 255 -24.28 63.85 24.01
CA GLU O 255 -23.67 63.91 22.69
C GLU O 255 -22.42 63.05 22.62
N LEU O 256 -21.64 63.00 23.71
CA LEU O 256 -20.46 62.16 23.73
C LEU O 256 -20.82 60.68 23.71
N LEU O 257 -21.90 60.30 24.42
CA LEU O 257 -22.39 58.93 24.36
C LEU O 257 -22.86 58.56 22.96
N GLN O 258 -23.52 59.51 22.29
CA GLN O 258 -23.94 59.29 20.92
C GLN O 258 -22.76 59.11 19.99
N GLN O 259 -21.70 59.92 20.17
CA GLN O 259 -20.50 59.81 19.35
C GLN O 259 -19.78 58.49 19.57
N ILE O 260 -19.81 57.99 20.81
CA ILE O 260 -19.28 56.67 21.09
C ILE O 260 -20.14 55.59 20.42
N ALA O 261 -21.45 55.82 20.37
CA ALA O 261 -22.35 54.88 19.71
C ALA O 261 -22.17 54.88 18.20
N GLN O 262 -21.54 55.93 17.66
CA GLN O 262 -21.28 55.95 16.23
C GLN O 262 -20.12 55.02 15.86
N LYS O 263 -19.30 54.64 16.82
CA LYS O 263 -18.20 53.73 16.52
C LYS O 263 -18.60 52.28 16.80
N PRO O 264 -18.10 51.33 16.01
CA PRO O 264 -18.59 49.95 16.12
C PRO O 264 -18.18 49.28 17.43
N GLY O 265 -18.78 48.13 17.67
CA GLY O 265 -18.81 47.60 19.02
C GLY O 265 -19.63 48.51 19.89
N ALA O 266 -20.67 49.10 19.30
CA ALA O 266 -21.46 50.15 19.98
C ALA O 266 -21.83 49.80 21.40
N LEU O 267 -22.67 48.79 21.58
CA LEU O 267 -23.13 48.52 22.95
C LEU O 267 -21.90 48.15 23.79
N ARG O 268 -21.00 47.36 23.22
CA ARG O 268 -19.85 46.89 24.04
C ARG O 268 -19.00 48.09 24.46
N ILE O 269 -18.65 48.96 23.52
CA ILE O 269 -17.72 50.07 23.85
C ILE O 269 -18.44 50.97 24.85
N LEU O 270 -19.73 51.22 24.59
CA LEU O 270 -20.47 52.14 25.48
C LEU O 270 -20.51 51.52 26.88
N ASN O 271 -20.78 50.21 26.96
CA ASN O 271 -20.85 49.55 28.27
C ASN O 271 -19.46 49.62 28.91
N HIS O 272 -18.42 49.35 28.12
CA HIS O 272 -17.03 49.41 28.63
C HIS O 272 -16.77 50.82 29.15
N SER O 273 -17.16 51.82 28.36
CA SER O 273 -16.93 53.21 28.74
C SER O 273 -17.70 53.57 30.00
N LEU O 274 -18.96 53.14 30.08
CA LEU O 274 -19.78 53.36 31.26
C LEU O 274 -19.17 52.71 32.49
N ARG O 275 -18.61 51.52 32.33
CA ARG O 275 -18.07 50.81 33.49
C ARG O 275 -16.71 51.37 33.91
N LEU O 276 -15.89 51.81 32.94
CA LEU O 276 -14.66 52.54 33.25
C LEU O 276 -14.95 53.80 34.04
N ALA O 277 -15.92 54.59 33.58
CA ALA O 277 -16.21 55.86 34.24
C ALA O 277 -16.84 55.63 35.61
N ALA O 278 -17.67 54.59 35.74
CA ALA O 278 -18.28 54.30 37.03
C ALA O 278 -17.23 53.85 38.04
N MET O 279 -16.32 52.96 37.64
CA MET O 279 -15.31 52.49 38.58
C MET O 279 -14.30 53.59 38.90
N THR O 280 -14.00 54.46 37.94
CA THR O 280 -13.08 55.56 38.20
C THR O 280 -13.69 56.59 39.14
N ALA O 281 -14.97 56.92 38.94
CA ALA O 281 -15.63 57.89 39.81
C ALA O 281 -15.90 57.31 41.19
N HIS O 282 -16.07 55.99 41.27
CA HIS O 282 -16.22 55.36 42.58
C HIS O 282 -14.89 55.27 43.30
N GLY O 283 -13.79 55.04 42.57
CA GLY O 283 -12.49 55.01 43.19
C GLY O 283 -12.02 56.38 43.63
N LYS O 284 -12.42 57.42 42.90
CA LYS O 284 -12.13 58.79 43.27
C LYS O 284 -13.22 59.41 44.13
N GLY O 285 -14.28 58.67 44.44
CA GLY O 285 -15.34 59.15 45.30
C GLY O 285 -16.26 60.16 44.66
N GLU O 286 -16.17 60.37 43.36
CA GLU O 286 -16.88 61.44 42.68
C GLU O 286 -18.04 60.89 41.85
N ARG O 287 -18.69 61.81 41.14
CA ARG O 287 -19.73 61.47 40.18
C ARG O 287 -19.11 61.24 38.82
N VAL O 288 -19.70 60.31 38.06
CA VAL O 288 -19.36 60.16 36.65
C VAL O 288 -19.66 61.46 35.93
N ASN O 289 -18.66 61.97 35.21
CA ASN O 289 -18.82 63.23 34.49
C ASN O 289 -18.20 63.05 33.10
N GLU O 290 -18.07 64.17 32.38
CA GLU O 290 -17.70 64.12 30.97
C GLU O 290 -16.23 63.74 30.80
N ASP O 291 -15.38 64.19 31.72
CA ASP O 291 -13.94 63.99 31.56
C ASP O 291 -13.56 62.54 31.83
N TYR O 292 -14.28 61.88 32.74
CA TYR O 292 -14.06 60.45 32.96
C TYR O 292 -14.43 59.67 31.73
N LEU O 293 -15.50 60.09 31.05
CA LEU O 293 -15.90 59.47 29.79
C LEU O 293 -14.87 59.73 28.70
N ARG O 294 -14.26 60.92 28.71
CA ARG O 294 -13.23 61.23 27.71
C ARG O 294 -11.99 60.38 27.92
N GLN O 295 -11.57 60.20 29.18
CA GLN O 295 -10.41 59.36 29.45
C GLN O 295 -10.70 57.89 29.13
N ALA O 296 -11.92 57.44 29.45
CA ALA O 296 -12.35 56.08 29.12
C ALA O 296 -12.32 55.84 27.62
N PHE O 297 -12.84 56.77 26.83
CA PHE O 297 -12.83 56.63 25.38
C PHE O 297 -11.44 56.85 24.82
N ARG O 298 -10.61 57.61 25.53
CA ARG O 298 -9.22 57.84 25.13
C ARG O 298 -8.41 56.57 25.30
N GLU O 299 -8.85 55.68 26.17
CA GLU O 299 -8.28 54.33 26.24
C GLU O 299 -8.77 53.49 25.06
N LEU O 300 -8.50 52.18 25.16
CA LEU O 300 -9.01 51.08 24.35
C LEU O 300 -8.36 50.96 22.98
N ASP O 301 -7.50 51.89 22.59
CA ASP O 301 -6.85 51.97 21.27
C ASP O 301 -7.86 51.88 20.13
N LEU O 302 -8.75 52.85 20.07
CA LEU O 302 -9.78 52.84 19.04
C LEU O 302 -9.29 53.54 17.77
N ASP O 303 -8.40 54.53 17.92
CA ASP O 303 -7.77 55.20 16.79
C ASP O 303 -6.34 54.69 16.55
N VAL O 304 -5.94 53.64 17.27
CA VAL O 304 -4.60 53.07 17.16
C VAL O 304 -4.71 51.72 16.44
N ASP O 305 -3.98 51.59 15.33
CA ASP O 305 -4.03 50.39 14.50
C ASP O 305 -3.18 49.27 15.07
N LEU P 67 -26.87 -32.63 -59.53
CA LEU P 67 -26.20 -32.32 -60.79
C LEU P 67 -26.11 -30.81 -61.18
N PRO P 68 -27.15 -29.99 -61.02
CA PRO P 68 -26.94 -28.55 -61.29
C PRO P 68 -26.13 -27.88 -60.20
N GLU P 69 -25.76 -26.64 -60.46
CA GLU P 69 -25.08 -25.84 -59.46
C GLU P 69 -26.05 -25.45 -58.34
N PRO P 70 -25.63 -25.62 -57.08
CA PRO P 70 -26.47 -25.17 -55.98
C PRO P 70 -26.56 -23.66 -55.94
N PRO P 71 -27.76 -23.04 -55.82
CA PRO P 71 -27.80 -21.58 -55.59
C PRO P 71 -27.89 -21.27 -54.08
N ARG P 72 -26.95 -20.46 -53.58
CA ARG P 72 -26.90 -20.15 -52.11
C ARG P 72 -28.07 -19.28 -51.63
N PHE P 73 -28.49 -18.29 -52.41
CA PHE P 73 -29.53 -17.36 -51.91
C PHE P 73 -30.76 -17.40 -52.80
N VAL P 74 -31.95 -17.47 -52.18
CA VAL P 74 -33.21 -17.45 -52.98
C VAL P 74 -34.10 -16.31 -52.45
N GLU P 75 -34.75 -15.54 -53.34
CA GLU P 75 -35.70 -14.51 -52.84
C GLU P 75 -36.85 -15.24 -52.15
N THR P 76 -37.27 -14.76 -50.98
CA THR P 76 -38.31 -15.47 -50.18
C THR P 76 -39.30 -14.44 -49.64
N GLN P 77 -40.41 -14.89 -49.08
CA GLN P 77 -41.41 -13.95 -48.51
C GLN P 77 -40.74 -13.14 -47.42
N THR P 78 -39.93 -13.78 -46.58
CA THR P 78 -39.17 -13.01 -45.55
C THR P 78 -38.19 -12.07 -46.27
N VAL P 79 -37.53 -12.56 -47.32
CA VAL P 79 -36.54 -11.72 -48.07
C VAL P 79 -37.27 -10.53 -48.67
N LYS P 80 -38.49 -10.73 -49.15
CA LYS P 80 -39.27 -9.63 -49.79
C LYS P 80 -39.65 -8.66 -48.68
N GLN P 81 -40.24 -9.19 -47.61
CA GLN P 81 -40.59 -8.38 -46.46
C GLN P 81 -39.41 -7.58 -45.94
N ILE P 82 -38.27 -8.24 -45.76
CA ILE P 82 -37.17 -7.60 -45.05
C ILE P 82 -36.45 -6.61 -45.96
N TRP P 83 -36.51 -6.82 -47.28
CA TRP P 83 -35.98 -5.84 -48.20
C TRP P 83 -36.85 -4.61 -48.25
N THR P 84 -38.16 -4.79 -48.16
CA THR P 84 -39.05 -3.64 -48.13
C THR P 84 -38.84 -2.84 -46.85
N SER P 85 -38.59 -3.55 -45.74
CA SER P 85 -38.24 -2.87 -44.50
C SER P 85 -36.89 -2.17 -44.60
N MET P 86 -35.96 -2.79 -45.32
CA MET P 86 -34.61 -2.25 -45.46
C MET P 86 -34.62 -0.99 -46.31
N ARG P 87 -35.27 -1.04 -47.47
CA ARG P 87 -35.41 0.14 -48.33
C ARG P 87 -36.28 1.20 -47.69
N PHE P 88 -37.22 0.77 -46.84
CA PHE P 88 -38.02 1.71 -46.07
C PHE P 88 -37.15 2.51 -45.11
N ALA P 89 -36.31 1.84 -44.34
CA ALA P 89 -35.41 2.56 -43.44
C ALA P 89 -34.35 3.33 -44.21
N SER P 90 -34.07 2.90 -45.45
CA SER P 90 -33.17 3.64 -46.32
C SER P 90 -33.74 4.99 -46.75
N LEU P 91 -34.85 4.98 -47.48
CA LEU P 91 -35.44 6.22 -47.97
C LEU P 91 -35.99 7.05 -46.82
N THR P 92 -36.52 6.38 -45.80
CA THR P 92 -37.02 7.00 -44.60
C THR P 92 -35.90 7.60 -43.76
N GLU P 93 -34.69 7.05 -43.89
CA GLU P 93 -33.50 7.52 -43.18
C GLU P 93 -33.71 7.42 -41.68
N SER P 94 -34.24 6.29 -41.24
CA SER P 94 -34.65 6.09 -39.87
C SER P 94 -34.33 4.67 -39.44
N ILE P 95 -34.63 4.35 -38.18
CA ILE P 95 -34.13 3.13 -37.55
C ILE P 95 -35.15 2.00 -37.69
N ALA P 96 -34.69 0.83 -38.15
CA ALA P 96 -35.51 -0.37 -38.27
C ALA P 96 -34.88 -1.53 -37.51
N VAL P 97 -35.58 -2.03 -36.49
CA VAL P 97 -35.09 -3.12 -35.65
C VAL P 97 -35.68 -4.41 -36.18
N VAL P 98 -34.82 -5.38 -36.48
CA VAL P 98 -35.26 -6.68 -36.96
C VAL P 98 -34.89 -7.68 -35.88
N CYS P 99 -35.82 -7.98 -35.00
CA CYS P 99 -35.64 -9.01 -33.99
C CYS P 99 -36.38 -10.25 -34.44
N GLY P 100 -35.73 -11.40 -34.36
CA GLY P 100 -36.37 -12.65 -34.82
C GLY P 100 -35.80 -13.85 -34.10
N ASN P 101 -36.28 -15.04 -34.42
CA ASN P 101 -35.70 -16.26 -33.81
C ASN P 101 -34.31 -16.47 -34.44
N PRO P 102 -33.37 -17.18 -33.77
CA PRO P 102 -32.06 -17.40 -34.35
C PRO P 102 -32.18 -18.20 -35.66
N GLY P 103 -31.31 -17.90 -36.61
CA GLY P 103 -31.30 -18.64 -37.89
C GLY P 103 -32.59 -18.51 -38.70
N VAL P 104 -33.17 -17.30 -38.76
CA VAL P 104 -34.36 -17.11 -39.63
C VAL P 104 -33.91 -16.69 -41.03
N GLY P 105 -32.59 -16.64 -41.27
CA GLY P 105 -32.06 -16.30 -42.61
C GLY P 105 -31.87 -14.82 -42.82
N LYS P 106 -32.06 -14.01 -41.78
CA LYS P 106 -31.96 -12.53 -41.90
C LYS P 106 -30.53 -12.11 -42.25
N THR P 107 -29.53 -12.73 -41.64
CA THR P 107 -28.14 -12.25 -41.85
C THR P 107 -27.79 -12.35 -43.32
N GLU P 108 -28.12 -13.48 -43.94
CA GLU P 108 -27.70 -13.66 -45.35
C GLU P 108 -28.42 -12.63 -46.22
N ALA P 109 -29.70 -12.41 -45.97
CA ALA P 109 -30.43 -11.51 -46.88
C ALA P 109 -29.81 -10.12 -46.84
N ALA P 110 -29.46 -9.67 -45.64
CA ALA P 110 -28.79 -8.39 -45.51
C ALA P 110 -27.60 -8.30 -46.45
N ARG P 111 -26.88 -9.40 -46.62
CA ARG P 111 -25.73 -9.35 -47.51
C ARG P 111 -26.15 -9.32 -48.97
N GLU P 112 -27.31 -9.89 -49.28
CA GLU P 112 -27.82 -9.77 -50.63
C GLU P 112 -28.25 -8.35 -50.92
N TYR P 113 -28.81 -7.68 -49.91
CA TYR P 113 -29.13 -6.26 -50.04
C TYR P 113 -27.86 -5.45 -50.22
N ARG P 114 -26.80 -5.82 -49.52
CA ARG P 114 -25.54 -5.10 -49.64
C ARG P 114 -24.92 -5.32 -51.00
N ARG P 115 -25.10 -6.52 -51.56
CA ARG P 115 -24.50 -6.82 -52.86
C ARG P 115 -25.28 -6.16 -53.99
N THR P 116 -26.59 -6.02 -53.84
CA THR P 116 -27.40 -5.50 -54.93
C THR P 116 -27.51 -3.99 -54.97
N ASN P 117 -27.27 -3.30 -53.86
CA ASN P 117 -27.64 -1.90 -53.75
C ASN P 117 -26.41 -1.04 -53.45
N ASN P 118 -26.45 0.19 -53.95
CA ASN P 118 -25.41 1.18 -53.68
C ASN P 118 -25.68 1.91 -52.36
N ASN P 119 -24.61 2.52 -51.84
CA ASN P 119 -24.62 3.25 -50.55
C ASN P 119 -25.14 2.38 -49.42
N VAL P 120 -24.61 1.17 -49.34
CA VAL P 120 -25.02 0.21 -48.32
C VAL P 120 -23.76 -0.26 -47.63
N TRP P 121 -23.80 -0.32 -46.30
CA TRP P 121 -22.68 -0.86 -45.54
C TRP P 121 -23.22 -1.79 -44.46
N MET P 122 -22.34 -2.69 -44.04
CA MET P 122 -22.71 -3.67 -43.04
C MET P 122 -21.49 -4.00 -42.22
N ILE P 123 -21.66 -4.10 -40.91
CA ILE P 123 -20.68 -4.75 -40.07
C ILE P 123 -21.35 -5.95 -39.43
N THR P 124 -20.56 -6.69 -38.68
CA THR P 124 -21.09 -7.60 -37.69
C THR P 124 -20.55 -7.12 -36.37
N ILE P 125 -21.25 -7.42 -35.29
CA ILE P 125 -20.74 -7.10 -33.97
C ILE P 125 -20.48 -8.41 -33.26
N THR P 126 -19.21 -8.79 -33.17
CA THR P 126 -18.81 -9.70 -32.14
C THR P 126 -18.83 -8.93 -30.82
N PRO P 127 -19.14 -9.61 -29.71
CA PRO P 127 -19.04 -8.95 -28.40
C PRO P 127 -17.62 -8.56 -28.00
N SER P 128 -16.61 -9.05 -28.71
CA SER P 128 -15.27 -8.49 -28.60
C SER P 128 -15.23 -7.04 -29.06
N CYS P 129 -15.92 -6.71 -30.14
CA CYS P 129 -15.91 -5.37 -30.71
C CYS P 129 -17.09 -4.53 -30.22
N ALA P 130 -17.56 -4.77 -29.00
CA ALA P 130 -18.83 -4.25 -28.55
C ALA P 130 -18.73 -2.89 -27.87
N SER P 131 -17.58 -2.21 -27.95
CA SER P 131 -17.46 -0.88 -27.39
C SER P 131 -17.93 0.12 -28.43
N VAL P 132 -18.00 1.39 -28.03
CA VAL P 132 -18.27 2.45 -29.00
C VAL P 132 -17.09 2.59 -29.93
N LEU P 133 -15.88 2.56 -29.36
CA LEU P 133 -14.63 2.73 -30.11
C LEU P 133 -14.45 1.63 -31.13
N GLU P 134 -14.60 0.38 -30.70
CA GLU P 134 -14.38 -0.75 -31.59
C GLU P 134 -15.43 -0.80 -32.68
N CYS P 135 -16.70 -0.59 -32.33
CA CYS P 135 -17.78 -0.70 -33.31
C CYS P 135 -17.72 0.41 -34.34
N LEU P 136 -17.47 1.64 -33.89
CA LEU P 136 -17.31 2.72 -34.85
C LEU P 136 -16.07 2.54 -35.70
N THR P 137 -15.04 1.91 -35.13
CA THR P 137 -13.87 1.58 -35.93
C THR P 137 -14.23 0.58 -37.01
N GLU P 138 -15.09 -0.37 -36.68
CA GLU P 138 -15.53 -1.37 -37.65
C GLU P 138 -16.30 -0.72 -38.77
N LEU P 139 -17.20 0.20 -38.42
CA LEU P 139 -17.97 0.90 -39.43
C LEU P 139 -17.08 1.79 -40.27
N ALA P 140 -16.02 2.33 -39.66
CA ALA P 140 -15.11 3.20 -40.39
C ALA P 140 -14.31 2.41 -41.40
N PHE P 141 -13.78 1.25 -41.00
CA PHE P 141 -13.09 0.42 -41.96
C PHE P 141 -14.04 -0.13 -43.02
N GLU P 142 -15.31 -0.28 -42.66
CA GLU P 142 -16.27 -0.66 -43.67
C GLU P 142 -16.52 0.49 -44.64
N LEU P 143 -16.38 1.72 -44.15
CA LEU P 143 -16.45 2.86 -45.05
C LEU P 143 -15.19 3.06 -45.86
N GLY P 144 -14.13 2.30 -45.60
CA GLY P 144 -12.92 2.40 -46.38
C GLY P 144 -11.95 3.45 -45.93
N MET P 145 -12.24 4.16 -44.83
CA MET P 145 -11.31 5.14 -44.28
C MET P 145 -10.31 4.41 -43.39
N ASN P 146 -9.28 3.87 -44.04
CA ASN P 146 -8.24 3.15 -43.31
C ASN P 146 -7.36 4.07 -42.46
N ASP P 147 -7.49 5.38 -42.65
CA ASP P 147 -6.78 6.39 -41.89
C ASP P 147 -7.59 6.86 -40.69
N ALA P 148 -8.41 5.97 -40.14
CA ALA P 148 -9.30 6.36 -39.09
C ALA P 148 -8.54 6.50 -37.77
N PRO P 149 -8.87 7.51 -36.97
CA PRO P 149 -8.16 7.71 -35.70
C PRO P 149 -8.60 6.70 -34.67
N ARG P 150 -7.67 6.36 -33.78
CA ARG P 150 -7.93 5.39 -32.73
C ARG P 150 -8.58 6.02 -31.50
N ARG P 151 -8.87 7.31 -31.54
CA ARG P 151 -9.62 7.94 -30.46
C ARG P 151 -11.10 7.88 -30.83
N LYS P 152 -11.99 8.08 -29.85
CA LYS P 152 -13.42 8.08 -30.10
C LYS P 152 -13.87 9.32 -30.85
N GLY P 153 -13.50 10.48 -30.33
CA GLY P 153 -13.92 11.77 -30.82
C GLY P 153 -13.63 12.07 -32.28
N PRO P 154 -12.36 12.10 -32.66
CA PRO P 154 -12.05 12.39 -34.07
C PRO P 154 -12.55 11.33 -35.01
N LEU P 155 -12.69 10.09 -34.53
CA LEU P 155 -13.34 9.08 -35.34
C LEU P 155 -14.80 9.42 -35.58
N SER P 156 -15.49 9.86 -34.52
CA SER P 156 -16.88 10.24 -34.65
C SER P 156 -17.03 11.41 -35.61
N ARG P 157 -16.09 12.36 -35.53
CA ARG P 157 -16.09 13.48 -36.48
C ARG P 157 -15.81 13.02 -37.90
N ALA P 158 -14.92 12.06 -38.07
CA ALA P 158 -14.62 11.59 -39.41
C ALA P 158 -15.79 10.84 -40.00
N LEU P 159 -16.50 10.09 -39.17
CA LEU P 159 -17.72 9.43 -39.62
C LEU P 159 -18.78 10.45 -39.97
N ARG P 160 -18.86 11.51 -39.17
CA ARG P 160 -19.88 12.53 -39.41
C ARG P 160 -19.63 13.27 -40.71
N ARG P 161 -18.36 13.50 -41.03
CA ARG P 161 -18.07 14.20 -42.27
C ARG P 161 -18.14 13.27 -43.46
N ARG P 162 -17.70 12.02 -43.30
CA ARG P 162 -17.67 11.08 -44.40
C ARG P 162 -19.05 10.62 -44.79
N LEU P 163 -19.89 10.34 -43.80
CA LEU P 163 -21.07 9.54 -44.01
C LEU P 163 -22.29 10.39 -44.33
N GLU P 164 -22.29 11.65 -43.93
CA GLU P 164 -23.40 12.54 -44.18
C GLU P 164 -23.35 13.07 -45.61
N GLY P 165 -24.51 13.07 -46.27
CA GLY P 165 -24.59 13.52 -47.65
C GLY P 165 -24.48 12.42 -48.68
N THR P 166 -24.20 11.18 -48.26
CA THR P 166 -24.11 10.07 -49.19
C THR P 166 -25.44 9.38 -49.41
N GLN P 167 -26.41 9.62 -48.52
CA GLN P 167 -27.68 8.91 -48.46
C GLN P 167 -27.46 7.40 -48.45
N GLY P 168 -26.85 6.94 -47.36
CA GLY P 168 -26.49 5.56 -47.22
C GLY P 168 -27.35 4.80 -46.23
N LEU P 169 -27.01 3.53 -46.07
CA LEU P 169 -27.74 2.64 -45.17
C LEU P 169 -26.74 1.77 -44.42
N VAL P 170 -26.64 2.01 -43.12
CA VAL P 170 -25.83 1.18 -42.25
C VAL P 170 -26.67 0.01 -41.78
N ILE P 171 -26.11 -1.19 -41.86
CA ILE P 171 -26.76 -2.39 -41.36
C ILE P 171 -25.94 -2.90 -40.17
N ILE P 172 -26.59 -3.15 -39.04
CA ILE P 172 -25.84 -3.72 -37.89
C ILE P 172 -26.46 -5.03 -37.45
N ASP P 173 -25.66 -6.09 -37.35
CA ASP P 173 -26.15 -7.45 -37.00
C ASP P 173 -25.92 -7.70 -35.50
N GLU P 174 -26.74 -8.56 -34.89
CA GLU P 174 -26.61 -8.89 -33.45
C GLU P 174 -26.74 -7.61 -32.61
N ALA P 175 -27.81 -6.85 -32.81
CA ALA P 175 -28.00 -5.63 -32.04
C ALA P 175 -28.32 -5.88 -30.57
N ASP P 176 -28.27 -7.13 -30.10
CA ASP P 176 -28.54 -7.37 -28.69
C ASP P 176 -27.34 -7.02 -27.82
N HIS P 177 -26.13 -7.10 -28.38
CA HIS P 177 -24.93 -6.85 -27.62
C HIS P 177 -24.52 -5.39 -27.65
N LEU P 178 -25.47 -4.49 -27.89
CA LEU P 178 -25.18 -3.07 -27.91
C LEU P 178 -25.12 -2.52 -26.49
N GLY P 179 -24.08 -1.76 -26.20
CA GLY P 179 -24.07 -0.93 -25.03
C GLY P 179 -25.02 0.24 -25.25
N ALA P 180 -25.45 0.81 -24.13
CA ALA P 180 -26.36 1.96 -24.19
C ALA P 180 -25.68 3.15 -24.84
N GLU P 181 -24.40 3.36 -24.51
CA GLU P 181 -23.62 4.39 -25.19
C GLU P 181 -23.35 4.00 -26.63
N VAL P 182 -23.26 2.69 -26.91
CA VAL P 182 -22.96 2.22 -28.25
C VAL P 182 -24.11 2.53 -29.19
N LEU P 183 -25.27 1.96 -28.92
CA LEU P 183 -26.49 2.24 -29.66
C LEU P 183 -26.88 3.70 -29.58
N GLU P 184 -26.56 4.36 -28.48
CA GLU P 184 -26.78 5.79 -28.31
C GLU P 184 -25.99 6.60 -29.33
N GLU P 185 -24.71 6.28 -29.49
CA GLU P 185 -23.89 7.00 -30.45
C GLU P 185 -24.31 6.66 -31.86
N LEU P 186 -24.77 5.42 -32.08
CA LEU P 186 -25.26 5.05 -33.40
C LEU P 186 -26.52 5.80 -33.78
N ARG P 187 -27.49 5.90 -32.86
CA ARG P 187 -28.72 6.58 -33.19
C ARG P 187 -28.50 8.07 -33.35
N LEU P 188 -27.64 8.66 -32.53
CA LEU P 188 -27.35 10.08 -32.69
C LEU P 188 -26.49 10.32 -33.92
N LEU P 189 -25.73 9.30 -34.32
CA LEU P 189 -24.99 9.36 -35.56
C LEU P 189 -25.94 9.47 -36.74
N GLN P 190 -26.71 8.41 -36.98
CA GLN P 190 -27.57 8.41 -38.18
C GLN P 190 -28.43 9.68 -38.14
N GLU P 191 -28.84 10.06 -36.93
CA GLU P 191 -29.71 11.25 -36.80
C GLU P 191 -28.90 12.45 -37.29
N SER P 192 -27.64 12.54 -36.85
CA SER P 192 -26.80 13.69 -37.22
C SER P 192 -26.10 13.38 -38.55
N THR P 193 -26.67 12.49 -39.35
CA THR P 193 -25.96 12.10 -40.55
C THR P 193 -26.88 12.02 -41.76
N ARG P 194 -28.20 11.92 -41.55
CA ARG P 194 -29.22 11.80 -42.61
C ARG P 194 -28.93 10.57 -43.47
N ILE P 195 -28.88 9.43 -42.78
CA ILE P 195 -28.59 8.12 -43.34
C ILE P 195 -29.53 7.10 -42.72
N GLY P 196 -29.29 5.84 -43.06
CA GLY P 196 -30.08 4.78 -42.47
C GLY P 196 -29.31 3.89 -41.52
N LEU P 197 -29.96 3.52 -40.43
CA LEU P 197 -29.47 2.52 -39.49
C LEU P 197 -30.52 1.42 -39.40
N VAL P 198 -30.08 0.16 -39.41
CA VAL P 198 -30.99 -0.98 -39.31
C VAL P 198 -30.39 -1.99 -38.34
N LEU P 199 -31.17 -2.37 -37.34
CA LEU P 199 -30.72 -3.31 -36.32
C LEU P 199 -31.21 -4.72 -36.62
N MET P 200 -30.37 -5.72 -36.33
CA MET P 200 -30.71 -7.13 -36.55
C MET P 200 -30.67 -7.87 -35.22
N GLY P 201 -30.81 -9.20 -35.29
CA GLY P 201 -30.51 -10.08 -34.17
C GLY P 201 -31.75 -10.76 -33.61
N ASN P 202 -31.63 -11.27 -32.39
CA ASN P 202 -32.69 -12.00 -31.73
C ASN P 202 -33.65 -11.03 -31.03
N HIS P 203 -34.64 -11.60 -30.34
CA HIS P 203 -35.67 -10.79 -29.72
C HIS P 203 -35.26 -10.20 -28.37
N ARG P 204 -33.97 -10.27 -28.02
CA ARG P 204 -33.50 -9.59 -26.82
C ARG P 204 -33.26 -8.11 -27.08
N VAL P 205 -33.27 -7.69 -28.35
CA VAL P 205 -33.02 -6.29 -28.70
C VAL P 205 -34.19 -5.42 -28.27
N TYR P 206 -35.41 -5.86 -28.59
CA TYR P 206 -36.59 -5.15 -28.13
C TYR P 206 -36.82 -5.39 -26.64
N SER P 207 -36.31 -6.50 -26.10
CA SER P 207 -36.42 -6.77 -24.67
C SER P 207 -35.51 -5.86 -23.85
N ASN P 208 -34.42 -5.36 -24.46
CA ASN P 208 -33.53 -4.45 -23.75
C ASN P 208 -34.11 -3.05 -23.62
N MET P 209 -35.20 -2.76 -24.34
CA MET P 209 -35.89 -1.49 -24.23
C MET P 209 -37.14 -1.59 -23.36
N THR P 210 -37.70 -2.78 -23.23
CA THR P 210 -38.90 -3.00 -22.42
C THR P 210 -38.67 -4.08 -21.37
N THR P 215 -37.49 2.60 -20.78
CA THR P 215 -37.96 3.67 -21.65
C THR P 215 -37.96 5.04 -20.96
N VAL P 216 -36.88 5.28 -20.22
CA VAL P 216 -36.30 6.61 -20.08
C VAL P 216 -34.85 6.64 -20.54
N GLU P 217 -34.16 5.50 -20.52
CA GLU P 217 -32.85 5.34 -21.11
C GLU P 217 -32.93 5.03 -22.60
N PHE P 218 -34.01 4.38 -23.03
CA PHE P 218 -34.29 4.08 -24.41
C PHE P 218 -35.51 4.82 -24.94
N ALA P 219 -35.89 5.94 -24.31
CA ALA P 219 -37.18 6.55 -24.57
C ALA P 219 -37.24 7.22 -25.92
N ARG P 220 -36.29 8.12 -26.20
CA ARG P 220 -36.23 8.78 -27.50
C ARG P 220 -35.89 7.78 -28.60
N LEU P 221 -35.22 6.68 -28.24
CA LEU P 221 -34.91 5.65 -29.22
C LEU P 221 -36.14 4.85 -29.60
N PHE P 222 -36.98 4.50 -28.63
CA PHE P 222 -38.29 3.93 -28.90
C PHE P 222 -39.18 4.92 -29.63
N SER P 223 -38.93 6.22 -29.47
CA SER P 223 -39.56 7.23 -30.33
C SER P 223 -38.98 7.26 -31.74
N ARG P 224 -37.76 6.75 -31.95
CA ARG P 224 -37.20 6.78 -33.30
C ARG P 224 -37.82 5.72 -34.21
N ILE P 225 -38.26 4.59 -33.62
CA ILE P 225 -38.38 3.31 -34.33
C ILE P 225 -39.40 3.39 -35.45
N ALA P 226 -38.95 3.09 -36.66
CA ALA P 226 -39.73 3.23 -37.88
C ALA P 226 -40.51 1.98 -38.22
N LYS P 227 -39.83 0.87 -38.45
CA LYS P 227 -40.46 -0.37 -38.86
C LYS P 227 -39.75 -1.54 -38.22
N ARG P 228 -40.30 -2.02 -37.11
CA ARG P 228 -39.91 -3.32 -36.59
C ARG P 228 -40.55 -4.35 -37.50
N THR P 229 -39.83 -5.44 -37.74
CA THR P 229 -40.36 -6.61 -38.44
C THR P 229 -39.85 -7.85 -37.70
N ALA P 230 -40.76 -8.58 -37.08
CA ALA P 230 -40.40 -9.80 -36.37
C ALA P 230 -40.59 -10.99 -37.30
N ILE P 231 -39.53 -11.77 -37.48
CA ILE P 231 -39.62 -13.03 -38.22
C ILE P 231 -39.37 -14.14 -37.22
N ASN P 232 -40.45 -14.79 -36.81
CA ASN P 232 -40.33 -15.90 -35.87
C ASN P 232 -39.87 -17.15 -36.58
N LYS P 233 -40.64 -17.62 -37.55
CA LYS P 233 -40.24 -18.77 -38.34
C LYS P 233 -40.62 -18.53 -39.79
N THR P 234 -40.40 -19.56 -40.60
CA THR P 234 -40.57 -19.42 -42.03
C THR P 234 -42.04 -19.48 -42.40
N LYS P 235 -42.32 -19.34 -43.68
CA LYS P 235 -43.65 -19.58 -44.19
C LYS P 235 -43.63 -20.72 -45.21
N LYS P 236 -44.81 -21.04 -45.74
CA LYS P 236 -44.90 -22.14 -46.69
C LYS P 236 -44.47 -21.68 -48.08
N ALA P 237 -44.77 -20.43 -48.43
CA ALA P 237 -44.28 -19.89 -49.70
C ALA P 237 -42.78 -19.67 -49.64
N ASP P 238 -42.23 -19.48 -48.45
CA ASP P 238 -40.80 -19.41 -48.23
C ASP P 238 -40.12 -20.69 -48.73
N VAL P 239 -40.50 -21.83 -48.14
CA VAL P 239 -39.91 -23.11 -48.54
C VAL P 239 -40.39 -23.53 -49.92
N LYS P 240 -41.52 -22.98 -50.39
CA LYS P 240 -41.99 -23.26 -51.73
C LYS P 240 -41.07 -22.63 -52.77
N ALA P 241 -40.69 -21.37 -52.55
CA ALA P 241 -39.72 -20.73 -53.43
C ALA P 241 -38.34 -21.36 -53.28
N ILE P 242 -38.04 -21.88 -52.08
CA ILE P 242 -36.82 -22.67 -51.89
C ILE P 242 -36.83 -23.91 -52.78
N ALA P 243 -37.95 -24.62 -52.81
CA ALA P 243 -38.06 -25.81 -53.65
C ALA P 243 -38.08 -25.45 -55.13
N ASP P 244 -38.57 -24.26 -55.47
CA ASP P 244 -38.51 -23.79 -56.84
C ASP P 244 -37.08 -23.49 -57.25
N ALA P 245 -36.30 -22.90 -56.35
CA ALA P 245 -34.90 -22.61 -56.66
C ALA P 245 -34.06 -23.88 -56.71
N TRP P 246 -34.37 -24.86 -55.87
CA TRP P 246 -33.62 -26.10 -55.82
C TRP P 246 -34.19 -27.18 -56.71
N GLN P 247 -35.17 -26.83 -57.57
CA GLN P 247 -35.79 -27.71 -58.56
C GLN P 247 -36.38 -28.96 -57.91
N ILE P 248 -37.20 -28.74 -56.90
CA ILE P 248 -37.79 -29.80 -56.11
C ILE P 248 -39.28 -29.83 -56.42
N ASN P 249 -39.77 -30.99 -56.85
CA ASN P 249 -41.13 -31.12 -57.34
C ASN P 249 -41.98 -32.10 -56.55
N GLY P 250 -41.39 -32.90 -55.67
CA GLY P 250 -42.15 -33.84 -54.89
C GLY P 250 -43.03 -33.21 -53.84
N GLU P 251 -44.29 -33.64 -53.75
CA GLU P 251 -45.16 -33.14 -52.70
C GLU P 251 -44.78 -33.76 -51.35
N LYS P 252 -44.40 -35.04 -51.36
CA LYS P 252 -43.78 -35.64 -50.18
C LYS P 252 -42.50 -34.91 -49.81
N GLU P 253 -41.71 -34.56 -50.84
CA GLU P 253 -40.51 -33.75 -50.64
C GLU P 253 -40.85 -32.39 -50.07
N LEU P 254 -41.93 -31.77 -50.57
CA LEU P 254 -42.34 -30.46 -50.09
C LEU P 254 -42.79 -30.50 -48.64
N GLU P 255 -43.57 -31.53 -48.27
CA GLU P 255 -44.01 -31.67 -46.89
C GLU P 255 -42.84 -31.95 -45.96
N LEU P 256 -41.87 -32.74 -46.43
CA LEU P 256 -40.69 -33.01 -45.61
C LEU P 256 -39.84 -31.76 -45.42
N LEU P 257 -39.71 -30.94 -46.47
CA LEU P 257 -39.01 -29.66 -46.35
C LEU P 257 -39.72 -28.74 -45.37
N GLN P 258 -41.06 -28.75 -45.40
CA GLN P 258 -41.83 -27.95 -44.45
C GLN P 258 -41.61 -28.43 -43.02
N GLN P 259 -41.58 -29.75 -42.82
CA GLN P 259 -41.36 -30.31 -41.49
C GLN P 259 -39.97 -30.00 -40.97
N ILE P 260 -38.99 -29.95 -41.87
CA ILE P 260 -37.65 -29.51 -41.50
C ILE P 260 -37.67 -28.03 -41.13
N ALA P 261 -38.48 -27.24 -41.84
CA ALA P 261 -38.60 -25.82 -41.54
C ALA P 261 -39.32 -25.57 -40.22
N GLN P 262 -40.03 -26.58 -39.71
CA GLN P 262 -40.67 -26.42 -38.41
C GLN P 262 -39.66 -26.51 -37.27
N LYS P 263 -38.48 -27.07 -37.52
CA LYS P 263 -37.48 -27.17 -36.47
C LYS P 263 -36.51 -25.99 -36.56
N PRO P 264 -36.01 -25.50 -35.41
CA PRO P 264 -35.22 -24.27 -35.41
C PRO P 264 -33.87 -24.43 -36.09
N GLY P 265 -33.22 -23.29 -36.33
CA GLY P 265 -32.15 -23.27 -37.30
C GLY P 265 -32.74 -23.52 -38.68
N ALA P 266 -33.96 -23.03 -38.89
CA ALA P 266 -34.72 -23.35 -40.10
C ALA P 266 -33.93 -23.20 -41.39
N LEU P 267 -33.58 -21.98 -41.75
CA LEU P 267 -32.91 -21.82 -43.07
C LEU P 267 -31.61 -22.62 -43.02
N ARG P 268 -30.89 -22.54 -41.91
CA ARG P 268 -29.57 -23.20 -41.87
C ARG P 268 -29.74 -24.72 -42.02
N ILE P 269 -30.66 -25.32 -41.25
CA ILE P 269 -30.78 -26.80 -41.29
C ILE P 269 -31.27 -27.17 -42.69
N LEU P 270 -32.21 -26.40 -43.22
CA LEU P 270 -32.77 -26.75 -44.54
C LEU P 270 -31.64 -26.67 -45.56
N ASN P 271 -30.83 -25.61 -45.48
CA ASN P 271 -29.72 -25.45 -46.45
C ASN P 271 -28.74 -26.60 -46.26
N HIS P 272 -28.45 -26.94 -45.01
CA HIS P 272 -27.53 -28.07 -44.72
C HIS P 272 -28.13 -29.34 -45.35
N SER P 273 -29.41 -29.58 -45.08
CA SER P 273 -30.07 -30.77 -45.61
C SER P 273 -30.04 -30.77 -47.14
N LEU P 274 -30.30 -29.62 -47.76
CA LEU P 274 -30.23 -29.49 -49.21
C LEU P 274 -28.84 -29.79 -49.73
N ARG P 275 -27.81 -29.35 -49.00
CA ARG P 275 -26.45 -29.54 -49.48
C ARG P 275 -25.96 -30.98 -49.25
N LEU P 276 -26.38 -31.60 -48.14
CA LEU P 276 -26.14 -33.02 -47.93
C LEU P 276 -26.75 -33.86 -49.03
N ALA P 277 -28.02 -33.60 -49.37
CA ALA P 277 -28.70 -34.41 -50.38
C ALA P 277 -28.12 -34.15 -51.75
N ALA P 278 -27.73 -32.91 -52.04
CA ALA P 278 -27.13 -32.60 -53.34
C ALA P 278 -25.78 -33.29 -53.51
N MET P 279 -24.93 -33.24 -52.48
CA MET P 279 -23.63 -33.87 -52.60
C MET P 279 -23.73 -35.39 -52.60
N THR P 280 -24.71 -35.95 -51.87
CA THR P 280 -24.90 -37.39 -51.86
C THR P 280 -25.42 -37.88 -53.22
N ALA P 281 -26.38 -37.16 -53.80
CA ALA P 281 -26.93 -37.56 -55.10
C ALA P 281 -25.91 -37.32 -56.21
N HIS P 282 -25.02 -36.35 -56.04
CA HIS P 282 -23.98 -36.14 -57.03
C HIS P 282 -22.89 -37.20 -56.90
N GLY P 283 -22.59 -37.63 -55.67
CA GLY P 283 -21.60 -38.68 -55.48
C GLY P 283 -22.11 -40.03 -55.93
N LYS P 284 -23.42 -40.25 -55.81
CA LYS P 284 -24.04 -41.47 -56.29
C LYS P 284 -24.55 -41.35 -57.72
N GLY P 285 -24.38 -40.17 -58.34
CA GLY P 285 -24.78 -39.97 -59.72
C GLY P 285 -26.27 -39.83 -59.94
N GLU P 286 -27.06 -39.72 -58.88
CA GLU P 286 -28.51 -39.77 -58.97
C GLU P 286 -29.11 -38.38 -58.78
N ARG P 287 -30.43 -38.36 -58.76
CA ARG P 287 -31.21 -37.18 -58.45
C ARG P 287 -31.46 -37.12 -56.95
N VAL P 288 -31.49 -35.90 -56.42
CA VAL P 288 -31.97 -35.68 -55.05
C VAL P 288 -33.40 -36.15 -54.94
N ASN P 289 -33.66 -37.01 -53.97
CA ASN P 289 -35.00 -37.56 -53.77
C ASN P 289 -35.30 -37.53 -52.28
N GLU P 290 -36.40 -38.19 -51.89
CA GLU P 290 -36.92 -38.06 -50.55
C GLU P 290 -36.05 -38.80 -49.53
N ASP P 291 -35.46 -39.93 -49.95
CA ASP P 291 -34.71 -40.77 -49.02
C ASP P 291 -33.37 -40.13 -48.67
N TYR P 292 -32.78 -39.41 -49.62
CA TYR P 292 -31.56 -38.66 -49.34
C TYR P 292 -31.84 -37.56 -48.34
N LEU P 293 -33.00 -36.93 -48.45
CA LEU P 293 -33.42 -35.93 -47.49
C LEU P 293 -33.68 -36.54 -46.12
N ARG P 294 -34.21 -37.77 -46.09
CA ARG P 294 -34.46 -38.45 -44.82
C ARG P 294 -33.16 -38.81 -44.13
N GLN P 295 -32.17 -39.28 -44.89
CA GLN P 295 -30.88 -39.61 -44.30
C GLN P 295 -30.16 -38.35 -43.82
N ALA P 296 -30.26 -37.27 -44.60
CA ALA P 296 -29.69 -35.99 -44.23
C ALA P 296 -30.28 -35.46 -42.94
N PHE P 297 -31.61 -35.52 -42.80
CA PHE P 297 -32.26 -35.08 -41.58
C PHE P 297 -32.05 -36.06 -40.44
N ARG P 298 -31.81 -37.33 -40.77
CA ARG P 298 -31.51 -38.35 -39.78
C ARG P 298 -30.13 -38.12 -39.16
N GLU P 299 -29.26 -37.42 -39.89
CA GLU P 299 -28.02 -36.95 -39.31
C GLU P 299 -28.28 -35.75 -38.39
N LEU P 300 -27.18 -35.08 -38.01
CA LEU P 300 -27.07 -33.78 -37.35
C LEU P 300 -27.40 -33.81 -35.87
N ASP P 301 -27.85 -34.95 -35.32
CA ASP P 301 -28.27 -35.13 -33.93
C ASP P 301 -29.29 -34.07 -33.50
N LEU P 302 -30.45 -34.09 -34.18
CA LEU P 302 -31.47 -33.10 -33.87
C LEU P 302 -32.39 -33.60 -32.76
N ASP P 303 -32.57 -34.91 -32.65
CA ASP P 303 -33.34 -35.51 -31.57
C ASP P 303 -32.42 -36.12 -30.50
N VAL P 304 -31.11 -35.88 -30.61
CA VAL P 304 -30.12 -36.40 -29.68
C VAL P 304 -29.61 -35.26 -28.81
N ASP P 305 -29.75 -35.40 -27.50
CA ASP P 305 -29.37 -34.36 -26.55
C ASP P 305 -27.87 -34.35 -26.29
N LEU Q 67 -5.90 71.39 -13.52
CA LEU Q 67 -5.38 71.84 -14.80
C LEU Q 67 -3.88 71.52 -15.09
N PRO Q 68 -2.94 71.66 -14.14
CA PRO Q 68 -1.58 71.21 -14.44
C PRO Q 68 -1.47 69.70 -14.44
N GLU Q 69 -0.30 69.21 -14.88
CA GLU Q 69 -0.03 67.80 -14.84
C GLU Q 69 0.19 67.34 -13.39
N PRO Q 70 -0.45 66.25 -12.99
CA PRO Q 70 -0.20 65.71 -11.65
C PRO Q 70 1.20 65.16 -11.54
N PRO Q 71 1.99 65.52 -10.49
CA PRO Q 71 3.30 64.89 -10.26
C PRO Q 71 3.13 63.44 -9.78
N ARG Q 72 3.87 62.50 -10.37
CA ARG Q 72 3.82 61.08 -9.91
C ARG Q 72 4.45 60.92 -8.52
N PHE Q 73 5.58 61.59 -8.25
CA PHE Q 73 6.30 61.38 -6.97
C PHE Q 73 6.71 62.73 -6.38
N VAL Q 74 6.77 62.83 -5.05
CA VAL Q 74 7.24 64.09 -4.41
C VAL Q 74 8.36 63.79 -3.41
N GLU Q 75 9.43 64.58 -3.40
CA GLU Q 75 10.49 64.39 -2.36
C GLU Q 75 9.87 64.79 -1.01
N THR Q 76 10.10 63.99 0.03
CA THR Q 76 9.45 64.24 1.34
C THR Q 76 10.47 64.02 2.46
N GLN Q 77 10.11 64.39 3.69
CA GLN Q 77 11.02 64.17 4.85
C GLN Q 77 11.28 62.67 4.97
N THR Q 78 10.25 61.85 4.81
CA THR Q 78 10.47 60.38 4.82
C THR Q 78 11.37 60.00 3.64
N VAL Q 79 11.14 60.61 2.48
CA VAL Q 79 11.96 60.32 1.27
C VAL Q 79 13.41 60.72 1.54
N LYS Q 80 13.62 61.82 2.26
CA LYS Q 80 14.99 62.30 2.56
C LYS Q 80 15.62 61.29 3.52
N GLN Q 81 14.92 61.01 4.61
CA GLN Q 81 15.38 60.03 5.58
C GLN Q 81 15.72 58.70 4.93
N ILE Q 82 14.80 58.18 4.11
CA ILE Q 82 14.95 56.80 3.65
C ILE Q 82 16.00 56.72 2.55
N TRP Q 83 16.21 57.81 1.81
CA TRP Q 83 17.30 57.84 0.85
C TRP Q 83 18.65 57.89 1.54
N THR Q 84 18.73 58.61 2.66
CA THR Q 84 19.97 58.65 3.41
C THR Q 84 20.26 57.28 4.01
N SER Q 85 19.21 56.57 4.45
CA SER Q 85 19.38 55.20 4.91
C SER Q 85 19.77 54.27 3.77
N MET Q 86 19.23 54.53 2.57
CA MET Q 86 19.48 53.70 1.41
C MET Q 86 20.92 53.85 0.93
N ARG Q 87 21.37 55.10 0.78
CA ARG Q 87 22.75 55.37 0.39
C ARG Q 87 23.72 54.97 1.49
N PHE Q 88 23.26 55.02 2.75
CA PHE Q 88 24.06 54.53 3.86
C PHE Q 88 24.32 53.04 3.73
N ALA Q 89 23.28 52.25 3.49
CA ALA Q 89 23.48 50.82 3.31
C ALA Q 89 24.21 50.52 2.01
N SER Q 90 24.15 51.45 1.05
CA SER Q 90 24.91 51.33 -0.18
C SER Q 90 26.40 51.45 0.05
N LEU Q 91 26.86 52.61 0.52
CA LEU Q 91 28.28 52.83 0.72
C LEU Q 91 28.82 51.96 1.84
N THR Q 92 27.98 51.75 2.86
CA THR Q 92 28.29 50.89 3.98
C THR Q 92 28.35 49.42 3.58
N GLU Q 93 27.62 49.06 2.52
CA GLU Q 93 27.58 47.70 1.98
C GLU Q 93 27.06 46.73 3.04
N SER Q 94 26.00 47.14 3.71
CA SER Q 94 25.48 46.40 4.84
C SER Q 94 23.95 46.44 4.82
N ILE Q 95 23.32 45.78 5.80
CA ILE Q 95 21.89 45.50 5.76
C ILE Q 95 21.11 46.59 6.48
N ALA Q 96 20.08 47.12 5.82
CA ALA Q 96 19.17 48.12 6.40
C ALA Q 96 17.72 47.63 6.32
N VAL Q 97 17.10 47.45 7.48
CA VAL Q 97 15.72 46.97 7.57
C VAL Q 97 14.81 48.18 7.72
N VAL Q 98 13.83 48.29 6.83
CA VAL Q 98 12.87 49.38 6.88
C VAL Q 98 11.52 48.75 7.19
N CYS Q 99 11.17 48.71 8.48
CA CYS Q 99 9.86 48.25 8.91
C CYS Q 99 9.01 49.46 9.23
N GLY Q 100 7.78 49.47 8.73
CA GLY Q 100 6.91 50.64 8.96
C GLY Q 100 5.45 50.25 8.90
N ASN Q 101 4.55 51.20 9.07
CA ASN Q 101 3.10 50.91 8.94
C ASN Q 101 2.81 50.66 7.46
N PRO Q 102 1.74 49.92 7.09
CA PRO Q 102 1.41 49.73 5.69
C PRO Q 102 1.10 51.07 5.02
N GLY Q 103 1.47 51.20 3.75
CA GLY Q 103 1.16 52.44 2.99
C GLY Q 103 1.83 53.68 3.55
N VAL Q 104 3.08 53.58 4.01
CA VAL Q 104 3.79 54.81 4.46
C VAL Q 104 4.51 55.44 3.26
N GLY Q 105 4.37 54.84 2.07
CA GLY Q 105 4.96 55.41 0.85
C GLY Q 105 6.36 54.91 0.57
N LYS Q 106 6.85 53.95 1.37
CA LYS Q 106 8.24 53.45 1.22
C LYS Q 106 8.43 52.78 -0.13
N THR Q 107 7.45 52.00 -0.58
CA THR Q 107 7.66 51.21 -1.82
C THR Q 107 7.94 52.18 -2.97
N GLU Q 108 7.17 53.25 -3.06
CA GLU Q 108 7.34 54.17 -4.20
C GLU Q 108 8.73 54.80 -4.16
N ALA Q 109 9.17 55.22 -2.97
CA ALA Q 109 10.45 55.95 -2.93
C ALA Q 109 11.58 55.05 -3.40
N ALA Q 110 11.57 53.79 -2.96
CA ALA Q 110 12.58 52.85 -3.41
C ALA Q 110 12.70 52.87 -4.92
N ARG Q 111 11.58 53.01 -5.61
CA ARG Q 111 11.65 53.02 -7.07
C ARG Q 111 12.24 54.33 -7.58
N GLU Q 112 12.05 55.41 -6.83
CA GLU Q 112 12.68 56.66 -7.22
C GLU Q 112 14.18 56.57 -7.03
N TYR Q 113 14.60 55.88 -5.96
CA TYR Q 113 16.02 55.62 -5.77
C TYR Q 113 16.57 54.75 -6.89
N ARG Q 114 15.79 53.78 -7.34
CA ARG Q 114 16.22 52.91 -8.42
C ARG Q 114 16.31 53.66 -9.73
N ARG Q 115 15.42 54.63 -9.93
CA ARG Q 115 15.41 55.38 -11.18
C ARG Q 115 16.53 56.40 -11.20
N THR Q 116 16.90 56.96 -10.05
CA THR Q 116 17.90 58.02 -10.03
C THR Q 116 19.34 57.55 -9.95
N ASN Q 117 19.56 56.33 -9.49
CA ASN Q 117 20.90 55.91 -9.11
C ASN Q 117 21.35 54.70 -9.91
N ASN Q 118 22.65 54.62 -10.15
CA ASN Q 118 23.26 53.48 -10.81
C ASN Q 118 23.58 52.37 -9.82
N ASN Q 119 23.77 51.15 -10.36
CA ASN Q 119 24.04 49.93 -9.60
C ASN Q 119 22.99 49.71 -8.52
N VAL Q 120 21.73 49.82 -8.91
CA VAL Q 120 20.62 49.64 -7.99
C VAL Q 120 19.70 48.61 -8.61
N TRP Q 121 19.23 47.65 -7.79
CA TRP Q 121 18.27 46.69 -8.26
C TRP Q 121 17.18 46.51 -7.21
N MET Q 122 16.03 46.06 -7.67
CA MET Q 122 14.88 45.89 -6.80
C MET Q 122 14.06 44.74 -7.32
N ILE Q 123 13.60 43.90 -6.41
CA ILE Q 123 12.53 42.96 -6.70
C ILE Q 123 11.36 43.30 -5.81
N THR Q 124 10.28 42.60 -6.02
CA THR Q 124 9.23 42.49 -5.02
C THR Q 124 9.15 41.03 -4.66
N ILE Q 125 8.68 40.72 -3.47
CA ILE Q 125 8.47 39.33 -3.10
C ILE Q 125 6.97 39.14 -2.91
N THR Q 126 6.33 38.54 -3.89
CA THR Q 126 5.08 37.89 -3.63
C THR Q 126 5.38 36.63 -2.82
N PRO Q 127 4.48 36.23 -1.92
CA PRO Q 127 4.67 34.94 -1.22
C PRO Q 127 4.59 33.72 -2.13
N SER Q 128 4.14 33.88 -3.38
CA SER Q 128 4.34 32.85 -4.39
C SER Q 128 5.82 32.63 -4.67
N CYS Q 129 6.61 33.70 -4.74
CA CYS Q 129 8.03 33.60 -5.06
C CYS Q 129 8.90 33.56 -3.81
N ALA Q 130 8.40 33.01 -2.72
CA ALA Q 130 9.01 33.17 -1.42
C ALA Q 130 10.04 32.09 -1.08
N SER Q 131 10.44 31.27 -2.04
CA SER Q 131 11.49 30.29 -1.79
C SER Q 131 12.83 30.95 -2.02
N VAL Q 132 13.89 30.20 -1.71
CA VAL Q 132 15.23 30.67 -2.05
C VAL Q 132 15.41 30.67 -3.56
N LEU Q 133 14.94 29.59 -4.20
CA LEU Q 133 15.07 29.40 -5.64
C LEU Q 133 14.33 30.47 -6.40
N GLU Q 134 13.07 30.70 -6.05
CA GLU Q 134 12.25 31.67 -6.76
C GLU Q 134 12.77 33.09 -6.55
N CYS Q 135 13.13 33.44 -5.31
CA CYS Q 135 13.56 34.81 -5.02
C CYS Q 135 14.89 35.12 -5.67
N LEU Q 136 15.84 34.19 -5.60
CA LEU Q 136 17.11 34.41 -6.26
C LEU Q 136 16.94 34.43 -7.77
N THR Q 137 15.97 33.67 -8.28
CA THR Q 137 15.66 33.75 -9.69
C THR Q 137 15.15 35.13 -10.06
N GLU Q 138 14.34 35.72 -9.18
CA GLU Q 138 13.82 37.06 -9.41
C GLU Q 138 14.93 38.07 -9.43
N LEU Q 139 15.86 37.95 -8.49
CA LEU Q 139 16.99 38.87 -8.45
C LEU Q 139 17.88 38.68 -9.65
N ALA Q 140 17.97 37.44 -10.15
CA ALA Q 140 18.81 37.15 -11.30
C ALA Q 140 18.23 37.77 -12.56
N PHE Q 141 16.92 37.62 -12.75
CA PHE Q 141 16.29 38.26 -13.90
C PHE Q 141 16.32 39.77 -13.75
N GLU Q 142 16.33 40.26 -12.52
CA GLU Q 142 16.51 41.70 -12.35
C GLU Q 142 17.93 42.12 -12.69
N LEU Q 143 18.89 41.22 -12.51
CA LEU Q 143 20.24 41.49 -12.96
C LEU Q 143 20.41 41.33 -14.46
N GLY Q 144 19.40 40.84 -15.17
CA GLY Q 144 19.47 40.72 -16.60
C GLY Q 144 20.10 39.44 -17.11
N MET Q 145 20.47 38.53 -16.22
CA MET Q 145 21.02 37.24 -16.63
C MET Q 145 19.86 36.29 -16.94
N ASN Q 146 19.33 36.42 -18.14
CA ASN Q 146 18.22 35.57 -18.57
C ASN Q 146 18.62 34.12 -18.76
N ASP Q 147 19.92 33.83 -18.76
CA ASP Q 147 20.47 32.48 -18.87
C ASP Q 147 20.70 31.87 -17.50
N ALA Q 148 19.88 32.24 -16.54
CA ALA Q 148 20.10 31.80 -15.19
C ALA Q 148 19.65 30.35 -15.02
N PRO Q 149 20.41 29.55 -14.28
CA PRO Q 149 20.04 28.14 -14.11
C PRO Q 149 18.89 27.99 -13.15
N ARG Q 150 18.10 26.95 -13.37
CA ARG Q 150 16.94 26.66 -12.56
C ARG Q 150 17.27 25.87 -11.31
N ARG Q 151 18.53 25.57 -11.08
CA ARG Q 151 18.94 24.95 -9.83
C ARG Q 151 19.32 26.05 -8.85
N LYS Q 152 19.39 25.73 -7.55
CA LYS Q 152 19.77 26.71 -6.55
C LYS Q 152 21.24 27.05 -6.61
N GLY Q 153 22.08 26.02 -6.59
CA GLY Q 153 23.51 26.13 -6.51
C GLY Q 153 24.18 26.94 -7.60
N PRO Q 154 24.05 26.52 -8.86
CA PRO Q 154 24.70 27.28 -9.93
C PRO Q 154 24.12 28.66 -10.10
N LEU Q 155 22.85 28.85 -9.72
CA LEU Q 155 22.31 30.20 -9.68
C LEU Q 155 23.00 31.04 -8.63
N SER Q 156 23.23 30.48 -7.45
CA SER Q 156 23.92 31.19 -6.39
C SER Q 156 25.34 31.54 -6.82
N ARG Q 157 25.99 30.62 -7.53
CA ARG Q 157 27.33 30.90 -8.06
C ARG Q 157 27.28 31.97 -9.13
N ALA Q 158 26.26 31.97 -9.97
CA ALA Q 158 26.17 32.98 -11.02
C ALA Q 158 25.91 34.35 -10.42
N LEU Q 159 25.10 34.41 -9.37
CA LEU Q 159 24.89 35.65 -8.66
C LEU Q 159 26.17 36.12 -7.99
N ARG Q 160 26.93 35.18 -7.44
CA ARG Q 160 28.15 35.52 -6.74
C ARG Q 160 29.20 36.07 -7.70
N ARG Q 161 29.24 35.53 -8.91
CA ARG Q 161 30.21 36.03 -9.87
C ARG Q 161 29.74 37.31 -10.54
N ARG Q 162 28.44 37.42 -10.80
CA ARG Q 162 27.90 38.59 -11.48
C ARG Q 162 27.89 39.81 -10.60
N LEU Q 163 27.51 39.62 -9.35
CA LEU Q 163 27.08 40.73 -8.53
C LEU Q 163 28.22 41.32 -7.71
N GLU Q 164 29.27 40.54 -7.46
CA GLU Q 164 30.40 41.02 -6.71
C GLU Q 164 31.33 41.85 -7.59
N GLY Q 165 31.78 42.97 -7.04
CA GLY Q 165 32.63 43.88 -7.77
C GLY Q 165 31.92 45.01 -8.48
N THR Q 166 30.59 45.00 -8.48
CA THR Q 166 29.83 46.07 -9.11
C THR Q 166 29.54 47.23 -8.18
N GLN Q 167 29.69 47.00 -6.87
CA GLN Q 167 29.28 47.92 -5.80
C GLN Q 167 27.84 48.36 -6.01
N GLY Q 168 26.94 47.39 -5.86
CA GLY Q 168 25.53 47.60 -6.10
C GLY Q 168 24.71 47.62 -4.82
N LEU Q 169 23.40 47.80 -5.02
CA LEU Q 169 22.46 47.86 -3.91
C LEU Q 169 21.21 47.08 -4.28
N VAL Q 170 21.01 45.97 -3.61
CA VAL Q 170 19.80 45.19 -3.76
C VAL Q 170 18.74 45.73 -2.82
N ILE Q 171 17.53 45.94 -3.33
CA ILE Q 171 16.41 46.36 -2.52
C ILE Q 171 15.39 45.24 -2.50
N ILE Q 172 14.95 44.84 -1.30
CA ILE Q 172 13.91 43.78 -1.25
C ILE Q 172 12.68 44.31 -0.50
N ASP Q 173 11.50 44.21 -1.12
CA ASP Q 173 10.23 44.72 -0.53
C ASP Q 173 9.48 43.58 0.15
N GLU Q 174 8.70 43.89 1.19
CA GLU Q 174 7.91 42.86 1.92
C GLU Q 174 8.84 41.82 2.52
N ALA Q 175 9.85 42.26 3.30
CA ALA Q 175 10.77 41.32 3.92
C ALA Q 175 10.13 40.50 5.04
N ASP Q 176 8.83 40.59 5.27
CA ASP Q 176 8.22 39.78 6.31
C ASP Q 176 8.02 38.34 5.85
N HIS Q 177 7.87 38.13 4.56
CA HIS Q 177 7.61 36.81 4.01
C HIS Q 177 8.88 36.05 3.69
N LEU Q 178 9.99 36.41 4.34
CA LEU Q 178 11.25 35.73 4.10
C LEU Q 178 11.30 34.44 4.90
N GLY Q 179 11.69 33.37 4.24
CA GLY Q 179 12.10 32.17 4.93
C GLY Q 179 13.44 32.41 5.59
N ALA Q 180 13.73 31.60 6.61
CA ALA Q 180 15.00 31.71 7.31
C ALA Q 180 16.15 31.37 6.40
N GLU Q 181 15.98 30.35 5.56
CA GLU Q 181 16.98 30.03 4.55
C GLU Q 181 17.01 31.11 3.46
N VAL Q 182 15.86 31.76 3.22
CA VAL Q 182 15.78 32.78 2.18
C VAL Q 182 16.61 33.99 2.55
N LEU Q 183 16.25 34.64 3.65
CA LEU Q 183 16.99 35.76 4.21
C LEU Q 183 18.41 35.37 4.60
N GLU Q 184 18.61 34.11 4.98
CA GLU Q 184 19.92 33.57 5.27
C GLU Q 184 20.82 33.60 4.05
N GLU Q 185 20.31 33.13 2.92
CA GLU Q 185 21.10 33.12 1.70
C GLU Q 185 21.30 34.54 1.20
N LEU Q 186 20.33 35.42 1.42
CA LEU Q 186 20.49 36.82 1.04
C LEU Q 186 21.59 37.51 1.85
N ARG Q 187 21.59 37.31 3.17
CA ARG Q 187 22.58 37.99 3.99
C ARG Q 187 23.98 37.42 3.73
N LEU Q 188 24.08 36.10 3.52
CA LEU Q 188 25.38 35.54 3.22
C LEU Q 188 25.80 35.89 1.80
N LEU Q 189 24.83 36.15 0.94
CA LEU Q 189 25.12 36.64 -0.39
C LEU Q 189 25.78 38.01 -0.32
N GLN Q 190 25.02 39.01 0.15
CA GLN Q 190 25.58 40.38 0.14
C GLN Q 190 26.93 40.35 0.86
N GLU Q 191 27.00 39.54 1.92
CA GLU Q 191 28.24 39.48 2.71
C GLU Q 191 29.34 38.95 1.80
N SER Q 192 29.02 37.89 1.04
CA SER Q 192 30.04 37.26 0.16
C SER Q 192 30.01 37.98 -1.19
N THR Q 193 29.54 39.23 -1.21
CA THR Q 193 29.41 39.87 -2.50
C THR Q 193 29.90 41.30 -2.47
N ARG Q 194 30.02 41.91 -1.29
CA ARG Q 194 30.46 43.30 -1.09
C ARG Q 194 29.52 44.26 -1.84
N ILE Q 195 28.25 44.15 -1.49
CA ILE Q 195 27.15 44.90 -2.08
C ILE Q 195 26.21 45.32 -0.97
N GLY Q 196 25.09 45.93 -1.37
CA GLY Q 196 24.10 46.32 -0.40
C GLY Q 196 22.81 45.54 -0.48
N LEU Q 197 22.27 45.22 0.69
CA LEU Q 197 20.95 44.62 0.84
C LEU Q 197 20.12 45.55 1.71
N VAL Q 198 18.87 45.79 1.34
CA VAL Q 198 17.97 46.65 2.11
C VAL Q 198 16.61 45.96 2.19
N LEU Q 199 16.11 45.79 3.40
CA LEU Q 199 14.82 45.14 3.62
C LEU Q 199 13.71 46.16 3.83
N MET Q 200 12.52 45.86 3.32
CA MET Q 200 11.36 46.74 3.43
C MET Q 200 10.24 46.01 4.18
N GLY Q 201 9.06 46.64 4.24
CA GLY Q 201 7.85 45.96 4.64
C GLY Q 201 7.30 46.48 5.97
N ASN Q 202 6.41 45.71 6.57
CA ASN Q 202 5.77 46.07 7.82
C ASN Q 202 6.65 45.71 9.01
N HIS Q 203 6.12 45.95 10.21
CA HIS Q 203 6.89 45.75 11.43
C HIS Q 203 6.92 44.30 11.88
N ARG Q 204 6.48 43.35 11.05
CA ARG Q 204 6.62 41.95 11.38
C ARG Q 204 8.04 41.46 11.06
N VAL Q 205 8.83 42.25 10.32
CA VAL Q 205 10.18 41.84 9.94
C VAL Q 205 11.10 41.84 11.14
N TYR Q 206 11.05 42.91 11.93
CA TYR Q 206 11.81 42.95 13.18
C TYR Q 206 11.18 42.06 14.23
N SER Q 207 9.87 41.79 14.12
CA SER Q 207 9.20 40.89 15.05
C SER Q 207 9.59 39.43 14.80
N ASN Q 208 10.01 39.09 13.59
CA ASN Q 208 10.45 37.73 13.28
C ASN Q 208 11.83 37.44 13.85
N MET Q 209 12.55 38.45 14.31
CA MET Q 209 13.84 38.28 14.95
C MET Q 209 13.74 38.35 16.47
N THR Q 210 12.71 39.02 16.99
CA THR Q 210 12.52 39.15 18.43
C THR Q 210 11.14 38.64 18.85
N THR Q 215 16.88 35.04 18.33
CA THR Q 215 18.25 35.55 18.21
C THR Q 215 19.30 34.51 18.63
N VAL Q 216 19.07 33.28 18.20
CA VAL Q 216 20.14 32.34 17.82
C VAL Q 216 20.00 31.89 16.39
N GLU Q 217 18.79 31.92 15.83
CA GLU Q 217 18.55 31.71 14.41
C GLU Q 217 18.74 32.97 13.61
N PHE Q 218 18.50 34.13 14.22
CA PHE Q 218 18.71 35.44 13.62
C PHE Q 218 19.81 36.22 14.31
N ALA Q 219 20.74 35.53 15.00
CA ALA Q 219 21.67 36.21 15.90
C ALA Q 219 22.72 37.00 15.15
N ARG Q 220 23.44 36.34 14.24
CA ARG Q 220 24.44 37.03 13.43
C ARG Q 220 23.79 38.04 12.50
N LEU Q 221 22.51 37.82 12.15
CA LEU Q 221 21.79 38.77 11.31
C LEU Q 221 21.44 40.04 12.07
N PHE Q 222 20.99 39.90 13.32
CA PHE Q 222 20.81 41.03 14.21
C PHE Q 222 22.15 41.70 14.52
N SER Q 223 23.25 40.95 14.43
CA SER Q 223 24.59 41.55 14.44
C SER Q 223 24.93 42.27 13.15
N ARG Q 224 24.28 41.95 12.03
CA ARG Q 224 24.61 42.64 10.78
C ARG Q 224 24.04 44.06 10.74
N ILE Q 225 22.90 44.29 11.41
CA ILE Q 225 21.96 45.36 11.08
C ILE Q 225 22.60 46.74 11.25
N ALA Q 226 22.60 47.50 10.16
CA ALA Q 226 23.28 48.78 10.08
C ALA Q 226 22.40 49.95 10.50
N LYS Q 227 21.29 50.16 9.79
CA LYS Q 227 20.40 51.27 10.05
C LYS Q 227 18.97 50.84 9.84
N ARG Q 228 18.30 50.51 10.92
CA ARG Q 228 16.86 50.39 10.90
C ARG Q 228 16.31 51.81 10.88
N THR Q 229 15.22 52.00 10.13
CA THR Q 229 14.47 53.25 10.13
C THR Q 229 12.99 52.89 10.13
N ALA Q 230 12.31 53.20 11.22
CA ALA Q 230 10.88 52.94 11.34
C ALA Q 230 10.11 54.18 10.94
N ILE Q 231 9.22 54.03 9.97
CA ILE Q 231 8.31 55.10 9.58
C ILE Q 231 6.92 54.65 9.95
N ASN Q 232 6.41 55.17 11.06
CA ASN Q 232 5.07 54.83 11.50
C ASN Q 232 4.02 55.58 10.69
N LYS Q 233 4.06 56.91 10.75
CA LYS Q 233 3.16 57.71 9.94
C LYS Q 233 3.91 58.89 9.39
N THR Q 234 3.17 59.77 8.72
CA THR Q 234 3.77 60.89 8.02
C THR Q 234 4.15 61.99 9.00
N LYS Q 235 4.74 63.04 8.46
CA LYS Q 235 4.95 64.24 9.25
C LYS Q 235 4.20 65.42 8.61
N LYS Q 236 4.33 66.59 9.25
CA LYS Q 236 3.62 67.76 8.73
C LYS Q 236 4.39 68.39 7.59
N ALA Q 237 5.72 68.34 7.63
CA ALA Q 237 6.52 68.81 6.51
C ALA Q 237 6.39 67.87 5.33
N ASP Q 238 6.08 66.59 5.60
CA ASP Q 238 5.76 65.63 4.56
C ASP Q 238 4.59 66.10 3.71
N VAL Q 239 3.42 66.30 4.34
CA VAL Q 239 2.25 66.76 3.61
C VAL Q 239 2.39 68.21 3.18
N LYS Q 240 3.29 68.97 3.83
CA LYS Q 240 3.54 70.35 3.41
C LYS Q 240 4.26 70.38 2.06
N ALA Q 241 5.26 69.53 1.90
CA ALA Q 241 5.93 69.41 0.60
C ALA Q 241 5.01 68.77 -0.42
N ILE Q 242 4.09 67.92 0.02
CA ILE Q 242 3.04 67.40 -0.86
C ILE Q 242 2.17 68.54 -1.38
N ALA Q 243 1.76 69.45 -0.50
CA ALA Q 243 0.94 70.58 -0.92
C ALA Q 243 1.74 71.55 -1.77
N ASP Q 244 3.05 71.63 -1.56
CA ASP Q 244 3.91 72.44 -2.42
C ASP Q 244 4.00 71.86 -3.81
N ALA Q 245 4.10 70.53 -3.91
CA ALA Q 245 4.18 69.89 -5.21
C ALA Q 245 2.84 69.94 -5.93
N TRP Q 246 1.74 69.84 -5.20
CA TRP Q 246 0.41 69.86 -5.80
C TRP Q 246 -0.19 71.26 -5.87
N GLN Q 247 0.61 72.30 -5.58
CA GLN Q 247 0.23 73.71 -5.68
C GLN Q 247 -1.01 74.02 -4.83
N ILE Q 248 -0.94 73.63 -3.57
CA ILE Q 248 -2.04 73.76 -2.63
C ILE Q 248 -1.65 74.82 -1.62
N ASN Q 249 -2.49 75.86 -1.49
CA ASN Q 249 -2.17 77.02 -0.68
C ASN Q 249 -3.15 77.27 0.45
N GLY Q 250 -4.28 76.58 0.49
CA GLY Q 250 -5.25 76.78 1.55
C GLY Q 250 -4.79 76.23 2.88
N GLU Q 251 -4.96 77.02 3.94
CA GLU Q 251 -4.64 76.52 5.28
C GLU Q 251 -5.70 75.55 5.75
N LYS Q 252 -6.98 75.82 5.42
CA LYS Q 252 -8.03 74.82 5.62
C LYS Q 252 -7.74 73.57 4.80
N GLU Q 253 -7.26 73.78 3.57
CA GLU Q 253 -6.83 72.67 2.72
C GLU Q 253 -5.67 71.92 3.35
N LEU Q 254 -4.72 72.65 3.94
CA LEU Q 254 -3.56 72.03 4.57
C LEU Q 254 -3.96 71.20 5.79
N GLU Q 255 -4.86 71.74 6.62
CA GLU Q 255 -5.33 71.01 7.78
C GLU Q 255 -6.13 69.77 7.38
N LEU Q 256 -6.91 69.89 6.31
CA LEU Q 256 -7.67 68.74 5.83
C LEU Q 256 -6.75 67.66 5.28
N LEU Q 257 -5.69 68.05 4.56
CA LEU Q 257 -4.69 67.11 4.09
C LEU Q 257 -4.00 66.41 5.25
N GLN Q 258 -3.71 67.17 6.32
CA GLN Q 258 -3.11 66.59 7.51
C GLN Q 258 -4.04 65.59 8.17
N GLN Q 259 -5.33 65.92 8.24
CA GLN Q 259 -6.31 65.02 8.84
C GLN Q 259 -6.48 63.74 8.02
N ILE Q 260 -6.37 63.86 6.70
CA ILE Q 260 -6.35 62.68 5.85
C ILE Q 260 -5.09 61.86 6.10
N ALA Q 261 -3.97 62.53 6.34
CA ALA Q 261 -2.72 61.84 6.64
C ALA Q 261 -2.76 61.15 7.99
N GLN Q 262 -3.69 61.54 8.86
CA GLN Q 262 -3.82 60.87 10.14
C GLN Q 262 -4.47 59.50 9.99
N LYS Q 263 -5.16 59.25 8.89
CA LYS Q 263 -5.79 57.95 8.70
C LYS Q 263 -4.88 57.05 7.88
N PRO Q 264 -4.90 55.73 8.15
CA PRO Q 264 -3.91 54.83 7.53
C PRO Q 264 -4.14 54.66 6.03
N GLY Q 265 -3.16 54.05 5.39
CA GLY Q 265 -3.05 54.18 3.95
C GLY Q 265 -2.73 55.61 3.61
N ALA Q 266 -1.95 56.27 4.48
CA ALA Q 266 -1.73 57.72 4.38
C ALA Q 266 -1.37 58.20 2.97
N LEU Q 267 -0.19 57.84 2.49
CA LEU Q 267 0.21 58.40 1.18
C LEU Q 267 -0.79 57.93 0.15
N ARG Q 268 -1.21 56.66 0.23
CA ARG Q 268 -2.11 56.13 -0.82
C ARG Q 268 -3.43 56.89 -0.81
N ILE Q 269 -4.04 57.06 0.37
CA ILE Q 269 -5.37 57.72 0.43
C ILE Q 269 -5.18 59.17 0.00
N LEU Q 270 -4.11 59.80 0.46
CA LEU Q 270 -3.90 61.22 0.13
C LEU Q 270 -3.75 61.33 -1.38
N ASN Q 271 -2.97 60.44 -1.97
CA ASN Q 271 -2.75 60.50 -3.44
C ASN Q 271 -4.10 60.24 -4.12
N HIS Q 272 -4.85 59.26 -3.61
CA HIS Q 272 -6.19 58.97 -4.20
C HIS Q 272 -7.05 60.23 -4.09
N SER Q 273 -7.05 60.87 -2.92
CA SER Q 273 -7.84 62.06 -2.72
C SER Q 273 -7.39 63.19 -3.64
N LEU Q 274 -6.06 63.36 -3.78
CA LEU Q 274 -5.51 64.35 -4.68
C LEU Q 274 -5.92 64.08 -6.13
N ARG Q 275 -5.96 62.81 -6.51
CA ARG Q 275 -6.27 62.50 -7.91
C ARG Q 275 -7.77 62.60 -8.19
N LEU Q 276 -8.61 62.23 -7.19
CA LEU Q 276 -10.05 62.49 -7.29
C LEU Q 276 -10.36 63.96 -7.45
N ALA Q 277 -9.73 64.80 -6.62
CA ALA Q 277 -10.02 66.22 -6.68
C ALA Q 277 -9.48 66.84 -7.96
N ALA Q 278 -8.33 66.38 -8.43
CA ALA Q 278 -7.77 66.91 -9.67
C ALA Q 278 -8.63 66.55 -10.86
N MET Q 279 -9.09 65.29 -10.94
CA MET Q 279 -9.92 64.90 -12.08
C MET Q 279 -11.30 65.53 -12.01
N THR Q 280 -11.83 65.74 -10.79
CA THR Q 280 -13.13 66.38 -10.66
C THR Q 280 -13.05 67.86 -11.04
N ALA Q 281 -11.99 68.55 -10.60
CA ALA Q 281 -11.84 69.97 -10.93
C ALA Q 281 -11.50 70.16 -12.40
N HIS Q 282 -10.84 69.17 -13.02
CA HIS Q 282 -10.56 69.26 -14.44
C HIS Q 282 -11.81 68.96 -15.25
N GLY Q 283 -12.65 68.04 -14.77
CA GLY Q 283 -13.90 67.76 -15.48
C GLY Q 283 -14.90 68.89 -15.34
N LYS Q 284 -14.87 69.59 -14.22
CA LYS Q 284 -15.72 70.76 -14.02
C LYS Q 284 -15.03 72.05 -14.44
N GLY Q 285 -13.81 71.98 -14.93
CA GLY Q 285 -13.10 73.15 -15.42
C GLY Q 285 -12.58 74.08 -14.34
N GLU Q 286 -12.64 73.68 -13.08
CA GLU Q 286 -12.35 74.55 -11.96
C GLU Q 286 -11.00 74.22 -11.34
N ARG Q 287 -10.70 74.93 -10.26
CA ARG Q 287 -9.54 74.68 -9.44
C ARG Q 287 -9.90 73.68 -8.35
N VAL Q 288 -8.92 72.84 -8.00
CA VAL Q 288 -9.05 72.00 -6.80
C VAL Q 288 -9.23 72.89 -5.59
N ASN Q 289 -10.26 72.62 -4.81
CA ASN Q 289 -10.55 73.41 -3.63
C ASN Q 289 -10.93 72.45 -2.50
N GLU Q 290 -11.42 73.01 -1.40
CA GLU Q 290 -11.61 72.25 -0.17
C GLU Q 290 -12.80 71.30 -0.30
N ASP Q 291 -13.84 71.72 -1.02
CA ASP Q 291 -15.06 70.91 -1.10
C ASP Q 291 -14.86 69.68 -1.97
N TYR Q 292 -14.03 69.80 -3.00
CA TYR Q 292 -13.68 68.63 -3.81
C TYR Q 292 -12.92 67.62 -2.98
N LEU Q 293 -12.05 68.11 -2.09
CA LEU Q 293 -11.34 67.24 -1.18
C LEU Q 293 -12.28 66.60 -0.18
N ARG Q 294 -13.31 67.33 0.26
CA ARG Q 294 -14.28 66.78 1.19
C ARG Q 294 -15.10 65.68 0.54
N GLN Q 295 -15.52 65.88 -0.70
CA GLN Q 295 -16.28 64.85 -1.41
C GLN Q 295 -15.41 63.63 -1.70
N ALA Q 296 -14.14 63.86 -2.05
CA ALA Q 296 -13.19 62.79 -2.28
C ALA Q 296 -12.98 61.94 -1.02
N PHE Q 297 -12.80 62.59 0.12
CA PHE Q 297 -12.63 61.88 1.37
C PHE Q 297 -13.94 61.28 1.86
N ARG Q 298 -15.06 61.88 1.45
CA ARG Q 298 -16.39 61.35 1.77
C ARG Q 298 -16.65 60.05 1.02
N GLU Q 299 -15.97 59.86 -0.09
CA GLU Q 299 -15.97 58.56 -0.75
C GLU Q 299 -15.09 57.57 0.01
N LEU Q 300 -14.83 56.43 -0.64
CA LEU Q 300 -13.85 55.39 -0.32
C LEU Q 300 -14.28 54.47 0.82
N ASP Q 301 -15.41 54.74 1.49
CA ASP Q 301 -15.91 54.00 2.66
C ASP Q 301 -14.84 53.85 3.74
N LEU Q 302 -14.41 54.99 4.26
CA LEU Q 302 -13.37 54.96 5.29
C LEU Q 302 -13.98 54.81 6.68
N ASP Q 303 -15.20 55.33 6.88
CA ASP Q 303 -15.94 55.17 8.13
C ASP Q 303 -17.02 54.10 8.00
N VAL Q 304 -17.04 53.37 6.89
CA VAL Q 304 -18.03 52.33 6.64
C VAL Q 304 -17.34 50.97 6.74
N ASP Q 305 -17.86 50.12 7.62
CA ASP Q 305 -17.26 48.81 7.88
C ASP Q 305 -17.65 47.79 6.83
N LEU R 67 71.81 -13.82 -2.01
CA LEU R 67 72.53 -13.34 -3.19
C LEU R 67 72.00 -13.82 -4.56
N PRO R 68 71.62 -15.10 -4.76
CA PRO R 68 71.01 -15.46 -6.05
C PRO R 68 69.59 -14.92 -6.16
N GLU R 69 69.05 -15.05 -7.37
CA GLU R 69 67.65 -14.69 -7.60
C GLU R 69 66.73 -15.70 -6.92
N PRO R 70 65.73 -15.23 -6.18
CA PRO R 70 64.75 -16.14 -5.61
C PRO R 70 63.90 -16.79 -6.68
N PRO R 71 63.69 -18.13 -6.70
CA PRO R 71 62.71 -18.71 -7.63
C PRO R 71 61.33 -18.85 -6.97
N ARG R 72 60.29 -18.28 -7.59
CA ARG R 72 58.93 -18.29 -7.01
C ARG R 72 58.28 -19.68 -6.98
N PHE R 73 58.47 -20.48 -8.03
CA PHE R 73 57.75 -21.78 -8.10
C PHE R 73 58.76 -22.93 -8.17
N VAL R 74 58.52 -23.99 -7.39
CA VAL R 74 59.40 -25.19 -7.47
C VAL R 74 58.52 -26.43 -7.73
N GLU R 75 58.96 -27.35 -8.58
CA GLU R 75 58.18 -28.60 -8.76
C GLU R 75 58.22 -29.35 -7.43
N THR R 76 57.08 -29.88 -6.98
CA THR R 76 57.02 -30.54 -5.64
C THR R 76 56.24 -31.84 -5.77
N GLN R 77 56.25 -32.67 -4.73
CA GLN R 77 55.50 -33.95 -4.76
C GLN R 77 54.02 -33.61 -4.97
N THR R 78 53.51 -32.59 -4.28
CA THR R 78 52.11 -32.15 -4.53
C THR R 78 52.00 -31.64 -5.96
N VAL R 79 52.98 -30.88 -6.43
CA VAL R 79 52.94 -30.31 -7.81
C VAL R 79 52.92 -31.45 -8.83
N LYS R 80 53.67 -32.52 -8.56
CA LYS R 80 53.75 -33.67 -9.50
C LYS R 80 52.38 -34.35 -9.45
N GLN R 81 51.93 -34.69 -8.24
CA GLN R 81 50.61 -35.28 -8.06
C GLN R 81 49.52 -34.48 -8.75
N ILE R 82 49.51 -33.17 -8.51
CA ILE R 82 48.36 -32.37 -8.92
C ILE R 82 48.41 -32.11 -10.41
N TRP R 83 49.61 -32.10 -11.00
CA TRP R 83 49.70 -32.00 -12.45
C TRP R 83 49.24 -33.28 -13.12
N THR R 84 49.52 -34.42 -12.51
CA THR R 84 49.06 -35.67 -13.07
C THR R 84 47.53 -35.75 -12.97
N SER R 85 46.97 -35.22 -11.89
CA SER R 85 45.53 -35.12 -11.77
C SER R 85 44.95 -34.13 -12.78
N MET R 86 45.68 -33.06 -13.04
CA MET R 86 45.23 -32.02 -13.95
C MET R 86 45.23 -32.51 -15.39
N ARG R 87 46.32 -33.13 -15.82
CA ARG R 87 46.40 -33.72 -17.16
C ARG R 87 45.47 -34.92 -17.29
N PHE R 88 45.21 -35.60 -16.19
CA PHE R 88 44.22 -36.67 -16.17
C PHE R 88 42.84 -36.15 -16.49
N ALA R 89 42.42 -35.08 -15.80
CA ALA R 89 41.11 -34.51 -16.09
C ALA R 89 41.10 -33.84 -17.46
N SER R 90 42.28 -33.45 -17.96
CA SER R 90 42.40 -32.92 -19.31
C SER R 90 42.10 -33.96 -20.37
N LEU R 91 42.93 -35.00 -20.45
CA LEU R 91 42.76 -36.02 -21.47
C LEU R 91 41.48 -36.81 -21.24
N THR R 92 41.14 -37.02 -19.98
CA THR R 92 39.92 -37.69 -19.59
C THR R 92 38.69 -36.86 -19.89
N GLU R 93 38.84 -35.54 -19.94
CA GLU R 93 37.78 -34.59 -20.24
C GLU R 93 36.65 -34.71 -19.23
N SER R 94 37.04 -34.78 -17.96
CA SER R 94 36.11 -35.05 -16.88
C SER R 94 36.50 -34.20 -15.66
N ILE R 95 35.70 -34.32 -14.59
CA ILE R 95 35.76 -33.39 -13.47
C ILE R 95 36.70 -33.92 -12.39
N ALA R 96 37.63 -33.06 -11.93
CA ALA R 96 38.56 -33.38 -10.85
C ALA R 96 38.44 -32.34 -9.74
N VAL R 97 38.04 -32.77 -8.54
CA VAL R 97 37.86 -31.89 -7.39
C VAL R 97 39.12 -31.97 -6.55
N VAL R 98 39.72 -30.82 -6.29
CA VAL R 98 40.92 -30.75 -5.47
C VAL R 98 40.53 -30.00 -4.20
N CYS R 99 40.15 -30.73 -3.16
CA CYS R 99 39.87 -30.15 -1.86
C CYS R 99 41.07 -30.39 -0.96
N GLY R 100 41.51 -29.35 -0.25
CA GLY R 100 42.70 -29.50 0.60
C GLY R 100 42.68 -28.50 1.74
N ASN R 101 43.67 -28.55 2.62
CA ASN R 101 43.76 -27.54 3.70
C ASN R 101 44.17 -26.21 3.05
N PRO R 102 43.83 -25.04 3.63
CA PRO R 102 44.16 -23.78 2.99
C PRO R 102 45.67 -23.61 2.84
N GLY R 103 46.11 -22.93 1.78
CA GLY R 103 47.55 -22.68 1.58
C GLY R 103 48.38 -23.93 1.42
N VAL R 104 47.89 -24.92 0.68
CA VAL R 104 48.73 -26.12 0.39
C VAL R 104 49.55 -25.88 -0.89
N GLY R 105 49.42 -24.68 -1.47
CA GLY R 105 50.20 -24.33 -2.68
C GLY R 105 49.50 -24.69 -3.97
N LYS R 106 48.26 -25.16 -3.89
CA LYS R 106 47.52 -25.60 -5.11
C LYS R 106 47.28 -24.45 -6.08
N THR R 107 46.91 -23.28 -5.57
CA THR R 107 46.53 -22.18 -6.49
C THR R 107 47.71 -21.85 -7.39
N GLU R 108 48.90 -21.73 -6.81
CA GLU R 108 50.06 -21.32 -7.63
C GLU R 108 50.34 -22.40 -8.67
N ALA R 109 50.26 -23.67 -8.27
CA ALA R 109 50.66 -24.71 -9.22
C ALA R 109 49.72 -24.66 -10.42
N ALA R 110 48.43 -24.47 -10.15
CA ALA R 110 47.48 -24.32 -11.26
C ALA R 110 47.96 -23.28 -12.25
N ARG R 111 48.55 -22.20 -11.75
CA ARG R 111 49.02 -21.17 -12.67
C ARG R 111 50.26 -21.61 -13.42
N GLU R 112 51.06 -22.48 -12.80
CA GLU R 112 52.20 -23.02 -13.52
C GLU R 112 51.74 -23.96 -14.62
N TYR R 113 50.66 -24.72 -14.35
CA TYR R 113 50.05 -25.54 -15.38
C TYR R 113 49.50 -24.68 -16.50
N ARG R 114 48.92 -23.54 -16.15
CA ARG R 114 48.36 -22.64 -17.15
C ARG R 114 49.46 -22.02 -17.99
N ARG R 115 50.61 -21.76 -17.37
CA ARG R 115 51.70 -21.12 -18.08
C ARG R 115 52.42 -22.11 -18.99
N THR R 116 52.47 -23.39 -18.59
CA THR R 116 53.25 -24.35 -19.36
C THR R 116 52.46 -25.03 -20.48
N ASN R 117 51.15 -25.02 -20.43
CA ASN R 117 50.35 -25.89 -21.28
C ASN R 117 49.39 -25.07 -22.13
N ASN R 118 49.12 -25.57 -23.34
CA ASN R 118 48.14 -24.97 -24.24
C ASN R 118 46.73 -25.46 -23.93
N ASN R 119 45.75 -24.70 -24.41
CA ASN R 119 44.32 -24.94 -24.21
C ASN R 119 43.99 -25.07 -22.73
N VAL R 120 44.49 -24.13 -21.94
CA VAL R 120 44.27 -24.13 -20.50
C VAL R 120 43.71 -22.76 -20.14
N TRP R 121 42.68 -22.74 -19.31
CA TRP R 121 42.14 -21.49 -18.81
C TRP R 121 41.87 -21.61 -17.33
N MET R 122 41.86 -20.45 -16.68
CA MET R 122 41.66 -20.40 -15.24
C MET R 122 40.94 -19.11 -14.90
N ILE R 123 39.97 -19.20 -14.01
CA ILE R 123 39.44 -18.03 -13.35
C ILE R 123 39.72 -18.19 -11.87
N THR R 124 39.37 -17.16 -11.11
CA THR R 124 39.17 -17.28 -9.69
C THR R 124 37.72 -16.93 -9.44
N ILE R 125 37.16 -17.43 -8.37
CA ILE R 125 35.81 -17.06 -7.99
C ILE R 125 35.90 -16.31 -6.68
N THR R 126 35.79 -14.99 -6.77
CA THR R 126 35.37 -14.24 -5.60
C THR R 126 33.89 -14.52 -5.39
N PRO R 127 33.42 -14.53 -4.14
CA PRO R 127 31.97 -14.65 -3.90
C PRO R 127 31.16 -13.47 -4.41
N SER R 128 31.80 -12.36 -4.77
CA SER R 128 31.14 -11.33 -5.56
C SER R 128 30.69 -11.85 -6.91
N CYS R 129 31.53 -12.65 -7.57
CA CYS R 129 31.24 -13.15 -8.91
C CYS R 129 30.62 -14.54 -8.88
N ALA R 130 29.87 -14.85 -7.83
CA ALA R 130 29.47 -16.22 -7.56
C ALA R 130 28.14 -16.62 -8.20
N SER R 131 27.60 -15.80 -9.11
CA SER R 131 26.40 -16.18 -9.82
C SER R 131 26.78 -17.03 -11.02
N VAL R 132 25.78 -17.55 -11.71
CA VAL R 132 26.02 -18.22 -12.98
C VAL R 132 26.47 -17.20 -14.02
N LEU R 133 25.78 -16.06 -14.04
CA LEU R 133 26.04 -14.98 -15.00
C LEU R 133 27.44 -14.42 -14.84
N GLU R 134 27.80 -14.08 -13.61
CA GLU R 134 29.10 -13.48 -13.35
C GLU R 134 30.24 -14.47 -13.63
N CYS R 135 30.09 -15.71 -13.17
CA CYS R 135 31.16 -16.69 -13.32
C CYS R 135 31.36 -17.08 -14.78
N LEU R 136 30.28 -17.29 -15.51
CA LEU R 136 30.43 -17.58 -16.92
C LEU R 136 30.96 -16.38 -17.68
N THR R 137 30.64 -15.17 -17.20
CA THR R 137 31.23 -13.99 -17.79
C THR R 137 32.72 -13.98 -17.58
N GLU R 138 33.16 -14.41 -16.39
CA GLU R 138 34.59 -14.46 -16.08
C GLU R 138 35.29 -15.45 -16.97
N LEU R 139 34.68 -16.62 -17.17
CA LEU R 139 35.26 -17.63 -18.04
C LEU R 139 35.27 -17.15 -19.48
N ALA R 140 34.28 -16.36 -19.86
CA ALA R 140 34.20 -15.86 -21.23
C ALA R 140 35.30 -14.84 -21.49
N PHE R 141 35.51 -13.92 -20.55
CA PHE R 141 36.60 -12.98 -20.72
C PHE R 141 37.94 -13.69 -20.63
N GLU R 142 38.01 -14.79 -19.89
CA GLU R 142 39.23 -15.57 -19.91
C GLU R 142 39.41 -16.25 -21.25
N LEU R 143 38.32 -16.58 -21.93
CA LEU R 143 38.43 -17.10 -23.28
C LEU R 143 38.72 -16.02 -24.31
N GLY R 144 38.72 -14.74 -23.92
CA GLY R 144 39.05 -13.68 -24.83
C GLY R 144 37.91 -13.16 -25.66
N MET R 145 36.70 -13.67 -25.45
CA MET R 145 35.51 -13.17 -26.16
C MET R 145 35.00 -11.95 -25.41
N ASN R 146 35.62 -10.80 -25.71
CA ASN R 146 35.21 -9.53 -25.08
C ASN R 146 33.84 -9.06 -25.54
N ASP R 147 33.29 -9.67 -26.59
CA ASP R 147 31.97 -9.37 -27.13
C ASP R 147 30.91 -10.27 -26.51
N ALA R 148 31.13 -10.67 -25.27
CA ALA R 148 30.23 -11.63 -24.66
C ALA R 148 28.94 -10.94 -24.22
N PRO R 149 27.80 -11.61 -24.42
CA PRO R 149 26.53 -10.99 -24.05
C PRO R 149 26.33 -11.00 -22.55
N ARG R 150 25.62 -9.99 -22.07
CA ARG R 150 25.34 -9.83 -20.64
C ARG R 150 24.13 -10.63 -20.19
N ARG R 151 23.51 -11.39 -21.08
CA ARG R 151 22.45 -12.30 -20.68
C ARG R 151 23.07 -13.66 -20.39
N LYS R 152 22.34 -14.53 -19.69
CA LYS R 152 22.84 -15.87 -19.37
C LYS R 152 22.86 -16.77 -20.59
N GLY R 153 21.73 -16.84 -21.27
CA GLY R 153 21.49 -17.73 -22.38
C GLY R 153 22.45 -17.61 -23.54
N PRO R 154 22.49 -16.45 -24.20
CA PRO R 154 23.39 -16.30 -25.34
C PRO R 154 24.85 -16.40 -24.95
N LEU R 155 25.17 -16.06 -23.70
CA LEU R 155 26.52 -16.29 -23.21
C LEU R 155 26.81 -17.78 -23.15
N SER R 156 25.86 -18.56 -22.63
CA SER R 156 26.03 -20.00 -22.55
C SER R 156 26.18 -20.60 -23.93
N ARG R 157 25.42 -20.08 -24.90
CA ARG R 157 25.56 -20.53 -26.28
C ARG R 157 26.91 -20.13 -26.87
N ALA R 158 27.40 -18.95 -26.53
CA ALA R 158 28.68 -18.52 -27.07
C ALA R 158 29.81 -19.35 -26.48
N LEU R 159 29.69 -19.70 -25.21
CA LEU R 159 30.67 -20.58 -24.59
C LEU R 159 30.60 -21.96 -25.21
N ARG R 160 29.40 -22.43 -25.52
CA ARG R 160 29.22 -23.76 -26.08
C ARG R 160 29.81 -23.83 -27.48
N ARG R 161 29.69 -22.74 -28.25
CA ARG R 161 30.25 -22.77 -29.59
C ARG R 161 31.76 -22.52 -29.57
N ARG R 162 32.22 -21.64 -28.69
CA ARG R 162 33.62 -21.29 -28.64
C ARG R 162 34.47 -22.41 -28.09
N LEU R 163 33.99 -23.04 -27.04
CA LEU R 163 34.84 -23.85 -26.19
C LEU R 163 34.86 -25.30 -26.61
N GLU R 164 33.85 -25.76 -27.32
CA GLU R 164 33.79 -27.14 -27.78
C GLU R 164 34.65 -27.33 -29.03
N GLY R 165 35.41 -28.41 -29.05
CA GLY R 165 36.30 -28.70 -30.16
C GLY R 165 37.72 -28.21 -29.98
N THR R 166 38.00 -27.47 -28.91
CA THR R 166 39.36 -26.99 -28.65
C THR R 166 40.18 -27.98 -27.84
N GLN R 167 39.52 -28.94 -27.19
CA GLN R 167 40.11 -29.85 -26.22
C GLN R 167 40.89 -29.07 -25.16
N GLY R 168 40.15 -28.32 -24.37
CA GLY R 168 40.72 -27.45 -23.37
C GLY R 168 40.51 -27.95 -21.96
N LEU R 169 41.02 -27.15 -21.03
CA LEU R 169 40.92 -27.47 -19.61
C LEU R 169 40.59 -26.20 -18.83
N VAL R 170 39.39 -26.16 -18.29
CA VAL R 170 38.97 -25.08 -17.41
C VAL R 170 39.42 -25.41 -16.00
N ILE R 171 40.01 -24.44 -15.33
CA ILE R 171 40.40 -24.57 -13.93
C ILE R 171 39.57 -23.61 -13.12
N ILE R 172 38.91 -24.10 -12.06
CA ILE R 172 38.12 -23.17 -11.21
C ILE R 172 38.63 -23.25 -9.77
N ASP R 173 38.99 -22.10 -9.18
CA ASP R 173 39.55 -22.04 -7.80
C ASP R 173 38.43 -21.70 -6.81
N GLU R 174 38.57 -22.13 -5.55
CA GLU R 174 37.57 -21.83 -4.49
C GLU R 174 36.21 -22.39 -4.91
N ALA R 175 36.16 -23.68 -5.27
CA ALA R 175 34.89 -24.28 -5.66
C ALA R 175 33.91 -24.45 -4.51
N ASP R 176 34.21 -23.93 -3.32
CA ASP R 176 33.25 -24.05 -2.22
C ASP R 176 32.11 -23.06 -2.35
N HIS R 177 32.36 -21.92 -3.02
CA HIS R 177 31.38 -20.86 -3.14
C HIS R 177 30.51 -21.03 -4.38
N LEU R 178 30.40 -22.26 -4.88
CA LEU R 178 29.57 -22.53 -6.04
C LEU R 178 28.12 -22.65 -5.63
N GLY R 179 27.25 -21.96 -6.37
CA GLY R 179 25.84 -22.23 -6.31
C GLY R 179 25.57 -23.56 -6.99
N ALA R 180 24.42 -24.15 -6.64
CA ALA R 180 24.03 -25.42 -7.23
C ALA R 180 23.75 -25.25 -8.72
N GLU R 181 23.12 -24.14 -9.09
CA GLU R 181 22.94 -23.81 -10.49
C GLU R 181 24.27 -23.45 -11.14
N VAL R 182 25.20 -22.88 -10.36
CA VAL R 182 26.49 -22.46 -10.89
C VAL R 182 27.31 -23.68 -11.31
N LEU R 183 27.64 -24.52 -10.35
CA LEU R 183 28.33 -25.78 -10.61
C LEU R 183 27.54 -26.70 -11.53
N GLU R 184 26.21 -26.60 -11.47
CA GLU R 184 25.34 -27.34 -12.37
C GLU R 184 25.56 -26.94 -13.83
N GLU R 185 25.61 -25.64 -14.08
CA GLU R 185 25.82 -25.17 -15.45
C GLU R 185 27.24 -25.46 -15.89
N LEU R 186 28.19 -25.43 -14.95
CA LEU R 186 29.56 -25.78 -15.29
C LEU R 186 29.71 -27.24 -15.68
N ARG R 187 29.11 -28.15 -14.90
CA ARG R 187 29.25 -29.56 -15.20
C ARG R 187 28.51 -29.92 -16.49
N LEU R 188 27.35 -29.32 -16.72
CA LEU R 188 26.63 -29.60 -17.96
C LEU R 188 27.32 -28.91 -19.13
N LEU R 189 28.06 -27.83 -18.85
CA LEU R 189 28.87 -27.20 -19.86
C LEU R 189 29.96 -28.15 -20.33
N GLN R 190 30.88 -28.49 -19.43
CA GLN R 190 32.03 -29.32 -19.86
C GLN R 190 31.48 -30.58 -20.51
N GLU R 191 30.37 -31.08 -19.96
CA GLU R 191 29.78 -32.32 -20.50
C GLU R 191 29.35 -32.05 -21.93
N SER R 192 28.71 -30.91 -22.16
CA SER R 192 28.21 -30.58 -23.51
C SER R 192 29.31 -29.85 -24.27
N THR R 193 30.57 -30.03 -23.87
CA THR R 193 31.60 -29.26 -24.51
C THR R 193 32.82 -30.10 -24.86
N ARG R 194 32.96 -31.28 -24.24
CA ARG R 194 34.09 -32.21 -24.46
C ARG R 194 35.41 -31.51 -24.14
N ILE R 195 35.48 -31.02 -22.90
CA ILE R 195 36.59 -30.27 -22.35
C ILE R 195 36.83 -30.74 -20.92
N GLY R 196 37.75 -30.06 -20.26
CA GLY R 196 38.03 -30.38 -18.88
C GLY R 196 37.59 -29.30 -17.89
N LEU R 197 37.04 -29.74 -16.78
CA LEU R 197 36.74 -28.90 -15.63
C LEU R 197 37.49 -29.45 -14.43
N VAL R 198 38.10 -28.57 -13.64
CA VAL R 198 38.83 -28.97 -12.44
C VAL R 198 38.47 -28.02 -11.31
N LEU R 199 38.03 -28.58 -10.19
CA LEU R 199 37.63 -27.78 -9.04
C LEU R 199 38.75 -27.71 -8.01
N MET R 200 38.90 -26.56 -7.35
CA MET R 200 39.92 -26.35 -6.33
C MET R 200 39.25 -26.01 -5.00
N GLY R 201 40.06 -25.64 -4.00
CA GLY R 201 39.57 -24.99 -2.80
C GLY R 201 39.75 -25.88 -1.57
N ASN R 202 39.02 -25.55 -0.51
CA ASN R 202 39.10 -26.25 0.77
C ASN R 202 38.19 -27.47 0.75
N HIS R 203 38.15 -28.16 1.89
CA HIS R 203 37.40 -29.42 1.98
C HIS R 203 35.91 -29.21 2.20
N ARG R 204 35.41 -27.98 2.04
CA ARG R 204 33.97 -27.77 2.10
C ARG R 204 33.31 -28.12 0.77
N VAL R 205 34.10 -28.31 -0.29
CA VAL R 205 33.56 -28.61 -1.62
C VAL R 205 32.97 -30.01 -1.64
N TYR R 206 33.73 -30.98 -1.12
CA TYR R 206 33.20 -32.33 -1.00
C TYR R 206 32.17 -32.42 0.12
N SER R 207 32.24 -31.51 1.11
CA SER R 207 31.25 -31.48 2.18
C SER R 207 29.90 -30.95 1.69
N ASN R 208 29.90 -30.15 0.62
CA ASN R 208 28.64 -29.65 0.08
C ASN R 208 27.88 -30.71 -0.71
N MET R 209 28.53 -31.84 -1.00
CA MET R 209 27.88 -32.96 -1.66
C MET R 209 27.48 -34.06 -0.69
N THR R 210 28.15 -34.13 0.47
CA THR R 210 27.85 -35.14 1.48
C THR R 210 27.55 -34.50 2.82
N THR R 215 23.16 -35.88 -2.18
CA THR R 215 23.37 -36.75 -3.34
C THR R 215 22.05 -37.24 -3.95
N VAL R 216 21.09 -36.31 -4.05
CA VAL R 216 20.13 -36.26 -5.14
C VAL R 216 20.20 -34.94 -5.89
N GLU R 217 20.67 -33.88 -5.25
CA GLU R 217 20.98 -32.62 -5.90
C GLU R 217 22.36 -32.62 -6.51
N PHE R 218 23.29 -33.39 -5.93
CA PHE R 218 24.64 -33.56 -6.43
C PHE R 218 24.91 -34.99 -6.90
N ALA R 219 23.84 -35.74 -7.25
CA ALA R 219 23.98 -37.18 -7.44
C ALA R 219 24.72 -37.52 -8.73
N ARG R 220 24.26 -36.98 -9.86
CA ARG R 220 24.94 -37.20 -11.13
C ARG R 220 26.30 -36.54 -11.14
N LEU R 221 26.49 -35.50 -10.32
CA LEU R 221 27.79 -34.85 -10.22
C LEU R 221 28.79 -35.70 -9.46
N PHE R 222 28.36 -36.32 -8.37
CA PHE R 222 29.16 -37.32 -7.67
C PHE R 222 29.39 -38.54 -8.56
N SER R 223 28.49 -38.80 -9.52
CA SER R 223 28.75 -39.77 -10.57
C SER R 223 29.76 -39.29 -11.61
N ARG R 224 29.96 -37.97 -11.74
CA ARG R 224 30.93 -37.50 -12.73
C ARG R 224 32.37 -37.70 -12.28
N ILE R 225 32.61 -37.66 -10.95
CA ILE R 225 33.91 -37.32 -10.38
C ILE R 225 34.98 -38.32 -10.77
N ALA R 226 36.04 -37.81 -11.40
CA ALA R 226 37.10 -38.63 -11.96
C ALA R 226 38.24 -38.90 -10.99
N LYS R 227 38.89 -37.85 -10.51
CA LYS R 227 40.03 -37.97 -9.63
C LYS R 227 40.01 -36.86 -8.60
N ARG R 228 39.49 -37.16 -7.43
CA ARG R 228 39.71 -36.31 -6.27
C ARG R 228 41.14 -36.53 -5.82
N THR R 229 41.79 -35.46 -5.39
CA THR R 229 43.10 -35.52 -4.76
C THR R 229 43.09 -34.57 -3.57
N ALA R 230 43.17 -35.13 -2.38
CA ALA R 230 43.19 -34.32 -1.16
C ALA R 230 44.64 -34.08 -0.76
N ILE R 231 45.01 -32.81 -0.61
CA ILE R 231 46.31 -32.44 -0.08
C ILE R 231 46.07 -31.76 1.25
N ASN R 232 46.31 -32.52 2.33
CA ASN R 232 46.14 -31.96 3.66
C ASN R 232 47.31 -31.08 4.03
N LYS R 233 48.52 -31.66 4.07
CA LYS R 233 49.71 -30.87 4.34
C LYS R 233 50.82 -31.34 3.42
N THR R 234 52.00 -30.76 3.63
CA THR R 234 53.12 -31.01 2.76
C THR R 234 53.74 -32.38 3.04
N LYS R 235 54.77 -32.71 2.28
CA LYS R 235 55.58 -33.87 2.59
C LYS R 235 57.01 -33.45 2.83
N LYS R 236 57.86 -34.43 3.13
CA LYS R 236 59.25 -34.12 3.42
C LYS R 236 60.06 -33.94 2.13
N ALA R 237 59.70 -34.69 1.08
CA ALA R 237 60.33 -34.48 -0.21
C ALA R 237 59.87 -33.16 -0.82
N ASP R 238 58.68 -32.71 -0.44
CA ASP R 238 58.18 -31.38 -0.82
C ASP R 238 59.15 -30.29 -0.36
N VAL R 239 59.37 -30.20 0.95
CA VAL R 239 60.28 -29.19 1.47
C VAL R 239 61.74 -29.51 1.13
N LYS R 240 62.03 -30.77 0.81
CA LYS R 240 63.38 -31.13 0.38
C LYS R 240 63.69 -30.54 -0.99
N ALA R 241 62.73 -30.65 -1.92
CA ALA R 241 62.91 -30.02 -3.22
C ALA R 241 62.84 -28.50 -3.10
N ILE R 242 62.10 -28.00 -2.10
CA ILE R 242 62.14 -26.57 -1.79
C ILE R 242 63.55 -26.14 -1.39
N ALA R 243 64.19 -26.92 -0.52
CA ALA R 243 65.55 -26.59 -0.09
C ALA R 243 66.54 -26.77 -1.22
N ASP R 244 66.26 -27.69 -2.14
CA ASP R 244 67.10 -27.85 -3.32
C ASP R 244 66.98 -26.64 -4.25
N ALA R 245 65.78 -26.12 -4.41
CA ALA R 245 65.58 -24.94 -5.24
C ALA R 245 66.16 -23.68 -4.59
N TRP R 246 66.07 -23.59 -3.27
CA TRP R 246 66.56 -22.42 -2.55
C TRP R 246 68.00 -22.57 -2.09
N GLN R 247 68.69 -23.63 -2.54
CA GLN R 247 70.11 -23.89 -2.27
C GLN R 247 70.40 -23.95 -0.77
N ILE R 248 69.61 -24.78 -0.09
CA ILE R 248 69.68 -24.91 1.36
C ILE R 248 70.25 -26.28 1.67
N ASN R 249 71.34 -26.31 2.43
CA ASN R 249 72.08 -27.54 2.68
C ASN R 249 72.15 -27.94 4.14
N GLY R 250 71.75 -27.07 5.06
CA GLY R 250 71.80 -27.40 6.47
C GLY R 250 70.77 -28.42 6.89
N GLU R 251 71.19 -29.42 7.66
CA GLU R 251 70.23 -30.39 8.18
C GLU R 251 69.41 -29.78 9.31
N LYS R 252 70.04 -28.94 10.15
CA LYS R 252 69.30 -28.12 11.09
C LYS R 252 68.34 -27.19 10.35
N GLU R 253 68.82 -26.62 9.24
CA GLU R 253 67.98 -25.80 8.38
C GLU R 253 66.84 -26.62 7.80
N LEU R 254 67.11 -27.86 7.39
CA LEU R 254 66.08 -28.73 6.81
C LEU R 254 65.02 -29.09 7.85
N GLU R 255 65.45 -29.41 9.07
CA GLU R 255 64.50 -29.73 10.13
C GLU R 255 63.66 -28.52 10.51
N LEU R 256 64.28 -27.33 10.51
CA LEU R 256 63.53 -26.12 10.81
C LEU R 256 62.52 -25.81 9.73
N LEU R 257 62.88 -26.02 8.46
CA LEU R 257 61.94 -25.85 7.36
C LEU R 257 60.78 -26.82 7.47
N GLN R 258 61.08 -28.06 7.88
CA GLN R 258 60.03 -29.05 8.09
C GLN R 258 59.10 -28.64 9.22
N GLN R 259 59.66 -28.10 10.31
CA GLN R 259 58.84 -27.65 11.44
C GLN R 259 57.96 -26.47 11.06
N ILE R 260 58.47 -25.60 10.20
CA ILE R 260 57.65 -24.52 9.66
C ILE R 260 56.54 -25.08 8.78
N ALA R 261 56.86 -26.15 8.03
CA ALA R 261 55.85 -26.79 7.18
C ALA R 261 54.78 -27.50 8.01
N GLN R 262 55.07 -27.78 9.27
CA GLN R 262 54.06 -28.40 10.13
C GLN R 262 52.98 -27.40 10.54
N LYS R 263 53.26 -26.10 10.44
CA LYS R 263 52.27 -25.12 10.80
C LYS R 263 51.48 -24.66 9.57
N PRO R 264 50.19 -24.34 9.73
CA PRO R 264 49.35 -24.08 8.55
C PRO R 264 49.72 -22.78 7.84
N GLY R 265 49.16 -22.61 6.66
CA GLY R 265 49.72 -21.66 5.71
C GLY R 265 51.09 -22.14 5.29
N ALA R 266 51.23 -23.46 5.19
CA ALA R 266 52.55 -24.08 4.96
C ALA R 266 53.34 -23.40 3.85
N LEU R 267 52.87 -23.51 2.61
CA LEU R 267 53.70 -22.97 1.52
C LEU R 267 53.84 -21.47 1.75
N ARG R 268 52.76 -20.80 2.16
CA ARG R 268 52.84 -19.33 2.30
C ARG R 268 53.86 -18.96 3.37
N ILE R 269 53.77 -19.58 4.55
CA ILE R 269 54.66 -19.17 5.67
C ILE R 269 56.09 -19.50 5.24
N LEU R 270 56.26 -20.66 4.63
CA LEU R 270 57.63 -21.08 4.23
C LEU R 270 58.15 -20.06 3.22
N ASN R 271 57.32 -19.68 2.26
CA ASN R 271 57.76 -18.73 1.22
C ASN R 271 58.06 -17.39 1.91
N HIS R 272 57.18 -16.99 2.83
CA HIS R 272 57.41 -15.72 3.58
C HIS R 272 58.73 -15.82 4.32
N SER R 273 58.95 -16.94 5.00
CA SER R 273 60.16 -17.13 5.78
C SER R 273 61.39 -17.13 4.89
N LEU R 274 61.31 -17.83 3.74
CA LEU R 274 62.41 -17.84 2.78
C LEU R 274 62.70 -16.44 2.25
N ARG R 275 61.67 -15.65 2.02
CA ARG R 275 61.89 -14.33 1.45
C ARG R 275 62.40 -13.34 2.50
N LEU R 276 61.92 -13.46 3.75
CA LEU R 276 62.49 -12.69 4.86
C LEU R 276 63.97 -12.98 5.03
N ALA R 277 64.35 -14.25 5.05
CA ALA R 277 65.74 -14.61 5.26
C ALA R 277 66.61 -14.20 4.09
N ALA R 278 66.07 -14.31 2.87
CA ALA R 278 66.84 -13.90 1.70
C ALA R 278 67.08 -12.41 1.68
N MET R 279 66.05 -11.61 1.97
CA MET R 279 66.22 -10.16 1.96
C MET R 279 67.09 -9.70 3.13
N THR R 280 67.00 -10.38 4.28
CA THR R 280 67.83 -10.00 5.41
C THR R 280 69.29 -10.34 5.15
N ALA R 281 69.57 -11.51 4.58
CA ALA R 281 70.95 -11.90 4.28
C ALA R 281 71.52 -11.08 3.14
N HIS R 282 70.67 -10.61 2.23
CA HIS R 282 71.15 -9.74 1.16
C HIS R 282 71.41 -8.34 1.68
N GLY R 283 70.58 -7.87 2.63
CA GLY R 283 70.81 -6.56 3.21
C GLY R 283 72.02 -6.54 4.12
N LYS R 284 72.31 -7.66 4.77
CA LYS R 284 73.50 -7.79 5.60
C LYS R 284 74.69 -8.35 4.81
N GLY R 285 74.52 -8.64 3.53
CA GLY R 285 75.60 -9.13 2.70
C GLY R 285 76.00 -10.56 2.94
N GLU R 286 75.23 -11.31 3.73
CA GLU R 286 75.62 -12.64 4.17
C GLU R 286 74.82 -13.71 3.44
N ARG R 287 75.07 -14.95 3.85
CA ARG R 287 74.32 -16.10 3.39
C ARG R 287 73.12 -16.32 4.31
N VAL R 288 72.02 -16.80 3.72
CA VAL R 288 70.90 -17.28 4.51
C VAL R 288 71.36 -18.43 5.38
N ASN R 289 71.09 -18.32 6.68
CA ASN R 289 71.50 -19.34 7.63
C ASN R 289 70.34 -19.60 8.57
N GLU R 290 70.61 -20.36 9.64
CA GLU R 290 69.55 -20.87 10.50
C GLU R 290 68.97 -19.75 11.36
N ASP R 291 69.81 -18.80 11.79
CA ASP R 291 69.36 -17.76 12.71
C ASP R 291 68.46 -16.75 12.02
N TYR R 292 68.72 -16.50 10.74
CA TYR R 292 67.83 -15.64 9.95
C TYR R 292 66.46 -16.28 9.82
N LEU R 293 66.44 -17.60 9.65
CA LEU R 293 65.20 -18.34 9.60
C LEU R 293 64.48 -18.31 10.94
N ARG R 294 65.24 -18.35 12.04
CA ARG R 294 64.63 -18.29 13.36
C ARG R 294 64.01 -16.93 13.62
N GLN R 295 64.69 -15.86 13.22
CA GLN R 295 64.13 -14.52 13.40
C GLN R 295 62.90 -14.32 12.51
N ALA R 296 62.97 -14.83 11.28
CA ALA R 296 61.84 -14.79 10.36
C ALA R 296 60.62 -15.50 10.92
N PHE R 297 60.80 -16.70 11.46
CA PHE R 297 59.70 -17.44 12.05
C PHE R 297 59.28 -16.85 13.39
N ARG R 298 60.21 -16.15 14.06
CA ARG R 298 59.89 -15.46 15.31
C ARG R 298 59.00 -14.26 15.06
N GLU R 299 59.03 -13.74 13.84
CA GLU R 299 58.04 -12.75 13.42
C GLU R 299 56.70 -13.41 13.15
N LEU R 300 55.81 -12.64 12.53
CA LEU R 300 54.53 -13.01 11.92
C LEU R 300 53.40 -13.26 12.92
N ASP R 301 53.69 -13.24 14.23
CA ASP R 301 52.74 -13.54 15.31
C ASP R 301 52.01 -14.87 15.10
N LEU R 302 52.81 -15.94 15.08
CA LEU R 302 52.22 -17.26 14.85
C LEU R 302 51.77 -17.89 16.15
N ASP R 303 52.45 -17.57 17.26
CA ASP R 303 52.07 -18.02 18.59
C ASP R 303 51.35 -16.92 19.38
N VAL R 304 51.04 -15.81 18.72
CA VAL R 304 50.37 -14.66 19.35
C VAL R 304 48.94 -14.60 18.83
N ASP R 305 47.98 -14.64 19.76
CA ASP R 305 46.56 -14.65 19.40
C ASP R 305 46.05 -13.26 19.07
PB ADP S . -5.60 -37.50 -33.24
O1B ADP S . -6.14 -36.10 -33.44
O2B ADP S . -6.70 -38.52 -33.11
O3B ADP S . -4.59 -37.57 -32.13
PA ADP S . -3.59 -38.91 -34.79
O1A ADP S . -2.43 -38.38 -34.01
O2A ADP S . -4.09 -40.27 -34.48
O3A ADP S . -4.80 -37.88 -34.59
O5' ADP S . -3.28 -38.79 -36.35
C5' ADP S . -1.93 -39.10 -36.80
C4' ADP S . -1.52 -40.47 -36.32
O4' ADP S . -2.38 -41.47 -36.93
C3' ADP S . -0.10 -40.90 -36.71
O3' ADP S . 0.32 -41.99 -35.90
C2' ADP S . -0.35 -41.39 -38.14
O2' ADP S . 0.66 -42.20 -38.66
C1' ADP S . -1.65 -42.17 -37.92
N9 ADP S . -2.48 -42.27 -39.11
C8 ADP S . -3.63 -41.58 -39.36
N7 ADP S . -4.17 -41.85 -40.52
C5 ADP S . -3.30 -42.77 -41.08
C6 ADP S . -3.31 -43.44 -42.32
N6 ADP S . -4.27 -43.27 -43.23
N1 ADP S . -2.29 -44.29 -42.58
C2 ADP S . -1.34 -44.45 -41.65
N3 ADP S . -1.23 -43.87 -40.46
C4 ADP S . -2.25 -43.04 -40.22
PB ADP T . 48.69 8.43 10.33
O1B ADP T . 48.14 7.45 9.33
O2B ADP T . 49.41 7.76 11.47
O3B ADP T . 47.65 9.42 10.79
PA ADP T . 50.27 10.81 9.84
O1A ADP T . 49.11 11.70 9.56
O2A ADP T . 50.91 10.86 11.18
O3A ADP T . 49.81 9.30 9.56
O5' ADP T . 51.39 11.04 8.72
C5' ADP T . 51.63 12.39 8.25
C4' ADP T . 51.85 13.32 9.41
O4' ADP T . 53.05 12.93 10.12
C3' ADP T . 52.09 14.79 9.06
O3' ADP T . 51.92 15.60 10.21
C2' ADP T . 53.57 14.71 8.68
O2' ADP T . 54.21 15.97 8.63
C1' ADP T . 54.08 13.84 9.82
N9 ADP T . 55.27 13.09 9.48
C8 ADP T . 55.33 11.74 9.27
N7 ADP T . 56.54 11.31 8.97
C5 ADP T . 57.31 12.46 8.95
C6 ADP T . 58.67 12.67 8.68
N6 ADP T . 59.51 11.69 8.37
N1 ADP T . 59.13 13.95 8.75
C2 ADP T . 58.27 14.91 9.06
N3 ADP T . 56.97 14.83 9.34
C4 ADP T . 56.54 13.57 9.27
PB ADP U . -23.12 42.13 -15.62
O1B ADP U . -21.66 42.00 -15.28
O2B ADP U . -23.85 43.09 -14.71
O3B ADP U . -23.81 40.80 -15.73
PA ADP U . -24.38 42.71 -18.17
O1A ADP U . -24.49 41.29 -18.60
O2A ADP U . -25.58 43.39 -17.62
O3A ADP U . -23.20 42.79 -17.09
O5' ADP U . -23.79 43.59 -19.38
C5' ADP U . -24.22 43.26 -20.73
C4' ADP U . -25.72 43.28 -20.83
O4' ADP U . -26.19 44.62 -20.51
C3' ADP U . -26.29 43.00 -22.22
O3' ADP U . -27.66 42.64 -22.12
C2' ADP U . -26.16 44.39 -22.84
O2' ADP U . -26.91 44.58 -24.02
C1' ADP U . -26.69 45.22 -21.68
N9 ADP U . -26.25 46.61 -21.70
C8 ADP U . -25.30 47.17 -20.89
N7 ADP U . -25.10 48.44 -21.13
C5 ADP U . -25.96 48.73 -22.17
C6 ADP U . -26.20 49.92 -22.88
N6 ADP U . -25.57 51.06 -22.62
N1 ADP U . -27.12 49.88 -23.87
C2 ADP U . -27.75 48.72 -24.11
N3 ADP U . -27.60 47.54 -23.51
C4 ADP U . -26.68 47.61 -22.53
PB ADP V . -48.86 -7.89 -10.29
O1B ADP V . -49.43 -8.32 -11.61
O2B ADP V . -48.33 -6.47 -10.32
O3B ADP V . -47.85 -8.87 -9.74
PA ADP V . -51.14 -6.70 -8.95
O1A ADP V . -51.90 -6.39 -10.20
O2A ADP V . -50.38 -5.59 -8.29
O3A ADP V . -50.10 -7.88 -9.26
O5' ADP V . -52.11 -7.39 -7.88
C5' ADP V . -52.79 -6.53 -6.93
C4' ADP V . -53.55 -5.44 -7.66
O4' ADP V . -54.55 -6.05 -8.53
C3' ADP V . -54.35 -4.50 -6.76
O3' ADP V . -54.66 -3.30 -7.48
C2' ADP V . -55.63 -5.31 -6.58
O2' ADP V . -56.73 -4.58 -6.10
C1' ADP V . -55.84 -5.79 -8.01
N9 ADP V . -56.62 -7.02 -8.12
C8 ADP V . -56.15 -8.26 -8.43
N7 ADP V . -57.07 -9.18 -8.44
C5 ADP V . -58.23 -8.50 -8.09
C6 ADP V . -59.55 -8.93 -7.94
N6 ADP V . -59.94 -10.19 -8.11
N1 ADP V . -60.48 -8.01 -7.59
C2 ADP V . -60.07 -6.74 -7.43
N3 ADP V . -58.86 -6.22 -7.55
C4 ADP V . -57.96 -7.16 -7.90
PB ADP W . 6.12 37.51 33.26
O1B ADP W . 6.20 38.91 32.70
O2B ADP W . 7.36 36.70 32.95
O3B ADP W . 4.86 36.79 32.86
PA ADP W . 7.10 37.04 35.94
O1A ADP W . 8.45 37.58 35.69
O2A ADP W . 6.92 35.55 35.92
O3A ADP W . 6.10 37.67 34.86
O5' ADP W . 6.54 37.61 37.32
C5' ADP W . 7.01 36.98 38.54
C4' ADP W . 8.48 37.26 38.73
O4' ADP W . 8.64 38.65 39.12
C3' ADP W . 9.16 36.50 39.87
O3' ADP W . 10.57 36.60 39.75
C2' ADP W . 8.68 37.33 41.07
O2' ADP W . 9.44 37.13 42.24
C1' ADP W . 8.84 38.74 40.51
N9 ADP W . 7.88 39.69 41.05
C8 ADP W . 6.73 40.11 40.44
N7 ADP W . 6.04 40.97 41.15
C5 ADP W . 6.79 41.11 42.31
C6 ADP W . 6.58 41.87 43.48
N6 ADP W . 5.52 42.67 43.64
N1 ADP W . 7.51 41.78 44.46
C2 ADP W . 8.56 40.98 44.26
N3 ADP W . 8.86 40.21 43.22
C4 ADP W . 7.93 40.32 42.27
PB ADP X . 22.71 -42.38 15.28
O1B ADP X . 24.14 -42.72 14.94
O2B ADP X . 21.78 -42.44 14.09
O3B ADP X . 22.58 -41.09 16.04
PA ADP X . 21.55 -44.98 15.94
O1A ADP X . 22.56 -45.83 15.25
O2A ADP X . 20.25 -44.71 15.25
O3A ADP X . 22.21 -43.56 16.28
O5' ADP X . 21.28 -45.58 17.40
C5' ADP X . 20.17 -46.51 17.55
C4' ADP X . 20.30 -47.65 16.57
O4' ADP X . 21.54 -48.36 16.83
C3' ADP X . 19.22 -48.73 16.68
O3' ADP X . 19.18 -49.49 15.49
C2' ADP X . 19.80 -49.57 17.82
O2' ADP X . 19.22 -50.85 17.93
C1' ADP X . 21.26 -49.63 17.37
N9 ADP X . 22.19 -49.88 18.45
C8 ADP X . 23.03 -48.96 19.03
N7 ADP X . 23.76 -49.47 19.99
C5 ADP X . 23.36 -50.79 20.07
C6 ADP X . 23.77 -51.85 20.90
N6 ADP X . 24.70 -51.72 21.85
N1 ADP X . 23.18 -53.04 20.73
C2 ADP X . 22.25 -53.16 19.76
N3 ADP X . 21.80 -52.24 18.92
C4 ADP X . 22.39 -51.06 19.12
PB ADP Y . -4.38 -50.09 -1.55
O1B ADP Y . -3.24 -50.76 -2.28
O2B ADP Y . -5.32 -49.38 -2.50
O3B ADP Y . -3.91 -49.20 -0.43
PA ADP Y . -6.82 -51.51 -0.93
O1A ADP Y . -7.23 -51.74 -2.35
O2A ADP Y . -7.48 -50.40 -0.20
O3A ADP Y . -5.24 -51.28 -0.89
O5' ADP Y . -6.99 -52.88 -0.10
C5' ADP Y . -8.32 -53.23 0.35
C4' ADP Y . -9.17 -53.64 -0.83
O4' ADP Y . -8.80 -54.99 -1.24
C3' ADP Y . -10.67 -53.75 -0.57
O3' ADP Y . -11.38 -53.80 -1.80
C2' ADP Y . -10.72 -55.12 0.11
O2' ADP Y . -12.00 -55.71 0.14
C1' ADP Y . -9.75 -55.90 -0.77
N9 ADP Y . -9.05 -56.96 -0.05
C8 ADP Y . -7.79 -56.87 0.48
N7 ADP Y . -7.40 -57.97 1.09
C5 ADP Y . -8.50 -58.82 0.98
C6 ADP Y . -8.72 -60.13 1.44
N6 ADP Y . -7.82 -60.83 2.11
N1 ADP Y . -9.91 -60.68 1.16
C2 ADP Y . -10.82 -59.96 0.47
N3 ADP Y . -10.71 -58.73 -0.01
C4 ADP Y . -9.52 -58.20 0.28
PB ADP Z . 29.76 15.00 37.73
O1B ADP Z . 30.47 16.31 37.50
O2B ADP Z . 30.36 13.88 36.90
O3B ADP Z . 28.27 15.09 37.58
PA ADP Z . 30.48 13.18 39.88
O1A ADP Z . 31.82 12.81 39.32
O2A ADP Z . 29.36 12.22 39.67
O3A ADP Z . 30.06 14.60 39.27
O5' ADP Z . 30.62 13.51 41.44
C5' ADP Z . 30.71 12.40 42.37
C4' ADP Z . 32.05 11.70 42.22
O4' ADP Z . 33.05 12.51 42.88
C3' ADP Z . 32.17 10.34 42.89
O3' ADP Z . 33.32 9.66 42.43
C2' ADP Z . 32.39 10.79 44.35
O2' ADP Z . 32.94 9.79 45.18
C1' ADP Z . 33.35 11.96 44.14
N9 ADP Z . 33.19 13.01 45.14
C8 ADP Z . 32.45 14.16 44.99
N7 ADP Z . 32.46 14.92 46.05
C5 ADP Z . 33.24 14.22 46.96
C6 ADP Z . 33.62 14.51 48.29
N6 ADP Z . 33.26 15.61 48.93
N1 ADP Z . 34.40 13.59 48.93
C2 ADP Z . 34.76 12.50 48.26
N3 ADP Z . 34.46 12.12 47.02
C4 ADP Z . 33.69 13.03 46.42
PB ADP AA . -45.11 22.54 2.02
O1B ADP AA . -45.82 22.99 0.77
O2B ADP AA . -43.87 23.33 2.31
O3B ADP AA . -44.87 21.06 2.05
PA ADP AA . -46.29 24.23 4.07
O1A ADP AA . -46.78 25.29 3.15
O2A ADP AA . -45.02 24.46 4.81
O3A ADP AA . -46.13 22.86 3.24
O5' ADP AA . -47.46 23.85 5.11
C5' ADP AA . -47.48 24.55 6.38
C4' ADP AA . -47.44 26.04 6.17
O4' ADP AA . -48.65 26.45 5.50
C3' ADP AA . -47.41 26.88 7.45
O3' ADP AA . -46.98 28.21 7.14
C2' ADP AA . -48.89 26.89 7.79
O2' ADP AA . -49.27 27.89 8.71
C1' ADP AA . -49.49 27.13 6.41
N9 ADP AA . -50.83 26.61 6.25
C8 ADP AA . -51.19 25.49 5.53
N7 ADP AA . -52.47 25.23 5.57
C5 ADP AA . -52.99 26.23 6.38
C6 ADP AA . -54.30 26.49 6.81
N6 ADP AA . -55.35 25.75 6.46
N1 ADP AA . -54.48 27.56 7.61
C2 ADP AA . -53.42 28.31 7.94
N3 ADP AA . -52.15 28.15 7.60
C4 ADP AA . -51.99 27.08 6.80
PB ADP BA . -36.37 16.30 -31.05
O1B ADP BA . -35.10 16.99 -30.62
O2B ADP BA . -37.60 16.92 -30.42
O3B ADP BA . -36.31 14.82 -30.87
PA ADP BA . -36.62 15.44 -33.79
O1A ADP BA . -35.29 14.75 -33.87
O2A ADP BA . -37.82 14.61 -33.54
O3A ADP BA . -36.53 16.54 -32.63
O5' ADP BA . -36.84 16.32 -35.11
C5' ADP BA . -36.60 15.67 -36.38
C4' ADP BA . -37.61 14.59 -36.61
O4' ADP BA . -38.90 15.19 -36.89
C3' ADP BA . -37.36 13.68 -37.83
O3' ADP BA . -38.16 12.52 -37.75
C2' ADP BA . -37.87 14.60 -38.94
O2' ADP BA . -38.15 13.93 -40.16
C1' ADP BA . -39.14 15.14 -38.29
N9 ADP BA . -39.50 16.49 -38.73
C8 ADP BA . -39.25 17.65 -38.05
N7 ADP BA . -39.66 18.72 -38.68
C5 ADP BA . -40.20 18.23 -39.86
C6 ADP BA . -40.79 18.87 -40.96
N6 ADP BA . -40.94 20.18 -41.05
N1 ADP BA . -41.21 18.09 -41.99
C2 ADP BA . -41.05 16.76 -41.89
N3 ADP BA . -40.50 16.05 -40.89
C4 ADP BA . -40.09 16.86 -39.90
PB ADP CA . 32.43 36.98 11.59
O1B ADP CA . 32.64 35.74 10.75
O2B ADP CA . 33.07 36.87 12.95
O3B ADP CA . 30.99 37.38 11.66
PA ADP CA . 32.55 39.50 10.19
O1A ADP CA . 31.73 39.07 9.02
O2A ADP CA . 31.88 40.29 11.27
O3A ADP CA . 33.19 38.19 10.84
O5' ADP CA . 33.84 40.30 9.67
C5' ADP CA . 33.61 41.35 8.70
C4' ADP CA . 32.87 42.49 9.34
O4' ADP CA . 33.77 43.20 10.23
C3' ADP CA . 32.37 43.59 8.39
O3' ADP CA . 31.44 44.43 9.06
C2' ADP CA . 33.68 44.34 8.17
O2' ADP CA . 33.51 45.64 7.64
C1' ADP CA . 34.23 44.37 9.59
N9 ADP CA . 35.69 44.37 9.64
C8 ADP CA . 36.49 43.29 9.88
N7 ADP CA . 37.77 43.57 9.86
C5 ADP CA . 37.81 44.92 9.57
C6 ADP CA . 38.88 45.81 9.40
N6 ADP CA . 40.16 45.45 9.51
N1 ADP CA . 38.58 47.10 9.12
C2 ADP CA . 37.30 47.45 9.02
N3 ADP CA . 36.21 46.70 9.15
C4 ADP CA . 36.54 45.42 9.43
PB ADP DA . 23.75 -40.15 -18.89
O1B ADP DA . 22.73 -39.33 -19.63
O2B ADP DA . 23.24 -41.50 -18.47
O3B ADP DA . 24.38 -39.38 -17.75
PA ADP DA . 26.52 -40.23 -19.70
O1A ADP DA . 26.77 -38.76 -19.65
O2A ADP DA . 26.95 -41.06 -18.54
O3A ADP DA . 24.95 -40.45 -19.93
O5' ADP DA . 27.16 -40.82 -21.05
C5' ADP DA . 28.51 -40.42 -21.36
C4' ADP DA . 29.47 -40.93 -20.31
O4' ADP DA . 29.65 -42.35 -20.49
C3' ADP DA . 30.90 -40.38 -20.39
O3' ADP DA . 31.60 -40.69 -19.19
C2' ADP DA . 31.44 -41.23 -21.54
O2' ADP DA . 32.84 -41.25 -21.63
C1' ADP DA . 30.86 -42.60 -21.18
N9 ADP DA . 30.56 -43.42 -22.34
C8 ADP DA . 29.33 -43.62 -22.90
N7 ADP DA . 29.35 -44.40 -23.95
C5 ADP DA . 30.69 -44.71 -24.11
C6 ADP DA . 31.36 -45.50 -25.06
N6 ADP DA . 30.74 -46.13 -26.05
N1 ADP DA . 32.70 -45.60 -24.94
C2 ADP DA . 33.31 -44.97 -23.93
N3 ADP DA . 32.78 -44.20 -22.98
C4 ADP DA . 31.45 -44.12 -23.13
PB ADP EA . -32.77 -36.80 -11.59
O1B ADP EA . -32.64 -37.75 -12.74
O2B ADP EA . -33.06 -35.38 -12.02
O3B ADP EA . -31.60 -36.87 -10.64
PA ADP EA . -35.59 -36.81 -10.95
O1A ADP EA . -36.06 -37.22 -12.31
O2A ADP EA . -35.67 -35.37 -10.56
O3A ADP EA . -34.08 -37.27 -10.78
O5' ADP EA . -36.35 -37.70 -9.84
C5' ADP EA . -37.58 -37.18 -9.28
C4' ADP EA . -38.54 -36.79 -10.37
O4' ADP EA . -38.89 -37.97 -11.14
C3' ADP EA . -39.89 -36.25 -9.89
O3' ADP EA . -40.54 -35.56 -10.96
C2' ADP EA . -40.62 -37.56 -9.60
O2' ADP EA . -42.03 -37.41 -9.50
C1' ADP EA . -40.22 -38.37 -10.83
N9 ADP EA . -40.19 -39.80 -10.59
C8 ADP EA . -39.07 -40.60 -10.62
N7 ADP EA . -39.31 -41.86 -10.35
C5 ADP EA . -40.69 -41.89 -10.14
C6 ADP EA . -41.55 -42.94 -9.80
N6 ADP EA . -41.15 -44.20 -9.65
N1 ADP EA . -42.86 -42.64 -9.65
C2 ADP EA . -43.24 -41.37 -9.81
N3 ADP EA . -42.53 -40.30 -10.12
C4 ADP EA . -41.23 -40.63 -10.27
PB ADP FA . 36.35 -16.60 31.00
O1B ADP FA . 37.74 -16.04 30.83
O2B ADP FA . 35.97 -17.56 29.89
O3B ADP FA . 35.31 -15.54 31.21
PA ADP FA . 36.20 -19.08 32.48
O1A ADP FA . 37.24 -19.73 31.65
O2A ADP FA . 34.76 -19.37 32.17
O3A ADP FA . 36.40 -17.50 32.35
O5' ADP FA . 36.48 -19.38 34.03
C5' ADP FA . 36.05 -20.67 34.52
C4' ADP FA . 36.85 -21.77 33.88
O4' ADP FA . 38.20 -21.73 34.41
C3' ADP FA . 36.39 -23.20 34.17
O3' ADP FA . 36.99 -24.10 33.25
C2' ADP FA . 36.99 -23.39 35.56
O2' ADP FA . 37.08 -24.74 35.96
C1' ADP FA . 38.36 -22.76 35.36
N9 ADP FA . 38.91 -22.18 36.57
C8 ADP FA . 38.82 -20.87 36.96
N7 ADP FA . 39.40 -20.61 38.11
C5 ADP FA . 39.90 -21.85 38.51
C6 ADP FA . 40.61 -22.25 39.65
N6 ADP FA . 40.95 -21.42 40.62
N1 ADP FA . 40.94 -23.55 39.75
C2 ADP FA . 40.59 -24.38 38.76
N3 ADP FA . 39.92 -24.12 37.64
C4 ADP FA . 39.59 -22.83 37.58
PB ADP GA . -23.64 40.47 18.94
O1B ADP GA . -24.12 41.52 17.97
O2B ADP GA . -22.14 40.49 19.11
O3B ADP GA . -24.16 39.09 18.62
PA ADP GA . -23.42 41.27 21.69
O1A ADP GA . -22.60 42.46 21.37
O2A ADP GA . -22.73 40.04 22.18
O3A ADP GA . -24.24 40.88 20.37
O5' ADP GA . -24.56 41.68 22.74
C5' ADP GA . -24.15 41.77 24.13
C4' ADP GA . -23.16 42.90 24.31
O4' ADP GA . -23.88 44.17 24.21
C3' ADP GA . -22.49 42.98 25.68
O3' ADP GA . -21.35 43.83 25.60
C2' ADP GA . -23.59 43.66 26.49
O2' ADP GA . -23.16 44.23 27.71
C1' ADP GA . -24.08 44.69 25.50
N9 ADP GA . -25.49 45.03 25.64
C8 ADP GA . -26.53 44.48 24.92
N7 ADP GA . -27.70 44.96 25.26
C5 ADP GA . -27.42 45.85 26.27
C6 ADP GA . -28.26 46.68 27.05
N6 ADP GA . -29.57 46.72 26.91
N1 ADP GA . -27.67 47.46 27.98
C2 ADP GA . -26.34 47.41 28.10
N3 ADP GA . -25.45 46.67 27.43
C4 ADP GA . -26.06 45.91 26.52
PB ADP HA . -29.31 -15.18 -38.17
O1B ADP HA . -28.92 -13.75 -37.87
O2B ADP HA . -30.78 -15.41 -38.03
O3B ADP HA . -28.48 -16.17 -37.39
PA ADP HA . -28.66 -16.81 -40.48
O1A ADP HA . -27.39 -17.36 -39.93
O2A ADP HA . -29.89 -17.66 -40.45
O3A ADP HA . -28.97 -15.44 -39.73
O5' ADP HA . -28.42 -16.31 -41.99
C5' ADP HA . -27.55 -17.11 -42.84
C4' ADP HA . -28.01 -18.54 -42.86
O4' ADP HA . -29.34 -18.61 -43.44
C3' ADP HA . -27.18 -19.50 -43.72
O3' ADP HA . -27.41 -20.85 -43.33
C2' ADP HA . -27.79 -19.25 -45.08
O2' ADP HA . -27.51 -20.25 -46.05
C1' ADP HA . -29.27 -19.24 -44.70
N9 ADP HA . -30.11 -18.50 -45.63
C8 ADP HA . -30.58 -17.22 -45.47
N7 ADP HA . -31.30 -16.80 -46.46
C5 ADP HA . -31.29 -17.86 -47.36
C6 ADP HA . -31.88 -18.03 -48.63
N6 ADP HA . -32.61 -17.10 -49.23
N1 ADP HA . -31.67 -19.21 -49.26
C2 ADP HA . -30.93 -20.14 -48.65
N3 ADP HA . -30.34 -20.09 -47.46
C4 ADP HA . -30.55 -18.91 -46.86
PB ADP IA . 4.11 50.40 1.33
O1B ADP IA . 5.22 49.39 1.19
O2B ADP IA . 4.20 51.20 2.60
O3B ADP IA . 2.76 49.78 1.14
PA ADP IA . 3.16 52.28 -0.66
O1A ADP IA . 2.31 51.27 -1.38
O2A ADP IA . 2.50 53.22 0.29
O3A ADP IA . 4.28 51.46 0.13
O5' ADP IA . 4.02 53.11 -1.72
C5' ADP IA . 3.39 53.48 -2.98
C4' ADP IA . 2.08 54.19 -2.73
O4' ADP IA . 2.35 55.42 -1.99
C3' ADP IA . 1.34 54.67 -3.98
O3' ADP IA . -0.01 54.97 -3.66
C2' ADP IA . 2.10 55.95 -4.27
O2' ADP IA . 1.44 56.83 -5.16
C1' ADP IA . 2.19 56.53 -2.85
N9 ADP IA . 3.34 57.41 -2.65
C8 ADP IA . 4.42 57.15 -1.85
N7 ADP IA . 5.30 58.11 -1.84
C5 ADP IA . 4.78 59.05 -2.73
C6 ADP IA . 5.27 60.30 -3.15
N6 ADP IA . 6.42 60.82 -2.74
N1 ADP IA . 4.50 60.99 -4.04
C2 ADP IA . 3.34 60.45 -4.44
N3 ADP IA . 2.79 59.30 -4.09
C4 ADP IA . 3.57 58.63 -3.23
PB ADP JA . 45.25 -22.30 -1.70
O1B ADP JA . 44.12 -22.35 -2.70
O2B ADP JA . 45.43 -23.59 -0.94
O3B ADP JA . 45.15 -21.11 -0.79
PA ADP JA . 47.73 -20.95 -2.32
O1A ADP JA . 47.13 -19.66 -2.76
O2A ADP JA . 48.23 -21.08 -0.93
O3A ADP JA . 46.62 -22.09 -2.54
O5' ADP JA . 48.89 -21.36 -3.34
C5' ADP JA . 49.87 -20.33 -3.65
C4' ADP JA . 50.64 -19.98 -2.40
O4' ADP JA . 51.58 -21.05 -2.11
C3' ADP JA . 51.54 -18.74 -2.51
O3' ADP JA . 51.92 -18.32 -1.20
C2' ADP JA . 52.74 -19.33 -3.23
O2' ADP JA . 53.92 -18.56 -3.15
C1' ADP JA . 52.88 -20.67 -2.51
N9 ADP JA . 53.41 -21.73 -3.36
C8 ADP JA . 52.68 -22.65 -4.07
N7 ADP JA . 53.42 -23.48 -4.76
C5 ADP JA . 54.71 -23.09 -4.49
C6 ADP JA . 55.96 -23.58 -4.93
N6 ADP JA . 56.08 -24.61 -5.75
N1 ADP JA . 57.07 -22.95 -4.48
C2 ADP JA . 56.93 -21.91 -3.65
N3 ADP JA . 55.81 -21.36 -3.18
C4 ADP JA . 54.73 -22.00 -3.64
#